data_9SD3
#
_entry.id   9SD3
#
_cell.length_a   208.180
_cell.length_b   103.680
_cell.length_c   177.400
_cell.angle_alpha   90.000
_cell.angle_beta   123.970
_cell.angle_gamma   90.000
#
_symmetry.space_group_name_H-M   'C 1 2 1'
#
loop_
_entity.id
_entity.type
_entity.pdbx_description
1 polymer 'Malate dehydrogenase (NADP(+))'
2 non-polymer 'NADPH DIHYDRO-NICOTINAMIDE-ADENINE-DINUCLEOTIDE PHOSPHATE'
3 non-polymer 'ACETATE ION'
4 non-polymer (4S)-2-METHYL-2,4-PENTANEDIOL
5 non-polymer 'POTASSIUM ION'
6 water water
#
_entity_poly.entity_id   1
_entity_poly.type   'polypeptide(L)'
_entity_poly.pdbx_seq_one_letter_code
;MKVSIIGASGKVGSAISFLLANEPYVKELVLISREKSIDKLRGLREDIYDALAGTKRDCEINVSDDKTLKFLDGSDLVII
TSGVPRTPEMSRLDLAKVNAKIIGNYAKKIAEICETKLFIITNPVDVMTYKAYIDSKFERNKVFGLGTHLDSLRFKVEIA
KFFGVHIDEVRTRIIGEHGDTMVPLISSTSIGGIPITRFKSFKDLPLKDIIENVKNKGSKIIALKGGSEFGPAAAVLNVV
RSIANNENRLLTLSTYLDGEFGFSDVCAGVPVKVGKDGVEIVTDIVFSKEEFEAFKYSIETIKRYCEEIKEL
;
_entity_poly.pdbx_strand_id   A,B,C,D,E,F,G,H
#
loop_
_chem_comp.id
_chem_comp.type
_chem_comp.name
_chem_comp.formula
ACT non-polymer 'ACETATE ION' 'C2 H3 O2 -1'
K non-polymer 'POTASSIUM ION' 'K 1'
MPD non-polymer (4S)-2-METHYL-2,4-PENTANEDIOL 'C6 H14 O2'
NDP non-polymer 'NADPH DIHYDRO-NICOTINAMIDE-ADENINE-DINUCLEOTIDE PHOSPHATE' 'C21 H30 N7 O17 P3'
#
# COMPACT_ATOMS: atom_id res chain seq x y z
N MET A 1 11.00 1.33 -5.75
CA MET A 1 10.05 1.55 -6.88
C MET A 1 10.25 0.53 -7.99
N LYS A 2 9.16 0.10 -8.61
CA LYS A 2 9.20 -0.81 -9.74
C LYS A 2 8.52 -0.16 -10.94
N VAL A 3 9.25 -0.17 -12.06
CA VAL A 3 8.81 0.49 -13.28
C VAL A 3 8.91 -0.51 -14.43
N SER A 4 7.85 -0.60 -15.21
CA SER A 4 7.85 -1.34 -16.46
C SER A 4 7.86 -0.34 -17.60
N ILE A 5 8.51 -0.69 -18.71
CA ILE A 5 8.60 0.16 -19.88
C ILE A 5 8.19 -0.68 -21.08
N ILE A 6 7.04 -0.37 -21.66
CA ILE A 6 6.57 -1.02 -22.87
C ILE A 6 7.00 -0.13 -24.03
N GLY A 7 7.88 -0.65 -24.88
CA GLY A 7 8.52 0.14 -25.91
C GLY A 7 9.98 0.43 -25.65
N ALA A 8 10.60 -0.27 -24.70
CA ALA A 8 12.01 -0.07 -24.39
C ALA A 8 12.94 -0.43 -25.54
N SER A 9 12.43 -1.11 -26.57
CA SER A 9 13.26 -1.42 -27.73
C SER A 9 13.44 -0.23 -28.66
N GLY A 10 12.58 0.79 -28.55
CA GLY A 10 12.78 2.02 -29.28
C GLY A 10 13.84 2.89 -28.61
N LYS A 11 14.16 4.01 -29.28
CA LYS A 11 15.24 4.86 -28.78
C LYS A 11 14.82 5.62 -27.52
N VAL A 12 13.61 6.17 -27.50
CA VAL A 12 13.14 6.89 -26.31
C VAL A 12 13.01 5.94 -25.13
N GLY A 13 12.45 4.76 -25.37
CA GLY A 13 12.30 3.78 -24.30
C GLY A 13 13.63 3.28 -23.77
N SER A 14 14.61 3.11 -24.67
CA SER A 14 15.94 2.69 -24.24
C SER A 14 16.61 3.75 -23.39
N ALA A 15 16.53 5.02 -23.81
CA ALA A 15 17.10 6.09 -23.00
C ALA A 15 16.41 6.20 -21.65
N ILE A 16 15.09 6.02 -21.62
CA ILE A 16 14.38 6.04 -20.35
C ILE A 16 14.84 4.88 -19.48
N SER A 17 15.02 3.70 -20.06
CA SER A 17 15.45 2.54 -19.28
C SER A 17 16.81 2.81 -18.65
N PHE A 18 17.74 3.35 -19.44
CA PHE A 18 19.04 3.69 -18.87
C PHE A 18 18.88 4.67 -17.71
N LEU A 19 18.19 5.81 -17.95
CA LEU A 19 18.12 6.84 -16.92
C LEU A 19 17.43 6.34 -15.65
N LEU A 20 16.37 5.53 -15.80
CA LEU A 20 15.63 5.10 -14.61
C LEU A 20 16.38 4.01 -13.85
N ALA A 21 17.05 3.11 -14.57
CA ALA A 21 17.83 2.09 -13.88
C ALA A 21 18.90 2.72 -13.00
N ASN A 22 19.42 3.88 -13.41
CA ASN A 22 20.46 4.57 -12.65
C ASN A 22 19.92 5.18 -11.37
N GLU A 23 18.62 5.42 -11.27
CA GLU A 23 18.06 6.06 -10.08
C GLU A 23 18.14 5.12 -8.88
N PRO A 24 18.59 5.58 -7.72
CA PRO A 24 18.74 4.65 -6.58
C PRO A 24 17.42 4.04 -6.10
N TYR A 25 16.30 4.76 -6.23
CA TYR A 25 15.03 4.24 -5.74
C TYR A 25 14.43 3.19 -6.68
N VAL A 26 14.88 3.11 -7.92
CA VAL A 26 14.38 2.12 -8.87
C VAL A 26 15.15 0.82 -8.63
N LYS A 27 14.56 -0.09 -7.86
CA LYS A 27 15.21 -1.36 -7.57
C LYS A 27 14.93 -2.43 -8.62
N GLU A 28 13.80 -2.35 -9.32
CA GLU A 28 13.48 -3.33 -10.35
C GLU A 28 12.93 -2.60 -11.56
N LEU A 29 13.43 -2.98 -12.74
CA LEU A 29 12.99 -2.43 -14.01
C LEU A 29 12.60 -3.58 -14.92
N VAL A 30 11.45 -3.47 -15.56
CA VAL A 30 10.93 -4.51 -16.46
C VAL A 30 10.89 -3.90 -17.86
N LEU A 31 11.61 -4.51 -18.79
CA LEU A 31 11.63 -4.10 -20.18
C LEU A 31 10.71 -5.01 -20.98
N ILE A 32 9.81 -4.42 -21.76
CA ILE A 32 8.77 -5.16 -22.45
C ILE A 32 8.78 -4.76 -23.93
N SER A 33 8.68 -5.75 -24.80
CA SER A 33 8.64 -5.51 -26.24
C SER A 33 7.86 -6.63 -26.91
N ARG A 34 7.58 -6.46 -28.19
CA ARG A 34 7.09 -7.56 -28.99
C ARG A 34 8.11 -8.69 -28.97
N GLU A 35 7.63 -9.92 -29.15
CA GLU A 35 8.49 -11.09 -29.01
C GLU A 35 9.72 -10.98 -29.92
N LYS A 36 9.52 -10.54 -31.16
CA LYS A 36 10.61 -10.46 -32.13
C LYS A 36 11.74 -9.56 -31.65
N SER A 37 11.44 -8.56 -30.81
CA SER A 37 12.46 -7.63 -30.34
C SER A 37 13.07 -8.02 -29.01
N ILE A 38 12.73 -9.21 -28.48
CA ILE A 38 13.22 -9.58 -27.15
C ILE A 38 14.75 -9.54 -27.10
N ASP A 39 15.41 -10.05 -28.13
CA ASP A 39 16.87 -10.02 -28.12
C ASP A 39 17.39 -8.60 -27.94
N LYS A 40 16.80 -7.64 -28.66
CA LYS A 40 17.22 -6.25 -28.47
C LYS A 40 17.18 -5.89 -26.99
N LEU A 41 16.08 -6.22 -26.32
CA LEU A 41 15.98 -5.88 -24.91
C LEU A 41 17.09 -6.54 -24.12
N ARG A 42 17.39 -7.81 -24.40
CA ARG A 42 18.52 -8.46 -23.72
C ARG A 42 19.78 -7.62 -23.88
N GLY A 43 20.07 -7.20 -25.11
CA GLY A 43 21.21 -6.34 -25.35
C GLY A 43 21.12 -5.14 -24.44
N LEU A 44 20.00 -4.42 -24.51
CA LEU A 44 19.82 -3.22 -23.70
C LEU A 44 20.18 -3.52 -22.25
N ARG A 45 19.65 -4.63 -21.73
CA ARG A 45 19.88 -4.95 -20.33
C ARG A 45 21.37 -5.00 -20.05
N GLU A 46 22.10 -5.83 -20.80
CA GLU A 46 23.54 -5.94 -20.58
C GLU A 46 24.18 -4.57 -20.64
N ASP A 47 23.85 -3.78 -21.68
CA ASP A 47 24.44 -2.47 -21.83
C ASP A 47 24.21 -1.66 -20.56
N ILE A 48 22.97 -1.62 -20.08
CA ILE A 48 22.64 -0.81 -18.91
C ILE A 48 23.42 -1.31 -17.71
N TYR A 49 23.53 -2.63 -17.55
CA TYR A 49 24.31 -3.15 -16.44
C TYR A 49 25.73 -2.60 -16.48
N ASP A 50 26.36 -2.68 -17.66
CA ASP A 50 27.71 -2.14 -17.79
C ASP A 50 27.74 -0.69 -17.35
N ALA A 51 26.77 0.10 -17.81
CA ALA A 51 26.73 1.51 -17.46
C ALA A 51 26.61 1.69 -15.96
N LEU A 52 25.81 0.86 -15.30
CA LEU A 52 25.65 1.01 -13.86
C LEU A 52 26.98 0.80 -13.18
N ALA A 53 27.78 -0.15 -13.69
CA ALA A 53 29.09 -0.40 -13.09
C ALA A 53 29.96 0.84 -13.14
N GLY A 54 29.75 1.69 -14.14
CA GLY A 54 30.51 2.93 -14.23
C GLY A 54 29.94 4.04 -13.38
N THR A 55 28.63 4.04 -13.14
CA THR A 55 27.99 5.09 -12.36
C THR A 55 27.89 4.76 -10.88
N LYS A 56 28.34 3.56 -10.48
CA LYS A 56 28.27 3.12 -9.10
C LYS A 56 26.83 2.96 -8.62
N ARG A 57 25.91 2.68 -9.54
CA ARG A 57 24.51 2.44 -9.25
C ARG A 57 24.19 0.96 -9.45
N ASP A 58 22.91 0.60 -9.30
CA ASP A 58 22.54 -0.81 -9.31
C ASP A 58 21.06 -0.93 -9.64
N CYS A 59 20.68 -2.09 -10.19
CA CYS A 59 19.29 -2.34 -10.54
C CYS A 59 19.15 -3.80 -10.94
N GLU A 60 17.95 -4.34 -10.74
CA GLU A 60 17.59 -5.68 -11.20
C GLU A 60 16.66 -5.50 -12.40
N ILE A 61 17.13 -5.92 -13.58
CA ILE A 61 16.41 -5.71 -14.83
C ILE A 61 15.90 -7.07 -15.33
N ASN A 62 14.61 -7.12 -15.64
CA ASN A 62 13.97 -8.30 -16.20
C ASN A 62 13.40 -7.94 -17.57
N VAL A 63 13.18 -8.97 -18.39
CA VAL A 63 12.75 -8.80 -19.77
C VAL A 63 11.58 -9.72 -20.04
N SER A 64 10.62 -9.23 -20.83
CA SER A 64 9.40 -9.98 -21.12
C SER A 64 8.79 -9.48 -22.42
N ASP A 65 7.96 -10.32 -23.01
CA ASP A 65 7.22 -9.95 -24.22
C ASP A 65 5.93 -9.23 -23.84
N ASP A 66 5.35 -8.57 -24.84
CA ASP A 66 4.21 -7.68 -24.63
C ASP A 66 2.86 -8.41 -24.66
N LYS A 67 2.86 -9.73 -24.62
CA LYS A 67 1.62 -10.51 -24.54
C LYS A 67 1.46 -11.18 -23.19
N THR A 68 2.48 -11.89 -22.71
CA THR A 68 2.42 -12.47 -21.37
C THR A 68 2.61 -11.39 -20.31
N LEU A 69 3.37 -10.34 -20.62
CA LEU A 69 3.61 -9.22 -19.69
C LEU A 69 4.14 -9.73 -18.36
N LYS A 70 5.02 -10.72 -18.42
CA LYS A 70 5.63 -11.27 -17.22
C LYS A 70 6.45 -10.19 -16.52
N PHE A 71 6.48 -10.27 -15.19
CA PHE A 71 7.19 -9.37 -14.28
C PHE A 71 6.46 -8.04 -14.12
N LEU A 72 5.46 -7.72 -14.94
CA LEU A 72 4.83 -6.41 -14.84
C LEU A 72 4.05 -6.26 -13.53
N ASP A 73 3.41 -7.34 -13.08
CA ASP A 73 2.61 -7.28 -11.86
C ASP A 73 3.43 -6.68 -10.72
N GLY A 74 2.81 -5.77 -9.97
CA GLY A 74 3.46 -5.10 -8.86
C GLY A 74 4.16 -3.82 -9.23
N SER A 75 4.19 -3.45 -10.51
CA SER A 75 4.84 -2.22 -10.91
C SER A 75 4.13 -1.02 -10.31
N ASP A 76 4.90 -0.13 -9.70
CA ASP A 76 4.36 1.17 -9.31
C ASP A 76 4.04 2.02 -10.54
N LEU A 77 4.76 1.82 -11.64
CA LEU A 77 4.59 2.67 -12.80
C LEU A 77 4.82 1.88 -14.07
N VAL A 78 4.02 2.17 -15.10
CA VAL A 78 4.20 1.57 -16.42
C VAL A 78 4.26 2.70 -17.44
N ILE A 79 5.39 2.83 -18.13
CA ILE A 79 5.63 3.88 -19.10
C ILE A 79 5.50 3.26 -20.49
N ILE A 80 4.70 3.88 -21.35
CA ILE A 80 4.41 3.34 -22.68
C ILE A 80 4.97 4.29 -23.72
N THR A 81 5.99 3.82 -24.45
CA THR A 81 6.57 4.54 -25.58
C THR A 81 6.35 3.82 -26.91
N SER A 82 5.52 2.78 -26.93
CA SER A 82 5.29 2.04 -28.17
C SER A 82 4.47 2.88 -29.14
N GLY A 83 4.92 2.92 -30.39
CA GLY A 83 4.25 3.70 -31.41
C GLY A 83 4.87 3.50 -32.77
N VAL A 84 4.06 3.56 -33.83
CA VAL A 84 4.54 3.33 -35.18
C VAL A 84 5.14 4.62 -35.73
N PRO A 85 6.18 4.55 -36.56
CA PRO A 85 6.72 5.79 -37.16
C PRO A 85 5.73 6.37 -38.16
N ARG A 86 5.54 7.69 -38.08
CA ARG A 86 4.66 8.37 -39.03
C ARG A 86 5.35 8.43 -40.38
N THR A 87 4.85 7.65 -41.34
CA THR A 87 5.37 7.70 -42.69
C THR A 87 4.87 8.96 -43.40
N PRO A 88 5.55 9.40 -44.46
CA PRO A 88 5.16 10.66 -45.10
C PRO A 88 3.74 10.64 -45.68
N GLU A 89 3.10 9.48 -45.79
CA GLU A 89 1.78 9.37 -46.38
C GLU A 89 0.65 9.41 -45.37
N MET A 90 0.96 9.42 -44.07
CA MET A 90 -0.06 9.41 -43.04
C MET A 90 -0.31 10.82 -42.51
N SER A 91 -1.58 11.12 -42.24
CA SER A 91 -1.95 12.33 -41.53
C SER A 91 -1.91 12.07 -40.02
N ARG A 92 -2.11 13.14 -39.25
CA ARG A 92 -2.13 12.98 -37.81
C ARG A 92 -3.25 12.04 -37.37
N LEU A 93 -4.38 12.06 -38.08
CA LEU A 93 -5.49 11.19 -37.72
C LEU A 93 -5.16 9.72 -37.96
N ASP A 94 -4.48 9.42 -39.07
CA ASP A 94 -4.05 8.05 -39.33
C ASP A 94 -3.15 7.53 -38.21
N LEU A 95 -2.12 8.32 -37.88
CA LEU A 95 -1.22 7.95 -36.79
C LEU A 95 -1.99 7.78 -35.49
N ALA A 96 -2.93 8.67 -35.22
CA ALA A 96 -3.72 8.57 -33.99
C ALA A 96 -4.50 7.25 -33.97
N LYS A 97 -5.10 6.87 -35.10
CA LYS A 97 -5.88 5.63 -35.13
C LYS A 97 -5.00 4.41 -34.84
N VAL A 98 -3.86 4.32 -35.52
CA VAL A 98 -2.99 3.16 -35.35
C VAL A 98 -2.47 3.10 -33.91
N ASN A 99 -1.89 4.20 -33.44
CA ASN A 99 -1.35 4.20 -32.08
C ASN A 99 -2.45 4.09 -31.03
N ALA A 100 -3.68 4.48 -31.36
CA ALA A 100 -4.78 4.29 -30.43
C ALA A 100 -5.11 2.82 -30.27
N LYS A 101 -5.09 2.06 -31.36
CA LYS A 101 -5.21 0.61 -31.23
C LYS A 101 -4.12 0.06 -30.32
N ILE A 102 -2.87 0.45 -30.57
CA ILE A 102 -1.76 -0.06 -29.76
C ILE A 102 -1.97 0.29 -28.28
N ILE A 103 -2.28 1.55 -27.99
CA ILE A 103 -2.36 2.01 -26.61
C ILE A 103 -3.55 1.37 -25.90
N GLY A 104 -4.72 1.34 -26.55
CA GLY A 104 -5.87 0.72 -25.92
C GLY A 104 -5.65 -0.74 -25.61
N ASN A 105 -5.03 -1.48 -26.55
CA ASN A 105 -4.72 -2.88 -26.29
C ASN A 105 -3.83 -3.02 -25.07
N TYR A 106 -2.74 -2.25 -25.02
CA TYR A 106 -1.85 -2.34 -23.86
C TYR A 106 -2.58 -1.96 -22.57
N ALA A 107 -3.38 -0.90 -22.61
CA ALA A 107 -4.07 -0.46 -21.40
C ALA A 107 -5.00 -1.54 -20.87
N LYS A 108 -5.73 -2.21 -21.77
CA LYS A 108 -6.61 -3.28 -21.33
C LYS A 108 -5.82 -4.43 -20.74
N LYS A 109 -4.72 -4.84 -21.39
CA LYS A 109 -3.94 -5.97 -20.86
C LYS A 109 -3.35 -5.65 -19.49
N ILE A 110 -2.80 -4.44 -19.35
CA ILE A 110 -2.25 -4.02 -18.06
C ILE A 110 -3.34 -4.03 -17.00
N ALA A 111 -4.47 -3.37 -17.26
CA ALA A 111 -5.54 -3.36 -16.26
C ALA A 111 -6.01 -4.77 -15.93
N GLU A 112 -5.94 -5.68 -16.90
CA GLU A 112 -6.29 -7.07 -16.64
C GLU A 112 -5.35 -7.70 -15.63
N ILE A 113 -4.08 -7.28 -15.62
CA ILE A 113 -3.13 -7.89 -14.70
C ILE A 113 -3.19 -7.24 -13.33
N CYS A 114 -3.07 -5.91 -13.25
CA CYS A 114 -2.94 -5.25 -11.95
C CYS A 114 -3.35 -3.80 -12.04
N GLU A 115 -3.43 -3.15 -10.89
CA GLU A 115 -3.61 -1.71 -10.81
C GLU A 115 -2.25 -1.04 -10.72
N THR A 116 -2.07 0.03 -11.49
CA THR A 116 -0.81 0.76 -11.53
C THR A 116 -1.07 2.13 -12.14
N LYS A 117 -0.03 2.95 -12.20
CA LYS A 117 -0.09 4.22 -12.89
C LYS A 117 0.45 4.05 -14.30
N LEU A 118 -0.17 4.73 -15.25
CA LEU A 118 0.20 4.67 -16.66
C LEU A 118 0.73 6.04 -17.09
N PHE A 119 1.94 6.03 -17.64
CA PHE A 119 2.61 7.24 -18.11
C PHE A 119 2.77 7.08 -19.62
N ILE A 120 2.00 7.87 -20.38
CA ILE A 120 1.88 7.71 -21.83
C ILE A 120 2.79 8.71 -22.51
N ILE A 121 3.70 8.20 -23.36
CA ILE A 121 4.58 9.04 -24.16
C ILE A 121 4.13 9.00 -25.61
N THR A 122 3.51 7.91 -26.03
CA THR A 122 3.12 7.72 -27.42
C THR A 122 2.30 8.90 -27.92
N ASN A 123 2.62 9.37 -29.20
CA ASN A 123 1.92 10.50 -29.81
C ASN A 123 0.75 10.01 -30.68
N PRO A 124 -0.28 10.85 -30.88
CA PRO A 124 -0.54 12.18 -30.27
C PRO A 124 -0.78 12.04 -28.78
N VAL A 125 0.08 12.63 -27.94
CA VAL A 125 0.18 12.20 -26.55
C VAL A 125 -1.12 12.44 -25.80
N ASP A 126 -1.80 13.55 -26.06
CA ASP A 126 -3.06 13.82 -25.39
C ASP A 126 -4.13 12.78 -25.75
N VAL A 127 -4.25 12.49 -27.04
CA VAL A 127 -5.26 11.54 -27.52
C VAL A 127 -4.95 10.13 -27.00
N MET A 128 -3.66 9.77 -26.96
CA MET A 128 -3.28 8.45 -26.47
C MET A 128 -3.50 8.34 -24.96
N THR A 129 -3.28 9.43 -24.23
CA THR A 129 -3.62 9.43 -22.81
C THR A 129 -5.12 9.22 -22.61
N TYR A 130 -5.93 9.91 -23.42
CA TYR A 130 -7.38 9.73 -23.36
C TYR A 130 -7.76 8.27 -23.62
N LYS A 131 -7.15 7.67 -24.64
CA LYS A 131 -7.45 6.27 -24.98
C LYS A 131 -7.03 5.33 -23.85
N ALA A 132 -5.84 5.55 -23.28
CA ALA A 132 -5.38 4.71 -22.18
C ALA A 132 -6.32 4.80 -20.99
N TYR A 133 -6.76 6.03 -20.67
CA TYR A 133 -7.69 6.19 -19.54
C TYR A 133 -8.98 5.43 -19.79
N ILE A 134 -9.57 5.59 -20.97
CA ILE A 134 -10.89 5.00 -21.19
C ILE A 134 -10.78 3.48 -21.28
N ASP A 135 -9.71 2.95 -21.86
CA ASP A 135 -9.61 1.50 -22.03
C ASP A 135 -9.08 0.79 -20.79
N SER A 136 -8.34 1.47 -19.92
CA SER A 136 -7.85 0.81 -18.70
C SER A 136 -8.90 0.78 -17.60
N LYS A 137 -9.83 1.74 -17.60
CA LYS A 137 -10.81 1.92 -16.53
C LYS A 137 -10.14 2.21 -15.19
N PHE A 138 -8.91 2.72 -15.20
CA PHE A 138 -8.26 3.20 -14.00
C PHE A 138 -8.86 4.55 -13.57
N GLU A 139 -8.66 4.90 -12.30
CA GLU A 139 -8.99 6.25 -11.86
C GLU A 139 -8.17 7.25 -12.67
N ARG A 140 -8.76 8.42 -12.94
CA ARG A 140 -8.13 9.34 -13.88
C ARG A 140 -6.82 9.89 -13.34
N ASN A 141 -6.68 10.03 -12.02
CA ASN A 141 -5.41 10.53 -11.47
C ASN A 141 -4.26 9.56 -11.71
N LYS A 142 -4.54 8.32 -12.08
CA LYS A 142 -3.51 7.32 -12.29
C LYS A 142 -3.08 7.21 -13.75
N VAL A 143 -3.63 8.05 -14.63
CA VAL A 143 -3.33 7.98 -16.07
C VAL A 143 -2.95 9.37 -16.53
N PHE A 144 -1.74 9.51 -17.08
CA PHE A 144 -1.22 10.81 -17.48
C PHE A 144 -0.18 10.63 -18.58
N GLY A 145 -0.08 11.64 -19.43
CA GLY A 145 0.91 11.66 -20.49
C GLY A 145 1.89 12.81 -20.35
N LEU A 146 3.05 12.68 -21.00
CA LEU A 146 4.09 13.70 -20.89
C LEU A 146 3.56 15.06 -21.35
N GLY A 147 2.76 15.07 -22.41
CA GLY A 147 2.04 16.27 -22.79
C GLY A 147 2.95 17.45 -23.02
N THR A 148 2.52 18.61 -22.53
CA THR A 148 3.25 19.86 -22.75
C THR A 148 4.45 20.02 -21.84
N HIS A 149 4.70 19.09 -20.92
CA HIS A 149 5.90 19.18 -20.09
C HIS A 149 7.14 19.32 -20.96
N LEU A 150 7.34 18.42 -21.91
CA LEU A 150 8.48 18.52 -22.81
C LEU A 150 8.50 19.90 -23.47
N ASP A 151 7.34 20.35 -23.97
CA ASP A 151 7.29 21.67 -24.59
C ASP A 151 7.82 22.72 -23.63
N SER A 152 7.34 22.68 -22.38
CA SER A 152 7.78 23.67 -21.42
C SER A 152 9.29 23.66 -21.33
N LEU A 153 9.88 22.47 -21.19
CA LEU A 153 11.32 22.38 -21.06
C LEU A 153 12.01 22.97 -22.28
N ARG A 154 11.50 22.68 -23.47
CA ARG A 154 12.09 23.26 -24.66
C ARG A 154 12.01 24.78 -24.61
N PHE A 155 10.84 25.30 -24.24
CA PHE A 155 10.69 26.74 -24.07
C PHE A 155 11.75 27.25 -23.11
N LYS A 156 11.95 26.54 -21.99
CA LYS A 156 12.97 26.95 -21.04
C LYS A 156 14.30 27.15 -21.74
N VAL A 157 14.74 26.11 -22.48
CA VAL A 157 16.01 26.23 -23.19
C VAL A 157 16.04 27.52 -23.99
N GLU A 158 15.04 27.73 -24.82
CA GLU A 158 15.03 28.93 -25.67
C GLU A 158 15.27 30.16 -24.81
N ILE A 159 14.42 30.36 -23.80
CA ILE A 159 14.52 31.57 -22.99
C ILE A 159 15.93 31.70 -22.43
N ALA A 160 16.44 30.63 -21.84
CA ALA A 160 17.76 30.69 -21.22
C ALA A 160 18.79 31.16 -22.24
N LYS A 161 18.80 30.52 -23.41
CA LYS A 161 19.84 30.85 -24.37
C LYS A 161 19.68 32.26 -24.89
N PHE A 162 18.45 32.78 -24.92
CA PHE A 162 18.31 34.15 -25.36
C PHE A 162 18.89 35.12 -24.35
N PHE A 163 18.66 34.87 -23.05
CA PHE A 163 19.14 35.78 -22.03
C PHE A 163 20.51 35.39 -21.49
N GLY A 164 21.12 34.34 -22.04
CA GLY A 164 22.45 33.92 -21.66
C GLY A 164 22.53 33.53 -20.19
N VAL A 165 21.59 32.71 -19.73
CA VAL A 165 21.58 32.25 -18.34
C VAL A 165 21.62 30.74 -18.29
N HIS A 166 22.06 30.23 -17.14
CA HIS A 166 21.99 28.82 -16.82
C HIS A 166 20.57 28.31 -17.07
N ILE A 167 20.47 27.11 -17.68
CA ILE A 167 19.15 26.60 -18.08
C ILE A 167 18.25 26.44 -16.86
N ASP A 168 18.79 25.91 -15.76
CA ASP A 168 17.98 25.71 -14.56
C ASP A 168 17.48 27.01 -13.95
N GLU A 169 18.03 28.16 -14.36
CA GLU A 169 17.53 29.42 -13.84
C GLU A 169 16.14 29.75 -14.37
N VAL A 170 15.70 29.08 -15.43
CA VAL A 170 14.45 29.41 -16.12
C VAL A 170 13.41 28.37 -15.76
N ARG A 171 12.19 28.82 -15.49
CA ARG A 171 11.02 27.97 -15.35
C ARG A 171 9.93 28.52 -16.25
N THR A 172 9.18 27.61 -16.87
CA THR A 172 8.06 28.00 -17.70
C THR A 172 7.00 26.91 -17.64
N ARG A 173 5.79 27.28 -18.01
CA ARG A 173 4.66 26.36 -18.02
C ARG A 173 3.86 26.58 -19.29
N ILE A 174 3.62 25.49 -20.02
CA ILE A 174 2.79 25.49 -21.22
C ILE A 174 1.67 24.50 -20.98
N ILE A 175 0.45 24.90 -21.33
CA ILE A 175 -0.75 24.08 -21.15
C ILE A 175 -1.40 23.85 -22.50
N GLY A 176 -2.38 22.95 -22.52
CA GLY A 176 -3.11 22.64 -23.74
C GLY A 176 -2.57 21.44 -24.48
N GLU A 177 -2.59 21.52 -25.80
CA GLU A 177 -2.18 20.40 -26.65
C GLU A 177 -0.68 20.37 -26.80
N HIS A 178 -0.12 19.16 -26.78
CA HIS A 178 1.24 18.93 -27.24
C HIS A 178 1.27 19.07 -28.76
N GLY A 179 1.10 20.28 -29.24
CA GLY A 179 0.96 20.51 -30.66
C GLY A 179 0.89 22.00 -30.96
N ASP A 180 0.39 22.32 -32.15
CA ASP A 180 0.43 23.69 -32.62
C ASP A 180 -0.51 24.61 -31.85
N THR A 181 -1.46 24.07 -31.08
CA THR A 181 -2.40 24.89 -30.32
C THR A 181 -1.97 25.04 -28.86
N MET A 182 -0.72 24.71 -28.53
CA MET A 182 -0.25 24.86 -27.17
C MET A 182 -0.32 26.33 -26.74
N VAL A 183 -0.55 26.53 -25.45
CA VAL A 183 -0.78 27.85 -24.87
C VAL A 183 0.34 28.16 -23.89
N PRO A 184 1.35 28.91 -24.31
CA PRO A 184 2.39 29.33 -23.36
C PRO A 184 1.85 30.32 -22.34
N LEU A 185 2.22 30.09 -21.07
CA LEU A 185 1.81 30.97 -19.98
C LEU A 185 2.98 31.91 -19.68
N ILE A 186 3.00 33.06 -20.37
CA ILE A 186 4.08 34.02 -20.19
C ILE A 186 4.14 34.51 -18.75
N SER A 187 2.97 34.67 -18.12
CA SER A 187 2.94 35.04 -16.72
C SER A 187 3.76 34.08 -15.86
N SER A 188 3.78 32.80 -16.23
CA SER A 188 4.49 31.77 -15.48
C SER A 188 5.87 31.47 -16.06
N THR A 189 6.47 32.43 -16.74
CA THR A 189 7.85 32.35 -17.20
C THR A 189 8.71 33.22 -16.31
N SER A 190 9.82 32.67 -15.82
CA SER A 190 10.62 33.36 -14.82
C SER A 190 12.09 33.03 -15.01
N ILE A 191 12.94 33.94 -14.52
CA ILE A 191 14.38 33.75 -14.48
C ILE A 191 14.84 34.06 -13.06
N GLY A 192 15.45 33.08 -12.40
CA GLY A 192 15.84 33.25 -11.01
C GLY A 192 14.68 33.56 -10.10
N GLY A 193 13.47 33.12 -10.46
CA GLY A 193 12.27 33.43 -9.70
C GLY A 193 11.60 34.73 -10.10
N ILE A 194 12.23 35.54 -10.93
CA ILE A 194 11.72 36.86 -11.31
C ILE A 194 10.82 36.67 -12.53
N PRO A 195 9.55 37.07 -12.47
CA PRO A 195 8.72 36.99 -13.68
C PRO A 195 9.40 37.69 -14.85
N ILE A 196 9.29 37.06 -16.03
CA ILE A 196 10.02 37.53 -17.20
C ILE A 196 9.51 38.91 -17.63
N THR A 197 8.27 39.23 -17.30
CA THR A 197 7.67 40.52 -17.66
C THR A 197 8.14 41.66 -16.76
N ARG A 198 8.97 41.37 -15.76
CA ARG A 198 9.56 42.41 -14.91
C ARG A 198 11.01 42.67 -15.27
N PHE A 199 11.46 42.22 -16.44
CA PHE A 199 12.76 42.58 -16.97
C PHE A 199 12.59 43.61 -18.07
N LYS A 200 13.46 44.63 -18.06
CA LYS A 200 13.43 45.62 -19.14
C LYS A 200 13.78 44.99 -20.47
N SER A 201 14.66 43.97 -20.47
CA SER A 201 15.05 43.31 -21.70
C SER A 201 13.95 42.45 -22.30
N PHE A 202 12.83 42.28 -21.58
CA PHE A 202 11.72 41.49 -22.11
C PHE A 202 11.21 42.06 -23.42
N LYS A 203 11.34 43.37 -23.62
CA LYS A 203 10.88 43.98 -24.86
C LYS A 203 11.64 43.42 -26.07
N ASP A 204 12.87 42.95 -25.87
CA ASP A 204 13.69 42.44 -26.96
C ASP A 204 13.47 40.94 -27.21
N LEU A 205 12.63 40.29 -26.43
CA LEU A 205 12.42 38.85 -26.58
C LEU A 205 11.63 38.56 -27.85
N PRO A 206 12.18 37.78 -28.79
CA PRO A 206 11.40 37.40 -30.00
C PRO A 206 10.42 36.28 -29.68
N LEU A 207 9.37 36.62 -28.92
CA LEU A 207 8.57 35.59 -28.27
C LEU A 207 7.83 34.72 -29.27
N LYS A 208 7.23 35.32 -30.30
CA LYS A 208 6.47 34.55 -31.27
C LYS A 208 7.39 33.58 -32.03
N ASP A 209 8.58 34.05 -32.41
CA ASP A 209 9.54 33.17 -33.07
C ASP A 209 9.95 32.02 -32.16
N ILE A 210 10.16 32.30 -30.86
CA ILE A 210 10.57 31.24 -29.94
C ILE A 210 9.45 30.21 -29.81
N ILE A 211 8.20 30.67 -29.75
CA ILE A 211 7.08 29.75 -29.63
C ILE A 211 6.98 28.88 -30.88
N GLU A 212 7.19 29.48 -32.06
CA GLU A 212 7.16 28.69 -33.29
C GLU A 212 8.29 27.67 -33.31
N ASN A 213 9.47 28.05 -32.81
CA ASN A 213 10.56 27.09 -32.70
C ASN A 213 10.17 25.92 -31.80
N VAL A 214 9.56 26.22 -30.65
CA VAL A 214 9.14 25.16 -29.74
C VAL A 214 8.15 24.23 -30.42
N LYS A 215 7.16 24.81 -31.12
CA LYS A 215 6.16 23.99 -31.78
C LYS A 215 6.79 23.07 -32.82
N ASN A 216 7.88 23.49 -33.45
CA ASN A 216 8.50 22.74 -34.54
C ASN A 216 9.70 21.91 -34.11
N LYS A 217 10.04 21.90 -32.82
CA LYS A 217 11.29 21.27 -32.40
C LYS A 217 11.27 19.77 -32.66
N GLY A 218 10.13 19.11 -32.45
CA GLY A 218 10.07 17.68 -32.72
C GLY A 218 10.38 17.34 -34.16
N SER A 219 9.75 18.05 -35.09
CA SER A 219 10.01 17.81 -36.51
C SER A 219 11.44 18.16 -36.87
N LYS A 220 11.99 19.22 -36.27
CA LYS A 220 13.36 19.62 -36.56
C LYS A 220 14.33 18.53 -36.13
N ILE A 221 14.15 17.98 -34.93
CA ILE A 221 15.04 16.93 -34.45
C ILE A 221 14.86 15.66 -35.27
N ILE A 222 13.63 15.37 -35.71
CA ILE A 222 13.42 14.24 -36.61
C ILE A 222 14.21 14.43 -37.89
N ALA A 223 14.13 15.63 -38.48
CA ALA A 223 14.78 15.88 -39.76
C ALA A 223 16.30 15.90 -39.63
N LEU A 224 16.82 16.28 -38.46
CA LEU A 224 18.27 16.39 -38.30
C LEU A 224 18.91 15.07 -37.88
N LYS A 225 18.37 14.40 -36.85
CA LYS A 225 18.99 13.19 -36.33
C LYS A 225 18.05 12.00 -36.29
N GLY A 226 16.82 12.11 -36.79
CA GLY A 226 15.92 11.00 -36.86
C GLY A 226 14.93 10.87 -35.71
N GLY A 227 15.00 11.75 -34.72
CA GLY A 227 14.04 11.77 -33.63
C GLY A 227 14.69 12.02 -32.28
N SER A 228 13.90 12.54 -31.36
CA SER A 228 14.42 12.85 -30.02
C SER A 228 14.64 11.59 -29.22
N GLU A 229 15.62 11.64 -28.32
CA GLU A 229 15.93 10.55 -27.41
C GLU A 229 16.06 11.04 -25.99
N PHE A 230 17.11 11.84 -25.76
CA PHE A 230 17.50 12.20 -24.40
C PHE A 230 16.56 13.23 -23.80
N GLY A 231 16.01 14.13 -24.61
CA GLY A 231 15.10 15.14 -24.11
C GLY A 231 13.87 14.54 -23.45
N PRO A 232 13.10 13.77 -24.22
CA PRO A 232 11.93 13.10 -23.63
C PRO A 232 12.30 12.20 -22.46
N ALA A 233 13.41 11.48 -22.57
CA ALA A 233 13.82 10.60 -21.47
C ALA A 233 14.07 11.38 -20.21
N ALA A 234 14.73 12.54 -20.31
CA ALA A 234 15.03 13.33 -19.13
C ALA A 234 13.75 13.95 -18.56
N ALA A 235 12.83 14.36 -19.43
CA ALA A 235 11.55 14.87 -18.95
C ALA A 235 10.82 13.80 -18.15
N VAL A 236 10.80 12.58 -18.68
CA VAL A 236 10.22 11.46 -17.94
C VAL A 236 10.94 11.27 -16.62
N LEU A 237 12.27 11.35 -16.62
CA LEU A 237 13.04 11.22 -15.39
C LEU A 237 12.60 12.24 -14.35
N ASN A 238 12.42 13.49 -14.77
CA ASN A 238 12.00 14.54 -13.86
C ASN A 238 10.64 14.22 -13.23
N VAL A 239 9.66 13.83 -14.06
CA VAL A 239 8.37 13.41 -13.53
C VAL A 239 8.53 12.26 -12.55
N VAL A 240 9.33 11.25 -12.93
CA VAL A 240 9.44 10.04 -12.12
C VAL A 240 10.08 10.36 -10.79
N ARG A 241 11.01 11.30 -10.77
CA ARG A 241 11.61 11.72 -9.50
C ARG A 241 10.57 12.35 -8.60
N SER A 242 9.67 13.16 -9.17
CA SER A 242 8.57 13.67 -8.36
C SER A 242 7.73 12.53 -7.81
N ILE A 243 7.39 11.54 -8.65
CA ILE A 243 6.54 10.44 -8.21
C ILE A 243 7.21 9.66 -7.07
N ALA A 244 8.50 9.32 -7.25
CA ALA A 244 9.14 8.35 -6.38
C ALA A 244 9.27 8.85 -4.96
N ASN A 245 9.58 10.13 -4.77
CA ASN A 245 9.71 10.72 -3.45
C ASN A 245 8.50 11.57 -3.07
N ASN A 246 7.39 11.42 -3.79
CA ASN A 246 6.14 12.10 -3.47
C ASN A 246 6.37 13.60 -3.24
N GLU A 247 7.08 14.22 -4.17
CA GLU A 247 7.38 15.65 -4.07
C GLU A 247 6.20 16.53 -4.48
N ASN A 248 5.22 15.97 -5.19
CA ASN A 248 4.03 16.71 -5.61
C ASN A 248 4.41 17.95 -6.42
N ARG A 249 5.48 17.82 -7.21
CA ARG A 249 5.93 18.91 -8.06
C ARG A 249 4.79 19.42 -8.95
N LEU A 250 4.75 20.74 -9.13
CA LEU A 250 3.75 21.38 -9.96
C LEU A 250 4.32 21.47 -11.38
N LEU A 251 3.78 20.64 -12.26
CA LEU A 251 4.21 20.51 -13.65
C LEU A 251 2.99 20.59 -14.54
N THR A 252 3.22 20.60 -15.85
CA THR A 252 2.14 20.53 -16.83
C THR A 252 2.20 19.14 -17.48
N LEU A 253 1.18 18.32 -17.22
CA LEU A 253 1.07 17.00 -17.81
C LEU A 253 -0.34 16.82 -18.36
N SER A 254 -0.47 15.90 -19.31
CA SER A 254 -1.76 15.60 -19.89
C SER A 254 -2.51 14.61 -19.00
N THR A 255 -3.78 14.90 -18.72
CA THR A 255 -4.60 14.01 -17.92
C THR A 255 -6.08 14.35 -18.17
N TYR A 256 -6.95 13.44 -17.74
CA TYR A 256 -8.36 13.53 -18.08
C TYR A 256 -9.06 14.60 -17.25
N LEU A 257 -9.87 15.42 -17.90
CA LEU A 257 -10.61 16.49 -17.25
C LEU A 257 -12.07 16.07 -17.06
N ASP A 258 -12.55 16.27 -15.84
CA ASP A 258 -13.90 15.94 -15.40
C ASP A 258 -14.53 17.13 -14.71
N GLY A 259 -14.48 18.30 -15.37
CA GLY A 259 -15.07 19.52 -14.87
C GLY A 259 -14.08 20.63 -14.59
N GLU A 260 -12.79 20.31 -14.48
CA GLU A 260 -11.80 21.34 -14.17
C GLU A 260 -11.72 22.38 -15.28
N PHE A 261 -11.68 23.65 -14.89
CA PHE A 261 -11.62 24.78 -15.79
C PHE A 261 -12.85 24.87 -16.70
N GLY A 262 -13.90 24.11 -16.41
CA GLY A 262 -15.08 24.09 -17.23
C GLY A 262 -15.07 23.14 -18.41
N PHE A 263 -14.16 22.17 -18.43
CA PHE A 263 -14.04 21.24 -19.53
C PHE A 263 -14.15 19.81 -19.02
N SER A 264 -14.64 18.92 -19.89
CA SER A 264 -14.83 17.53 -19.51
C SER A 264 -14.67 16.64 -20.74
N ASP A 265 -14.33 15.38 -20.49
CA ASP A 265 -14.27 14.37 -21.54
C ASP A 265 -13.17 14.69 -22.55
N VAL A 266 -11.99 15.02 -22.01
CA VAL A 266 -10.84 15.36 -22.84
C VAL A 266 -9.60 15.22 -21.97
N CYS A 267 -8.49 14.86 -22.59
CA CYS A 267 -7.18 14.90 -21.94
C CYS A 267 -6.39 16.04 -22.54
N ALA A 268 -5.80 16.87 -21.69
CA ALA A 268 -5.00 18.00 -22.15
C ALA A 268 -3.98 18.36 -21.08
N GLY A 269 -2.90 18.99 -21.53
CA GLY A 269 -1.88 19.46 -20.61
C GLY A 269 -2.43 20.52 -19.67
N VAL A 270 -2.37 20.24 -18.37
CA VAL A 270 -2.86 21.16 -17.35
C VAL A 270 -1.91 21.17 -16.18
N PRO A 271 -1.91 22.25 -15.41
CA PRO A 271 -1.09 22.26 -14.18
C PRO A 271 -1.57 21.16 -13.23
N VAL A 272 -0.63 20.34 -12.77
CA VAL A 272 -0.91 19.20 -11.92
C VAL A 272 0.20 19.10 -10.87
N LYS A 273 -0.14 18.50 -9.74
CA LYS A 273 0.82 18.09 -8.75
C LYS A 273 1.03 16.59 -8.92
N VAL A 274 2.29 16.17 -9.10
CA VAL A 274 2.65 14.80 -9.44
C VAL A 274 3.28 14.15 -8.22
N GLY A 275 2.64 13.11 -7.70
CA GLY A 275 3.13 12.40 -6.53
C GLY A 275 2.98 10.90 -6.62
N LYS A 276 3.22 10.22 -5.50
CA LYS A 276 3.19 8.76 -5.48
C LYS A 276 1.86 8.19 -5.93
N ASP A 277 0.77 8.94 -5.81
CA ASP A 277 -0.56 8.48 -6.17
C ASP A 277 -1.05 9.06 -7.49
N GLY A 278 -0.17 9.70 -8.27
CA GLY A 278 -0.57 10.22 -9.57
C GLY A 278 -0.64 11.74 -9.63
N VAL A 279 -1.54 12.25 -10.45
CA VAL A 279 -1.61 13.69 -10.74
C VAL A 279 -2.90 14.25 -10.16
N GLU A 280 -2.78 15.42 -9.51
CA GLU A 280 -3.92 16.19 -9.03
C GLU A 280 -3.94 17.53 -9.74
N ILE A 281 -5.01 17.80 -10.50
CA ILE A 281 -5.08 19.05 -11.25
C ILE A 281 -5.21 20.22 -10.28
N VAL A 282 -4.47 21.29 -10.57
CA VAL A 282 -4.44 22.47 -9.72
C VAL A 282 -5.39 23.49 -10.34
N THR A 283 -6.64 23.50 -9.86
CA THR A 283 -7.62 24.47 -10.32
C THR A 283 -7.48 25.81 -9.61
N ASP A 284 -6.64 25.89 -8.58
CA ASP A 284 -6.43 27.14 -7.86
C ASP A 284 -5.76 28.20 -8.72
N ILE A 285 -5.18 27.83 -9.85
CA ILE A 285 -4.51 28.79 -10.72
C ILE A 285 -5.56 29.56 -11.53
N VAL A 286 -5.31 30.85 -11.73
CA VAL A 286 -6.19 31.73 -12.48
C VAL A 286 -5.48 32.13 -13.76
N PHE A 287 -6.18 32.03 -14.89
CA PHE A 287 -5.66 32.43 -16.17
C PHE A 287 -6.24 33.77 -16.60
N SER A 288 -5.52 34.46 -17.47
CA SER A 288 -6.04 35.66 -18.09
C SER A 288 -7.10 35.29 -19.13
N LYS A 289 -7.82 36.30 -19.61
CA LYS A 289 -8.83 36.09 -20.65
C LYS A 289 -8.21 35.43 -21.87
N GLU A 290 -7.09 35.97 -22.35
CA GLU A 290 -6.46 35.46 -23.56
C GLU A 290 -5.96 34.04 -23.37
N GLU A 291 -5.32 33.78 -22.23
CA GLU A 291 -4.86 32.43 -21.92
C GLU A 291 -6.02 31.44 -21.93
N PHE A 292 -7.15 31.83 -21.33
CA PHE A 292 -8.28 30.91 -21.27
C PHE A 292 -8.88 30.67 -22.64
N GLU A 293 -8.97 31.71 -23.47
CA GLU A 293 -9.50 31.52 -24.82
C GLU A 293 -8.61 30.57 -25.63
N ALA A 294 -7.30 30.78 -25.57
CA ALA A 294 -6.37 29.88 -26.26
C ALA A 294 -6.51 28.45 -25.75
N PHE A 295 -6.62 28.29 -24.43
CA PHE A 295 -6.75 26.96 -23.85
C PHE A 295 -8.04 26.27 -24.31
N LYS A 296 -9.14 27.03 -24.36
CA LYS A 296 -10.41 26.48 -24.82
C LYS A 296 -10.33 26.02 -26.27
N TYR A 297 -9.71 26.84 -27.12
CA TYR A 297 -9.50 26.44 -28.51
C TYR A 297 -8.70 25.14 -28.60
N SER A 298 -7.62 25.06 -27.82
CA SER A 298 -6.79 23.85 -27.82
C SER A 298 -7.60 22.63 -27.37
N ILE A 299 -8.44 22.80 -26.35
CA ILE A 299 -9.26 21.70 -25.85
C ILE A 299 -10.16 21.18 -26.96
N GLU A 300 -10.82 22.08 -27.69
CA GLU A 300 -11.70 21.65 -28.77
C GLU A 300 -10.93 20.90 -29.85
N THR A 301 -9.75 21.44 -30.21
CA THR A 301 -8.89 20.76 -31.16
C THR A 301 -8.62 19.32 -30.75
N ILE A 302 -8.28 19.12 -29.47
CA ILE A 302 -7.99 17.76 -29.00
C ILE A 302 -9.25 16.90 -29.05
N LYS A 303 -10.39 17.48 -28.66
CA LYS A 303 -11.62 16.71 -28.54
C LYS A 303 -11.99 16.07 -29.87
N ARG A 304 -11.77 16.79 -30.98
CA ARG A 304 -12.08 16.20 -32.28
C ARG A 304 -11.40 14.83 -32.45
N TYR A 305 -10.07 14.80 -32.28
CA TYR A 305 -9.34 13.54 -32.42
C TYR A 305 -9.82 12.51 -31.39
N CYS A 306 -9.99 12.93 -30.14
CA CYS A 306 -10.44 11.99 -29.11
C CYS A 306 -11.73 11.30 -29.51
N GLU A 307 -12.69 12.08 -30.03
CA GLU A 307 -13.93 11.49 -30.48
C GLU A 307 -13.70 10.54 -31.66
N GLU A 308 -12.73 10.86 -32.52
CA GLU A 308 -12.48 9.97 -33.66
C GLU A 308 -11.93 8.61 -33.23
N ILE A 309 -11.15 8.55 -32.15
CA ILE A 309 -10.48 7.28 -31.79
C ILE A 309 -11.05 6.63 -30.54
N LYS A 310 -12.09 7.20 -29.93
CA LYS A 310 -12.54 6.70 -28.62
C LYS A 310 -12.92 5.22 -28.68
N GLU A 311 -13.58 4.80 -29.76
CA GLU A 311 -14.16 3.47 -29.85
C GLU A 311 -13.31 2.49 -30.66
N LEU A 312 -12.07 2.84 -30.98
CA LEU A 312 -11.22 1.97 -31.77
C LEU A 312 -10.45 0.98 -30.91
N MET B 1 35.55 22.99 -17.15
CA MET B 1 36.21 22.04 -18.08
C MET B 1 35.64 22.21 -19.48
N LYS B 2 36.47 21.94 -20.49
CA LYS B 2 36.05 21.97 -21.89
C LYS B 2 36.45 20.68 -22.58
N VAL B 3 35.47 20.06 -23.24
CA VAL B 3 35.63 18.74 -23.83
C VAL B 3 35.13 18.81 -25.27
N SER B 4 35.96 18.35 -26.19
CA SER B 4 35.56 18.11 -27.57
C SER B 4 35.37 16.61 -27.75
N ILE B 5 34.44 16.24 -28.64
CA ILE B 5 34.11 14.85 -28.91
C ILE B 5 34.08 14.68 -30.42
N ILE B 6 35.09 14.00 -30.97
CA ILE B 6 35.15 13.69 -32.39
C ILE B 6 34.53 12.31 -32.56
N GLY B 7 33.41 12.24 -33.27
CA GLY B 7 32.62 11.03 -33.37
C GLY B 7 31.31 11.10 -32.64
N ALA B 8 30.88 12.29 -32.22
CA ALA B 8 29.62 12.45 -31.52
C ALA B 8 28.41 12.06 -32.36
N SER B 9 28.58 11.86 -33.67
CA SER B 9 27.46 11.45 -34.50
C SER B 9 27.13 9.97 -34.35
N GLY B 10 28.08 9.16 -33.84
CA GLY B 10 27.81 7.78 -33.54
C GLY B 10 27.07 7.63 -32.23
N LYS B 11 26.74 6.38 -31.89
CA LYS B 11 25.91 6.13 -30.72
C LYS B 11 26.72 6.30 -29.43
N VAL B 12 27.92 5.74 -29.39
CA VAL B 12 28.78 5.92 -28.22
C VAL B 12 29.09 7.41 -28.02
N GLY B 13 29.47 8.10 -29.11
CA GLY B 13 29.79 9.51 -28.99
C GLY B 13 28.61 10.34 -28.53
N SER B 14 27.40 10.00 -29.01
CA SER B 14 26.21 10.74 -28.60
C SER B 14 25.90 10.52 -27.12
N ALA B 15 25.98 9.27 -26.67
CA ALA B 15 25.76 9.00 -25.25
C ALA B 15 26.79 9.71 -24.39
N ILE B 16 28.05 9.73 -24.84
CA ILE B 16 29.09 10.43 -24.08
C ILE B 16 28.79 11.91 -24.03
N SER B 17 28.36 12.49 -25.16
CA SER B 17 28.02 13.90 -25.19
C SER B 17 26.93 14.21 -24.18
N PHE B 18 25.88 13.39 -24.16
CA PHE B 18 24.79 13.61 -23.21
C PHE B 18 25.30 13.53 -21.77
N LEU B 19 26.01 12.45 -21.44
CA LEU B 19 26.44 12.28 -20.04
C LEU B 19 27.36 13.43 -19.61
N LEU B 20 28.30 13.83 -20.46
CA LEU B 20 29.27 14.84 -20.05
C LEU B 20 28.65 16.23 -20.00
N ALA B 21 27.72 16.53 -20.91
CA ALA B 21 27.04 17.82 -20.85
C ALA B 21 26.28 17.98 -19.54
N ASN B 22 25.85 16.87 -18.93
CA ASN B 22 25.12 16.91 -17.67
C ASN B 22 26.02 17.15 -16.46
N GLU B 23 27.33 16.95 -16.60
CA GLU B 23 28.24 17.14 -15.49
C GLU B 23 28.33 18.63 -15.15
N PRO B 24 28.25 19.02 -13.88
CA PRO B 24 28.27 20.45 -13.56
C PRO B 24 29.54 21.16 -13.97
N TYR B 25 30.68 20.46 -13.97
CA TYR B 25 31.96 21.07 -14.30
C TYR B 25 32.20 21.17 -15.80
N VAL B 26 31.46 20.42 -16.61
CA VAL B 26 31.62 20.49 -18.07
C VAL B 26 30.80 21.67 -18.55
N LYS B 27 31.46 22.80 -18.78
CA LYS B 27 30.77 24.03 -19.15
C LYS B 27 30.71 24.27 -20.65
N GLU B 28 31.61 23.68 -21.42
CA GLU B 28 31.56 23.78 -22.87
C GLU B 28 31.85 22.43 -23.48
N LEU B 29 31.04 22.03 -24.45
CA LEU B 29 31.17 20.78 -25.16
C LEU B 29 31.16 21.09 -26.65
N VAL B 30 32.16 20.58 -27.37
CA VAL B 30 32.27 20.77 -28.81
C VAL B 30 32.02 19.43 -29.48
N LEU B 31 31.00 19.39 -30.34
CA LEU B 31 30.67 18.20 -31.11
C LEU B 31 31.27 18.34 -32.51
N ILE B 32 32.03 17.33 -32.92
CA ILE B 32 32.76 17.37 -34.19
C ILE B 32 32.42 16.13 -35.00
N SER B 33 32.18 16.33 -36.29
CA SER B 33 31.86 15.22 -37.18
C SER B 33 32.34 15.56 -38.59
N ARG B 34 32.32 14.55 -39.46
CA ARG B 34 32.48 14.82 -40.88
C ARG B 34 31.37 15.77 -41.33
N GLU B 35 31.65 16.52 -42.41
CA GLU B 35 30.72 17.55 -42.85
C GLU B 35 29.33 16.95 -43.10
N LYS B 36 29.27 15.81 -43.78
CA LYS B 36 27.98 15.24 -44.16
C LYS B 36 27.09 14.94 -42.96
N SER B 37 27.67 14.81 -41.76
CA SER B 37 26.92 14.48 -40.56
C SER B 37 26.69 15.67 -39.65
N ILE B 38 27.05 16.88 -40.09
CA ILE B 38 26.90 18.05 -39.23
C ILE B 38 25.46 18.19 -38.77
N ASP B 39 24.50 18.04 -39.68
CA ASP B 39 23.10 18.13 -39.29
C ASP B 39 22.79 17.21 -38.13
N LYS B 40 23.29 15.97 -38.18
CA LYS B 40 23.07 15.06 -37.05
C LYS B 40 23.51 15.72 -35.76
N LEU B 41 24.75 16.22 -35.72
CA LEU B 41 25.22 16.89 -34.51
C LEU B 41 24.28 18.01 -34.10
N ARG B 42 23.82 18.81 -35.07
CA ARG B 42 22.86 19.87 -34.73
C ARG B 42 21.69 19.28 -33.96
N GLY B 43 21.05 18.26 -34.54
CA GLY B 43 19.97 17.61 -33.84
C GLY B 43 20.39 17.19 -32.45
N LEU B 44 21.52 16.51 -32.35
CA LEU B 44 22.01 16.03 -31.06
C LEU B 44 22.03 17.19 -30.07
N ARG B 45 22.62 18.32 -30.47
CA ARG B 45 22.71 19.47 -29.57
C ARG B 45 21.35 19.80 -29.01
N GLU B 46 20.38 20.05 -29.90
CA GLU B 46 19.04 20.39 -29.43
C GLU B 46 18.54 19.35 -28.45
N ASP B 47 18.66 18.07 -28.82
CA ASP B 47 18.20 17.00 -27.95
C ASP B 47 18.82 17.14 -26.57
N ILE B 48 20.15 17.30 -26.53
CA ILE B 48 20.84 17.37 -25.25
C ILE B 48 20.33 18.55 -24.45
N TYR B 49 20.15 19.70 -25.10
CA TYR B 49 19.65 20.87 -24.39
C TYR B 49 18.32 20.53 -23.71
N ASP B 50 17.40 19.91 -24.45
CA ASP B 50 16.14 19.54 -23.85
C ASP B 50 16.38 18.66 -22.63
N ALA B 51 17.28 17.68 -22.77
CA ALA B 51 17.56 16.79 -21.65
C ALA B 51 18.07 17.58 -20.45
N LEU B 52 18.91 18.59 -20.68
CA LEU B 52 19.42 19.38 -19.57
C LEU B 52 18.27 20.09 -18.86
N ALA B 53 17.33 20.63 -19.63
CA ALA B 53 16.15 21.25 -19.03
C ALA B 53 15.46 20.30 -18.07
N GLY B 54 15.52 18.99 -18.33
CA GLY B 54 14.90 18.04 -17.44
C GLY B 54 15.76 17.68 -16.25
N THR B 55 17.09 17.64 -16.42
CA THR B 55 18.00 17.24 -15.35
C THR B 55 18.40 18.40 -14.47
N LYS B 56 17.99 19.62 -14.80
CA LYS B 56 18.35 20.83 -14.04
C LYS B 56 19.86 21.09 -14.13
N ARG B 57 20.44 20.82 -15.29
CA ARG B 57 21.86 21.05 -15.55
C ARG B 57 22.00 22.07 -16.68
N ASP B 58 23.24 22.30 -17.11
CA ASP B 58 23.49 23.37 -18.07
C ASP B 58 24.77 23.06 -18.84
N CYS B 59 24.87 23.62 -20.04
CA CYS B 59 26.06 23.49 -20.85
C CYS B 59 25.93 24.39 -22.06
N GLU B 60 27.07 24.74 -22.64
CA GLU B 60 27.13 25.45 -23.91
C GLU B 60 27.74 24.51 -24.95
N ILE B 61 26.98 24.22 -26.01
CA ILE B 61 27.35 23.21 -26.98
C ILE B 61 27.58 23.88 -28.32
N ASN B 62 28.76 23.65 -28.90
CA ASN B 62 29.10 24.12 -30.23
C ASN B 62 29.25 22.93 -31.17
N VAL B 63 29.15 23.20 -32.47
CA VAL B 63 29.21 22.18 -33.50
C VAL B 63 30.24 22.61 -34.55
N SER B 64 30.96 21.64 -35.10
CA SER B 64 32.00 21.95 -36.07
C SER B 64 32.36 20.70 -36.84
N ASP B 65 32.85 20.89 -38.06
CA ASP B 65 33.26 19.77 -38.90
C ASP B 65 34.68 19.34 -38.53
N ASP B 66 35.04 18.15 -39.01
CA ASP B 66 36.29 17.52 -38.64
C ASP B 66 37.49 18.05 -39.43
N LYS B 67 37.30 19.06 -40.27
CA LYS B 67 38.42 19.66 -41.00
C LYS B 67 38.85 20.99 -40.40
N THR B 68 37.93 21.93 -40.21
CA THR B 68 38.27 23.17 -39.52
C THR B 68 38.56 22.91 -38.05
N LEU B 69 37.88 21.94 -37.44
CA LEU B 69 38.01 21.69 -36.01
C LEU B 69 37.78 22.97 -35.21
N LYS B 70 36.83 23.79 -35.68
CA LYS B 70 36.52 25.02 -34.98
C LYS B 70 36.02 24.71 -33.56
N PHE B 71 36.37 25.59 -32.63
CA PHE B 71 36.01 25.55 -31.22
C PHE B 71 36.84 24.54 -30.44
N LEU B 72 37.63 23.69 -31.10
CA LEU B 72 38.39 22.68 -30.35
C LEU B 72 39.50 23.32 -29.54
N ASP B 73 40.12 24.38 -30.08
CA ASP B 73 41.23 25.04 -29.38
C ASP B 73 40.77 25.50 -28.00
N GLY B 74 41.54 25.12 -26.98
CA GLY B 74 41.22 25.42 -25.60
C GLY B 74 40.65 24.25 -24.84
N SER B 75 40.40 23.12 -25.50
CA SER B 75 39.77 21.98 -24.84
C SER B 75 40.72 21.37 -23.82
N ASP B 76 40.22 21.13 -22.61
CA ASP B 76 40.99 20.36 -21.65
C ASP B 76 41.06 18.89 -22.07
N LEU B 77 40.05 18.42 -22.81
CA LEU B 77 40.00 17.01 -23.17
C LEU B 77 39.35 16.84 -24.53
N VAL B 78 39.88 15.89 -25.32
CA VAL B 78 39.30 15.53 -26.61
C VAL B 78 39.10 14.02 -26.60
N ILE B 79 37.85 13.60 -26.74
CA ILE B 79 37.47 12.18 -26.78
C ILE B 79 37.19 11.82 -28.23
N ILE B 80 37.80 10.73 -28.70
CA ILE B 80 37.65 10.29 -30.09
C ILE B 80 36.95 8.95 -30.10
N THR B 81 35.75 8.91 -30.70
CA THR B 81 34.99 7.69 -30.89
C THR B 81 34.81 7.34 -32.36
N SER B 82 35.44 8.08 -33.27
CA SER B 82 35.23 7.84 -34.69
C SER B 82 35.90 6.53 -35.11
N GLY B 83 35.13 5.68 -35.78
CA GLY B 83 35.66 4.40 -36.24
C GLY B 83 34.74 3.78 -37.27
N VAL B 84 35.32 2.90 -38.08
CA VAL B 84 34.57 2.23 -39.15
C VAL B 84 34.00 0.92 -38.62
N PRO B 85 32.85 0.46 -39.11
CA PRO B 85 32.36 -0.85 -38.70
C PRO B 85 33.24 -1.95 -39.25
N ARG B 86 33.52 -2.95 -38.40
CA ARG B 86 34.27 -4.12 -38.85
C ARG B 86 33.33 -5.10 -39.56
N THR B 87 33.56 -5.30 -40.85
CA THR B 87 32.75 -6.23 -41.63
C THR B 87 33.25 -7.65 -41.39
N PRO B 88 32.46 -8.65 -41.77
CA PRO B 88 32.89 -10.05 -41.56
C PRO B 88 34.15 -10.43 -42.33
N GLU B 89 34.46 -9.75 -43.43
CA GLU B 89 35.64 -10.06 -44.21
C GLU B 89 36.89 -9.33 -43.72
N MET B 90 36.77 -8.49 -42.69
CA MET B 90 37.90 -7.74 -42.17
C MET B 90 38.59 -8.54 -41.07
N SER B 91 39.91 -8.64 -41.16
CA SER B 91 40.70 -9.13 -40.06
C SER B 91 40.85 -8.04 -39.00
N ARG B 92 41.30 -8.42 -37.82
CA ARG B 92 41.56 -7.43 -36.78
C ARG B 92 42.57 -6.40 -37.25
N LEU B 93 43.57 -6.85 -38.01
CA LEU B 93 44.58 -5.93 -38.52
C LEU B 93 43.99 -4.98 -39.56
N ASP B 94 43.05 -5.46 -40.39
CA ASP B 94 42.39 -4.58 -41.35
C ASP B 94 41.67 -3.44 -40.62
N LEU B 95 40.96 -3.77 -39.55
CA LEU B 95 40.29 -2.75 -38.75
C LEU B 95 41.31 -1.79 -38.14
N ALA B 96 42.39 -2.33 -37.57
CA ALA B 96 43.42 -1.49 -36.99
C ALA B 96 43.98 -0.52 -38.02
N LYS B 97 44.25 -0.98 -39.24
CA LYS B 97 44.82 -0.10 -40.26
C LYS B 97 43.84 1.00 -40.65
N VAL B 98 42.60 0.61 -40.99
CA VAL B 98 41.63 1.60 -41.45
C VAL B 98 41.38 2.65 -40.37
N ASN B 99 41.25 2.22 -39.11
CA ASN B 99 41.00 3.19 -38.05
C ASN B 99 42.26 3.93 -37.62
N ALA B 100 43.43 3.36 -37.84
CA ALA B 100 44.67 4.09 -37.58
C ALA B 100 44.76 5.31 -38.46
N LYS B 101 44.34 5.18 -39.72
CA LYS B 101 44.35 6.38 -40.56
C LYS B 101 43.50 7.49 -39.95
N ILE B 102 42.28 7.15 -39.50
CA ILE B 102 41.38 8.14 -38.91
C ILE B 102 42.02 8.76 -37.68
N ILE B 103 42.48 7.92 -36.75
CA ILE B 103 43.00 8.41 -35.47
C ILE B 103 44.25 9.26 -35.70
N GLY B 104 45.14 8.82 -36.59
CA GLY B 104 46.36 9.57 -36.82
C GLY B 104 46.10 10.92 -37.47
N ASN B 105 45.19 10.96 -38.44
CA ASN B 105 44.82 12.25 -39.03
C ASN B 105 44.31 13.20 -37.95
N TYR B 106 43.34 12.73 -37.13
CA TYR B 106 42.79 13.61 -36.11
C TYR B 106 43.85 14.03 -35.10
N ALA B 107 44.72 13.10 -34.70
CA ALA B 107 45.73 13.43 -33.70
C ALA B 107 46.70 14.49 -34.23
N LYS B 108 47.15 14.34 -35.48
CA LYS B 108 48.05 15.34 -36.04
C LYS B 108 47.38 16.70 -36.13
N LYS B 109 46.13 16.74 -36.60
CA LYS B 109 45.44 18.03 -36.67
C LYS B 109 45.31 18.67 -35.28
N ILE B 110 44.90 17.86 -34.29
CA ILE B 110 44.72 18.39 -32.94
C ILE B 110 46.03 18.95 -32.41
N ALA B 111 47.11 18.19 -32.56
CA ALA B 111 48.41 18.66 -32.07
C ALA B 111 48.86 19.89 -32.82
N GLU B 112 48.43 20.05 -34.07
CA GLU B 112 48.72 21.29 -34.78
C GLU B 112 47.95 22.46 -34.20
N ILE B 113 46.76 22.21 -33.65
CA ILE B 113 45.96 23.31 -33.12
C ILE B 113 46.40 23.70 -31.71
N CYS B 114 46.63 22.73 -30.84
CA CYS B 114 46.88 23.02 -29.43
C CYS B 114 47.41 21.75 -28.75
N GLU B 115 47.71 21.87 -27.46
CA GLU B 115 48.07 20.73 -26.62
C GLU B 115 46.91 20.41 -25.70
N THR B 116 46.55 19.14 -25.61
CA THR B 116 45.39 18.72 -24.83
C THR B 116 45.56 17.24 -24.47
N LYS B 117 44.59 16.72 -23.72
CA LYS B 117 44.54 15.31 -23.42
C LYS B 117 43.67 14.62 -24.46
N LEU B 118 44.10 13.43 -24.88
CA LEU B 118 43.39 12.61 -25.85
C LEU B 118 42.87 11.35 -25.17
N PHE B 119 41.57 11.11 -25.30
CA PHE B 119 40.91 9.94 -24.73
C PHE B 119 40.36 9.13 -25.91
N ILE B 120 41.02 8.02 -26.23
CA ILE B 120 40.73 7.24 -27.41
C ILE B 120 39.77 6.12 -27.04
N ILE B 121 38.65 6.04 -27.77
CA ILE B 121 37.71 4.95 -27.61
C ILE B 121 37.72 4.01 -28.80
N THR B 122 38.08 4.49 -29.99
CA THR B 122 38.05 3.69 -31.20
C THR B 122 38.87 2.41 -31.04
N ASN B 123 38.30 1.30 -31.51
CA ASN B 123 38.96 -0.01 -31.44
C ASN B 123 39.79 -0.26 -32.67
N PRO B 124 40.82 -1.13 -32.58
CA PRO B 124 41.32 -1.80 -31.36
C PRO B 124 41.99 -0.78 -30.44
N VAL B 125 41.47 -0.61 -29.23
CA VAL B 125 41.69 0.62 -28.47
C VAL B 125 43.16 0.81 -28.12
N ASP B 126 43.85 -0.27 -27.75
CA ASP B 126 45.27 -0.15 -27.42
C ASP B 126 46.08 0.35 -28.61
N VAL B 127 45.85 -0.26 -29.77
CA VAL B 127 46.59 0.08 -30.98
C VAL B 127 46.26 1.51 -31.42
N MET B 128 45.00 1.91 -31.27
CA MET B 128 44.61 3.27 -31.67
C MET B 128 45.18 4.30 -30.70
N THR B 129 45.27 3.97 -29.40
CA THR B 129 45.94 4.86 -28.47
C THR B 129 47.41 5.03 -28.85
N TYR B 130 48.08 3.93 -29.20
CA TYR B 130 49.45 4.00 -29.67
C TYR B 130 49.57 4.94 -30.87
N LYS B 131 48.69 4.77 -31.86
CA LYS B 131 48.74 5.63 -33.05
C LYS B 131 48.52 7.09 -32.68
N ALA B 132 47.54 7.36 -31.82
CA ALA B 132 47.29 8.73 -31.39
C ALA B 132 48.53 9.33 -30.72
N TYR B 133 49.21 8.54 -29.89
CA TYR B 133 50.41 9.02 -29.23
C TYR B 133 51.49 9.38 -30.25
N ILE B 134 51.78 8.46 -31.18
CA ILE B 134 52.89 8.73 -32.09
C ILE B 134 52.57 9.88 -33.04
N ASP B 135 51.30 10.02 -33.46
CA ASP B 135 50.97 11.05 -34.43
C ASP B 135 50.74 12.41 -33.78
N SER B 136 50.37 12.45 -32.50
CA SER B 136 50.16 13.73 -31.84
C SER B 136 51.48 14.32 -31.33
N LYS B 137 52.46 13.47 -31.05
CA LYS B 137 53.71 13.88 -30.43
C LYS B 137 53.50 14.45 -29.03
N PHE B 138 52.35 14.18 -28.44
CA PHE B 138 52.06 14.65 -27.09
C PHE B 138 52.83 13.84 -26.05
N GLU B 139 53.04 14.46 -24.89
CA GLU B 139 53.57 13.74 -23.74
C GLU B 139 52.73 12.49 -23.50
N ARG B 140 53.39 11.40 -23.10
CA ARG B 140 52.72 10.10 -23.08
C ARG B 140 51.61 10.05 -22.03
N ASN B 141 51.73 10.82 -20.94
CA ASN B 141 50.69 10.82 -19.92
C ASN B 141 49.44 11.56 -20.37
N LYS B 142 49.49 12.29 -21.48
CA LYS B 142 48.35 13.01 -22.01
C LYS B 142 47.52 12.19 -22.97
N VAL B 143 47.98 10.99 -23.36
CA VAL B 143 47.29 10.15 -24.33
C VAL B 143 46.96 8.83 -23.66
N PHE B 144 45.68 8.46 -23.67
CA PHE B 144 45.21 7.24 -23.04
C PHE B 144 43.92 6.79 -23.72
N GLY B 145 43.57 5.52 -23.49
CA GLY B 145 42.36 4.97 -24.08
C GLY B 145 41.61 4.15 -23.05
N LEU B 146 40.32 3.94 -23.34
CA LEU B 146 39.45 3.24 -22.39
C LEU B 146 40.04 1.88 -22.01
N GLY B 147 40.59 1.17 -22.99
CA GLY B 147 41.35 -0.03 -22.69
C GLY B 147 40.55 -1.06 -21.91
N THR B 148 41.16 -1.60 -20.88
CA THR B 148 40.54 -2.65 -20.08
C THR B 148 39.66 -2.11 -18.96
N HIS B 149 39.33 -0.82 -18.97
CA HIS B 149 38.41 -0.29 -17.97
C HIS B 149 37.02 -0.86 -18.19
N LEU B 150 36.51 -0.80 -19.43
CA LEU B 150 35.19 -1.36 -19.71
C LEU B 150 35.14 -2.84 -19.34
N ASP B 151 36.10 -3.63 -19.82
CA ASP B 151 36.17 -5.03 -19.41
C ASP B 151 36.09 -5.13 -17.90
N SER B 152 36.88 -4.30 -17.20
CA SER B 152 36.87 -4.32 -15.75
C SER B 152 35.44 -4.19 -15.22
N LEU B 153 34.73 -3.17 -15.70
CA LEU B 153 33.36 -2.96 -15.23
C LEU B 153 32.50 -4.15 -15.56
N ARG B 154 32.65 -4.71 -16.77
CA ARG B 154 31.83 -5.86 -17.13
C ARG B 154 32.11 -7.01 -16.17
N PHE B 155 33.40 -7.22 -15.84
CA PHE B 155 33.74 -8.25 -14.89
C PHE B 155 33.02 -8.00 -13.57
N LYS B 156 33.07 -6.75 -13.11
CA LYS B 156 32.35 -6.37 -11.89
C LYS B 156 30.92 -6.88 -11.97
N VAL B 157 30.21 -6.54 -13.05
CA VAL B 157 28.82 -6.94 -13.17
C VAL B 157 28.69 -8.44 -12.95
N GLU B 158 29.44 -9.22 -13.73
CA GLU B 158 29.34 -10.68 -13.62
C GLU B 158 29.43 -11.08 -12.15
N ILE B 159 30.52 -10.67 -11.49
CA ILE B 159 30.73 -11.11 -10.12
C ILE B 159 29.54 -10.72 -9.27
N ALA B 160 29.16 -9.45 -9.30
CA ALA B 160 28.06 -8.99 -8.46
C ALA B 160 26.84 -9.88 -8.67
N LYS B 161 26.45 -10.09 -9.94
CA LYS B 161 25.21 -10.81 -10.17
C LYS B 161 25.32 -12.25 -9.71
N PHE B 162 26.51 -12.86 -9.80
CA PHE B 162 26.64 -14.22 -9.34
C PHE B 162 26.45 -14.29 -7.82
N PHE B 163 27.01 -13.33 -7.09
CA PHE B 163 26.96 -13.38 -5.64
C PHE B 163 25.75 -12.67 -5.07
N GLY B 164 24.91 -12.08 -5.92
CA GLY B 164 23.72 -11.38 -5.48
C GLY B 164 24.03 -10.18 -4.61
N VAL B 165 24.99 -9.36 -5.03
CA VAL B 165 25.36 -8.17 -4.30
C VAL B 165 25.19 -6.95 -5.20
N HIS B 166 25.05 -5.79 -4.56
CA HIS B 166 25.03 -4.51 -5.26
C HIS B 166 26.27 -4.38 -6.14
N ILE B 167 26.08 -3.89 -7.37
CA ILE B 167 27.18 -3.87 -8.33
C ILE B 167 28.34 -3.04 -7.81
N ASP B 168 28.05 -1.86 -7.25
CA ASP B 168 29.09 -1.00 -6.71
C ASP B 168 29.84 -1.65 -5.54
N GLU B 169 29.36 -2.80 -5.06
CA GLU B 169 30.05 -3.49 -3.98
C GLU B 169 31.32 -4.17 -4.48
N VAL B 170 31.39 -4.48 -5.77
CA VAL B 170 32.51 -5.22 -6.34
C VAL B 170 33.52 -4.26 -6.94
N ARG B 171 34.80 -4.55 -6.73
CA ARG B 171 35.90 -3.87 -7.41
C ARG B 171 36.82 -4.92 -8.01
N THR B 172 37.26 -4.67 -9.24
CA THR B 172 38.19 -5.57 -9.90
C THR B 172 39.02 -4.78 -10.89
N ARG B 173 40.16 -5.36 -11.27
CA ARG B 173 41.06 -4.73 -12.22
C ARG B 173 41.49 -5.76 -13.25
N ILE B 174 41.44 -5.36 -14.52
CA ILE B 174 41.88 -6.18 -15.64
C ILE B 174 42.94 -5.40 -16.41
N ILE B 175 44.07 -6.04 -16.67
CA ILE B 175 45.21 -5.41 -17.34
C ILE B 175 45.48 -6.14 -18.65
N GLY B 176 46.35 -5.56 -19.47
CA GLY B 176 46.74 -6.15 -20.73
C GLY B 176 45.94 -5.60 -21.90
N GLU B 177 45.63 -6.47 -22.86
CA GLU B 177 44.91 -6.06 -24.06
C GLU B 177 43.41 -5.97 -23.79
N HIS B 178 42.76 -4.99 -24.42
CA HIS B 178 41.31 -4.99 -24.56
C HIS B 178 40.95 -6.06 -25.58
N GLY B 179 41.13 -7.32 -25.21
CA GLY B 179 40.91 -8.42 -26.13
C GLY B 179 41.03 -9.75 -25.44
N ASP B 180 41.17 -10.80 -26.25
CA ASP B 180 41.17 -12.16 -25.72
C ASP B 180 42.37 -12.45 -24.83
N THR B 181 43.40 -11.61 -24.85
CA THR B 181 44.58 -11.81 -24.00
C THR B 181 44.49 -11.01 -22.69
N MET B 182 43.34 -10.42 -22.38
CA MET B 182 43.20 -9.66 -21.15
C MET B 182 43.47 -10.55 -19.94
N VAL B 183 44.05 -9.95 -18.91
CA VAL B 183 44.51 -10.67 -17.73
C VAL B 183 43.72 -10.17 -16.53
N PRO B 184 42.69 -10.91 -16.10
CA PRO B 184 42.00 -10.53 -14.86
C PRO B 184 42.90 -10.71 -13.65
N LEU B 185 42.85 -9.73 -12.75
CA LEU B 185 43.66 -9.75 -11.52
C LEU B 185 42.76 -10.17 -10.38
N ILE B 186 42.73 -11.47 -10.11
CA ILE B 186 41.98 -11.99 -8.96
C ILE B 186 42.62 -11.49 -7.66
N SER B 187 43.92 -11.25 -7.66
CA SER B 187 44.61 -10.68 -6.50
C SER B 187 44.17 -9.25 -6.20
N SER B 188 43.44 -8.61 -7.12
CA SER B 188 42.93 -7.26 -6.92
C SER B 188 41.42 -7.21 -7.14
N THR B 189 40.73 -8.29 -6.80
CA THR B 189 39.27 -8.35 -6.86
C THR B 189 38.73 -8.42 -5.44
N SER B 190 37.64 -7.70 -5.19
CA SER B 190 37.12 -7.57 -3.83
C SER B 190 35.62 -7.36 -3.85
N ILE B 191 34.98 -7.73 -2.75
CA ILE B 191 33.56 -7.50 -2.54
C ILE B 191 33.40 -6.85 -1.17
N GLY B 192 32.86 -5.63 -1.16
CA GLY B 192 32.78 -4.88 0.08
C GLY B 192 34.13 -4.53 0.67
N GLY B 193 35.17 -4.51 -0.16
CA GLY B 193 36.51 -4.24 0.30
C GLY B 193 37.29 -5.46 0.75
N ILE B 194 36.65 -6.62 0.76
CA ILE B 194 37.28 -7.87 1.19
C ILE B 194 37.78 -8.61 -0.05
N PRO B 195 39.05 -9.01 -0.10
CA PRO B 195 39.51 -9.81 -1.24
C PRO B 195 38.60 -10.99 -1.48
N ILE B 196 38.27 -11.23 -2.76
CA ILE B 196 37.30 -12.25 -3.09
C ILE B 196 37.81 -13.64 -2.71
N THR B 197 39.14 -13.81 -2.67
CA THR B 197 39.72 -15.10 -2.32
C THR B 197 39.56 -15.45 -0.84
N ARG B 198 39.17 -14.50 0.00
CA ARG B 198 38.93 -14.75 1.41
C ARG B 198 37.47 -15.09 1.73
N PHE B 199 36.65 -15.28 0.71
CA PHE B 199 35.30 -15.80 0.88
C PHE B 199 35.30 -17.30 0.64
N LYS B 200 34.71 -18.06 1.57
CA LYS B 200 34.62 -19.50 1.39
C LYS B 200 33.84 -19.86 0.13
N SER B 201 32.95 -18.98 -0.31
CA SER B 201 32.14 -19.21 -1.50
C SER B 201 32.88 -18.90 -2.79
N PHE B 202 34.10 -18.38 -2.71
CA PHE B 202 34.87 -18.10 -3.93
C PHE B 202 35.06 -19.36 -4.78
N LYS B 203 35.15 -20.52 -4.13
CA LYS B 203 35.29 -21.77 -4.87
C LYS B 203 34.09 -22.05 -5.75
N ASP B 204 32.93 -21.45 -5.46
CA ASP B 204 31.73 -21.69 -6.26
C ASP B 204 31.69 -20.83 -7.53
N LEU B 205 32.58 -19.86 -7.66
CA LEU B 205 32.52 -18.92 -8.78
C LEU B 205 32.98 -19.60 -10.07
N PRO B 206 32.15 -19.62 -11.14
CA PRO B 206 32.62 -20.16 -12.44
C PRO B 206 33.49 -19.15 -13.19
N LEU B 207 34.73 -19.01 -12.74
CA LEU B 207 35.57 -17.91 -13.19
C LEU B 207 35.87 -18.00 -14.69
N LYS B 208 36.16 -19.21 -15.19
CA LYS B 208 36.49 -19.36 -16.61
C LYS B 208 35.32 -18.91 -17.49
N ASP B 209 34.11 -19.40 -17.21
CA ASP B 209 32.96 -18.99 -18.00
C ASP B 209 32.73 -17.50 -17.91
N ILE B 210 32.93 -16.91 -16.73
CA ILE B 210 32.71 -15.48 -16.56
C ILE B 210 33.71 -14.68 -17.39
N ILE B 211 34.97 -15.12 -17.41
CA ILE B 211 35.99 -14.41 -18.18
C ILE B 211 35.70 -14.53 -19.67
N GLU B 212 35.24 -15.70 -20.12
CA GLU B 212 34.84 -15.82 -21.52
C GLU B 212 33.67 -14.89 -21.83
N ASN B 213 32.72 -14.78 -20.90
CA ASN B 213 31.61 -13.84 -21.06
C ASN B 213 32.13 -12.42 -21.24
N VAL B 214 33.07 -12.01 -20.39
CA VAL B 214 33.61 -10.65 -20.49
C VAL B 214 34.28 -10.46 -21.84
N LYS B 215 35.06 -11.45 -22.28
CA LYS B 215 35.76 -11.32 -23.56
C LYS B 215 34.77 -11.19 -24.72
N ASN B 216 33.65 -11.90 -24.65
CA ASN B 216 32.71 -11.91 -25.77
C ASN B 216 31.61 -10.87 -25.66
N LYS B 217 31.51 -10.15 -24.54
CA LYS B 217 30.35 -9.28 -24.31
C LYS B 217 30.17 -8.26 -25.41
N GLY B 218 31.26 -7.68 -25.92
CA GLY B 218 31.12 -6.72 -27.00
C GLY B 218 30.38 -7.30 -28.19
N SER B 219 30.85 -8.46 -28.68
CA SER B 219 30.19 -9.11 -29.81
C SER B 219 28.76 -9.51 -29.46
N LYS B 220 28.53 -9.94 -28.22
CA LYS B 220 27.18 -10.33 -27.82
C LYS B 220 26.23 -9.14 -27.93
N ILE B 221 26.66 -7.97 -27.46
CA ILE B 221 25.81 -6.79 -27.55
C ILE B 221 25.65 -6.36 -29.00
N ILE B 222 26.66 -6.57 -29.83
CA ILE B 222 26.50 -6.31 -31.27
C ILE B 222 25.39 -7.21 -31.83
N ALA B 223 25.41 -8.48 -31.46
CA ALA B 223 24.46 -9.43 -32.03
C ALA B 223 23.04 -9.19 -31.53
N LEU B 224 22.90 -8.71 -30.28
CA LEU B 224 21.58 -8.54 -29.68
C LEU B 224 20.97 -7.17 -30.00
N LYS B 225 21.75 -6.10 -29.81
CA LYS B 225 21.24 -4.74 -29.89
C LYS B 225 21.87 -3.92 -31.00
N GLY B 226 22.93 -4.40 -31.62
CA GLY B 226 23.63 -3.64 -32.64
C GLY B 226 24.82 -2.85 -32.13
N GLY B 227 25.29 -3.12 -30.92
CA GLY B 227 26.46 -2.45 -30.40
C GLY B 227 26.22 -1.75 -29.08
N SER B 228 27.25 -1.68 -28.24
CA SER B 228 27.12 -1.02 -26.95
C SER B 228 27.10 0.50 -27.13
N GLU B 229 26.43 1.19 -26.20
CA GLU B 229 26.46 2.65 -26.18
C GLU B 229 26.51 3.18 -24.75
N PHE B 230 25.61 2.73 -23.88
CA PHE B 230 25.54 3.28 -22.54
C PHE B 230 26.71 2.82 -21.67
N GLY B 231 27.10 1.55 -21.78
CA GLY B 231 28.20 1.03 -21.00
C GLY B 231 29.49 1.81 -21.20
N PRO B 232 29.96 1.90 -22.45
CA PRO B 232 31.18 2.67 -22.71
C PRO B 232 31.05 4.13 -22.34
N ALA B 233 29.89 4.75 -22.61
CA ALA B 233 29.70 6.14 -22.24
C ALA B 233 29.83 6.35 -20.74
N ALA B 234 29.25 5.46 -19.94
CA ALA B 234 29.37 5.59 -18.50
C ALA B 234 30.79 5.33 -18.01
N ALA B 235 31.51 4.41 -18.66
CA ALA B 235 32.92 4.20 -18.32
C ALA B 235 33.74 5.47 -18.58
N VAL B 236 33.51 6.11 -19.73
CA VAL B 236 34.14 7.38 -20.03
C VAL B 236 33.78 8.42 -18.98
N LEU B 237 32.50 8.43 -18.55
CA LEU B 237 32.09 9.38 -17.53
C LEU B 237 32.86 9.18 -16.23
N ASN B 238 33.02 7.92 -15.81
CA ASN B 238 33.80 7.62 -14.61
C ASN B 238 35.21 8.18 -14.72
N VAL B 239 35.87 7.95 -15.85
CA VAL B 239 37.23 8.46 -16.06
C VAL B 239 37.25 9.99 -15.99
N VAL B 240 36.33 10.62 -16.71
CA VAL B 240 36.31 12.09 -16.74
C VAL B 240 36.08 12.64 -15.35
N ARG B 241 35.24 11.98 -14.55
CA ARG B 241 35.02 12.45 -13.19
C ARG B 241 36.32 12.44 -12.40
N SER B 242 37.13 11.40 -12.58
CA SER B 242 38.43 11.43 -11.89
C SER B 242 39.29 12.59 -12.40
N ILE B 243 39.23 12.87 -13.70
CA ILE B 243 40.07 13.93 -14.25
C ILE B 243 39.64 15.30 -13.73
N ALA B 244 38.33 15.55 -13.70
CA ALA B 244 37.82 16.90 -13.50
C ALA B 244 38.20 17.46 -12.14
N ASN B 245 38.17 16.61 -11.11
CA ASN B 245 38.50 17.04 -9.75
C ASN B 245 39.84 16.47 -9.28
N ASN B 246 40.68 16.04 -10.21
CA ASN B 246 42.04 15.57 -9.91
C ASN B 246 42.04 14.56 -8.76
N GLU B 247 41.20 13.53 -8.90
CA GLU B 247 41.05 12.55 -7.84
C GLU B 247 42.16 11.51 -7.83
N ASN B 248 42.88 11.35 -8.94
CA ASN B 248 43.95 10.34 -9.05
C ASN B 248 43.41 8.94 -8.78
N ARG B 249 42.18 8.69 -9.23
CA ARG B 249 41.58 7.37 -9.07
C ARG B 249 42.46 6.30 -9.71
N LEU B 250 42.58 5.17 -9.02
CA LEU B 250 43.34 4.03 -9.53
C LEU B 250 42.43 3.19 -10.41
N LEU B 251 42.60 3.33 -11.71
CA LEU B 251 41.85 2.59 -12.72
C LEU B 251 42.84 1.82 -13.60
N THR B 252 42.30 1.08 -14.57
CA THR B 252 43.12 0.45 -15.61
C THR B 252 42.74 1.09 -16.93
N LEU B 253 43.68 1.85 -17.51
CA LEU B 253 43.50 2.46 -18.82
C LEU B 253 44.72 2.14 -19.67
N SER B 254 44.54 2.23 -20.98
CA SER B 254 45.61 1.97 -21.92
C SER B 254 46.44 3.23 -22.10
N THR B 255 47.76 3.10 -21.96
CA THR B 255 48.65 4.24 -22.15
C THR B 255 50.03 3.73 -22.53
N TYR B 256 50.86 4.64 -23.05
CA TYR B 256 52.14 4.26 -23.60
C TYR B 256 53.12 3.89 -22.49
N LEU B 257 53.83 2.78 -22.68
CA LEU B 257 54.82 2.30 -21.73
C LEU B 257 56.21 2.63 -22.25
N ASP B 258 57.02 3.22 -21.38
CA ASP B 258 58.40 3.60 -21.67
C ASP B 258 59.35 2.96 -20.65
N GLY B 259 59.09 1.70 -20.32
CA GLY B 259 59.95 0.96 -19.42
C GLY B 259 59.20 0.22 -18.33
N GLU B 260 58.00 0.68 -17.99
CA GLU B 260 57.25 0.08 -16.90
C GLU B 260 57.02 -1.40 -17.15
N PHE B 261 57.18 -2.20 -16.10
CA PHE B 261 56.99 -3.65 -16.15
C PHE B 261 57.92 -4.32 -17.15
N GLY B 262 59.03 -3.66 -17.51
CA GLY B 262 59.97 -4.25 -18.43
C GLY B 262 59.56 -4.21 -19.88
N PHE B 263 58.72 -3.26 -20.26
CA PHE B 263 58.24 -3.14 -21.63
C PHE B 263 58.32 -1.68 -22.07
N SER B 264 58.45 -1.49 -23.38
CA SER B 264 58.50 -0.16 -23.95
C SER B 264 57.93 -0.21 -25.36
N ASP B 265 57.55 0.95 -25.87
CA ASP B 265 57.09 1.07 -27.25
C ASP B 265 55.82 0.23 -27.47
N VAL B 266 54.84 0.43 -26.59
CA VAL B 266 53.57 -0.28 -26.68
C VAL B 266 52.57 0.43 -25.79
N CYS B 267 51.29 0.35 -26.17
CA CYS B 267 50.21 0.85 -25.33
C CYS B 267 49.37 -0.33 -24.87
N ALA B 268 49.14 -0.42 -23.56
CA ALA B 268 48.38 -1.52 -23.00
C ALA B 268 47.70 -1.06 -21.72
N GLY B 269 46.57 -1.67 -21.41
CA GLY B 269 45.86 -1.38 -20.19
C GLY B 269 46.70 -1.70 -18.96
N VAL B 270 46.96 -0.70 -18.13
CA VAL B 270 47.78 -0.89 -16.93
C VAL B 270 47.15 -0.09 -15.80
N PRO B 271 47.50 -0.42 -14.56
CA PRO B 271 47.06 0.41 -13.44
C PRO B 271 47.58 1.83 -13.60
N VAL B 272 46.72 2.81 -13.38
CA VAL B 272 47.08 4.21 -13.54
C VAL B 272 46.31 5.04 -12.53
N LYS B 273 46.88 6.18 -12.17
CA LYS B 273 46.19 7.22 -11.44
C LYS B 273 45.77 8.30 -12.44
N VAL B 274 44.48 8.65 -12.41
CA VAL B 274 43.86 9.54 -13.39
C VAL B 274 43.64 10.90 -12.73
N GLY B 275 44.33 11.91 -13.25
CA GLY B 275 44.24 13.25 -12.70
C GLY B 275 44.08 14.29 -13.81
N LYS B 276 44.03 15.55 -13.37
CA LYS B 276 43.88 16.66 -14.31
C LYS B 276 44.96 16.68 -15.37
N ASP B 277 46.12 16.08 -15.11
CA ASP B 277 47.23 16.10 -16.05
C ASP B 277 47.36 14.81 -16.83
N GLY B 278 46.41 13.88 -16.67
CA GLY B 278 46.46 12.64 -17.41
C GLY B 278 46.66 11.42 -16.54
N VAL B 279 47.36 10.42 -17.06
CA VAL B 279 47.51 9.13 -16.39
C VAL B 279 48.94 8.93 -15.95
N GLU B 280 49.11 8.42 -14.73
CA GLU B 280 50.41 8.02 -14.20
C GLU B 280 50.40 6.52 -13.97
N ILE B 281 51.32 5.80 -14.64
CA ILE B 281 51.37 4.35 -14.50
C ILE B 281 51.81 3.98 -13.09
N VAL B 282 51.10 3.04 -12.47
CA VAL B 282 51.41 2.58 -11.12
C VAL B 282 52.16 1.27 -11.24
N THR B 283 53.45 1.29 -10.89
CA THR B 283 54.29 0.10 -10.88
C THR B 283 54.45 -0.49 -9.49
N ASP B 284 53.90 0.16 -8.47
CA ASP B 284 54.04 -0.30 -7.09
C ASP B 284 53.17 -1.51 -6.77
N ILE B 285 52.31 -1.93 -7.69
CA ILE B 285 51.43 -3.07 -7.48
C ILE B 285 52.16 -4.35 -7.85
N VAL B 286 51.91 -5.40 -7.09
CA VAL B 286 52.55 -6.70 -7.29
C VAL B 286 51.48 -7.69 -7.75
N PHE B 287 51.62 -8.19 -8.97
CA PHE B 287 50.74 -9.23 -9.48
C PHE B 287 51.28 -10.61 -9.11
N SER B 288 50.39 -11.59 -9.15
CA SER B 288 50.83 -12.97 -9.01
C SER B 288 51.72 -13.36 -10.18
N LYS B 289 52.54 -14.39 -9.95
CA LYS B 289 53.41 -14.91 -11.00
C LYS B 289 52.64 -15.17 -12.29
N GLU B 290 51.54 -15.92 -12.18
CA GLU B 290 50.75 -16.26 -13.36
C GLU B 290 50.22 -15.00 -14.05
N GLU B 291 49.73 -14.05 -13.27
CA GLU B 291 49.14 -12.84 -13.85
C GLU B 291 50.18 -12.04 -14.62
N PHE B 292 51.38 -11.90 -14.05
CA PHE B 292 52.43 -11.14 -14.73
C PHE B 292 52.90 -11.85 -16.00
N GLU B 293 52.99 -13.18 -15.95
CA GLU B 293 53.30 -13.95 -17.16
C GLU B 293 52.29 -13.65 -18.27
N ALA B 294 51.00 -13.77 -17.95
CA ALA B 294 49.95 -13.52 -18.92
C ALA B 294 49.99 -12.08 -19.42
N PHE B 295 50.29 -11.13 -18.52
CA PHE B 295 50.44 -9.73 -18.92
C PHE B 295 51.55 -9.57 -19.94
N LYS B 296 52.70 -10.23 -19.70
CA LYS B 296 53.78 -10.21 -20.67
C LYS B 296 53.31 -10.72 -22.04
N TYR B 297 52.63 -11.86 -22.05
N TYR B 297 52.63 -11.87 -22.05
CA TYR B 297 52.13 -12.38 -23.32
CA TYR B 297 52.12 -12.40 -23.30
C TYR B 297 51.20 -11.38 -24.00
C TYR B 297 51.21 -11.39 -24.00
N SER B 298 50.31 -10.76 -23.23
CA SER B 298 49.35 -9.83 -23.83
C SER B 298 50.06 -8.62 -24.42
N ILE B 299 51.05 -8.08 -23.73
CA ILE B 299 51.77 -6.93 -24.25
C ILE B 299 52.47 -7.30 -25.56
N GLU B 300 53.05 -8.50 -25.62
CA GLU B 300 53.67 -8.93 -26.88
C GLU B 300 52.64 -9.00 -27.99
N THR B 301 51.48 -9.59 -27.69
CA THR B 301 50.40 -9.65 -28.68
C THR B 301 50.06 -8.24 -29.20
N ILE B 302 49.90 -7.28 -28.29
CA ILE B 302 49.56 -5.92 -28.69
C ILE B 302 50.66 -5.31 -29.56
N LYS B 303 51.91 -5.49 -29.13
CA LYS B 303 53.03 -4.87 -29.83
C LYS B 303 53.12 -5.37 -31.26
N ARG B 304 52.74 -6.62 -31.50
CA ARG B 304 52.75 -7.11 -32.88
C ARG B 304 51.86 -6.27 -33.78
N TYR B 305 50.69 -5.82 -33.30
CA TYR B 305 49.83 -4.95 -34.09
C TYR B 305 50.38 -3.52 -34.16
N CYS B 306 50.88 -3.02 -33.03
CA CYS B 306 51.44 -1.68 -33.02
C CYS B 306 52.56 -1.55 -34.04
N GLU B 307 53.39 -2.58 -34.19
CA GLU B 307 54.46 -2.54 -35.18
C GLU B 307 53.90 -2.46 -36.59
N GLU B 308 52.74 -3.08 -36.83
CA GLU B 308 52.15 -3.07 -38.16
C GLU B 308 51.52 -1.72 -38.49
N ILE B 309 51.08 -0.96 -37.47
CA ILE B 309 50.44 0.33 -37.74
C ILE B 309 51.31 1.53 -37.43
N LYS B 310 52.47 1.34 -36.79
CA LYS B 310 53.31 2.48 -36.44
C LYS B 310 53.62 3.35 -37.65
N GLU B 311 53.74 2.73 -38.82
CA GLU B 311 54.20 3.40 -40.03
C GLU B 311 53.09 3.58 -41.06
N LEU B 312 51.84 3.40 -40.66
CA LEU B 312 50.71 3.54 -41.56
C LEU B 312 50.14 4.96 -41.50
N MET C 1 10.72 6.92 3.62
CA MET C 1 11.27 6.37 4.89
C MET C 1 10.94 7.29 6.05
N LYS C 2 10.73 6.70 7.23
CA LYS C 2 10.42 7.43 8.44
C LYS C 2 11.41 7.05 9.52
N VAL C 3 12.05 8.07 10.10
CA VAL C 3 13.13 7.90 11.06
C VAL C 3 12.82 8.74 12.28
N SER C 4 12.95 8.14 13.45
CA SER C 4 12.92 8.85 14.72
C SER C 4 14.32 8.89 15.29
N ILE C 5 14.63 9.96 16.01
CA ILE C 5 15.94 10.17 16.62
C ILE C 5 15.71 10.53 18.07
N ILE C 6 16.03 9.62 18.98
CA ILE C 6 15.96 9.87 20.41
C ILE C 6 17.34 10.34 20.85
N GLY C 7 17.43 11.60 21.24
CA GLY C 7 18.69 12.25 21.51
C GLY C 7 19.06 13.33 20.51
N ALA C 8 18.11 13.81 19.71
CA ALA C 8 18.38 14.85 18.72
C ALA C 8 18.77 16.18 19.36
N SER C 9 18.63 16.32 20.67
CA SER C 9 19.02 17.56 21.34
C SER C 9 20.53 17.65 21.56
N GLY C 10 21.24 16.52 21.49
CA GLY C 10 22.69 16.53 21.59
C GLY C 10 23.33 16.87 20.25
N LYS C 11 24.67 16.99 20.29
CA LYS C 11 25.38 17.39 19.07
C LYS C 11 25.35 16.30 18.01
N VAL C 12 25.57 15.05 18.42
CA VAL C 12 25.53 13.95 17.46
C VAL C 12 24.13 13.78 16.89
N GLY C 13 23.12 13.77 17.76
CA GLY C 13 21.75 13.62 17.30
C GLY C 13 21.34 14.76 16.38
N SER C 14 21.78 15.98 16.68
CA SER C 14 21.42 17.12 15.83
C SER C 14 22.06 17.00 14.46
N ALA C 15 23.35 16.62 14.41
CA ALA C 15 24.00 16.46 13.13
C ALA C 15 23.35 15.34 12.31
N ILE C 16 22.97 14.25 12.98
CA ILE C 16 22.25 13.18 12.29
C ILE C 16 20.92 13.70 11.75
N SER C 17 20.19 14.45 12.56
CA SER C 17 18.90 14.99 12.13
C SER C 17 19.06 15.82 10.87
N PHE C 18 20.06 16.70 10.85
CA PHE C 18 20.29 17.53 9.66
C PHE C 18 20.62 16.66 8.46
N LEU C 19 21.57 15.73 8.61
CA LEU C 19 21.99 14.95 7.45
C LEU C 19 20.84 14.10 6.89
N LEU C 20 20.08 13.46 7.78
CA LEU C 20 19.03 12.54 7.31
C LEU C 20 17.85 13.31 6.74
N ALA C 21 17.49 14.45 7.34
CA ALA C 21 16.41 15.25 6.78
C ALA C 21 16.71 15.65 5.34
N ASN C 22 17.98 15.81 5.00
CA ASN C 22 18.38 16.22 3.66
C ASN C 22 18.30 15.09 2.65
N GLU C 23 18.21 13.84 3.10
CA GLU C 23 18.14 12.71 2.18
C GLU C 23 16.78 12.70 1.47
N PRO C 24 16.73 12.53 0.15
CA PRO C 24 15.42 12.61 -0.54
C PRO C 24 14.41 11.56 -0.08
N TYR C 25 14.88 10.38 0.33
CA TYR C 25 13.99 9.31 0.72
C TYR C 25 13.45 9.48 2.14
N VAL C 26 14.07 10.35 2.95
CA VAL C 26 13.62 10.60 4.31
C VAL C 26 12.49 11.62 4.24
N LYS C 27 11.25 11.16 4.22
CA LYS C 27 10.10 12.04 4.11
C LYS C 27 9.64 12.57 5.46
N GLU C 28 9.80 11.80 6.53
CA GLU C 28 9.34 12.21 7.85
C GLU C 28 10.44 11.91 8.86
N LEU C 29 10.75 12.90 9.68
CA LEU C 29 11.73 12.79 10.75
C LEU C 29 11.05 13.16 12.06
N VAL C 30 11.30 12.40 13.11
CA VAL C 30 10.72 12.64 14.43
C VAL C 30 11.88 12.86 15.40
N LEU C 31 11.91 14.04 16.01
CA LEU C 31 12.90 14.38 17.02
C LEU C 31 12.30 14.17 18.39
N ILE C 32 13.01 13.44 19.24
CA ILE C 32 12.52 13.09 20.57
C ILE C 32 13.58 13.46 21.59
N SER C 33 13.15 14.09 22.69
CA SER C 33 14.04 14.48 23.77
C SER C 33 13.27 14.41 25.08
N ARG C 34 13.99 14.59 26.18
CA ARG C 34 13.33 14.82 27.45
C ARG C 34 12.48 16.08 27.36
N GLU C 35 11.47 16.16 28.23
CA GLU C 35 10.54 17.29 28.19
C GLU C 35 11.28 18.62 28.26
N LYS C 36 12.22 18.73 29.21
CA LYS C 36 12.96 19.97 29.40
C LYS C 36 13.68 20.43 28.13
N SER C 37 14.00 19.52 27.22
CA SER C 37 14.76 19.86 26.02
C SER C 37 13.87 20.06 24.79
N ILE C 38 12.54 20.00 24.95
CA ILE C 38 11.66 20.13 23.79
C ILE C 38 11.98 21.40 23.00
N ASP C 39 12.19 22.52 23.70
CA ASP C 39 12.46 23.77 23.00
C ASP C 39 13.69 23.64 22.12
N LYS C 40 14.75 22.99 22.61
CA LYS C 40 15.92 22.78 21.76
C LYS C 40 15.51 22.13 20.45
N LEU C 41 14.73 21.06 20.52
CA LEU C 41 14.28 20.40 19.31
C LEU C 41 13.56 21.38 18.40
N ARG C 42 12.69 22.21 18.97
CA ARG C 42 11.95 23.18 18.16
C ARG C 42 12.90 24.13 17.44
N GLY C 43 14.01 24.50 18.09
CA GLY C 43 15.01 25.29 17.40
C GLY C 43 15.65 24.49 16.28
N LEU C 44 16.08 23.27 16.58
CA LEU C 44 16.72 22.41 15.59
C LEU C 44 15.86 22.31 14.35
N ARG C 45 14.59 21.92 14.53
CA ARG C 45 13.66 21.81 13.40
C ARG C 45 13.76 23.04 12.51
N GLU C 46 13.56 24.23 13.09
CA GLU C 46 13.58 25.44 12.28
C GLU C 46 14.92 25.56 11.55
N ASP C 47 16.01 25.40 12.28
CA ASP C 47 17.33 25.48 11.66
C ASP C 47 17.39 24.55 10.46
N ILE C 48 16.96 23.30 10.64
CA ILE C 48 17.07 22.33 9.56
C ILE C 48 16.23 22.78 8.38
N TYR C 49 15.01 23.27 8.66
CA TYR C 49 14.17 23.73 7.55
C TYR C 49 14.90 24.79 6.75
N ASP C 50 15.49 25.77 7.43
CA ASP C 50 16.25 26.79 6.71
C ASP C 50 17.31 26.12 5.85
N ALA C 51 18.05 25.17 6.43
CA ALA C 51 19.10 24.49 5.69
C ALA C 51 18.53 23.82 4.45
N LEU C 52 17.35 23.21 4.56
CA LEU C 52 16.77 22.54 3.39
C LEU C 52 16.48 23.55 2.29
N ALA C 53 16.00 24.74 2.67
CA ALA C 53 15.77 25.77 1.67
C ALA C 53 17.03 26.09 0.89
N GLY C 54 18.20 25.87 1.49
CA GLY C 54 19.45 26.12 0.80
C GLY C 54 19.92 24.94 -0.02
N THR C 55 19.61 23.72 0.42
CA THR C 55 20.08 22.52 -0.28
C THR C 55 19.10 22.04 -1.32
N LYS C 56 17.93 22.68 -1.43
CA LYS C 56 16.90 22.32 -2.39
C LYS C 56 16.27 20.97 -2.08
N ARG C 57 16.30 20.57 -0.82
CA ARG C 57 15.65 19.35 -0.34
C ARG C 57 14.44 19.72 0.51
N ASP C 58 13.79 18.70 1.07
CA ASP C 58 12.52 18.89 1.76
C ASP C 58 12.36 17.79 2.80
N CYS C 59 11.59 18.09 3.85
CA CYS C 59 11.29 17.11 4.88
C CYS C 59 10.18 17.66 5.78
N GLU C 60 9.46 16.75 6.42
CA GLU C 60 8.47 17.10 7.42
C GLU C 60 8.96 16.59 8.77
N ILE C 61 9.13 17.50 9.72
CA ILE C 61 9.76 17.18 10.99
C ILE C 61 8.74 17.36 12.11
N ASN C 62 8.64 16.36 12.97
CA ASN C 62 7.76 16.39 14.14
C ASN C 62 8.61 16.31 15.39
N VAL C 63 8.07 16.84 16.49
CA VAL C 63 8.76 16.89 17.77
C VAL C 63 7.86 16.29 18.84
N SER C 64 8.46 15.48 19.73
CA SER C 64 7.72 14.90 20.83
C SER C 64 8.68 14.60 21.98
N ASP C 65 8.10 14.33 23.15
CA ASP C 65 8.86 14.02 24.34
C ASP C 65 9.16 12.52 24.42
N ASP C 66 10.10 12.17 25.29
CA ASP C 66 10.60 10.81 25.39
C ASP C 66 9.73 9.91 26.28
N LYS C 67 8.54 10.37 26.67
CA LYS C 67 7.61 9.56 27.45
C LYS C 67 6.42 9.11 26.62
N THR C 68 5.71 10.06 26.00
CA THR C 68 4.64 9.69 25.06
C THR C 68 5.21 9.08 23.79
N LEU C 69 6.37 9.55 23.34
CA LEU C 69 6.99 9.09 22.10
C LEU C 69 6.03 9.25 20.91
N LYS C 70 5.25 10.35 20.93
CA LYS C 70 4.30 10.58 19.86
C LYS C 70 5.01 10.69 18.53
N PHE C 71 4.37 10.16 17.48
CA PHE C 71 4.82 10.11 16.10
C PHE C 71 5.87 9.01 15.88
N LEU C 72 6.43 8.43 16.94
CA LEU C 72 7.39 7.34 16.78
C LEU C 72 6.76 6.16 16.04
N ASP C 73 5.53 5.82 16.40
CA ASP C 73 4.81 4.70 15.79
C ASP C 73 4.85 4.82 14.27
N GLY C 74 5.18 3.71 13.60
CA GLY C 74 5.29 3.68 12.16
C GLY C 74 6.66 3.99 11.61
N SER C 75 7.65 4.25 12.47
CA SER C 75 8.99 4.56 11.98
C SER C 75 9.63 3.32 11.37
N ASP C 76 10.27 3.51 10.21
CA ASP C 76 11.13 2.46 9.68
C ASP C 76 12.40 2.31 10.49
N LEU C 77 12.89 3.39 11.10
CA LEU C 77 14.12 3.30 11.85
C LEU C 77 14.08 4.25 13.05
N VAL C 78 14.62 3.78 14.18
CA VAL C 78 14.79 4.61 15.38
C VAL C 78 16.27 4.62 15.73
N ILE C 79 16.88 5.79 15.67
CA ILE C 79 18.28 5.99 16.02
C ILE C 79 18.32 6.59 17.42
N ILE C 80 19.13 5.99 18.30
CA ILE C 80 19.22 6.44 19.68
C ILE C 80 20.64 6.92 19.94
N THR C 81 20.78 8.20 20.29
CA THR C 81 22.04 8.79 20.70
C THR C 81 22.03 9.26 22.15
N SER C 82 20.95 9.04 22.88
CA SER C 82 20.85 9.53 24.25
C SER C 82 21.88 8.85 25.14
N GLY C 83 22.61 9.66 25.91
CA GLY C 83 23.63 9.15 26.81
C GLY C 83 24.11 10.20 27.78
N VAL C 84 24.52 9.78 28.97
CA VAL C 84 24.98 10.70 30.00
C VAL C 84 26.42 11.11 29.70
N PRO C 85 26.80 12.35 29.97
CA PRO C 85 28.23 12.72 29.86
C PRO C 85 29.04 12.01 30.94
N ARG C 86 30.05 11.27 30.53
CA ARG C 86 30.92 10.56 31.48
C ARG C 86 31.82 11.58 32.16
N THR C 87 31.56 11.81 33.45
CA THR C 87 32.39 12.73 34.22
C THR C 87 33.73 12.07 34.53
N PRO C 88 34.75 12.85 34.89
CA PRO C 88 36.04 12.25 35.24
C PRO C 88 35.96 11.28 36.40
N GLU C 89 34.95 11.39 37.25
CA GLU C 89 34.79 10.49 38.41
C GLU C 89 33.86 9.32 38.06
N MET C 90 34.10 8.69 36.93
CA MET C 90 33.31 7.55 36.48
C MET C 90 34.21 6.55 35.77
N SER C 91 33.87 5.28 35.91
CA SER C 91 34.53 4.20 35.18
C SER C 91 33.70 3.82 33.97
N ARG C 92 34.32 3.05 33.07
CA ARG C 92 33.58 2.48 31.94
C ARG C 92 32.35 1.74 32.44
N LEU C 93 32.46 1.09 33.60
CA LEU C 93 31.33 0.33 34.14
C LEU C 93 30.22 1.25 34.60
N ASP C 94 30.55 2.38 35.23
CA ASP C 94 29.53 3.32 35.65
C ASP C 94 28.73 3.85 34.46
N LEU C 95 29.44 4.32 33.43
CA LEU C 95 28.78 4.76 32.21
C LEU C 95 27.92 3.65 31.64
N ALA C 96 28.46 2.42 31.59
CA ALA C 96 27.71 1.30 31.06
C ALA C 96 26.39 1.13 31.82
N LYS C 97 26.45 1.16 33.15
CA LYS C 97 25.25 0.92 33.95
C LYS C 97 24.20 2.00 33.70
N VAL C 98 24.61 3.27 33.80
CA VAL C 98 23.64 4.37 33.67
C VAL C 98 23.03 4.35 32.26
N ASN C 99 23.87 4.30 31.23
CA ASN C 99 23.36 4.31 29.87
C ASN C 99 22.57 3.05 29.56
N ALA C 100 22.87 1.93 30.25
CA ALA C 100 22.08 0.74 30.08
C ALA C 100 20.66 0.95 30.58
N LYS C 101 20.52 1.59 31.74
CA LYS C 101 19.17 1.93 32.21
C LYS C 101 18.44 2.77 31.18
N ILE C 102 19.10 3.82 30.68
CA ILE C 102 18.44 4.69 29.69
C ILE C 102 18.00 3.89 28.47
N ILE C 103 18.94 3.13 27.88
CA ILE C 103 18.68 2.41 26.63
C ILE C 103 17.60 1.36 26.84
N GLY C 104 17.63 0.66 27.97
CA GLY C 104 16.62 -0.35 28.23
C GLY C 104 15.23 0.25 28.36
N ASN C 105 15.11 1.37 29.08
CA ASN C 105 13.81 2.03 29.17
C ASN C 105 13.28 2.39 27.78
N TYR C 106 14.13 3.04 26.97
CA TYR C 106 13.67 3.45 25.65
C TYR C 106 13.31 2.23 24.79
N ALA C 107 14.10 1.16 24.88
CA ALA C 107 13.83 -0.03 24.08
C ALA C 107 12.50 -0.67 24.46
N LYS C 108 12.23 -0.76 25.77
CA LYS C 108 10.96 -1.33 26.21
C LYS C 108 9.77 -0.49 25.72
N LYS C 109 9.87 0.83 25.84
CA LYS C 109 8.76 1.67 25.40
C LYS C 109 8.55 1.55 23.89
N ILE C 110 9.64 1.54 23.12
CA ILE C 110 9.52 1.41 21.67
C ILE C 110 8.86 0.08 21.32
N ALA C 111 9.29 -1.01 21.97
CA ALA C 111 8.69 -2.31 21.68
C ALA C 111 7.22 -2.33 22.07
N GLU C 112 6.85 -1.60 23.12
CA GLU C 112 5.44 -1.50 23.48
C GLU C 112 4.63 -0.79 22.41
N ILE C 113 5.24 0.15 21.70
CA ILE C 113 4.51 0.91 20.68
C ILE C 113 4.44 0.17 19.35
N CYS C 114 5.56 -0.35 18.87
CA CYS C 114 5.60 -0.91 17.51
C CYS C 114 6.83 -1.80 17.36
N GLU C 115 6.88 -2.47 16.22
CA GLU C 115 8.08 -3.17 15.77
C GLU C 115 8.81 -2.29 14.77
N THR C 116 10.13 -2.15 14.95
CA THR C 116 10.93 -1.28 14.11
C THR C 116 12.38 -1.72 14.25
N LYS C 117 13.27 -1.01 13.55
CA LYS C 117 14.70 -1.26 13.65
C LYS C 117 15.33 -0.23 14.57
N LEU C 118 16.21 -0.69 15.45
CA LEU C 118 16.92 0.15 16.40
C LEU C 118 18.38 0.28 15.99
N PHE C 119 18.84 1.53 15.86
CA PHE C 119 20.22 1.86 15.51
C PHE C 119 20.81 2.59 16.71
N ILE C 120 21.67 1.90 17.44
CA ILE C 120 22.20 2.39 18.71
C ILE C 120 23.53 3.10 18.44
N ILE C 121 23.65 4.31 18.98
CA ILE C 121 24.88 5.07 18.94
C ILE C 121 25.47 5.26 20.33
N THR C 122 24.64 5.31 21.37
CA THR C 122 25.11 5.52 22.73
C THR C 122 26.23 4.54 23.07
N ASN C 123 27.26 5.04 23.76
CA ASN C 123 28.39 4.23 24.20
C ASN C 123 28.17 3.70 25.61
N PRO C 124 28.80 2.57 25.97
CA PRO C 124 29.62 1.67 25.13
C PRO C 124 28.76 0.99 24.08
N VAL C 125 28.99 1.26 22.80
CA VAL C 125 27.98 0.97 21.78
C VAL C 125 27.64 -0.51 21.74
N ASP C 126 28.63 -1.39 21.92
CA ASP C 126 28.35 -2.82 21.87
C ASP C 126 27.46 -3.24 23.03
N VAL C 127 27.77 -2.77 24.24
CA VAL C 127 26.99 -3.14 25.42
C VAL C 127 25.58 -2.55 25.33
N MET C 128 25.47 -1.32 24.80
CA MET C 128 24.16 -0.70 24.70
C MET C 128 23.32 -1.37 23.62
N THR C 129 23.96 -1.81 22.53
CA THR C 129 23.25 -2.60 21.53
C THR C 129 22.73 -3.90 22.14
N TYR C 130 23.56 -4.56 22.96
CA TYR C 130 23.13 -5.77 23.64
C TYR C 130 21.92 -5.49 24.53
N LYS C 131 21.98 -4.41 25.31
CA LYS C 131 20.87 -4.07 26.19
C LYS C 131 19.60 -3.80 25.39
N ALA C 132 19.73 -3.03 24.30
CA ALA C 132 18.56 -2.73 23.47
C ALA C 132 17.97 -4.00 22.90
N TYR C 133 18.82 -4.93 22.45
CA TYR C 133 18.31 -6.19 21.94
C TYR C 133 17.52 -6.94 22.99
N ILE C 134 18.10 -7.13 24.17
CA ILE C 134 17.43 -7.99 25.15
C ILE C 134 16.14 -7.34 25.65
N ASP C 135 16.14 -6.02 25.83
CA ASP C 135 14.97 -5.38 26.42
C ASP C 135 13.88 -5.07 25.40
N SER C 136 14.22 -4.93 24.12
CA SER C 136 13.19 -4.71 23.11
C SER C 136 12.46 -6.00 22.77
N LYS C 137 13.12 -7.15 22.95
CA LYS C 137 12.59 -8.44 22.53
C LYS C 137 12.36 -8.49 21.02
N PHE C 138 13.01 -7.61 20.27
CA PHE C 138 12.97 -7.65 18.83
C PHE C 138 13.84 -8.79 18.30
N GLU C 139 13.61 -9.15 17.04
CA GLU C 139 14.52 -10.04 16.34
C GLU C 139 15.90 -9.41 16.27
N ARG C 140 16.93 -10.26 16.34
CA ARG C 140 18.29 -9.74 16.48
C ARG C 140 18.74 -8.96 15.25
N ASN C 141 18.25 -9.33 14.06
CA ASN C 141 18.63 -8.60 12.86
C ASN C 141 18.07 -7.18 12.85
N LYS C 142 17.09 -6.89 13.69
CA LYS C 142 16.47 -5.58 13.74
C LYS C 142 17.14 -4.64 14.73
N VAL C 143 18.20 -5.06 15.40
CA VAL C 143 18.87 -4.26 16.42
C VAL C 143 20.36 -4.28 16.14
N PHE C 144 20.94 -3.10 15.93
CA PHE C 144 22.35 -2.98 15.58
C PHE C 144 22.87 -1.63 16.06
N GLY C 145 24.19 -1.53 16.17
CA GLY C 145 24.83 -0.31 16.60
C GLY C 145 25.94 0.09 15.64
N LEU C 146 26.34 1.35 15.73
CA LEU C 146 27.38 1.86 14.85
C LEU C 146 28.66 1.05 15.02
N GLY C 147 29.03 0.77 16.27
CA GLY C 147 30.13 -0.15 16.52
C GLY C 147 31.40 0.26 15.82
N THR C 148 32.09 -0.72 15.24
CA THR C 148 33.39 -0.49 14.64
C THR C 148 33.30 0.22 13.30
N HIS C 149 32.10 0.48 12.77
CA HIS C 149 32.00 1.18 11.49
C HIS C 149 32.77 2.51 11.55
N LEU C 150 32.44 3.36 12.53
CA LEU C 150 33.19 4.60 12.71
C LEU C 150 34.68 4.32 12.73
N ASP C 151 35.10 3.32 13.52
CA ASP C 151 36.52 3.00 13.59
C ASP C 151 37.08 2.74 12.20
N SER C 152 36.40 1.88 11.43
CA SER C 152 36.84 1.59 10.07
C SER C 152 37.06 2.88 9.29
N LEU C 153 36.08 3.79 9.35
CA LEU C 153 36.18 5.02 8.58
C LEU C 153 37.38 5.83 9.04
N ARG C 154 37.58 5.94 10.35
CA ARG C 154 38.75 6.66 10.84
C ARG C 154 40.03 6.00 10.33
N PHE C 155 40.08 4.67 10.41
CA PHE C 155 41.24 3.96 9.87
C PHE C 155 41.44 4.31 8.42
N LYS C 156 40.34 4.34 7.66
CA LYS C 156 40.42 4.72 6.26
C LYS C 156 41.15 6.05 6.12
N VAL C 157 40.69 7.06 6.88
CA VAL C 157 41.32 8.38 6.81
C VAL C 157 42.83 8.23 6.98
N GLU C 158 43.25 7.57 8.07
CA GLU C 158 44.67 7.43 8.33
C GLU C 158 45.38 6.91 7.08
N ILE C 159 44.93 5.76 6.58
CA ILE C 159 45.59 5.15 5.43
C ILE C 159 45.64 6.15 4.29
N ALA C 160 44.51 6.78 3.98
CA ALA C 160 44.45 7.65 2.82
C ALA C 160 45.42 8.81 2.97
N LYS C 161 45.61 9.32 4.17
CA LYS C 161 46.48 10.47 4.32
C LYS C 161 47.94 10.05 4.33
N PHE C 162 48.24 8.81 4.74
CA PHE C 162 49.63 8.39 4.72
C PHE C 162 50.11 8.17 3.29
N PHE C 163 49.29 7.53 2.47
CA PHE C 163 49.62 7.27 1.08
C PHE C 163 49.26 8.43 0.15
N GLY C 164 48.63 9.47 0.67
CA GLY C 164 48.29 10.62 -0.16
C GLY C 164 47.33 10.30 -1.29
N VAL C 165 46.22 9.64 -0.96
CA VAL C 165 45.20 9.33 -1.95
C VAL C 165 43.86 9.87 -1.47
N HIS C 166 42.95 10.06 -2.43
CA HIS C 166 41.56 10.36 -2.14
C HIS C 166 41.03 9.42 -1.07
N ILE C 167 40.33 9.98 -0.09
CA ILE C 167 39.87 9.19 1.05
C ILE C 167 38.99 8.04 0.59
N ASP C 168 38.15 8.28 -0.43
CA ASP C 168 37.25 7.24 -0.91
C ASP C 168 37.95 6.14 -1.67
N GLU C 169 39.22 6.31 -2.01
CA GLU C 169 39.99 5.22 -2.61
C GLU C 169 40.28 4.11 -1.63
N VAL C 170 40.17 4.37 -0.33
CA VAL C 170 40.51 3.40 0.70
C VAL C 170 39.25 2.74 1.22
N ARG C 171 39.33 1.44 1.46
CA ARG C 171 38.31 0.69 2.18
C ARG C 171 39.01 -0.16 3.22
N THR C 172 38.41 -0.28 4.39
CA THR C 172 38.97 -1.11 5.44
C THR C 172 37.84 -1.57 6.35
N ARG C 173 38.11 -2.64 7.09
CA ARG C 173 37.12 -3.26 7.96
C ARG C 173 37.76 -3.53 9.31
N ILE C 174 37.06 -3.15 10.38
CA ILE C 174 37.48 -3.41 11.75
C ILE C 174 36.35 -4.15 12.44
N ILE C 175 36.69 -5.23 13.13
CA ILE C 175 35.72 -6.07 13.82
C ILE C 175 36.03 -6.06 15.31
N GLY C 176 35.07 -6.54 16.10
CA GLY C 176 35.23 -6.62 17.53
C GLY C 176 34.63 -5.45 18.27
N GLU C 177 35.30 -5.02 19.33
CA GLU C 177 34.79 -3.98 20.21
C GLU C 177 35.08 -2.60 19.65
N HIS C 178 34.15 -1.67 19.86
CA HIS C 178 34.39 -0.24 19.66
C HIS C 178 35.21 0.26 20.85
N GLY C 179 36.44 -0.23 20.92
CA GLY C 179 37.30 0.09 22.04
C GLY C 179 38.71 -0.39 21.78
N ASP C 180 39.49 -0.50 22.86
CA ASP C 180 40.91 -0.79 22.74
C ASP C 180 41.20 -2.18 22.19
N THR C 181 40.27 -3.13 22.32
CA THR C 181 40.48 -4.48 21.82
C THR C 181 39.95 -4.67 20.40
N MET C 182 39.69 -3.58 19.69
CA MET C 182 39.28 -3.68 18.29
C MET C 182 40.35 -4.40 17.47
N VAL C 183 39.90 -5.07 16.42
CA VAL C 183 40.75 -5.93 15.60
C VAL C 183 40.68 -5.44 14.16
N PRO C 184 41.64 -4.63 13.72
CA PRO C 184 41.67 -4.23 12.31
C PRO C 184 42.03 -5.41 11.42
N LEU C 185 41.36 -5.50 10.28
CA LEU C 185 41.56 -6.57 9.32
C LEU C 185 42.37 -6.03 8.16
N ILE C 186 43.70 -6.18 8.26
CA ILE C 186 44.58 -5.73 7.19
C ILE C 186 44.29 -6.48 5.90
N SER C 187 43.94 -7.77 6.02
CA SER C 187 43.59 -8.55 4.83
C SER C 187 42.41 -7.93 4.08
N SER C 188 41.57 -7.16 4.76
CA SER C 188 40.41 -6.53 4.14
C SER C 188 40.59 -5.02 3.98
N THR C 189 41.85 -4.59 3.80
CA THR C 189 42.18 -3.19 3.51
C THR C 189 42.63 -3.09 2.07
N SER C 190 42.23 -2.03 1.39
CA SER C 190 42.49 -1.90 -0.03
C SER C 190 42.59 -0.43 -0.41
N ILE C 191 43.24 -0.20 -1.55
CA ILE C 191 43.33 1.12 -2.18
C ILE C 191 43.02 0.92 -3.66
N GLY C 192 42.03 1.64 -4.17
CA GLY C 192 41.60 1.43 -5.53
C GLY C 192 41.11 0.02 -5.81
N GLY C 193 40.67 -0.69 -4.78
CA GLY C 193 40.24 -2.07 -4.93
C GLY C 193 41.36 -3.09 -4.81
N ILE C 194 42.60 -2.64 -4.72
CA ILE C 194 43.76 -3.53 -4.67
C ILE C 194 44.14 -3.75 -3.21
N PRO C 195 44.26 -4.99 -2.76
CA PRO C 195 44.69 -5.22 -1.36
C PRO C 195 45.94 -4.42 -1.04
N ILE C 196 45.97 -3.90 0.18
CA ILE C 196 47.08 -3.01 0.57
C ILE C 196 48.38 -3.80 0.65
N THR C 197 48.30 -5.11 0.93
CA THR C 197 49.50 -5.93 0.97
C THR C 197 50.11 -6.15 -0.41
N ARG C 198 49.37 -5.84 -1.48
CA ARG C 198 49.90 -5.94 -2.83
C ARG C 198 50.71 -4.72 -3.24
N PHE C 199 50.91 -3.76 -2.34
CA PHE C 199 51.71 -2.59 -2.61
C PHE C 199 53.08 -2.74 -1.96
N LYS C 200 54.13 -2.44 -2.72
CA LYS C 200 55.48 -2.55 -2.18
C LYS C 200 55.71 -1.54 -1.06
N SER C 201 55.11 -0.36 -1.15
CA SER C 201 55.23 0.65 -0.10
C SER C 201 54.47 0.28 1.17
N PHE C 202 53.79 -0.86 1.20
CA PHE C 202 53.07 -1.26 2.41
C PHE C 202 54.01 -1.41 3.59
N LYS C 203 55.26 -1.78 3.34
CA LYS C 203 56.24 -1.92 4.42
C LYS C 203 56.46 -0.60 5.14
N ASP C 204 56.25 0.53 4.45
CA ASP C 204 56.50 1.84 5.05
C ASP C 204 55.36 2.32 5.94
N LEU C 205 54.24 1.61 5.98
CA LEU C 205 53.08 2.05 6.75
C LEU C 205 53.37 1.90 8.24
N PRO C 206 53.33 2.98 9.03
CA PRO C 206 53.42 2.83 10.50
C PRO C 206 52.09 2.32 11.06
N LEU C 207 51.86 1.02 10.87
CA LEU C 207 50.54 0.47 11.15
C LEU C 207 50.21 0.52 12.64
N LYS C 208 51.17 0.18 13.49
CA LYS C 208 50.92 0.18 14.94
C LYS C 208 50.50 1.56 15.43
N ASP C 209 51.26 2.59 15.04
CA ASP C 209 50.92 3.95 15.45
C ASP C 209 49.57 4.38 14.89
N ILE C 210 49.26 3.99 13.66
CA ILE C 210 47.99 4.36 13.05
C ILE C 210 46.84 3.75 13.83
N ILE C 211 46.97 2.47 14.19
CA ILE C 211 45.90 1.80 14.92
C ILE C 211 45.73 2.42 16.30
N GLU C 212 46.84 2.81 16.94
CA GLU C 212 46.70 3.51 18.22
C GLU C 212 46.00 4.85 18.05
N ASN C 213 46.32 5.56 16.96
CA ASN C 213 45.60 6.80 16.67
C ASN C 213 44.10 6.54 16.53
N VAL C 214 43.72 5.48 15.83
CA VAL C 214 42.31 5.15 15.67
C VAL C 214 41.68 4.89 17.04
N LYS C 215 42.35 4.09 17.87
CA LYS C 215 41.79 3.80 19.19
C LYS C 215 41.63 5.05 20.04
N ASN C 216 42.50 6.04 19.85
CA ASN C 216 42.50 7.24 20.68
C ASN C 216 41.71 8.41 20.08
N LYS C 217 41.25 8.29 18.83
CA LYS C 217 40.71 9.46 18.13
C LYS C 217 39.50 10.05 18.85
N GLY C 218 38.62 9.20 19.40
CA GLY C 218 37.47 9.74 20.13
C GLY C 218 37.89 10.63 21.27
N SER C 219 38.82 10.15 22.11
CA SER C 219 39.32 10.95 23.22
C SER C 219 40.02 12.21 22.72
N LYS C 220 40.75 12.09 21.61
CA LYS C 220 41.44 13.25 21.05
C LYS C 220 40.43 14.34 20.66
N ILE C 221 39.36 13.95 19.98
CA ILE C 221 38.38 14.93 19.55
C ILE C 221 37.65 15.52 20.75
N ILE C 222 37.37 14.70 21.76
CA ILE C 222 36.80 15.23 23.00
C ILE C 222 37.71 16.31 23.58
N ALA C 223 39.00 16.02 23.67
CA ALA C 223 39.94 16.98 24.26
C ALA C 223 40.07 18.24 23.43
N LEU C 224 39.96 18.13 22.11
CA LEU C 224 40.24 19.27 21.25
C LEU C 224 39.01 20.17 21.03
N LYS C 225 37.85 19.59 20.70
CA LYS C 225 36.67 20.39 20.42
C LYS C 225 35.44 20.01 21.24
N GLY C 226 35.56 19.05 22.16
CA GLY C 226 34.46 18.67 23.02
C GLY C 226 33.71 17.43 22.61
N GLY C 227 34.08 16.80 21.50
CA GLY C 227 33.46 15.56 21.07
C GLY C 227 33.12 15.58 19.59
N SER C 228 33.03 14.39 19.00
CA SER C 228 32.71 14.29 17.59
C SER C 228 31.22 14.54 17.35
N GLU C 229 30.90 15.10 16.19
CA GLU C 229 29.52 15.26 15.76
C GLU C 229 29.36 14.87 14.29
N PHE C 230 30.19 15.43 13.42
CA PHE C 230 30.00 15.23 11.99
C PHE C 230 30.44 13.83 11.55
N GLY C 231 31.51 13.31 12.14
CA GLY C 231 32.01 12.01 11.78
C GLY C 231 31.00 10.89 12.00
N PRO C 232 30.55 10.75 13.25
CA PRO C 232 29.53 9.73 13.53
C PRO C 232 28.22 9.98 12.80
N ALA C 233 27.81 11.24 12.64
CA ALA C 233 26.59 11.52 11.90
C ALA C 233 26.70 11.03 10.46
N ALA C 234 27.85 11.26 9.83
CA ALA C 234 28.04 10.81 8.45
C ALA C 234 28.14 9.29 8.38
N ALA C 235 28.71 8.65 9.40
CA ALA C 235 28.71 7.19 9.42
C ALA C 235 27.29 6.64 9.47
N VAL C 236 26.46 7.25 10.33
CA VAL C 236 25.05 6.89 10.39
C VAL C 236 24.39 7.13 9.04
N LEU C 237 24.71 8.24 8.38
CA LEU C 237 24.16 8.51 7.06
C LEU C 237 24.51 7.40 6.08
N ASN C 238 25.76 6.95 6.11
CA ASN C 238 26.19 5.86 5.23
C ASN C 238 25.37 4.60 5.46
N VAL C 239 25.21 4.22 6.72
CA VAL C 239 24.40 3.03 7.04
C VAL C 239 22.96 3.22 6.57
N VAL C 240 22.38 4.38 6.85
CA VAL C 240 20.98 4.63 6.49
C VAL C 240 20.81 4.57 4.99
N ARG C 241 21.80 5.06 4.25
CA ARG C 241 21.74 4.96 2.79
C ARG C 241 21.69 3.52 2.35
N SER C 242 22.49 2.65 2.99
CA SER C 242 22.38 1.24 2.68
C SER C 242 20.99 0.70 2.98
N ILE C 243 20.40 1.12 4.11
CA ILE C 243 19.10 0.57 4.52
C ILE C 243 18.01 1.03 3.56
N ALA C 244 17.98 2.32 3.23
CA ALA C 244 16.83 2.91 2.56
C ALA C 244 16.57 2.28 1.21
N ASN C 245 17.63 2.03 0.44
CA ASN C 245 17.50 1.46 -0.90
C ASN C 245 17.89 -0.01 -0.93
N ASN C 246 17.95 -0.66 0.23
CA ASN C 246 18.19 -2.10 0.32
C ASN C 246 19.42 -2.51 -0.49
N GLU C 247 20.52 -1.80 -0.24
CA GLU C 247 21.77 -2.06 -0.94
C GLU C 247 22.51 -3.27 -0.40
N ASN C 248 22.22 -3.68 0.83
CA ASN C 248 22.89 -4.83 1.45
C ASN C 248 24.39 -4.59 1.52
N ARG C 249 24.78 -3.37 1.90
CA ARG C 249 26.21 -3.07 1.91
C ARG C 249 26.91 -3.89 2.98
N LEU C 250 28.08 -4.43 2.63
CA LEU C 250 28.91 -5.18 3.57
C LEU C 250 29.69 -4.16 4.40
N LEU C 251 29.27 -4.00 5.64
CA LEU C 251 29.89 -3.08 6.59
C LEU C 251 30.23 -3.86 7.85
N THR C 252 30.84 -3.18 8.82
CA THR C 252 31.07 -3.77 10.14
C THR C 252 30.16 -3.03 11.11
N LEU C 253 29.20 -3.75 11.68
CA LEU C 253 28.29 -3.15 12.65
C LEU C 253 28.15 -4.08 13.84
N SER C 254 27.84 -3.48 14.98
CA SER C 254 27.62 -4.25 16.20
C SER C 254 26.24 -4.89 16.16
N THR C 255 26.19 -6.20 16.35
CA THR C 255 24.91 -6.87 16.44
C THR C 255 25.06 -8.11 17.30
N TYR C 256 23.91 -8.74 17.59
CA TYR C 256 23.85 -9.88 18.50
C TYR C 256 24.26 -11.15 17.78
N LEU C 257 25.09 -11.96 18.44
CA LEU C 257 25.60 -13.20 17.88
C LEU C 257 24.88 -14.38 18.54
N ASP C 258 24.33 -15.27 17.72
CA ASP C 258 23.65 -16.45 18.24
C ASP C 258 24.29 -17.72 17.68
N GLY C 259 25.62 -17.79 17.72
CA GLY C 259 26.37 -18.92 17.25
C GLY C 259 27.42 -18.59 16.21
N GLU C 260 27.32 -17.43 15.56
CA GLU C 260 28.27 -17.06 14.52
C GLU C 260 29.68 -16.95 15.08
N PHE C 261 30.65 -17.47 14.33
CA PHE C 261 32.05 -17.48 14.73
C PHE C 261 32.28 -18.23 16.03
N GLY C 262 31.32 -19.05 16.46
CA GLY C 262 31.45 -19.80 17.68
C GLY C 262 31.15 -19.03 18.95
N PHE C 263 30.44 -17.90 18.84
CA PHE C 263 30.15 -17.07 20.00
C PHE C 263 28.65 -16.81 20.09
N SER C 264 28.18 -16.60 21.31
CA SER C 264 26.77 -16.38 21.56
C SER C 264 26.59 -15.46 22.75
N ASP C 265 25.41 -14.86 22.84
CA ASP C 265 25.02 -14.03 23.97
C ASP C 265 26.00 -12.86 24.13
N VAL C 266 26.19 -12.12 23.05
CA VAL C 266 27.09 -10.97 23.04
C VAL C 266 26.82 -10.17 21.79
N CYS C 267 27.01 -8.85 21.87
CA CYS C 267 26.95 -7.98 20.71
C CYS C 267 28.35 -7.52 20.37
N ALA C 268 28.71 -7.60 19.10
CA ALA C 268 30.01 -7.07 18.71
C ALA C 268 29.98 -6.67 17.24
N GLY C 269 30.98 -5.87 16.88
CA GLY C 269 31.15 -5.44 15.51
C GLY C 269 31.55 -6.63 14.66
N VAL C 270 30.74 -6.92 13.64
CA VAL C 270 31.03 -8.04 12.74
C VAL C 270 30.69 -7.64 11.32
N PRO C 271 31.24 -8.37 10.34
CA PRO C 271 30.80 -8.18 8.95
C PRO C 271 29.32 -8.46 8.84
N VAL C 272 28.60 -7.52 8.21
CA VAL C 272 27.16 -7.64 8.05
C VAL C 272 26.77 -7.04 6.71
N LYS C 273 25.71 -7.58 6.13
CA LYS C 273 25.02 -6.96 5.02
C LYS C 273 23.84 -6.17 5.58
N VAL C 274 23.83 -4.87 5.28
CA VAL C 274 22.83 -3.94 5.79
C VAL C 274 21.82 -3.66 4.69
N GLY C 275 20.55 -3.97 4.97
CA GLY C 275 19.45 -3.76 4.04
C GLY C 275 18.17 -3.34 4.72
N LYS C 276 17.06 -3.33 3.96
CA LYS C 276 15.80 -2.81 4.47
C LYS C 276 15.32 -3.58 5.70
N ASP C 277 15.63 -4.87 5.78
CA ASP C 277 15.19 -5.70 6.90
C ASP C 277 16.20 -5.75 8.03
N GLY C 278 17.27 -4.96 7.94
CA GLY C 278 18.26 -4.94 9.00
C GLY C 278 19.59 -5.55 8.63
N VAL C 279 20.15 -6.34 9.54
CA VAL C 279 21.54 -6.76 9.52
C VAL C 279 21.59 -8.28 9.39
N GLU C 280 22.34 -8.76 8.39
CA GLU C 280 22.63 -10.18 8.24
C GLU C 280 24.13 -10.40 8.47
N ILE C 281 24.48 -11.24 9.44
CA ILE C 281 25.88 -11.51 9.71
C ILE C 281 26.47 -12.34 8.57
N VAL C 282 27.63 -11.92 8.09
CA VAL C 282 28.33 -12.62 7.01
C VAL C 282 29.37 -13.54 7.66
N THR C 283 29.09 -14.84 7.65
CA THR C 283 30.04 -15.84 8.12
C THR C 283 30.91 -16.40 7.00
N ASP C 284 30.65 -16.01 5.76
CA ASP C 284 31.38 -16.54 4.61
C ASP C 284 32.81 -16.02 4.53
N ILE C 285 33.20 -15.09 5.41
CA ILE C 285 34.54 -14.53 5.38
C ILE C 285 35.47 -15.42 6.20
N VAL C 286 36.72 -15.53 5.75
CA VAL C 286 37.74 -16.32 6.41
C VAL C 286 38.74 -15.37 7.07
N PHE C 287 39.01 -15.61 8.34
CA PHE C 287 39.97 -14.81 9.10
C PHE C 287 41.27 -15.59 9.28
N SER C 288 42.38 -14.86 9.37
CA SER C 288 43.62 -15.46 9.80
C SER C 288 43.50 -15.89 11.27
N LYS C 289 44.41 -16.77 11.69
CA LYS C 289 44.36 -17.24 13.07
C LYS C 289 44.59 -16.09 14.05
N GLU C 290 45.50 -15.18 13.71
CA GLU C 290 45.77 -14.03 14.57
C GLU C 290 44.54 -13.15 14.71
N GLU C 291 43.91 -12.83 13.57
CA GLU C 291 42.72 -11.99 13.60
C GLU C 291 41.61 -12.64 14.41
N PHE C 292 41.41 -13.95 14.23
CA PHE C 292 40.35 -14.63 14.97
C PHE C 292 40.64 -14.69 16.45
N GLU C 293 41.92 -14.84 16.84
CA GLU C 293 42.25 -14.86 18.26
C GLU C 293 42.03 -13.48 18.89
N ALA C 294 42.42 -12.42 18.18
CA ALA C 294 42.14 -11.08 18.69
C ALA C 294 40.64 -10.85 18.80
N PHE C 295 39.88 -11.33 17.81
CA PHE C 295 38.42 -11.20 17.84
C PHE C 295 37.83 -11.92 19.04
N LYS C 296 38.32 -13.13 19.33
CA LYS C 296 37.87 -13.87 20.50
C LYS C 296 38.15 -13.09 21.77
N TYR C 297 39.37 -12.55 21.89
CA TYR C 297 39.70 -11.75 23.07
C TYR C 297 38.75 -10.56 23.20
N SER C 298 38.44 -9.90 22.08
CA SER C 298 37.57 -8.74 22.13
C SER C 298 36.15 -9.11 22.54
N ILE C 299 35.63 -10.21 22.01
CA ILE C 299 34.28 -10.64 22.39
C ILE C 299 34.23 -10.96 23.88
N GLU C 300 35.25 -11.66 24.38
CA GLU C 300 35.27 -11.96 25.81
C GLU C 300 35.43 -10.70 26.66
N THR C 301 36.07 -9.68 26.11
CA THR C 301 36.13 -8.38 26.80
C THR C 301 34.74 -7.77 26.91
N ILE C 302 33.97 -7.82 25.81
CA ILE C 302 32.64 -7.22 25.82
C ILE C 302 31.71 -7.98 26.76
N LYS C 303 31.86 -9.31 26.83
CA LYS C 303 30.87 -10.11 27.54
C LYS C 303 30.85 -9.81 29.04
N ARG C 304 31.96 -9.37 29.62
CA ARG C 304 31.96 -9.03 31.04
C ARG C 304 30.99 -7.89 31.31
N TYR C 305 31.11 -6.80 30.55
CA TYR C 305 30.19 -5.68 30.69
C TYR C 305 28.75 -6.12 30.40
N CYS C 306 28.55 -6.87 29.32
CA CYS C 306 27.21 -7.33 28.98
C CYS C 306 26.58 -8.10 30.14
N GLU C 307 27.35 -9.00 30.76
CA GLU C 307 26.86 -9.71 31.93
C GLU C 307 26.52 -8.75 33.05
N GLU C 308 27.34 -7.71 33.23
CA GLU C 308 27.11 -6.79 34.34
C GLU C 308 25.85 -5.96 34.17
N ILE C 309 25.42 -5.72 32.93
CA ILE C 309 24.27 -4.83 32.68
C ILE C 309 23.06 -5.53 32.10
N LYS C 310 23.11 -6.86 31.94
CA LYS C 310 22.02 -7.54 31.23
C LYS C 310 20.68 -7.32 31.91
N GLU C 311 20.61 -7.50 33.23
CA GLU C 311 19.35 -7.50 33.96
C GLU C 311 19.08 -6.20 34.69
N LEU C 312 19.73 -5.11 34.30
CA LEU C 312 19.47 -3.81 34.93
C LEU C 312 18.22 -3.16 34.38
N MET D 1 39.06 24.35 -6.19
CA MET D 1 38.76 25.59 -5.42
C MET D 1 39.44 25.55 -4.06
N LYS D 2 39.91 26.72 -3.62
CA LYS D 2 40.50 26.87 -2.29
C LYS D 2 39.70 27.91 -1.51
N VAL D 3 39.34 27.55 -0.29
CA VAL D 3 38.50 28.38 0.56
C VAL D 3 39.13 28.45 1.94
N SER D 4 39.25 29.66 2.47
CA SER D 4 39.62 29.88 3.87
C SER D 4 38.38 30.33 4.63
N ILE D 5 38.28 29.93 5.89
CA ILE D 5 37.14 30.25 6.74
C ILE D 5 37.70 30.83 8.03
N ILE D 6 37.55 32.14 8.20
CA ILE D 6 37.98 32.83 9.41
C ILE D 6 36.79 32.85 10.36
N GLY D 7 36.90 32.15 11.47
CA GLY D 7 35.79 31.91 12.37
C GLY D 7 35.26 30.49 12.35
N ALA D 8 36.04 29.52 11.85
CA ALA D 8 35.60 28.13 11.81
C ALA D 8 35.43 27.53 13.21
N SER D 9 35.95 28.20 14.24
CA SER D 9 35.77 27.69 15.61
C SER D 9 34.36 27.91 16.12
N GLY D 10 33.59 28.80 15.50
CA GLY D 10 32.21 29.00 15.87
C GLY D 10 31.31 27.95 15.24
N LYS D 11 30.03 28.00 15.60
CA LYS D 11 29.10 26.97 15.12
C LYS D 11 28.78 27.16 13.64
N VAL D 12 28.54 28.39 13.21
CA VAL D 12 28.27 28.64 11.80
C VAL D 12 29.50 28.30 10.96
N GLY D 13 30.68 28.75 11.38
CA GLY D 13 31.89 28.47 10.64
C GLY D 13 32.22 26.98 10.59
N SER D 14 31.96 26.28 11.70
CA SER D 14 32.18 24.83 11.72
C SER D 14 31.26 24.14 10.72
N ALA D 15 29.97 24.49 10.73
CA ALA D 15 29.03 23.86 9.79
C ALA D 15 29.42 24.18 8.35
N ILE D 16 29.84 25.41 8.08
CA ILE D 16 30.29 25.78 6.74
C ILE D 16 31.51 24.95 6.35
N SER D 17 32.45 24.77 7.28
CA SER D 17 33.64 23.96 6.98
C SER D 17 33.23 22.55 6.59
N PHE D 18 32.34 21.94 7.37
CA PHE D 18 31.92 20.58 7.06
C PHE D 18 31.26 20.53 5.69
N LEU D 19 30.31 21.43 5.42
CA LEU D 19 29.57 21.36 4.16
C LEU D 19 30.47 21.61 2.96
N LEU D 20 31.40 22.56 3.06
CA LEU D 20 32.23 22.89 1.90
C LEU D 20 33.31 21.84 1.68
N ALA D 21 33.90 21.31 2.75
CA ALA D 21 34.85 20.22 2.59
C ALA D 21 34.22 19.07 1.83
N ASN D 22 32.91 18.89 1.95
CA ASN D 22 32.21 17.79 1.29
C ASN D 22 32.00 18.05 -0.20
N GLU D 23 32.10 19.29 -0.65
CA GLU D 23 31.89 19.61 -2.05
C GLU D 23 33.05 19.08 -2.90
N PRO D 24 32.79 18.32 -3.96
CA PRO D 24 33.90 17.72 -4.72
C PRO D 24 34.91 18.73 -5.27
N TYR D 25 34.47 19.96 -5.55
CA TYR D 25 35.36 20.95 -6.12
C TYR D 25 36.19 21.69 -5.08
N VAL D 26 35.82 21.62 -3.81
CA VAL D 26 36.61 22.21 -2.73
C VAL D 26 37.70 21.21 -2.39
N LYS D 27 38.91 21.44 -2.92
CA LYS D 27 40.02 20.53 -2.71
C LYS D 27 40.94 20.99 -1.59
N GLU D 28 40.89 22.26 -1.21
CA GLU D 28 41.72 22.79 -0.15
C GLU D 28 40.87 23.68 0.74
N LEU D 29 40.96 23.48 2.04
CA LEU D 29 40.22 24.26 3.03
C LEU D 29 41.19 24.69 4.10
N VAL D 30 41.12 25.97 4.49
CA VAL D 30 41.98 26.52 5.53
C VAL D 30 41.09 27.06 6.64
N LEU D 31 41.19 26.47 7.83
CA LEU D 31 40.44 26.88 8.99
C LEU D 31 41.29 27.83 9.83
N ILE D 32 40.74 29.01 10.13
CA ILE D 32 41.47 30.08 10.80
C ILE D 32 40.70 30.49 12.04
N SER D 33 41.40 30.63 13.16
CA SER D 33 40.81 31.09 14.40
C SER D 33 41.85 31.84 15.22
N ARG D 34 41.39 32.45 16.31
CA ARG D 34 42.31 33.00 17.29
C ARG D 34 43.17 31.88 17.87
N GLU D 35 44.33 32.27 18.42
CA GLU D 35 45.31 31.29 18.85
C GLU D 35 44.72 30.31 19.85
N LYS D 36 44.02 30.84 20.86
CA LYS D 36 43.50 29.98 21.92
C LYS D 36 42.52 28.94 21.41
N SER D 37 41.95 29.13 20.22
CA SER D 37 40.98 28.20 19.66
C SER D 37 41.60 27.24 18.65
N ILE D 38 42.92 27.29 18.45
CA ILE D 38 43.56 26.42 17.46
C ILE D 38 43.18 24.97 17.71
N ASP D 39 43.24 24.53 18.97
CA ASP D 39 42.89 23.16 19.30
C ASP D 39 41.49 22.81 18.82
N LYS D 40 40.54 23.73 19.03
CA LYS D 40 39.19 23.48 18.51
C LYS D 40 39.25 23.18 17.02
N LEU D 41 39.93 24.02 16.25
CA LEU D 41 40.07 23.74 14.83
C LEU D 41 40.68 22.37 14.61
N ARG D 42 41.68 22.00 15.40
CA ARG D 42 42.33 20.71 15.22
C ARG D 42 41.33 19.59 15.43
N GLY D 43 40.41 19.75 16.39
CA GLY D 43 39.33 18.78 16.51
C GLY D 43 38.44 18.79 15.28
N LEU D 44 37.99 19.97 14.88
CA LEU D 44 37.08 20.09 13.74
C LEU D 44 37.65 19.34 12.54
N ARG D 45 38.86 19.71 12.12
CA ARG D 45 39.50 19.03 11.00
C ARG D 45 39.33 17.52 11.10
N GLU D 46 39.75 16.93 12.23
CA GLU D 46 39.64 15.48 12.35
C GLU D 46 38.20 15.04 12.15
N ASP D 47 37.27 15.64 12.90
CA ASP D 47 35.86 15.32 12.76
C ASP D 47 35.46 15.34 11.28
N ILE D 48 35.82 16.41 10.57
CA ILE D 48 35.39 16.54 9.19
C ILE D 48 35.96 15.40 8.36
N TYR D 49 37.26 15.11 8.54
CA TYR D 49 37.86 14.00 7.81
C TYR D 49 37.04 12.74 8.02
N ASP D 50 36.69 12.45 9.28
CA ASP D 50 35.86 11.29 9.56
C ASP D 50 34.57 11.35 8.75
N ALA D 51 33.90 12.50 8.78
CA ALA D 51 32.64 12.63 8.04
C ALA D 51 32.87 12.35 6.57
N LEU D 52 33.99 12.81 6.02
CA LEU D 52 34.22 12.61 4.60
C LEU D 52 34.36 11.13 4.29
N ALA D 53 35.00 10.38 5.19
CA ALA D 53 35.09 8.94 5.02
C ALA D 53 33.72 8.29 4.94
N GLY D 54 32.72 8.91 5.57
CA GLY D 54 31.36 8.39 5.51
C GLY D 54 30.61 8.85 4.29
N THR D 55 30.95 10.02 3.75
CA THR D 55 30.21 10.56 2.61
C THR D 55 30.87 10.24 1.28
N LYS D 56 32.01 9.55 1.30
CA LYS D 56 32.73 9.18 0.09
C LYS D 56 33.30 10.41 -0.63
N ARG D 57 33.62 11.44 0.13
CA ARG D 57 34.22 12.65 -0.41
C ARG D 57 35.65 12.79 0.12
N ASP D 58 36.26 13.95 -0.12
CA ASP D 58 37.68 14.11 0.15
C ASP D 58 38.03 15.58 0.20
N CYS D 59 39.04 15.91 0.99
CA CYS D 59 39.52 17.29 1.09
C CYS D 59 40.85 17.29 1.82
N GLU D 60 41.63 18.34 1.59
CA GLU D 60 42.85 18.60 2.35
C GLU D 60 42.61 19.86 3.18
N ILE D 61 42.77 19.74 4.49
CA ILE D 61 42.41 20.79 5.44
C ILE D 61 43.65 21.22 6.20
N ASN D 62 43.87 22.52 6.29
CA ASN D 62 44.96 23.13 7.04
C ASN D 62 44.40 24.04 8.12
N VAL D 63 45.20 24.29 9.15
CA VAL D 63 44.79 25.08 10.30
C VAL D 63 45.84 26.16 10.56
N SER D 64 45.38 27.35 10.94
CA SER D 64 46.28 28.47 11.20
C SER D 64 45.57 29.45 12.12
N ASP D 65 46.36 30.36 12.70
CA ASP D 65 45.83 31.38 13.58
C ASP D 65 45.46 32.64 12.78
N ASP D 66 44.75 33.55 13.43
CA ASP D 66 44.19 34.73 12.78
C ASP D 66 45.15 35.91 12.74
N LYS D 67 46.41 35.72 13.16
CA LYS D 67 47.43 36.75 13.04
C LYS D 67 48.42 36.46 11.91
N THR D 68 48.91 35.22 11.83
CA THR D 68 49.77 34.84 10.72
C THR D 68 48.96 34.65 9.44
N LEU D 69 47.74 34.12 9.57
CA LEU D 69 46.92 33.77 8.41
C LEU D 69 47.68 32.85 7.46
N LYS D 70 48.41 31.90 8.03
CA LYS D 70 49.18 30.96 7.23
C LYS D 70 48.24 30.08 6.39
N PHE D 71 48.68 29.79 5.17
CA PHE D 71 47.99 29.00 4.16
C PHE D 71 46.92 29.79 3.43
N LEU D 72 46.56 31.00 3.88
CA LEU D 72 45.48 31.74 3.26
C LEU D 72 45.82 32.13 1.82
N ASP D 73 47.09 32.45 1.56
CA ASP D 73 47.49 32.84 0.21
C ASP D 73 47.05 31.81 -0.80
N GLY D 74 46.47 32.28 -1.91
CA GLY D 74 46.00 31.41 -2.96
C GLY D 74 44.53 31.05 -2.87
N SER D 75 43.85 31.41 -1.78
CA SER D 75 42.45 31.08 -1.63
C SER D 75 41.62 31.76 -2.71
N ASP D 76 40.76 30.97 -3.37
CA ASP D 76 39.78 31.56 -4.26
C ASP D 76 38.72 32.31 -3.48
N LEU D 77 38.44 31.89 -2.24
CA LEU D 77 37.39 32.52 -1.46
C LEU D 77 37.79 32.55 0.00
N VAL D 78 37.40 33.61 0.69
CA VAL D 78 37.59 33.73 2.13
C VAL D 78 36.23 34.07 2.74
N ILE D 79 35.70 33.17 3.56
CA ILE D 79 34.44 33.37 4.25
C ILE D 79 34.77 33.78 5.69
N ILE D 80 34.13 34.82 6.18
CA ILE D 80 34.40 35.35 7.51
C ILE D 80 33.12 35.27 8.33
N THR D 81 33.13 34.45 9.37
CA THR D 81 32.05 34.38 10.34
C THR D 81 32.46 34.89 11.71
N SER D 82 33.71 35.34 11.89
CA SER D 82 34.15 35.79 13.19
C SER D 82 33.31 36.97 13.66
N GLY D 83 32.96 36.95 14.94
CA GLY D 83 32.11 37.99 15.50
C GLY D 83 31.96 37.87 16.99
N VAL D 84 31.69 38.99 17.65
CA VAL D 84 31.56 39.03 19.10
C VAL D 84 30.12 38.67 19.46
N PRO D 85 29.88 37.85 20.49
CA PRO D 85 28.50 37.60 20.91
C PRO D 85 27.83 38.88 21.36
N ARG D 86 26.63 39.14 20.82
CA ARG D 86 25.88 40.34 21.15
C ARG D 86 25.22 40.16 22.52
N THR D 87 25.68 40.92 23.51
CA THR D 87 25.07 40.87 24.83
C THR D 87 23.72 41.58 24.81
N PRO D 88 22.87 41.33 25.81
CA PRO D 88 21.54 41.94 25.80
C PRO D 88 21.55 43.46 25.83
N GLU D 89 22.59 44.08 26.41
CA GLU D 89 22.61 45.54 26.52
C GLU D 89 23.16 46.22 25.27
N MET D 90 23.67 45.47 24.31
CA MET D 90 24.24 46.06 23.11
C MET D 90 23.15 46.37 22.08
N SER D 91 23.26 47.54 21.46
CA SER D 91 22.43 47.89 20.32
C SER D 91 23.09 47.37 19.04
N ARG D 92 22.36 47.47 17.92
CA ARG D 92 22.92 47.05 16.66
C ARG D 92 24.15 47.88 16.30
N LEU D 93 24.19 49.15 16.72
CA LEU D 93 25.31 50.02 16.37
C LEU D 93 26.56 49.67 17.19
N ASP D 94 26.38 49.31 18.47
CA ASP D 94 27.51 48.86 19.27
C ASP D 94 28.15 47.61 18.66
N LEU D 95 27.31 46.61 18.36
CA LEU D 95 27.78 45.43 17.65
C LEU D 95 28.47 45.81 16.35
N ALA D 96 27.88 46.74 15.61
CA ALA D 96 28.46 47.16 14.34
C ALA D 96 29.87 47.71 14.54
N LYS D 97 30.07 48.53 15.58
CA LYS D 97 31.38 49.13 15.80
C LYS D 97 32.43 48.07 16.16
N VAL D 98 32.11 47.20 17.12
CA VAL D 98 33.06 46.15 17.51
C VAL D 98 33.39 45.26 16.30
N ASN D 99 32.36 44.67 15.70
CA ASN D 99 32.60 43.77 14.58
C ASN D 99 33.18 44.48 13.37
N ALA D 100 32.97 45.79 13.24
CA ALA D 100 33.60 46.53 12.15
C ALA D 100 35.10 46.61 12.36
N LYS D 101 35.54 46.84 13.59
CA LYS D 101 36.98 46.75 13.85
C LYS D 101 37.51 45.38 13.45
N ILE D 102 36.83 44.31 13.88
CA ILE D 102 37.32 42.96 13.59
C ILE D 102 37.38 42.73 12.07
N ILE D 103 36.29 43.05 11.37
CA ILE D 103 36.19 42.80 9.94
C ILE D 103 37.21 43.63 9.17
N GLY D 104 37.38 44.90 9.55
CA GLY D 104 38.35 45.74 8.87
C GLY D 104 39.77 45.25 9.05
N ASN D 105 40.12 44.81 10.26
CA ASN D 105 41.45 44.25 10.47
C ASN D 105 41.69 43.04 9.57
N TYR D 106 40.73 42.10 9.58
CA TYR D 106 40.89 40.92 8.72
C TYR D 106 41.01 41.31 7.26
N ALA D 107 40.21 42.29 6.82
CA ALA D 107 40.22 42.69 5.42
C ALA D 107 41.58 43.29 5.04
N LYS D 108 42.13 44.15 5.89
CA LYS D 108 43.44 44.73 5.63
C LYS D 108 44.50 43.64 5.50
N LYS D 109 44.52 42.71 6.46
CA LYS D 109 45.54 41.65 6.43
C LYS D 109 45.40 40.81 5.17
N ILE D 110 44.17 40.42 4.81
CA ILE D 110 43.96 39.62 3.62
C ILE D 110 44.43 40.37 2.38
N ALA D 111 44.06 41.64 2.26
CA ALA D 111 44.51 42.43 1.12
C ALA D 111 46.03 42.51 1.06
N GLU D 112 46.70 42.53 2.22
CA GLU D 112 48.15 42.49 2.22
C GLU D 112 48.69 41.17 1.71
N ILE D 113 47.95 40.07 1.93
CA ILE D 113 48.43 38.76 1.50
C ILE D 113 48.22 38.57 0.00
N CYS D 114 46.99 38.73 -0.48
CA CYS D 114 46.68 38.40 -1.88
C CYS D 114 45.38 39.08 -2.28
N GLU D 115 45.03 38.89 -3.55
CA GLU D 115 43.72 39.28 -4.07
C GLU D 115 42.80 38.05 -4.05
N THR D 116 41.58 38.23 -3.57
CA THR D 116 40.64 37.12 -3.44
C THR D 116 39.24 37.69 -3.25
N LYS D 117 38.26 36.79 -3.17
CA LYS D 117 36.88 37.16 -2.89
C LYS D 117 36.62 37.04 -1.39
N LEU D 118 35.82 37.96 -0.87
CA LEU D 118 35.45 37.99 0.54
C LEU D 118 33.95 37.76 0.65
N PHE D 119 33.57 36.76 1.44
CA PHE D 119 32.17 36.42 1.72
C PHE D 119 31.93 36.68 3.21
N ILE D 120 31.28 37.78 3.52
CA ILE D 120 31.09 38.22 4.89
C ILE D 120 29.77 37.66 5.42
N ILE D 121 29.84 36.99 6.57
CA ILE D 121 28.66 36.52 7.27
C ILE D 121 28.42 37.30 8.56
N THR D 122 29.47 37.83 9.18
CA THR D 122 29.35 38.54 10.46
C THR D 122 28.29 39.63 10.37
N ASN D 123 27.49 39.79 11.47
CA ASN D 123 26.40 40.75 11.53
C ASN D 123 26.85 42.05 12.20
N PRO D 124 26.22 43.20 11.88
CA PRO D 124 25.20 43.42 10.84
C PRO D 124 25.80 43.26 9.45
N VAL D 125 25.29 42.31 8.66
CA VAL D 125 26.04 41.79 7.53
C VAL D 125 26.25 42.86 6.46
N ASP D 126 25.25 43.72 6.25
CA ASP D 126 25.42 44.79 5.26
C ASP D 126 26.56 45.72 5.66
N VAL D 127 26.59 46.12 6.93
CA VAL D 127 27.59 47.07 7.39
C VAL D 127 28.98 46.42 7.39
N MET D 128 29.06 45.13 7.73
CA MET D 128 30.34 44.44 7.74
C MET D 128 30.85 44.22 6.31
N THR D 129 29.94 43.95 5.37
CA THR D 129 30.34 43.89 3.97
C THR D 129 30.90 45.24 3.52
N TYR D 130 30.24 46.33 3.92
CA TYR D 130 30.74 47.66 3.61
C TYR D 130 32.16 47.86 4.16
N LYS D 131 32.36 47.52 5.44
CA LYS D 131 33.66 47.72 6.06
C LYS D 131 34.73 46.87 5.37
N ALA D 132 34.41 45.61 5.07
CA ALA D 132 35.36 44.76 4.36
C ALA D 132 35.72 45.35 3.02
N TYR D 133 34.72 45.86 2.28
CA TYR D 133 35.00 46.49 1.00
C TYR D 133 35.96 47.65 1.14
N ILE D 134 35.66 48.59 2.05
CA ILE D 134 36.45 49.81 2.09
C ILE D 134 37.85 49.55 2.65
N ASP D 135 37.99 48.61 3.60
CA ASP D 135 39.30 48.33 4.18
C ASP D 135 40.17 47.45 3.28
N SER D 136 39.56 46.54 2.52
CA SER D 136 40.34 45.64 1.69
C SER D 136 40.88 46.32 0.44
N LYS D 137 40.19 47.34 -0.05
CA LYS D 137 40.50 47.98 -1.33
C LYS D 137 40.44 46.98 -2.48
N PHE D 138 39.61 45.95 -2.33
CA PHE D 138 39.33 45.03 -3.42
C PHE D 138 38.26 45.61 -4.33
N GLU D 139 38.22 45.08 -5.56
CA GLU D 139 37.12 45.39 -6.45
C GLU D 139 35.80 45.06 -5.77
N ARG D 140 34.76 45.85 -6.08
CA ARG D 140 33.49 45.70 -5.39
C ARG D 140 32.82 44.37 -5.71
N ASN D 141 32.95 43.89 -6.95
CA ASN D 141 32.37 42.61 -7.31
C ASN D 141 32.99 41.46 -6.55
N LYS D 142 34.12 41.68 -5.89
CA LYS D 142 34.82 40.65 -5.14
C LYS D 142 34.42 40.61 -3.67
N VAL D 143 33.58 41.53 -3.21
CA VAL D 143 33.23 41.65 -1.79
C VAL D 143 31.71 41.61 -1.68
N PHE D 144 31.20 40.60 -0.97
CA PHE D 144 29.75 40.42 -0.84
C PHE D 144 29.44 39.73 0.48
N GLY D 145 28.21 39.91 0.95
CA GLY D 145 27.75 39.28 2.16
C GLY D 145 26.47 38.51 1.93
N LEU D 146 26.18 37.60 2.87
CA LEU D 146 24.98 36.78 2.74
C LEU D 146 23.73 37.64 2.66
N GLY D 147 23.68 38.69 3.47
CA GLY D 147 22.58 39.65 3.35
C GLY D 147 21.22 39.01 3.46
N THR D 148 20.33 39.37 2.54
CA THR D 148 18.94 38.93 2.55
C THR D 148 18.74 37.55 1.92
N HIS D 149 19.81 36.87 1.52
CA HIS D 149 19.65 35.52 0.96
C HIS D 149 19.07 34.57 2.00
N LEU D 150 19.61 34.58 3.22
CA LEU D 150 19.07 33.76 4.29
C LEU D 150 17.62 34.11 4.57
N ASP D 151 17.29 35.40 4.56
CA ASP D 151 15.90 35.82 4.75
C ASP D 151 15.01 35.24 3.66
N SER D 152 15.49 35.23 2.42
CA SER D 152 14.70 34.70 1.32
C SER D 152 14.44 33.22 1.51
N LEU D 153 15.46 32.47 1.94
CA LEU D 153 15.27 31.03 2.16
C LEU D 153 14.29 30.77 3.31
N ARG D 154 14.36 31.59 4.36
CA ARG D 154 13.42 31.42 5.48
C ARG D 154 12.00 31.75 5.04
N PHE D 155 11.84 32.80 4.23
CA PHE D 155 10.55 33.11 3.63
C PHE D 155 10.03 31.94 2.80
N LYS D 156 10.92 31.32 2.03
CA LYS D 156 10.57 30.12 1.27
C LYS D 156 9.98 29.06 2.20
N VAL D 157 10.65 28.81 3.33
CA VAL D 157 10.15 27.81 4.27
C VAL D 157 8.74 28.17 4.73
N GLU D 158 8.53 29.42 5.16
CA GLU D 158 7.22 29.81 5.68
C GLU D 158 6.13 29.56 4.63
N ILE D 159 6.38 29.99 3.39
CA ILE D 159 5.38 29.86 2.34
C ILE D 159 5.10 28.38 2.05
N ALA D 160 6.16 27.60 1.87
CA ALA D 160 6.00 26.19 1.55
C ALA D 160 5.20 25.47 2.62
N LYS D 161 5.49 25.75 3.89
CA LYS D 161 4.78 25.03 4.94
C LYS D 161 3.34 25.52 5.08
N PHE D 162 3.07 26.81 4.80
CA PHE D 162 1.70 27.26 4.83
C PHE D 162 0.86 26.54 3.77
N PHE D 163 1.35 26.50 2.53
CA PHE D 163 0.58 25.88 1.46
C PHE D 163 0.81 24.38 1.36
N GLY D 164 1.69 23.80 2.18
CA GLY D 164 1.93 22.37 2.18
C GLY D 164 2.56 21.84 0.91
N VAL D 165 3.63 22.49 0.44
CA VAL D 165 4.34 22.07 -0.76
C VAL D 165 5.81 21.82 -0.42
N HIS D 166 6.45 21.03 -1.28
CA HIS D 166 7.89 20.84 -1.22
C HIS D 166 8.58 22.19 -1.13
N ILE D 167 9.59 22.29 -0.24
CA ILE D 167 10.23 23.58 -0.02
C ILE D 167 10.85 24.11 -1.30
N ASP D 168 11.47 23.23 -2.09
CA ASP D 168 12.11 23.64 -3.34
C ASP D 168 11.11 24.10 -4.39
N GLU D 169 9.81 23.92 -4.17
CA GLU D 169 8.83 24.42 -5.11
C GLU D 169 8.69 25.94 -5.03
N VAL D 170 9.07 26.55 -3.93
CA VAL D 170 8.89 27.98 -3.72
C VAL D 170 10.19 28.71 -4.04
N ARG D 171 10.06 29.85 -4.70
CA ARG D 171 11.17 30.77 -4.89
C ARG D 171 10.70 32.17 -4.50
N THR D 172 11.58 32.92 -3.84
CA THR D 172 11.27 34.29 -3.46
C THR D 172 12.57 35.06 -3.31
N ARG D 173 12.45 36.38 -3.41
CA ARG D 173 13.61 37.27 -3.29
C ARG D 173 13.28 38.40 -2.34
N ILE D 174 14.19 38.65 -1.40
CA ILE D 174 14.09 39.76 -0.46
C ILE D 174 15.31 40.64 -0.67
N ILE D 175 15.08 41.96 -0.73
CA ILE D 175 16.15 42.92 -0.99
C ILE D 175 16.20 43.91 0.17
N GLY D 176 17.29 44.67 0.21
CA GLY D 176 17.48 45.67 1.24
C GLY D 176 18.30 45.18 2.41
N GLU D 177 17.94 45.63 3.60
CA GLU D 177 18.71 45.33 4.80
C GLU D 177 18.35 43.94 5.34
N HIS D 178 19.38 43.23 5.80
CA HIS D 178 19.18 42.03 6.62
C HIS D 178 18.69 42.46 7.99
N GLY D 179 17.45 42.94 8.05
CA GLY D 179 16.90 43.45 9.29
C GLY D 179 15.43 43.81 9.14
N ASP D 180 14.98 44.71 10.02
CA ASP D 180 13.55 45.02 10.09
C ASP D 180 13.05 45.79 8.86
N THR D 181 13.94 46.37 8.07
CA THR D 181 13.56 47.12 6.88
C THR D 181 13.63 46.30 5.60
N MET D 182 13.79 44.99 5.70
CA MET D 182 13.87 44.14 4.51
C MET D 182 12.58 44.27 3.69
N VAL D 183 12.73 44.16 2.38
CA VAL D 183 11.63 44.35 1.44
C VAL D 183 11.37 43.02 0.73
N PRO D 184 10.35 42.27 1.15
CA PRO D 184 9.97 41.08 0.38
C PRO D 184 9.36 41.46 -0.96
N LEU D 185 9.77 40.73 -2.00
CA LEU D 185 9.29 40.97 -3.36
C LEU D 185 8.24 39.91 -3.67
N ILE D 186 6.98 40.23 -3.34
CA ILE D 186 5.88 39.34 -3.68
C ILE D 186 5.72 39.24 -5.19
N SER D 187 6.06 40.31 -5.91
CA SER D 187 6.02 40.27 -7.37
C SER D 187 6.99 39.24 -7.94
N SER D 188 7.95 38.77 -7.15
CA SER D 188 8.90 37.75 -7.56
C SER D 188 8.87 36.55 -6.61
N THR D 189 7.70 36.25 -6.08
CA THR D 189 7.46 35.04 -5.31
C THR D 189 6.63 34.08 -6.17
N SER D 190 6.98 32.80 -6.12
CA SER D 190 6.36 31.83 -7.02
C SER D 190 6.33 30.45 -6.37
N ILE D 191 5.38 29.64 -6.84
CA ILE D 191 5.24 28.25 -6.46
C ILE D 191 5.14 27.46 -7.76
N GLY D 192 6.06 26.51 -7.95
CA GLY D 192 6.11 25.76 -9.21
C GLY D 192 6.39 26.61 -10.42
N GLY D 193 7.06 27.74 -10.25
CA GLY D 193 7.24 28.70 -11.32
C GLY D 193 6.04 29.61 -11.55
N ILE D 194 4.95 29.39 -10.83
CA ILE D 194 3.72 30.16 -10.98
C ILE D 194 3.78 31.36 -10.03
N PRO D 195 3.58 32.59 -10.50
CA PRO D 195 3.50 33.72 -9.56
C PRO D 195 2.48 33.42 -8.47
N ILE D 196 2.85 33.73 -7.22
CA ILE D 196 1.97 33.42 -6.11
C ILE D 196 0.68 34.20 -6.21
N THR D 197 0.73 35.39 -6.83
CA THR D 197 -0.47 36.21 -7.01
C THR D 197 -1.42 35.64 -8.05
N ARG D 198 -1.05 34.57 -8.75
CA ARG D 198 -1.94 33.89 -9.69
C ARG D 198 -2.68 32.73 -9.04
N PHE D 199 -2.51 32.51 -7.74
CA PHE D 199 -3.24 31.49 -7.00
C PHE D 199 -4.39 32.14 -6.24
N LYS D 200 -5.58 31.55 -6.35
CA LYS D 200 -6.72 32.07 -5.61
C LYS D 200 -6.48 32.03 -4.12
N SER D 201 -5.69 31.05 -3.65
CA SER D 201 -5.39 30.90 -2.24
C SER D 201 -4.39 31.92 -1.72
N PHE D 202 -3.82 32.75 -2.60
CA PHE D 202 -2.90 33.78 -2.12
C PHE D 202 -3.56 34.70 -1.10
N LYS D 203 -4.87 34.97 -1.27
CA LYS D 203 -5.58 35.80 -0.31
C LYS D 203 -5.53 35.23 1.10
N ASP D 204 -5.34 33.91 1.22
CA ASP D 204 -5.32 33.25 2.52
C ASP D 204 -3.97 33.32 3.21
N LEU D 205 -2.93 33.76 2.51
CA LEU D 205 -1.58 33.79 3.07
C LEU D 205 -1.47 34.89 4.12
N PRO D 206 -1.18 34.56 5.38
CA PRO D 206 -0.96 35.62 6.40
C PRO D 206 0.40 36.28 6.24
N LEU D 207 0.49 37.18 5.27
CA LEU D 207 1.79 37.68 4.83
C LEU D 207 2.50 38.44 5.93
N LYS D 208 1.77 39.29 6.68
CA LYS D 208 2.41 40.08 7.74
C LYS D 208 3.00 39.18 8.82
N ASP D 209 2.24 38.18 9.26
CA ASP D 209 2.76 37.24 10.25
C ASP D 209 4.00 36.53 9.74
N ILE D 210 4.00 36.11 8.47
CA ILE D 210 5.13 35.35 7.92
C ILE D 210 6.37 36.23 7.85
N ILE D 211 6.21 37.48 7.40
CA ILE D 211 7.36 38.37 7.31
C ILE D 211 7.90 38.68 8.70
N GLU D 212 7.02 38.90 9.68
CA GLU D 212 7.48 39.09 11.05
C GLU D 212 8.23 37.86 11.55
N ASN D 213 7.72 36.66 11.23
CA ASN D 213 8.42 35.43 11.59
C ASN D 213 9.83 35.43 11.03
N VAL D 214 9.97 35.76 9.74
CA VAL D 214 11.30 35.80 9.14
C VAL D 214 12.18 36.81 9.86
N LYS D 215 11.65 38.01 10.12
CA LYS D 215 12.47 39.05 10.74
C LYS D 215 12.97 38.65 12.11
N ASN D 216 12.19 37.86 12.86
CA ASN D 216 12.52 37.48 14.22
C ASN D 216 13.13 36.09 14.33
N LYS D 217 13.38 35.40 13.20
CA LYS D 217 13.75 33.99 13.28
C LYS D 217 15.12 33.80 13.95
N GLY D 218 16.09 34.67 13.65
CA GLY D 218 17.39 34.54 14.28
C GLY D 218 17.29 34.55 15.80
N SER D 219 16.53 35.50 16.34
CA SER D 219 16.36 35.57 17.80
C SER D 219 15.63 34.34 18.32
N LYS D 220 14.62 33.87 17.58
CA LYS D 220 13.87 32.69 18.00
C LYS D 220 14.79 31.48 18.12
N ILE D 221 15.66 31.27 17.12
CA ILE D 221 16.55 30.12 17.17
C ILE D 221 17.61 30.32 18.26
N ILE D 222 18.06 31.55 18.49
CA ILE D 222 18.96 31.82 19.61
C ILE D 222 18.31 31.38 20.92
N ALA D 223 17.05 31.74 21.10
CA ALA D 223 16.38 31.40 22.36
C ALA D 223 16.08 29.92 22.48
N LEU D 224 15.83 29.24 21.36
CA LEU D 224 15.43 27.84 21.43
C LEU D 224 16.62 26.90 21.52
N LYS D 225 17.61 27.05 20.64
CA LYS D 225 18.73 26.11 20.60
C LYS D 225 20.09 26.79 20.75
N GLY D 226 20.13 28.09 21.01
CA GLY D 226 21.39 28.78 21.19
C GLY D 226 21.91 29.48 19.95
N GLY D 227 21.20 29.40 18.83
CA GLY D 227 21.59 30.14 17.64
C GLY D 227 21.61 29.28 16.40
N SER D 228 21.44 29.93 15.24
CA SER D 228 21.40 29.22 13.98
C SER D 228 22.75 28.57 13.67
N GLU D 229 22.70 27.50 12.88
CA GLU D 229 23.91 26.73 12.57
C GLU D 229 23.83 26.20 11.15
N PHE D 230 22.88 25.30 10.89
CA PHE D 230 22.82 24.62 9.61
C PHE D 230 22.21 25.51 8.52
N GLY D 231 21.23 26.34 8.88
CA GLY D 231 20.60 27.21 7.92
C GLY D 231 21.59 28.13 7.22
N PRO D 232 22.30 28.94 8.02
CA PRO D 232 23.34 29.80 7.44
C PRO D 232 24.37 29.04 6.63
N ALA D 233 24.84 27.91 7.14
CA ALA D 233 25.87 27.15 6.44
C ALA D 233 25.37 26.66 5.09
N ALA D 234 24.11 26.22 5.02
CA ALA D 234 23.55 25.76 3.75
C ALA D 234 23.32 26.90 2.78
N ALA D 235 22.92 28.08 3.28
CA ALA D 235 22.80 29.24 2.40
C ALA D 235 24.15 29.60 1.80
N VAL D 236 25.20 29.56 2.62
CA VAL D 236 26.55 29.76 2.09
C VAL D 236 26.89 28.70 1.05
N LEU D 237 26.54 27.45 1.34
CA LEU D 237 26.79 26.37 0.38
C LEU D 237 26.13 26.66 -0.96
N ASN D 238 24.89 27.15 -0.93
CA ASN D 238 24.17 27.49 -2.17
C ASN D 238 24.92 28.56 -2.96
N VAL D 239 25.34 29.63 -2.28
CA VAL D 239 26.11 30.67 -2.97
C VAL D 239 27.40 30.11 -3.54
N VAL D 240 28.12 29.30 -2.76
CA VAL D 240 29.41 28.79 -3.20
C VAL D 240 29.24 27.85 -4.38
N ARG D 241 28.13 27.11 -4.42
CA ARG D 241 27.87 26.26 -5.57
C ARG D 241 27.68 27.11 -6.82
N SER D 242 27.03 28.27 -6.69
CA SER D 242 26.94 29.13 -7.86
C SER D 242 28.32 29.64 -8.26
N ILE D 243 29.18 29.93 -7.28
CA ILE D 243 30.51 30.46 -7.60
C ILE D 243 31.37 29.41 -8.29
N ALA D 244 31.36 28.18 -7.78
CA ALA D 244 32.33 27.17 -8.20
C ALA D 244 32.22 26.87 -9.69
N ASN D 245 31.01 26.77 -10.21
CA ASN D 245 30.79 26.43 -11.61
C ASN D 245 30.28 27.60 -12.43
N ASN D 246 30.46 28.83 -11.93
CA ASN D 246 30.17 30.05 -12.69
C ASN D 246 28.75 30.00 -13.25
N GLU D 247 27.79 29.66 -12.40
CA GLU D 247 26.40 29.52 -12.82
C GLU D 247 25.71 30.87 -13.00
N ASN D 248 26.27 31.94 -12.45
CA ASN D 248 25.65 33.26 -12.50
C ASN D 248 24.21 33.21 -11.97
N ARG D 249 24.00 32.42 -10.92
CA ARG D 249 22.68 32.33 -10.31
C ARG D 249 22.21 33.71 -9.88
N LEU D 250 20.91 33.96 -10.07
CA LEU D 250 20.29 35.21 -9.63
C LEU D 250 19.84 35.03 -8.18
N LEU D 251 20.60 35.62 -7.26
CA LEU D 251 20.31 35.58 -5.83
C LEU D 251 20.28 37.00 -5.29
N THR D 252 19.94 37.16 -4.01
CA THR D 252 19.99 38.45 -3.33
C THR D 252 21.13 38.40 -2.32
N LEU D 253 22.20 39.13 -2.59
CA LEU D 253 23.35 39.21 -1.71
C LEU D 253 23.71 40.67 -1.48
N SER D 254 24.33 40.94 -0.34
CA SER D 254 24.75 42.29 -0.02
C SER D 254 26.04 42.62 -0.78
N THR D 255 26.07 43.79 -1.41
CA THR D 255 27.28 44.23 -2.10
C THR D 255 27.24 45.75 -2.24
N TYR D 256 28.39 46.32 -2.58
CA TYR D 256 28.54 47.77 -2.61
C TYR D 256 27.85 48.37 -3.81
N LEU D 257 27.10 49.44 -3.58
CA LEU D 257 26.37 50.14 -4.63
C LEU D 257 27.14 51.39 -5.04
N ASP D 258 27.31 51.55 -6.35
CA ASP D 258 28.05 52.65 -6.95
C ASP D 258 27.24 53.27 -8.09
N GLY D 259 25.95 53.49 -7.82
CA GLY D 259 25.05 54.11 -8.77
C GLY D 259 23.80 53.31 -9.07
N GLU D 260 23.83 51.99 -8.86
CA GLU D 260 22.67 51.16 -9.19
C GLU D 260 21.48 51.57 -8.33
N PHE D 261 20.32 51.69 -8.97
CA PHE D 261 19.07 52.06 -8.30
C PHE D 261 19.14 53.46 -7.71
N GLY D 262 20.10 54.27 -8.15
CA GLY D 262 20.21 55.63 -7.67
C GLY D 262 20.82 55.79 -6.29
N PHE D 263 21.61 54.82 -5.84
CA PHE D 263 22.24 54.87 -4.53
C PHE D 263 23.74 54.64 -4.69
N SER D 264 24.50 55.10 -3.70
CA SER D 264 25.95 54.95 -3.71
C SER D 264 26.46 54.87 -2.28
N ASP D 265 27.67 54.33 -2.13
CA ASP D 265 28.39 54.38 -0.86
C ASP D 265 27.63 53.63 0.22
N VAL D 266 27.15 52.43 -0.12
CA VAL D 266 26.34 51.63 0.80
C VAL D 266 26.39 50.19 0.32
N CYS D 267 26.23 49.26 1.25
CA CYS D 267 26.06 47.85 0.93
C CYS D 267 24.65 47.43 1.32
N ALA D 268 23.98 46.70 0.43
CA ALA D 268 22.63 46.24 0.72
C ALA D 268 22.32 45.03 -0.15
N GLY D 269 21.38 44.22 0.31
CA GLY D 269 20.91 43.08 -0.44
C GLY D 269 20.28 43.50 -1.75
N VAL D 270 20.82 43.04 -2.87
CA VAL D 270 20.28 43.37 -4.18
C VAL D 270 20.32 42.13 -5.05
N PRO D 271 19.48 42.07 -6.09
CA PRO D 271 19.60 40.97 -7.05
C PRO D 271 20.95 41.03 -7.75
N VAL D 272 21.65 39.90 -7.73
CA VAL D 272 22.99 39.79 -8.29
C VAL D 272 23.10 38.46 -9.01
N LYS D 273 24.00 38.43 -9.99
CA LYS D 273 24.46 37.18 -10.59
C LYS D 273 25.76 36.79 -9.89
N VAL D 274 25.83 35.54 -9.45
CA VAL D 274 26.95 35.04 -8.66
C VAL D 274 27.75 34.08 -9.53
N GLY D 275 29.01 34.44 -9.80
CA GLY D 275 29.86 33.63 -10.64
C GLY D 275 31.30 33.57 -10.15
N LYS D 276 32.17 32.93 -10.94
CA LYS D 276 33.54 32.70 -10.50
C LYS D 276 34.26 34.01 -10.16
N ASP D 277 33.85 35.11 -10.77
CA ASP D 277 34.50 36.40 -10.55
C ASP D 277 33.79 37.27 -9.52
N GLY D 278 32.67 36.81 -8.97
CA GLY D 278 32.00 37.53 -7.90
C GLY D 278 30.54 37.83 -8.27
N VAL D 279 30.07 38.98 -7.78
CA VAL D 279 28.66 39.38 -7.89
C VAL D 279 28.55 40.52 -8.89
N GLU D 280 27.54 40.44 -9.74
CA GLU D 280 27.20 41.49 -10.69
C GLU D 280 25.75 41.91 -10.45
N ILE D 281 25.56 43.19 -10.08
CA ILE D 281 24.22 43.66 -9.76
C ILE D 281 23.36 43.65 -11.02
N VAL D 282 22.12 43.21 -10.88
CA VAL D 282 21.16 43.15 -11.98
C VAL D 282 20.25 44.37 -11.82
N THR D 283 20.49 45.39 -12.65
CA THR D 283 19.63 46.57 -12.69
C THR D 283 18.48 46.42 -13.67
N ASP D 284 18.48 45.36 -14.48
CA ASP D 284 17.46 45.15 -15.50
C ASP D 284 16.10 44.78 -14.91
N ILE D 285 16.01 44.57 -13.61
CA ILE D 285 14.76 44.18 -12.95
C ILE D 285 13.99 45.43 -12.55
N VAL D 286 12.66 45.35 -12.66
CA VAL D 286 11.77 46.47 -12.40
C VAL D 286 10.95 46.16 -11.15
N PHE D 287 10.96 47.09 -10.20
CA PHE D 287 10.21 46.94 -8.96
C PHE D 287 8.90 47.72 -9.03
N SER D 288 7.93 47.28 -8.24
CA SER D 288 6.72 48.07 -8.08
C SER D 288 7.04 49.39 -7.40
N LYS D 289 6.15 50.36 -7.58
CA LYS D 289 6.28 51.66 -6.90
C LYS D 289 6.54 51.47 -5.42
N GLU D 290 5.73 50.63 -4.77
CA GLU D 290 5.83 50.44 -3.33
C GLU D 290 7.15 49.79 -2.95
N GLU D 291 7.56 48.78 -3.72
CA GLU D 291 8.80 48.06 -3.41
C GLU D 291 10.01 48.98 -3.53
N PHE D 292 10.03 49.85 -4.55
CA PHE D 292 11.15 50.77 -4.68
C PHE D 292 11.18 51.78 -3.54
N GLU D 293 10.01 52.29 -3.12
CA GLU D 293 9.99 53.18 -1.96
C GLU D 293 10.57 52.48 -0.73
N ALA D 294 10.13 51.24 -0.48
CA ALA D 294 10.61 50.50 0.68
C ALA D 294 12.11 50.26 0.61
N PHE D 295 12.61 49.94 -0.59
CA PHE D 295 14.03 49.70 -0.76
C PHE D 295 14.84 50.97 -0.49
N LYS D 296 14.33 52.13 -0.93
CA LYS D 296 15.00 53.39 -0.65
C LYS D 296 15.10 53.62 0.86
N TYR D 297 13.99 53.44 1.58
CA TYR D 297 14.02 53.59 3.03
C TYR D 297 15.07 52.67 3.65
N SER D 298 15.11 51.42 3.20
CA SER D 298 16.05 50.46 3.77
C SER D 298 17.50 50.87 3.50
N ILE D 299 17.77 51.38 2.29
CA ILE D 299 19.11 51.84 1.96
C ILE D 299 19.55 52.94 2.91
N GLU D 300 18.66 53.91 3.16
CA GLU D 300 19.00 54.98 4.10
C GLU D 300 19.31 54.42 5.48
N THR D 301 18.48 53.47 5.93
CA THR D 301 18.73 52.84 7.23
C THR D 301 20.13 52.26 7.29
N ILE D 302 20.54 51.54 6.23
CA ILE D 302 21.87 50.92 6.24
C ILE D 302 22.98 51.97 6.24
N LYS D 303 22.79 53.04 5.45
CA LYS D 303 23.84 54.05 5.36
C LYS D 303 24.08 54.72 6.71
N ARG D 304 23.05 54.82 7.55
CA ARG D 304 23.27 55.44 8.86
C ARG D 304 24.28 54.66 9.70
N TYR D 305 24.37 53.34 9.51
CA TYR D 305 25.40 52.57 10.21
C TYR D 305 26.74 52.66 9.47
N CYS D 306 26.70 52.52 8.15
CA CYS D 306 27.93 52.57 7.37
C CYS D 306 28.71 53.85 7.65
N GLU D 307 28.02 54.98 7.74
CA GLU D 307 28.71 56.25 8.02
C GLU D 307 29.38 56.22 9.39
N GLU D 308 28.76 55.56 10.37
CA GLU D 308 29.32 55.54 11.71
C GLU D 308 30.53 54.62 11.83
N ILE D 309 30.66 53.59 10.98
CA ILE D 309 31.78 52.66 11.13
C ILE D 309 32.80 52.76 10.01
N LYS D 310 32.65 53.69 9.07
CA LYS D 310 33.50 53.67 7.87
C LYS D 310 34.98 53.74 8.22
N GLU D 311 35.36 54.67 9.10
CA GLU D 311 36.77 54.98 9.34
C GLU D 311 37.31 54.38 10.64
N LEU D 312 36.64 53.36 11.19
CA LEU D 312 37.09 52.76 12.44
C LEU D 312 38.23 51.77 12.25
N MET E 1 -38.57 -25.29 6.59
CA MET E 1 -38.98 -25.51 5.18
C MET E 1 -38.52 -26.88 4.69
N LYS E 2 -39.37 -27.56 3.92
CA LYS E 2 -39.05 -28.85 3.34
C LYS E 2 -39.11 -28.75 1.82
N VAL E 3 -38.05 -29.22 1.17
CA VAL E 3 -37.89 -29.11 -0.27
C VAL E 3 -37.55 -30.48 -0.81
N SER E 4 -38.29 -30.90 -1.85
CA SER E 4 -37.96 -32.09 -2.61
C SER E 4 -37.43 -31.66 -3.97
N ILE E 5 -36.42 -32.38 -4.45
CA ILE E 5 -35.75 -32.08 -5.71
C ILE E 5 -35.80 -33.32 -6.58
N ILE E 6 -36.59 -33.28 -7.64
CA ILE E 6 -36.70 -34.37 -8.59
C ILE E 6 -35.76 -34.06 -9.74
N GLY E 7 -34.75 -34.90 -9.91
CA GLY E 7 -33.65 -34.62 -10.81
C GLY E 7 -32.36 -34.24 -10.12
N ALA E 8 -32.24 -34.48 -8.80
CA ALA E 8 -31.04 -34.14 -8.07
C ALA E 8 -29.83 -34.93 -8.53
N SER E 9 -30.01 -35.99 -9.32
CA SER E 9 -28.88 -36.74 -9.85
C SER E 9 -28.17 -36.02 -10.99
N GLY E 10 -28.86 -35.08 -11.65
CA GLY E 10 -28.21 -34.25 -12.65
C GLY E 10 -27.35 -33.17 -12.01
N LYS E 11 -26.64 -32.43 -12.86
CA LYS E 11 -25.70 -31.44 -12.33
C LYS E 11 -26.44 -30.26 -11.71
N VAL E 12 -27.41 -29.69 -12.43
CA VAL E 12 -28.17 -28.57 -11.90
C VAL E 12 -28.85 -28.96 -10.59
N GLY E 13 -29.47 -30.14 -10.56
CA GLY E 13 -30.16 -30.57 -9.35
C GLY E 13 -29.23 -30.82 -8.18
N SER E 14 -28.03 -31.36 -8.46
CA SER E 14 -27.07 -31.58 -7.38
C SER E 14 -26.59 -30.27 -6.80
N ALA E 15 -26.29 -29.29 -7.66
CA ALA E 15 -25.88 -27.98 -7.16
C ALA E 15 -27.00 -27.33 -6.35
N ILE E 16 -28.24 -27.45 -6.82
CA ILE E 16 -29.38 -26.93 -6.07
C ILE E 16 -29.46 -27.61 -4.71
N SER E 17 -29.30 -28.93 -4.67
CA SER E 17 -29.39 -29.64 -3.41
C SER E 17 -28.37 -29.12 -2.42
N PHE E 18 -27.11 -28.98 -2.88
CA PHE E 18 -26.08 -28.45 -2.01
C PHE E 18 -26.45 -27.07 -1.48
N LEU E 19 -26.77 -26.13 -2.38
CA LEU E 19 -27.06 -24.77 -1.96
C LEU E 19 -28.22 -24.73 -0.96
N LEU E 20 -29.32 -25.41 -1.27
CA LEU E 20 -30.50 -25.34 -0.40
C LEU E 20 -30.25 -26.02 0.93
N ALA E 21 -29.53 -27.15 0.94
CA ALA E 21 -29.19 -27.77 2.22
C ALA E 21 -28.41 -26.79 3.08
N ASN E 22 -27.61 -25.91 2.46
CA ASN E 22 -26.84 -24.96 3.26
C ASN E 22 -27.70 -23.89 3.91
N GLU E 23 -28.92 -23.65 3.42
CA GLU E 23 -29.74 -22.55 3.93
C GLU E 23 -30.30 -22.89 5.32
N PRO E 24 -30.21 -21.99 6.31
CA PRO E 24 -30.64 -22.36 7.67
C PRO E 24 -32.09 -22.78 7.77
N TYR E 25 -32.96 -22.25 6.91
CA TYR E 25 -34.38 -22.55 7.00
C TYR E 25 -34.75 -23.87 6.33
N VAL E 26 -33.87 -24.42 5.48
CA VAL E 26 -34.10 -25.72 4.86
C VAL E 26 -33.68 -26.78 5.87
N LYS E 27 -34.65 -27.32 6.61
CA LYS E 27 -34.37 -28.32 7.63
C LYS E 27 -34.40 -29.74 7.08
N GLU E 28 -35.21 -29.99 6.05
CA GLU E 28 -35.31 -31.31 5.45
C GLU E 28 -35.24 -31.17 3.94
N LEU E 29 -34.46 -32.04 3.31
CA LEU E 29 -34.28 -32.07 1.87
C LEU E 29 -34.50 -33.49 1.40
N VAL E 30 -35.28 -33.65 0.33
CA VAL E 30 -35.57 -34.97 -0.24
C VAL E 30 -35.03 -34.99 -1.65
N LEU E 31 -34.09 -35.89 -1.92
CA LEU E 31 -33.53 -36.10 -3.25
C LEU E 31 -34.26 -37.25 -3.93
N ILE E 32 -34.65 -37.04 -5.19
CA ILE E 32 -35.47 -38.00 -5.93
C ILE E 32 -34.84 -38.22 -7.30
N SER E 33 -34.76 -39.48 -7.72
CA SER E 33 -34.21 -39.83 -9.01
C SER E 33 -34.89 -41.10 -9.50
N ARG E 34 -34.56 -41.51 -10.72
CA ARG E 34 -34.94 -42.83 -11.19
C ARG E 34 -34.19 -43.90 -10.41
N GLU E 35 -34.73 -45.12 -10.42
CA GLU E 35 -34.20 -46.18 -9.58
C GLU E 35 -32.70 -46.37 -9.82
N LYS E 36 -32.30 -46.49 -11.08
CA LYS E 36 -30.91 -46.80 -11.40
C LYS E 36 -29.95 -45.78 -10.81
N SER E 37 -30.37 -44.52 -10.71
CA SER E 37 -29.51 -43.45 -10.24
C SER E 37 -29.54 -43.26 -8.72
N ILE E 38 -30.28 -44.09 -7.99
CA ILE E 38 -30.41 -43.88 -6.56
C ILE E 38 -29.04 -43.81 -5.89
N ASP E 39 -28.12 -44.69 -6.31
CA ASP E 39 -26.78 -44.69 -5.72
C ASP E 39 -26.13 -43.31 -5.84
N LYS E 40 -26.25 -42.68 -7.00
CA LYS E 40 -25.74 -41.32 -7.15
C LYS E 40 -26.22 -40.45 -5.99
N LEU E 41 -27.54 -40.44 -5.78
CA LEU E 41 -28.10 -39.61 -4.71
C LEU E 41 -27.43 -39.93 -3.38
N ARG E 42 -27.22 -41.21 -3.08
CA ARG E 42 -26.54 -41.54 -1.84
C ARG E 42 -25.22 -40.80 -1.74
N GLY E 43 -24.36 -40.96 -2.75
CA GLY E 43 -23.13 -40.21 -2.80
C GLY E 43 -23.40 -38.76 -2.51
N LEU E 44 -24.31 -38.16 -3.28
CA LEU E 44 -24.61 -36.74 -3.11
C LEU E 44 -24.86 -36.42 -1.66
N ARG E 45 -25.78 -37.15 -1.03
CA ARG E 45 -26.13 -36.86 0.36
C ARG E 45 -24.87 -36.80 1.21
N GLU E 46 -24.06 -37.87 1.16
CA GLU E 46 -22.86 -37.91 1.98
C GLU E 46 -22.00 -36.68 1.71
N ASP E 47 -21.74 -36.41 0.43
CA ASP E 47 -20.93 -35.25 0.07
C ASP E 47 -21.50 -34.00 0.72
N ILE E 48 -22.81 -33.78 0.57
CA ILE E 48 -23.40 -32.57 1.09
C ILE E 48 -23.19 -32.48 2.59
N TYR E 49 -23.39 -33.59 3.30
CA TYR E 49 -23.17 -33.58 4.74
C TYR E 49 -21.77 -33.09 5.05
N ASP E 50 -20.77 -33.65 4.36
CA ASP E 50 -19.40 -33.19 4.56
C ASP E 50 -19.31 -31.69 4.36
N ALA E 51 -19.88 -31.19 3.26
CA ALA E 51 -19.84 -29.77 2.98
C ALA E 51 -20.45 -28.97 4.13
N LEU E 52 -21.57 -29.45 4.69
CA LEU E 52 -22.21 -28.71 5.76
C LEU E 52 -21.29 -28.62 6.96
N ALA E 53 -20.53 -29.69 7.22
CA ALA E 53 -19.57 -29.67 8.32
C ALA E 53 -18.51 -28.61 8.09
N GLY E 54 -18.21 -28.28 6.83
CA GLY E 54 -17.29 -27.20 6.55
C GLY E 54 -17.92 -25.83 6.61
N THR E 55 -19.23 -25.74 6.37
CA THR E 55 -19.90 -24.45 6.32
C THR E 55 -20.53 -24.07 7.64
N LYS E 56 -20.55 -24.98 8.62
CA LYS E 56 -21.18 -24.77 9.91
C LYS E 56 -22.70 -24.71 9.80
N ARG E 57 -23.26 -25.45 8.85
CA ARG E 57 -24.69 -25.55 8.62
C ARG E 57 -25.15 -26.98 8.89
N ASP E 58 -26.45 -27.22 8.73
CA ASP E 58 -27.03 -28.49 9.11
C ASP E 58 -28.23 -28.79 8.24
N CYS E 59 -28.54 -30.07 8.09
CA CYS E 59 -29.72 -30.48 7.32
C CYS E 59 -29.96 -31.96 7.51
N GLU E 60 -31.19 -32.38 7.19
CA GLU E 60 -31.59 -33.79 7.18
C GLU E 60 -31.98 -34.15 5.75
N ILE E 61 -31.26 -35.09 5.16
CA ILE E 61 -31.42 -35.44 3.74
C ILE E 61 -31.95 -36.86 3.63
N ASN E 62 -33.00 -37.03 2.83
CA ASN E 62 -33.61 -38.32 2.53
C ASN E 62 -33.52 -38.57 1.03
N VAL E 63 -33.57 -39.85 0.65
CA VAL E 63 -33.44 -40.26 -0.74
C VAL E 63 -34.60 -41.18 -1.10
N SER E 64 -35.08 -41.07 -2.34
CA SER E 64 -36.17 -41.91 -2.82
C SER E 64 -36.10 -42.00 -4.33
N ASP E 65 -36.86 -42.95 -4.88
CA ASP E 65 -37.02 -43.10 -6.31
C ASP E 65 -38.22 -42.30 -6.79
N ASP E 66 -38.35 -42.19 -8.12
CA ASP E 66 -39.33 -41.30 -8.73
C ASP E 66 -40.70 -41.94 -8.93
N LYS E 67 -40.93 -43.13 -8.36
CA LYS E 67 -42.22 -43.80 -8.47
C LYS E 67 -42.96 -43.85 -7.14
N THR E 68 -42.30 -44.27 -6.06
CA THR E 68 -42.91 -44.18 -4.74
C THR E 68 -42.94 -42.75 -4.24
N LEU E 69 -41.95 -41.94 -4.61
CA LEU E 69 -41.85 -40.56 -4.15
C LEU E 69 -41.94 -40.49 -2.63
N LYS E 70 -41.27 -41.44 -1.96
CA LYS E 70 -41.21 -41.43 -0.50
C LYS E 70 -40.72 -40.08 0.00
N PHE E 71 -41.17 -39.71 1.21
CA PHE E 71 -40.70 -38.52 1.91
C PHE E 71 -41.19 -37.22 1.27
N LEU E 72 -41.82 -37.28 0.09
CA LEU E 72 -42.21 -36.04 -0.56
C LEU E 72 -43.41 -35.40 0.12
N ASP E 73 -44.29 -36.20 0.73
CA ASP E 73 -45.45 -35.64 1.41
C ASP E 73 -45.00 -34.68 2.51
N GLY E 74 -45.64 -33.53 2.57
CA GLY E 74 -45.27 -32.50 3.53
C GLY E 74 -44.25 -31.51 3.00
N SER E 75 -43.80 -31.65 1.76
CA SER E 75 -42.84 -30.72 1.19
C SER E 75 -43.49 -29.37 0.98
N ASP E 76 -42.84 -28.31 1.46
CA ASP E 76 -43.29 -26.97 1.14
C ASP E 76 -43.00 -26.62 -0.32
N LEU E 77 -41.99 -27.25 -0.91
CA LEU E 77 -41.65 -26.94 -2.29
C LEU E 77 -41.10 -28.19 -2.98
N VAL E 78 -41.38 -28.30 -4.28
CA VAL E 78 -40.85 -29.37 -5.11
C VAL E 78 -40.24 -28.74 -6.35
N ILE E 79 -38.93 -28.87 -6.50
CA ILE E 79 -38.20 -28.35 -7.64
C ILE E 79 -37.96 -29.52 -8.60
N ILE E 80 -38.28 -29.32 -9.87
CA ILE E 80 -38.12 -30.37 -10.88
C ILE E 80 -37.10 -29.91 -11.91
N THR E 81 -35.98 -30.63 -11.99
CA THR E 81 -34.97 -30.42 -13.03
C THR E 81 -34.86 -31.61 -13.97
N SER E 82 -35.67 -32.65 -13.79
CA SER E 82 -35.56 -33.85 -14.63
C SER E 82 -35.92 -33.53 -16.07
N GLY E 83 -35.09 -33.99 -17.00
CA GLY E 83 -35.33 -33.76 -18.41
C GLY E 83 -34.36 -34.54 -19.25
N VAL E 84 -34.78 -34.82 -20.48
CA VAL E 84 -33.96 -35.60 -21.41
C VAL E 84 -33.00 -34.67 -22.13
N PRO E 85 -31.75 -35.08 -22.36
CA PRO E 85 -30.81 -34.21 -23.09
C PRO E 85 -31.23 -34.07 -24.55
N ARG E 86 -31.20 -32.84 -25.05
CA ARG E 86 -31.53 -32.59 -26.45
C ARG E 86 -30.39 -33.08 -27.33
N THR E 87 -30.64 -34.11 -28.11
CA THR E 87 -29.65 -34.58 -29.06
C THR E 87 -29.62 -33.67 -30.28
N PRO E 88 -28.55 -33.73 -31.08
CA PRO E 88 -28.42 -32.79 -32.21
C PRO E 88 -29.56 -32.86 -33.20
N GLU E 89 -30.27 -34.00 -33.30
CA GLU E 89 -31.33 -34.12 -34.28
C GLU E 89 -32.70 -33.72 -33.72
N MET E 90 -32.89 -33.82 -32.42
CA MET E 90 -34.18 -33.50 -31.82
C MET E 90 -34.57 -32.06 -32.12
N SER E 91 -35.81 -31.88 -32.54
CA SER E 91 -36.36 -30.55 -32.70
C SER E 91 -36.84 -30.02 -31.34
N ARG E 92 -37.09 -28.72 -31.29
CA ARG E 92 -37.60 -28.14 -30.03
C ARG E 92 -38.94 -28.74 -29.65
N LEU E 93 -39.77 -29.06 -30.65
CA LEU E 93 -41.09 -29.63 -30.36
C LEU E 93 -40.95 -31.06 -29.83
N ASP E 94 -40.05 -31.85 -30.42
CA ASP E 94 -39.84 -33.21 -29.93
C ASP E 94 -39.44 -33.22 -28.46
N LEU E 95 -38.43 -32.42 -28.13
CA LEU E 95 -38.00 -32.28 -26.74
C LEU E 95 -39.16 -31.80 -25.87
N ALA E 96 -39.93 -30.84 -26.36
CA ALA E 96 -41.07 -30.37 -25.60
C ALA E 96 -42.01 -31.52 -25.25
N LYS E 97 -42.28 -32.40 -26.21
CA LYS E 97 -43.22 -33.48 -25.95
C LYS E 97 -42.67 -34.50 -24.95
N VAL E 98 -41.41 -34.89 -25.12
CA VAL E 98 -40.81 -35.87 -24.21
C VAL E 98 -40.80 -35.32 -22.79
N ASN E 99 -40.25 -34.11 -22.61
CA ASN E 99 -40.23 -33.52 -21.29
C ASN E 99 -41.63 -33.23 -20.78
N ALA E 100 -42.59 -33.02 -21.68
CA ALA E 100 -43.97 -32.82 -21.26
C ALA E 100 -44.51 -34.08 -20.61
N LYS E 101 -44.26 -35.24 -21.22
CA LYS E 101 -44.65 -36.49 -20.59
C LYS E 101 -44.03 -36.61 -19.20
N ILE E 102 -42.73 -36.34 -19.11
CA ILE E 102 -42.05 -36.47 -17.81
C ILE E 102 -42.70 -35.55 -16.77
N ILE E 103 -42.82 -34.27 -17.10
CA ILE E 103 -43.32 -33.27 -16.15
C ILE E 103 -44.77 -33.56 -15.78
N GLY E 104 -45.60 -33.93 -16.75
CA GLY E 104 -46.99 -34.22 -16.44
C GLY E 104 -47.13 -35.42 -15.54
N ASN E 105 -46.34 -36.48 -15.79
CA ASN E 105 -46.37 -37.63 -14.90
C ASN E 105 -46.04 -37.22 -13.48
N TYR E 106 -44.92 -36.50 -13.30
CA TYR E 106 -44.54 -36.09 -11.97
C TYR E 106 -45.60 -35.20 -11.32
N ALA E 107 -46.20 -34.30 -12.11
CA ALA E 107 -47.20 -33.40 -11.55
C ALA E 107 -48.43 -34.16 -11.07
N LYS E 108 -48.90 -35.12 -11.87
CA LYS E 108 -50.06 -35.91 -11.46
C LYS E 108 -49.75 -36.70 -10.19
N LYS E 109 -48.59 -37.37 -10.15
CA LYS E 109 -48.25 -38.14 -8.95
C LYS E 109 -48.17 -37.24 -7.72
N ILE E 110 -47.47 -36.11 -7.85
CA ILE E 110 -47.34 -35.18 -6.73
C ILE E 110 -48.71 -34.72 -6.26
N ALA E 111 -49.58 -34.32 -7.19
CA ALA E 111 -50.92 -33.92 -6.80
C ALA E 111 -51.66 -35.03 -6.09
N GLU E 112 -51.38 -36.29 -6.45
CA GLU E 112 -51.98 -37.40 -5.73
C GLU E 112 -51.48 -37.49 -4.29
N ILE E 113 -50.23 -37.12 -4.04
CA ILE E 113 -49.71 -37.21 -2.67
C ILE E 113 -50.22 -36.05 -1.81
N CYS E 114 -50.03 -34.81 -2.25
CA CYS E 114 -50.41 -33.66 -1.46
C CYS E 114 -50.50 -32.42 -2.36
N GLU E 115 -50.80 -31.29 -1.74
CA GLU E 115 -50.76 -29.99 -2.41
C GLU E 115 -49.51 -29.25 -1.97
N THR E 116 -48.79 -28.67 -2.93
CA THR E 116 -47.52 -28.02 -2.66
C THR E 116 -47.24 -27.02 -3.77
N LYS E 117 -46.09 -26.36 -3.68
CA LYS E 117 -45.62 -25.47 -4.74
C LYS E 117 -44.67 -26.24 -5.64
N LEU E 118 -44.78 -25.98 -6.95
CA LEU E 118 -43.96 -26.64 -7.97
C LEU E 118 -43.08 -25.60 -8.65
N PHE E 119 -41.78 -25.81 -8.61
CA PHE E 119 -40.79 -24.92 -9.22
C PHE E 119 -40.15 -25.68 -10.38
N ILE E 120 -40.53 -25.31 -11.60
CA ILE E 120 -40.14 -26.04 -12.80
C ILE E 120 -38.87 -25.41 -13.37
N ILE E 121 -37.84 -26.22 -13.57
CA ILE E 121 -36.62 -25.81 -14.22
C ILE E 121 -36.46 -26.47 -15.59
N THR E 122 -37.02 -27.66 -15.78
CA THR E 122 -36.85 -28.40 -17.03
C THR E 122 -37.22 -27.53 -18.23
N ASN E 123 -36.41 -27.63 -19.32
CA ASN E 123 -36.67 -26.87 -20.53
C ASN E 123 -37.50 -27.67 -21.52
N PRO E 124 -38.28 -27.01 -22.40
CA PRO E 124 -38.61 -25.57 -22.44
C PRO E 124 -39.39 -25.15 -21.20
N VAL E 125 -38.84 -24.22 -20.43
CA VAL E 125 -39.32 -23.99 -19.06
C VAL E 125 -40.75 -23.45 -19.06
N ASP E 126 -41.12 -22.64 -20.05
CA ASP E 126 -42.45 -22.05 -20.06
C ASP E 126 -43.53 -23.12 -20.32
N VAL E 127 -43.32 -23.96 -21.33
CA VAL E 127 -44.34 -24.94 -21.65
C VAL E 127 -44.34 -26.07 -20.63
N MET E 128 -43.19 -26.38 -20.04
CA MET E 128 -43.16 -27.36 -18.95
C MET E 128 -43.90 -26.82 -17.73
N THR E 129 -43.76 -25.52 -17.45
CA THR E 129 -44.55 -24.90 -16.39
C THR E 129 -46.05 -25.01 -16.69
N TYR E 130 -46.43 -24.74 -17.94
CA TYR E 130 -47.82 -24.90 -18.37
C TYR E 130 -48.31 -26.32 -18.12
N LYS E 131 -47.53 -27.31 -18.55
CA LYS E 131 -47.90 -28.71 -18.41
C LYS E 131 -48.07 -29.07 -16.93
N ALA E 132 -47.10 -28.67 -16.10
CA ALA E 132 -47.20 -28.92 -14.68
C ALA E 132 -48.47 -28.30 -14.10
N TYR E 133 -48.79 -27.07 -14.50
CA TYR E 133 -49.99 -26.43 -13.99
C TYR E 133 -51.23 -27.23 -14.34
N ILE E 134 -51.40 -27.57 -15.63
CA ILE E 134 -52.65 -28.19 -16.04
C ILE E 134 -52.79 -29.60 -15.46
N ASP E 135 -51.68 -30.34 -15.36
CA ASP E 135 -51.80 -31.72 -14.88
C ASP E 135 -51.86 -31.81 -13.37
N SER E 136 -51.22 -30.89 -12.65
CA SER E 136 -51.32 -30.90 -11.20
C SER E 136 -52.69 -30.46 -10.72
N LYS E 137 -53.41 -29.68 -11.53
CA LYS E 137 -54.68 -29.08 -11.12
C LYS E 137 -54.50 -28.22 -9.87
N PHE E 138 -53.29 -27.70 -9.65
CA PHE E 138 -53.04 -26.79 -8.56
C PHE E 138 -53.47 -25.38 -8.92
N GLU E 139 -53.66 -24.56 -7.89
CA GLU E 139 -53.88 -23.13 -8.12
C GLU E 139 -52.69 -22.55 -8.85
N ARG E 140 -52.94 -21.61 -9.76
CA ARG E 140 -51.89 -21.13 -10.65
C ARG E 140 -50.76 -20.45 -9.90
N ASN E 141 -51.07 -19.78 -8.79
CA ASN E 141 -50.02 -19.11 -8.03
C ASN E 141 -49.03 -20.08 -7.40
N LYS E 142 -49.36 -21.37 -7.36
CA LYS E 142 -48.50 -22.37 -6.74
C LYS E 142 -47.64 -23.12 -7.75
N VAL E 143 -47.71 -22.76 -9.03
CA VAL E 143 -46.93 -23.42 -10.08
C VAL E 143 -46.18 -22.32 -10.85
N PHE E 144 -44.86 -22.43 -10.89
CA PHE E 144 -44.03 -21.41 -11.53
C PHE E 144 -42.72 -22.06 -11.96
N GLY E 145 -42.08 -21.44 -12.95
CA GLY E 145 -40.80 -21.90 -13.43
C GLY E 145 -39.77 -20.78 -13.43
N LEU E 146 -38.51 -21.18 -13.50
CA LEU E 146 -37.42 -20.21 -13.48
C LEU E 146 -37.56 -19.21 -14.61
N GLY E 147 -37.96 -19.68 -15.79
CA GLY E 147 -38.28 -18.77 -16.88
C GLY E 147 -37.14 -17.82 -17.19
N THR E 148 -37.48 -16.55 -17.33
CA THR E 148 -36.53 -15.52 -17.74
C THR E 148 -35.70 -14.96 -16.60
N HIS E 149 -35.86 -15.47 -15.38
CA HIS E 149 -35.06 -15.00 -14.26
C HIS E 149 -33.57 -15.20 -14.53
N LEU E 150 -33.20 -16.41 -14.95
CA LEU E 150 -31.79 -16.67 -15.29
C LEU E 150 -31.31 -15.77 -16.41
N ASP E 151 -32.17 -15.52 -17.41
CA ASP E 151 -31.82 -14.58 -18.47
C ASP E 151 -31.56 -13.19 -17.90
N SER E 152 -32.37 -12.80 -16.91
CA SER E 152 -32.19 -11.49 -16.30
C SER E 152 -30.85 -11.40 -15.58
N LEU E 153 -30.48 -12.47 -14.87
CA LEU E 153 -29.19 -12.46 -14.18
C LEU E 153 -28.01 -12.46 -15.17
N ARG E 154 -28.15 -13.18 -16.28
CA ARG E 154 -27.08 -13.18 -17.29
C ARG E 154 -26.96 -11.81 -17.94
N PHE E 155 -28.10 -11.16 -18.23
CA PHE E 155 -28.07 -9.79 -18.72
C PHE E 155 -27.39 -8.87 -17.71
N LYS E 156 -27.68 -9.08 -16.43
CA LYS E 156 -27.02 -8.29 -15.38
C LYS E 156 -25.51 -8.43 -15.47
N VAL E 157 -25.04 -9.67 -15.62
CA VAL E 157 -23.60 -9.90 -15.73
C VAL E 157 -23.04 -9.13 -16.92
N GLU E 158 -23.69 -9.25 -18.08
CA GLU E 158 -23.20 -8.55 -19.27
C GLU E 158 -23.06 -7.05 -19.01
N ILE E 159 -24.10 -6.43 -18.47
CA ILE E 159 -24.08 -4.99 -18.24
C ILE E 159 -22.98 -4.63 -17.26
N ALA E 160 -22.92 -5.34 -16.13
CA ALA E 160 -21.94 -5.03 -15.10
C ALA E 160 -20.53 -5.14 -15.63
N LYS E 161 -20.23 -6.19 -16.40
CA LYS E 161 -18.87 -6.36 -16.91
C LYS E 161 -18.55 -5.34 -17.99
N PHE E 162 -19.54 -4.92 -18.78
CA PHE E 162 -19.25 -3.88 -19.77
C PHE E 162 -18.88 -2.57 -19.09
N PHE E 163 -19.69 -2.13 -18.12
CA PHE E 163 -19.41 -0.85 -17.47
C PHE E 163 -18.40 -0.98 -16.33
N GLY E 164 -17.95 -2.19 -16.01
CA GLY E 164 -16.96 -2.37 -14.96
C GLY E 164 -17.46 -2.01 -13.58
N VAL E 165 -18.59 -2.60 -13.18
CA VAL E 165 -19.16 -2.36 -11.86
C VAL E 165 -19.43 -3.70 -11.18
N HIS E 166 -19.54 -3.64 -9.85
CA HIS E 166 -19.96 -4.78 -9.07
C HIS E 166 -21.26 -5.35 -9.65
N ILE E 167 -21.33 -6.68 -9.76
CA ILE E 167 -22.48 -7.30 -10.40
C ILE E 167 -23.78 -6.91 -9.70
N ASP E 168 -23.77 -6.96 -8.36
CA ASP E 168 -24.98 -6.64 -7.59
C ASP E 168 -25.42 -5.19 -7.75
N GLU E 169 -24.60 -4.34 -8.36
CA GLU E 169 -25.03 -2.97 -8.62
C GLU E 169 -26.11 -2.90 -9.69
N VAL E 170 -26.20 -3.91 -10.55
CA VAL E 170 -27.10 -3.87 -11.70
C VAL E 170 -28.36 -4.64 -11.37
N ARG E 171 -29.49 -4.14 -11.87
CA ARG E 171 -30.75 -4.84 -11.82
C ARG E 171 -31.41 -4.74 -13.18
N THR E 172 -31.98 -5.84 -13.64
CA THR E 172 -32.67 -5.87 -14.93
C THR E 172 -33.73 -6.96 -14.89
N ARG E 173 -34.75 -6.79 -15.72
CA ARG E 173 -35.86 -7.73 -15.81
C ARG E 173 -36.12 -8.04 -17.28
N ILE E 174 -36.15 -9.33 -17.60
CA ILE E 174 -36.51 -9.81 -18.93
C ILE E 174 -37.81 -10.61 -18.80
N ILE E 175 -38.76 -10.35 -19.69
CA ILE E 175 -40.06 -10.98 -19.66
C ILE E 175 -40.25 -11.81 -20.92
N GLY E 176 -41.35 -12.57 -20.96
CA GLY E 176 -41.67 -13.41 -22.10
C GLY E 176 -41.03 -14.78 -22.05
N GLU E 177 -40.57 -15.26 -23.20
CA GLU E 177 -40.09 -16.62 -23.34
C GLU E 177 -38.64 -16.75 -22.87
N HIS E 178 -38.35 -17.89 -22.23
CA HIS E 178 -36.97 -18.32 -21.99
C HIS E 178 -36.39 -18.83 -23.31
N GLY E 179 -36.21 -17.91 -24.24
CA GLY E 179 -35.76 -18.27 -25.56
C GLY E 179 -35.48 -17.05 -26.41
N ASP E 180 -35.48 -17.26 -27.72
CA ASP E 180 -35.05 -16.21 -28.65
C ASP E 180 -36.06 -15.08 -28.79
N THR E 181 -37.25 -15.20 -28.20
CA THR E 181 -38.24 -14.14 -28.23
C THR E 181 -38.30 -13.37 -26.92
N MET E 182 -37.33 -13.55 -26.03
CA MET E 182 -37.32 -12.83 -24.76
C MET E 182 -37.27 -11.33 -25.00
N VAL E 183 -37.92 -10.58 -24.11
CA VAL E 183 -38.05 -9.14 -24.23
C VAL E 183 -37.30 -8.48 -23.09
N PRO E 184 -36.07 -8.00 -23.30
CA PRO E 184 -35.38 -7.26 -22.23
C PRO E 184 -36.04 -5.91 -21.99
N LEU E 185 -36.26 -5.58 -20.72
CA LEU E 185 -36.89 -4.33 -20.33
C LEU E 185 -35.80 -3.33 -19.95
N ILE E 186 -35.37 -2.55 -20.95
CA ILE E 186 -34.42 -1.47 -20.66
C ILE E 186 -35.05 -0.44 -19.76
N SER E 187 -36.37 -0.25 -19.87
CA SER E 187 -37.08 0.70 -19.01
C SER E 187 -36.95 0.34 -17.53
N SER E 188 -36.64 -0.91 -17.22
CA SER E 188 -36.52 -1.38 -15.84
C SER E 188 -35.11 -1.91 -15.57
N THR E 189 -34.11 -1.35 -16.24
CA THR E 189 -32.72 -1.67 -16.00
C THR E 189 -32.05 -0.48 -15.31
N SER E 190 -31.21 -0.77 -14.32
CA SER E 190 -30.64 0.28 -13.49
C SER E 190 -29.27 -0.13 -12.99
N ILE E 191 -28.47 0.89 -12.66
CA ILE E 191 -27.16 0.71 -12.05
C ILE E 191 -27.12 1.58 -10.80
N GLY E 192 -26.92 0.95 -9.64
CA GLY E 192 -26.97 1.67 -8.38
C GLY E 192 -28.32 2.25 -8.05
N GLY E 193 -29.39 1.68 -8.60
CA GLY E 193 -30.73 2.22 -8.45
C GLY E 193 -31.08 3.32 -9.43
N ILE E 194 -30.16 3.72 -10.28
CA ILE E 194 -30.36 4.81 -11.23
C ILE E 194 -30.72 4.19 -12.58
N PRO E 195 -31.80 4.61 -13.23
CA PRO E 195 -32.11 4.05 -14.55
C PRO E 195 -30.92 4.18 -15.49
N ILE E 196 -30.65 3.10 -16.23
CA ILE E 196 -29.48 3.08 -17.11
C ILE E 196 -29.59 4.15 -18.18
N THR E 197 -30.81 4.59 -18.51
CA THR E 197 -31.01 5.62 -19.52
C THR E 197 -30.60 7.01 -19.05
N ARG E 198 -30.39 7.21 -17.75
CA ARG E 198 -29.90 8.47 -17.22
C ARG E 198 -28.38 8.55 -17.20
N PHE E 199 -27.69 7.58 -17.79
CA PHE E 199 -26.23 7.61 -17.90
C PHE E 199 -25.86 8.03 -19.32
N LYS E 200 -24.93 8.98 -19.43
CA LYS E 200 -24.46 9.41 -20.75
C LYS E 200 -23.85 8.25 -21.51
N SER E 201 -23.12 7.38 -20.82
CA SER E 201 -22.42 6.27 -21.46
C SER E 201 -23.35 5.15 -21.90
N PHE E 202 -24.66 5.24 -21.62
CA PHE E 202 -25.58 4.23 -22.11
C PHE E 202 -25.51 4.10 -23.63
N LYS E 203 -25.20 5.19 -24.32
CA LYS E 203 -25.04 5.14 -25.77
C LYS E 203 -24.02 4.09 -26.20
N ASP E 204 -22.99 3.88 -25.38
CA ASP E 204 -21.88 3.00 -25.75
C ASP E 204 -22.16 1.53 -25.50
N LEU E 205 -23.30 1.20 -24.90
CA LEU E 205 -23.60 -0.19 -24.59
C LEU E 205 -23.91 -0.95 -25.87
N PRO E 206 -23.17 -2.03 -26.21
CA PRO E 206 -23.56 -2.85 -27.37
C PRO E 206 -24.76 -3.71 -27.04
N LEU E 207 -25.94 -3.07 -27.00
CA LEU E 207 -27.11 -3.73 -26.42
C LEU E 207 -27.52 -4.96 -27.22
N LYS E 208 -27.58 -4.83 -28.55
CA LYS E 208 -28.01 -5.95 -29.37
C LYS E 208 -27.05 -7.14 -29.23
N ASP E 209 -25.74 -6.87 -29.31
CA ASP E 209 -24.77 -7.95 -29.14
C ASP E 209 -24.92 -8.62 -27.77
N ILE E 210 -25.16 -7.81 -26.73
CA ILE E 210 -25.33 -8.37 -25.39
C ILE E 210 -26.57 -9.27 -25.34
N ILE E 211 -27.65 -8.84 -25.99
CA ILE E 211 -28.87 -9.65 -26.01
C ILE E 211 -28.62 -10.96 -26.75
N GLU E 212 -27.88 -10.91 -27.85
CA GLU E 212 -27.53 -12.15 -28.54
C GLU E 212 -26.72 -13.06 -27.64
N ASN E 213 -25.77 -12.49 -26.89
CA ASN E 213 -24.98 -13.29 -25.96
C ASN E 213 -25.88 -13.95 -24.91
N VAL E 214 -26.84 -13.21 -24.38
CA VAL E 214 -27.72 -13.77 -23.35
C VAL E 214 -28.57 -14.89 -23.94
N LYS E 215 -29.11 -14.69 -25.13
CA LYS E 215 -29.93 -15.73 -25.76
C LYS E 215 -29.13 -16.99 -26.04
N ASN E 216 -27.82 -16.85 -26.26
CA ASN E 216 -26.96 -17.97 -26.64
C ASN E 216 -26.14 -18.52 -25.49
N LYS E 217 -26.28 -17.98 -24.28
CA LYS E 217 -25.34 -18.32 -23.22
C LYS E 217 -25.46 -19.79 -22.81
N GLY E 218 -26.67 -20.35 -22.83
CA GLY E 218 -26.83 -21.75 -22.50
C GLY E 218 -26.06 -22.64 -23.46
N SER E 219 -26.23 -22.41 -24.76
CA SER E 219 -25.50 -23.20 -25.75
C SER E 219 -24.00 -23.00 -25.64
N LYS E 220 -23.57 -21.77 -25.33
CA LYS E 220 -22.15 -21.52 -25.19
C LYS E 220 -21.56 -22.31 -24.03
N ILE E 221 -22.23 -22.30 -22.88
CA ILE E 221 -21.72 -23.03 -21.74
C ILE E 221 -21.77 -24.53 -22.00
N ILE E 222 -22.77 -24.99 -22.77
CA ILE E 222 -22.81 -26.38 -23.18
C ILE E 222 -21.57 -26.73 -24.00
N ALA E 223 -21.25 -25.89 -24.98
CA ALA E 223 -20.11 -26.17 -25.85
C ALA E 223 -18.79 -26.07 -25.11
N LEU E 224 -18.72 -25.24 -24.06
CA LEU E 224 -17.46 -25.01 -23.38
C LEU E 224 -17.18 -26.01 -22.25
N LYS E 225 -18.15 -26.23 -21.36
CA LYS E 225 -17.95 -27.11 -20.22
C LYS E 225 -18.98 -28.22 -20.11
N GLY E 226 -19.93 -28.29 -21.03
CA GLY E 226 -20.94 -29.33 -21.01
C GLY E 226 -22.28 -28.93 -20.43
N GLY E 227 -22.43 -27.69 -20.00
CA GLY E 227 -23.72 -27.21 -19.52
C GLY E 227 -23.60 -26.45 -18.21
N SER E 228 -24.56 -25.56 -17.97
CA SER E 228 -24.55 -24.77 -16.75
C SER E 228 -24.89 -25.65 -15.55
N GLU E 229 -24.38 -25.25 -14.38
CA GLU E 229 -24.74 -25.92 -13.14
C GLU E 229 -24.89 -24.92 -11.99
N PHE E 230 -23.88 -24.08 -11.77
CA PHE E 230 -23.92 -23.18 -10.62
C PHE E 230 -24.88 -22.00 -10.84
N GLY E 231 -24.93 -21.46 -12.05
CA GLY E 231 -25.77 -20.33 -12.34
C GLY E 231 -27.24 -20.59 -12.07
N PRO E 232 -27.80 -21.60 -12.74
CA PRO E 232 -29.21 -21.95 -12.48
C PRO E 232 -29.47 -22.26 -11.03
N ALA E 233 -28.55 -22.97 -10.37
CA ALA E 233 -28.76 -23.33 -8.97
C ALA E 233 -28.83 -22.07 -8.09
N ALA E 234 -27.98 -21.08 -8.37
CA ALA E 234 -28.01 -19.86 -7.57
C ALA E 234 -29.26 -19.03 -7.86
N ALA E 235 -29.72 -19.02 -9.11
CA ALA E 235 -30.99 -18.35 -9.42
C ALA E 235 -32.14 -18.97 -8.63
N VAL E 236 -32.18 -20.30 -8.61
CA VAL E 236 -33.18 -21.01 -7.82
C VAL E 236 -33.04 -20.64 -6.34
N LEU E 237 -31.80 -20.57 -5.85
CA LEU E 237 -31.57 -20.20 -4.47
C LEU E 237 -32.15 -18.82 -4.17
N ASN E 238 -31.94 -17.86 -5.07
CA ASN E 238 -32.47 -16.52 -4.89
C ASN E 238 -33.99 -16.57 -4.75
N VAL E 239 -34.65 -17.28 -5.65
CA VAL E 239 -36.11 -17.42 -5.58
C VAL E 239 -36.53 -18.03 -4.24
N VAL E 240 -35.84 -19.11 -3.84
CA VAL E 240 -36.22 -19.81 -2.61
C VAL E 240 -36.00 -18.90 -1.40
N ARG E 241 -34.98 -18.05 -1.45
CA ARG E 241 -34.76 -17.11 -0.36
C ARG E 241 -35.94 -16.16 -0.24
N SER E 242 -36.46 -15.67 -1.37
CA SER E 242 -37.66 -14.85 -1.30
C SER E 242 -38.83 -15.65 -0.72
N ILE E 243 -39.00 -16.89 -1.15
CA ILE E 243 -40.14 -17.70 -0.71
C ILE E 243 -40.07 -17.94 0.79
N ALA E 244 -38.89 -18.34 1.28
CA ALA E 244 -38.78 -18.87 2.64
C ALA E 244 -39.09 -17.83 3.71
N ASN E 245 -38.74 -16.58 3.47
CA ASN E 245 -39.03 -15.51 4.41
C ASN E 245 -40.15 -14.58 3.92
N ASN E 246 -40.91 -15.02 2.91
CA ASN E 246 -42.07 -14.29 2.42
C ASN E 246 -41.72 -12.83 2.14
N GLU E 247 -40.63 -12.63 1.41
CA GLU E 247 -40.15 -11.29 1.10
C GLU E 247 -40.93 -10.63 -0.03
N ASN E 248 -41.63 -11.41 -0.85
CA ASN E 248 -42.40 -10.88 -1.97
C ASN E 248 -41.52 -10.12 -2.96
N ARG E 249 -40.28 -10.56 -3.10
CA ARG E 249 -39.36 -9.95 -4.06
C ARG E 249 -40.00 -9.90 -5.44
N LEU E 250 -39.77 -8.81 -6.16
CA LEU E 250 -40.25 -8.66 -7.52
C LEU E 250 -39.22 -9.25 -8.48
N LEU E 251 -39.54 -10.41 -9.04
CA LEU E 251 -38.68 -11.11 -9.99
C LEU E 251 -39.49 -11.40 -11.25
N THR E 252 -38.83 -11.95 -12.26
CA THR E 252 -39.49 -12.41 -13.48
C THR E 252 -39.46 -13.93 -13.47
N LEU E 253 -40.63 -14.54 -13.35
CA LEU E 253 -40.75 -16.00 -13.35
C LEU E 253 -41.89 -16.41 -14.27
N SER E 254 -41.78 -17.62 -14.81
CA SER E 254 -42.81 -18.16 -15.68
C SER E 254 -43.99 -18.64 -14.83
N THR E 255 -45.20 -18.24 -15.21
CA THR E 255 -46.38 -18.67 -14.49
C THR E 255 -47.59 -18.53 -15.41
N TYR E 256 -48.69 -19.14 -15.00
CA TYR E 256 -49.87 -19.21 -15.84
C TYR E 256 -50.63 -17.89 -15.84
N LEU E 257 -50.97 -17.40 -17.04
CA LEU E 257 -51.73 -16.18 -17.20
C LEU E 257 -53.19 -16.52 -17.50
N ASP E 258 -54.09 -15.86 -16.77
CA ASP E 258 -55.53 -16.00 -16.92
C ASP E 258 -56.13 -14.59 -16.84
N GLY E 259 -55.90 -13.80 -17.89
CA GLY E 259 -56.40 -12.45 -18.00
C GLY E 259 -55.31 -11.38 -17.98
N GLU E 260 -54.19 -11.66 -17.33
CA GLU E 260 -53.15 -10.65 -17.16
C GLU E 260 -52.54 -10.25 -18.51
N PHE E 261 -52.37 -8.95 -18.71
CA PHE E 261 -51.83 -8.39 -19.95
C PHE E 261 -52.67 -8.73 -21.16
N GLY E 262 -53.91 -9.18 -20.94
CA GLY E 262 -54.78 -9.53 -22.05
C GLY E 262 -54.50 -10.89 -22.66
N PHE E 263 -53.92 -11.81 -21.90
CA PHE E 263 -53.61 -13.14 -22.38
C PHE E 263 -54.13 -14.18 -21.40
N SER E 264 -54.41 -15.36 -21.91
CA SER E 264 -54.85 -16.48 -21.09
C SER E 264 -54.36 -17.77 -21.72
N ASP E 265 -54.30 -18.81 -20.89
CA ASP E 265 -54.01 -20.15 -21.40
C ASP E 265 -52.57 -20.24 -21.92
N VAL E 266 -51.64 -19.72 -21.13
CA VAL E 266 -50.24 -19.65 -21.52
C VAL E 266 -49.42 -19.42 -20.26
N CYS E 267 -48.19 -19.94 -20.26
CA CYS E 267 -47.23 -19.68 -19.20
C CYS E 267 -46.05 -18.94 -19.80
N ALA E 268 -45.66 -17.83 -19.19
CA ALA E 268 -44.57 -17.01 -19.69
C ALA E 268 -43.97 -16.22 -18.53
N GLY E 269 -42.69 -15.87 -18.69
CA GLY E 269 -42.01 -15.05 -17.71
C GLY E 269 -42.65 -13.68 -17.57
N VAL E 270 -43.06 -13.34 -16.35
CA VAL E 270 -43.75 -12.07 -16.11
C VAL E 270 -43.32 -11.53 -14.76
N PRO E 271 -43.47 -10.22 -14.55
CA PRO E 271 -43.21 -9.67 -13.21
C PRO E 271 -44.10 -10.33 -12.19
N VAL E 272 -43.50 -10.72 -11.06
CA VAL E 272 -44.21 -11.44 -10.01
C VAL E 272 -43.62 -11.06 -8.67
N LYS E 273 -44.46 -11.15 -7.64
CA LYS E 273 -44.02 -11.10 -6.25
C LYS E 273 -43.97 -12.53 -5.72
N VAL E 274 -42.83 -12.91 -5.17
CA VAL E 274 -42.55 -14.28 -4.76
C VAL E 274 -42.61 -14.36 -3.24
N GLY E 275 -43.58 -15.12 -2.72
CA GLY E 275 -43.75 -15.26 -1.29
C GLY E 275 -44.01 -16.70 -0.90
N LYS E 276 -44.27 -16.91 0.39
CA LYS E 276 -44.45 -18.26 0.92
C LYS E 276 -45.61 -18.99 0.26
N ASP E 277 -46.56 -18.27 -0.32
CA ASP E 277 -47.73 -18.89 -0.96
C ASP E 277 -47.63 -18.89 -2.48
N GLY E 278 -46.48 -18.52 -3.03
CA GLY E 278 -46.25 -18.63 -4.46
C GLY E 278 -46.03 -17.28 -5.11
N VAL E 279 -46.43 -17.17 -6.38
CA VAL E 279 -46.17 -15.99 -7.20
C VAL E 279 -47.48 -15.26 -7.44
N GLU E 280 -47.43 -13.94 -7.30
CA GLU E 280 -48.54 -13.06 -7.64
C GLU E 280 -48.10 -12.15 -8.78
N ILE E 281 -48.79 -12.21 -9.91
CA ILE E 281 -48.38 -11.42 -11.07
C ILE E 281 -48.61 -9.94 -10.78
N VAL E 282 -47.66 -9.12 -11.20
CA VAL E 282 -47.73 -7.68 -11.05
C VAL E 282 -48.11 -7.08 -12.40
N THR E 283 -49.34 -6.58 -12.50
CA THR E 283 -49.80 -5.89 -13.69
C THR E 283 -49.63 -4.37 -13.59
N ASP E 284 -49.22 -3.86 -12.44
CA ASP E 284 -49.07 -2.42 -12.25
C ASP E 284 -47.87 -1.85 -13.01
N ILE E 285 -47.06 -2.69 -13.64
CA ILE E 285 -45.89 -2.22 -14.39
C ILE E 285 -46.30 -1.90 -15.81
N VAL E 286 -45.79 -0.80 -16.34
CA VAL E 286 -46.08 -0.33 -17.68
C VAL E 286 -44.81 -0.43 -18.51
N PHE E 287 -44.90 -1.16 -19.63
CA PHE E 287 -43.78 -1.29 -20.54
C PHE E 287 -43.93 -0.29 -21.69
N SER E 288 -42.81 0.02 -22.32
CA SER E 288 -42.85 0.79 -23.55
C SER E 288 -43.68 0.04 -24.59
N LYS E 289 -44.30 0.79 -25.50
CA LYS E 289 -45.13 0.16 -26.52
C LYS E 289 -44.36 -0.93 -27.27
N GLU E 290 -43.11 -0.65 -27.63
CA GLU E 290 -42.30 -1.62 -28.36
C GLU E 290 -42.10 -2.89 -27.53
N GLU E 291 -41.82 -2.71 -26.24
CA GLU E 291 -41.63 -3.86 -25.36
C GLU E 291 -42.92 -4.69 -25.27
N PHE E 292 -44.07 -4.02 -25.23
CA PHE E 292 -45.32 -4.76 -25.13
C PHE E 292 -45.61 -5.52 -26.41
N GLU E 293 -45.29 -4.93 -27.57
CA GLU E 293 -45.47 -5.67 -28.83
C GLU E 293 -44.58 -6.90 -28.87
N ALA E 294 -43.30 -6.75 -28.49
CA ALA E 294 -42.41 -7.90 -28.45
C ALA E 294 -42.91 -8.95 -27.46
N PHE E 295 -43.46 -8.50 -26.34
CA PHE E 295 -44.02 -9.41 -25.35
C PHE E 295 -45.19 -10.19 -25.92
N LYS E 296 -46.06 -9.50 -26.66
CA LYS E 296 -47.18 -10.17 -27.33
C LYS E 296 -46.68 -11.26 -28.27
N TYR E 297 -45.71 -10.91 -29.12
CA TYR E 297 -45.13 -11.90 -30.03
C TYR E 297 -44.60 -13.10 -29.27
N SER E 298 -43.87 -12.85 -28.18
CA SER E 298 -43.29 -13.94 -27.42
C SER E 298 -44.36 -14.85 -26.83
N ILE E 299 -45.42 -14.26 -26.28
CA ILE E 299 -46.49 -15.06 -25.71
C ILE E 299 -47.11 -15.95 -26.78
N GLU E 300 -47.32 -15.41 -27.99
CA GLU E 300 -47.90 -16.22 -29.06
C GLU E 300 -46.97 -17.38 -29.44
N THR E 301 -45.67 -17.08 -29.55
CA THR E 301 -44.70 -18.13 -29.85
C THR E 301 -44.80 -19.25 -28.83
N ILE E 302 -44.88 -18.91 -27.54
CA ILE E 302 -44.98 -19.95 -26.51
C ILE E 302 -46.32 -20.68 -26.62
N LYS E 303 -47.39 -19.95 -26.96
CA LYS E 303 -48.72 -20.54 -27.01
C LYS E 303 -48.80 -21.65 -28.04
N ARG E 304 -48.13 -21.49 -29.17
CA ARG E 304 -48.14 -22.55 -30.18
C ARG E 304 -47.66 -23.87 -29.58
N TYR E 305 -46.52 -23.86 -28.90
CA TYR E 305 -45.98 -25.07 -28.28
C TYR E 305 -46.91 -25.60 -27.19
N CYS E 306 -47.40 -24.70 -26.33
CA CYS E 306 -48.30 -25.14 -25.26
C CYS E 306 -49.49 -25.88 -25.84
N GLU E 307 -50.06 -25.36 -26.93
CA GLU E 307 -51.17 -26.05 -27.57
C GLU E 307 -50.74 -27.40 -28.12
N GLU E 308 -49.50 -27.50 -28.61
CA GLU E 308 -49.08 -28.78 -29.18
C GLU E 308 -48.89 -29.85 -28.10
N ILE E 309 -48.53 -29.47 -26.87
CA ILE E 309 -48.26 -30.47 -25.83
C ILE E 309 -49.35 -30.53 -24.77
N LYS E 310 -50.44 -29.77 -24.92
CA LYS E 310 -51.42 -29.67 -23.85
C LYS E 310 -52.07 -31.02 -23.53
N GLU E 311 -52.30 -31.85 -24.55
CA GLU E 311 -53.09 -33.07 -24.39
C GLU E 311 -52.24 -34.32 -24.18
N LEU E 312 -50.93 -34.21 -24.13
CA LEU E 312 -50.09 -35.39 -23.98
C LEU E 312 -50.13 -35.93 -22.56
N MET F 1 -8.25 -10.23 -1.48
CA MET F 1 -7.49 -11.49 -1.59
C MET F 1 -7.48 -12.00 -3.03
N LYS F 2 -6.36 -12.60 -3.43
CA LYS F 2 -6.18 -13.14 -4.77
C LYS F 2 -5.79 -14.61 -4.64
N VAL F 3 -6.57 -15.47 -5.30
CA VAL F 3 -6.41 -16.91 -5.22
C VAL F 3 -6.34 -17.46 -6.64
N SER F 4 -5.32 -18.27 -6.90
CA SER F 4 -5.22 -19.05 -8.12
C SER F 4 -5.58 -20.50 -7.80
N ILE F 5 -6.23 -21.17 -8.74
CA ILE F 5 -6.64 -22.56 -8.57
C ILE F 5 -6.13 -23.33 -9.78
N ILE F 6 -5.10 -24.14 -9.56
CA ILE F 6 -4.56 -25.02 -10.59
C ILE F 6 -5.29 -26.35 -10.47
N GLY F 7 -6.00 -26.73 -11.54
CA GLY F 7 -6.91 -27.86 -11.48
C GLY F 7 -8.37 -27.48 -11.41
N ALA F 8 -8.72 -26.22 -11.70
CA ALA F 8 -10.09 -25.77 -11.67
C ALA F 8 -10.97 -26.48 -12.69
N SER F 9 -10.37 -27.18 -13.66
CA SER F 9 -11.16 -27.91 -14.65
C SER F 9 -11.77 -29.19 -14.09
N GLY F 10 -11.20 -29.72 -13.00
CA GLY F 10 -11.78 -30.86 -12.33
C GLY F 10 -12.97 -30.46 -11.47
N LYS F 11 -13.56 -31.47 -10.83
CA LYS F 11 -14.79 -31.22 -10.07
C LYS F 11 -14.50 -30.54 -8.74
N VAL F 12 -13.48 -31.01 -8.01
CA VAL F 12 -13.12 -30.36 -6.76
C VAL F 12 -12.68 -28.91 -7.02
N GLY F 13 -11.84 -28.71 -8.03
CA GLY F 13 -11.37 -27.37 -8.34
C GLY F 13 -12.49 -26.45 -8.79
N SER F 14 -13.46 -26.98 -9.55
CA SER F 14 -14.59 -26.17 -9.98
C SER F 14 -15.46 -25.75 -8.81
N ALA F 15 -15.78 -26.70 -7.92
CA ALA F 15 -16.56 -26.36 -6.73
C ALA F 15 -15.83 -25.34 -5.88
N ILE F 16 -14.50 -25.48 -5.75
CA ILE F 16 -13.72 -24.50 -5.00
C ILE F 16 -13.82 -23.14 -5.66
N SER F 17 -13.69 -23.10 -6.99
CA SER F 17 -13.79 -21.83 -7.70
C SER F 17 -15.11 -21.15 -7.39
N PHE F 18 -16.20 -21.91 -7.46
CA PHE F 18 -17.51 -21.33 -7.17
C PHE F 18 -17.58 -20.78 -5.74
N LEU F 19 -17.20 -21.60 -4.76
CA LEU F 19 -17.35 -21.19 -3.37
C LEU F 19 -16.48 -19.98 -3.05
N LEU F 20 -15.23 -19.97 -3.53
CA LEU F 20 -14.32 -18.88 -3.19
C LEU F 20 -14.67 -17.60 -3.94
N ALA F 21 -15.08 -17.72 -5.20
CA ALA F 21 -15.51 -16.53 -5.93
C ALA F 21 -16.65 -15.83 -5.21
N ASN F 22 -17.46 -16.59 -4.47
CA ASN F 22 -18.61 -16.05 -3.75
C ASN F 22 -18.23 -15.34 -2.45
N GLU F 23 -17.01 -15.53 -1.97
CA GLU F 23 -16.59 -14.87 -0.73
C GLU F 23 -16.34 -13.39 -0.99
N PRO F 24 -16.81 -12.49 -0.13
CA PRO F 24 -16.68 -11.05 -0.45
C PRO F 24 -15.25 -10.57 -0.55
N TYR F 25 -14.32 -11.18 0.21
CA TYR F 25 -12.94 -10.73 0.22
C TYR F 25 -12.13 -11.30 -0.96
N VAL F 26 -12.66 -12.27 -1.69
CA VAL F 26 -11.98 -12.81 -2.86
C VAL F 26 -12.38 -11.95 -4.05
N LYS F 27 -11.52 -11.00 -4.41
CA LYS F 27 -11.80 -10.07 -5.49
C LYS F 27 -11.21 -10.50 -6.83
N GLU F 28 -10.21 -11.37 -6.82
CA GLU F 28 -9.59 -11.85 -8.05
C GLU F 28 -9.37 -13.34 -7.92
N LEU F 29 -9.83 -14.09 -8.92
CA LEU F 29 -9.68 -15.53 -8.97
C LEU F 29 -9.07 -15.90 -10.31
N VAL F 30 -7.99 -16.68 -10.27
CA VAL F 30 -7.30 -17.12 -11.48
C VAL F 30 -7.50 -18.62 -11.63
N LEU F 31 -8.18 -19.02 -12.69
CA LEU F 31 -8.39 -20.42 -13.01
C LEU F 31 -7.32 -20.86 -14.00
N ILE F 32 -6.60 -21.93 -13.68
CA ILE F 32 -5.49 -22.40 -14.49
C ILE F 32 -5.69 -23.87 -14.82
N SER F 33 -5.51 -24.23 -16.08
CA SER F 33 -5.62 -25.61 -16.54
C SER F 33 -4.62 -25.84 -17.65
N ARG F 34 -4.52 -27.10 -18.09
CA ARG F 34 -3.77 -27.40 -19.30
C ARG F 34 -4.47 -26.75 -20.48
N GLU F 35 -3.71 -26.53 -21.56
CA GLU F 35 -4.26 -25.84 -22.72
C GLU F 35 -5.51 -26.56 -23.22
N LYS F 36 -5.46 -27.89 -23.32
CA LYS F 36 -6.60 -28.67 -23.80
C LYS F 36 -7.89 -28.31 -23.08
N SER F 37 -7.80 -27.95 -21.79
CA SER F 37 -8.97 -27.73 -20.95
C SER F 37 -9.34 -26.25 -20.81
N ILE F 38 -8.66 -25.36 -21.53
CA ILE F 38 -8.93 -23.93 -21.35
C ILE F 38 -10.40 -23.61 -21.60
N ASP F 39 -10.96 -24.17 -22.68
CA ASP F 39 -12.37 -23.92 -22.96
C ASP F 39 -13.24 -24.26 -21.76
N LYS F 40 -12.95 -25.38 -21.09
CA LYS F 40 -13.72 -25.73 -19.90
C LYS F 40 -13.70 -24.58 -18.91
N LEU F 41 -12.50 -24.06 -18.60
CA LEU F 41 -12.41 -22.92 -17.69
C LEU F 41 -13.26 -21.76 -18.19
N ARG F 42 -13.22 -21.49 -19.49
CA ARG F 42 -14.02 -20.38 -20.03
C ARG F 42 -15.50 -20.59 -19.72
N GLY F 43 -15.98 -21.84 -19.82
CA GLY F 43 -17.33 -22.11 -19.40
C GLY F 43 -17.53 -21.88 -17.92
N LEU F 44 -16.63 -22.46 -17.11
CA LEU F 44 -16.75 -22.34 -15.66
C LEU F 44 -16.89 -20.88 -15.25
N ARG F 45 -15.92 -20.05 -15.64
CA ARG F 45 -15.99 -18.62 -15.38
C ARG F 45 -17.39 -18.09 -15.62
N GLU F 46 -17.90 -18.27 -16.84
CA GLU F 46 -19.22 -17.72 -17.16
C GLU F 46 -20.26 -18.24 -16.18
N ASP F 47 -20.30 -19.57 -15.99
CA ASP F 47 -21.25 -20.16 -15.06
C ASP F 47 -21.17 -19.45 -13.72
N ILE F 48 -19.95 -19.31 -13.18
CA ILE F 48 -19.80 -18.71 -11.86
C ILE F 48 -20.33 -17.29 -11.86
N TYR F 49 -20.04 -16.53 -12.91
CA TYR F 49 -20.57 -15.17 -13.00
C TYR F 49 -22.07 -15.19 -12.84
N ASP F 50 -22.75 -16.05 -13.61
CA ASP F 50 -24.19 -16.15 -13.48
C ASP F 50 -24.58 -16.42 -12.04
N ALA F 51 -23.91 -17.39 -11.42
CA ALA F 51 -24.23 -17.72 -10.03
C ALA F 51 -24.07 -16.51 -9.13
N LEU F 52 -23.01 -15.71 -9.36
CA LEU F 52 -22.80 -14.55 -8.50
C LEU F 52 -23.96 -13.58 -8.64
N ALA F 53 -24.48 -13.41 -9.85
CA ALA F 53 -25.63 -12.54 -10.04
C ALA F 53 -26.81 -12.98 -9.20
N GLY F 54 -26.91 -14.28 -8.92
CA GLY F 54 -27.99 -14.79 -8.11
C GLY F 54 -27.69 -14.69 -6.63
N THR F 55 -26.41 -14.70 -6.26
CA THR F 55 -26.03 -14.62 -4.85
C THR F 55 -25.80 -13.20 -4.38
N LYS F 56 -25.85 -12.21 -5.28
CA LYS F 56 -25.60 -10.81 -4.95
C LYS F 56 -24.13 -10.61 -4.53
N ARG F 57 -23.23 -11.35 -5.16
CA ARG F 57 -21.79 -11.25 -4.91
C ARG F 57 -21.09 -10.85 -6.21
N ASP F 58 -19.76 -10.75 -6.15
CA ASP F 58 -18.99 -10.25 -7.28
C ASP F 58 -17.60 -10.85 -7.26
N CYS F 59 -16.98 -10.94 -8.42
CA CYS F 59 -15.59 -11.38 -8.51
C CYS F 59 -15.09 -11.14 -9.92
N GLU F 60 -13.78 -10.93 -10.03
CA GLU F 60 -13.10 -10.84 -11.32
C GLU F 60 -12.33 -12.13 -11.51
N ILE F 61 -12.61 -12.82 -12.62
CA ILE F 61 -12.09 -14.16 -12.86
C ILE F 61 -11.25 -14.12 -14.13
N ASN F 62 -9.99 -14.53 -14.00
CA ASN F 62 -9.07 -14.67 -15.12
C ASN F 62 -8.85 -16.14 -15.41
N VAL F 63 -8.42 -16.42 -16.64
CA VAL F 63 -8.13 -17.78 -17.08
C VAL F 63 -6.76 -17.78 -17.74
N SER F 64 -5.99 -18.83 -17.49
CA SER F 64 -4.65 -18.95 -18.08
C SER F 64 -4.27 -20.43 -18.12
N ASP F 65 -3.25 -20.72 -18.93
CA ASP F 65 -2.74 -22.08 -19.06
C ASP F 65 -1.69 -22.36 -18.00
N ASP F 66 -1.37 -23.65 -17.82
CA ASP F 66 -0.51 -24.10 -16.73
C ASP F 66 0.98 -24.06 -17.07
N LYS F 67 1.36 -23.52 -18.23
CA LYS F 67 2.77 -23.31 -18.56
C LYS F 67 3.21 -21.87 -18.35
N THR F 68 2.47 -20.91 -18.90
CA THR F 68 2.75 -19.51 -18.65
C THR F 68 2.31 -19.07 -17.26
N LEU F 69 1.27 -19.70 -16.72
CA LEU F 69 0.75 -19.35 -15.40
C LEU F 69 0.49 -17.85 -15.28
N LYS F 70 0.00 -17.25 -16.37
CA LYS F 70 -0.28 -15.82 -16.35
C LYS F 70 -1.36 -15.50 -15.32
N PHE F 71 -1.20 -14.35 -14.67
CA PHE F 71 -2.06 -13.80 -13.63
C PHE F 71 -1.80 -14.45 -12.27
N LEU F 72 -1.04 -15.53 -12.20
CA LEU F 72 -0.78 -16.16 -10.91
C LEU F 72 0.09 -15.27 -10.03
N ASP F 73 1.06 -14.58 -10.63
CA ASP F 73 1.93 -13.68 -9.88
C ASP F 73 1.11 -12.66 -9.10
N GLY F 74 1.42 -12.53 -7.81
CA GLY F 74 0.69 -11.65 -6.91
C GLY F 74 -0.39 -12.35 -6.11
N SER F 75 -0.70 -13.60 -6.42
CA SER F 75 -1.73 -14.30 -5.68
C SER F 75 -1.32 -14.47 -4.22
N ASP F 76 -2.27 -14.24 -3.32
CA ASP F 76 -2.05 -14.55 -1.92
C ASP F 76 -2.10 -16.04 -1.67
N LEU F 77 -2.84 -16.78 -2.49
CA LEU F 77 -2.93 -18.23 -2.27
C LEU F 77 -3.03 -18.94 -3.60
N VAL F 78 -2.39 -20.10 -3.69
CA VAL F 78 -2.50 -20.98 -4.86
C VAL F 78 -2.94 -22.34 -4.36
N ILE F 79 -4.10 -22.78 -4.82
CA ILE F 79 -4.68 -24.07 -4.45
C ILE F 79 -4.49 -25.03 -5.62
N ILE F 80 -3.95 -26.21 -5.35
CA ILE F 80 -3.64 -27.17 -6.40
C ILE F 80 -4.49 -28.41 -6.17
N THR F 81 -5.40 -28.68 -7.10
CA THR F 81 -6.18 -29.91 -7.11
C THR F 81 -5.83 -30.81 -8.30
N SER F 82 -4.85 -30.43 -9.11
CA SER F 82 -4.49 -31.22 -10.29
C SER F 82 -3.99 -32.59 -9.87
N GLY F 83 -4.58 -33.63 -10.48
CA GLY F 83 -4.21 -34.99 -10.19
C GLY F 83 -4.74 -35.93 -11.25
N VAL F 84 -4.03 -37.03 -11.46
CA VAL F 84 -4.36 -37.99 -12.50
C VAL F 84 -5.45 -38.92 -11.99
N PRO F 85 -6.41 -39.33 -12.82
CA PRO F 85 -7.38 -40.35 -12.38
C PRO F 85 -6.68 -41.69 -12.18
N ARG F 86 -6.86 -42.28 -11.01
CA ARG F 86 -6.26 -43.56 -10.72
C ARG F 86 -6.98 -44.67 -11.48
N THR F 87 -6.20 -45.57 -12.06
CA THR F 87 -6.69 -46.65 -12.90
C THR F 87 -6.65 -47.97 -12.15
N PRO F 88 -7.31 -49.01 -12.69
CA PRO F 88 -7.20 -50.33 -12.05
C PRO F 88 -5.78 -50.86 -12.02
N GLU F 89 -4.93 -50.45 -12.96
CA GLU F 89 -3.56 -50.93 -13.03
C GLU F 89 -2.59 -50.06 -12.24
N MET F 90 -3.09 -49.19 -11.38
CA MET F 90 -2.26 -48.24 -10.64
C MET F 90 -2.22 -48.63 -9.16
N SER F 91 -1.00 -48.77 -8.64
CA SER F 91 -0.80 -48.91 -7.20
C SER F 91 -0.87 -47.55 -6.53
N ARG F 92 -0.95 -47.55 -5.20
CA ARG F 92 -0.86 -46.30 -4.46
C ARG F 92 0.48 -45.63 -4.68
N LEU F 93 1.55 -46.43 -4.72
CA LEU F 93 2.87 -45.88 -5.00
C LEU F 93 2.92 -45.26 -6.40
N ASP F 94 2.31 -45.93 -7.38
CA ASP F 94 2.29 -45.39 -8.74
C ASP F 94 1.60 -44.03 -8.77
N LEU F 95 0.44 -43.94 -8.12
CA LEU F 95 -0.27 -42.66 -8.05
C LEU F 95 0.61 -41.60 -7.40
N ALA F 96 1.24 -41.95 -6.27
CA ALA F 96 2.12 -41.00 -5.61
C ALA F 96 3.21 -40.51 -6.56
N LYS F 97 3.82 -41.42 -7.33
CA LYS F 97 4.91 -41.03 -8.22
C LYS F 97 4.42 -40.06 -9.31
N VAL F 98 3.33 -40.40 -9.98
CA VAL F 98 2.84 -39.56 -11.07
C VAL F 98 2.40 -38.19 -10.54
N ASN F 99 1.61 -38.17 -9.47
CA ASN F 99 1.16 -36.90 -8.94
C ASN F 99 2.31 -36.12 -8.30
N ALA F 100 3.35 -36.80 -7.84
CA ALA F 100 4.55 -36.09 -7.39
C ALA F 100 5.21 -35.37 -8.54
N LYS F 101 5.31 -36.02 -9.71
CA LYS F 101 5.80 -35.30 -10.89
C LYS F 101 4.98 -34.03 -11.11
N ILE F 102 3.65 -34.16 -11.14
CA ILE F 102 2.80 -33.01 -11.46
C ILE F 102 2.98 -31.90 -10.42
N ILE F 103 2.90 -32.25 -9.13
CA ILE F 103 2.96 -31.26 -8.07
C ILE F 103 4.33 -30.60 -8.02
N GLY F 104 5.40 -31.39 -8.16
CA GLY F 104 6.73 -30.81 -8.14
C GLY F 104 6.95 -29.83 -9.28
N ASN F 105 6.48 -30.19 -10.48
CA ASN F 105 6.60 -29.26 -11.60
C ASN F 105 5.90 -27.94 -11.28
N TYR F 106 4.64 -28.02 -10.83
CA TYR F 106 3.90 -26.80 -10.53
C TYR F 106 4.59 -25.98 -9.44
N ALA F 107 5.08 -26.64 -8.39
CA ALA F 107 5.72 -25.92 -7.30
C ALA F 107 6.99 -25.22 -7.78
N LYS F 108 7.81 -25.89 -8.58
CA LYS F 108 9.00 -25.26 -9.14
C LYS F 108 8.62 -24.01 -9.91
N LYS F 109 7.65 -24.12 -10.82
CA LYS F 109 7.31 -22.97 -11.66
C LYS F 109 6.75 -21.82 -10.82
N ILE F 110 5.90 -22.14 -9.85
CA ILE F 110 5.33 -21.09 -9.00
C ILE F 110 6.44 -20.39 -8.22
N ALA F 111 7.34 -21.16 -7.61
CA ALA F 111 8.45 -20.55 -6.89
C ALA F 111 9.30 -19.69 -7.82
N GLU F 112 9.40 -20.07 -9.10
CA GLU F 112 10.13 -19.24 -10.04
C GLU F 112 9.39 -17.94 -10.33
N ILE F 113 8.06 -17.94 -10.22
CA ILE F 113 7.31 -16.72 -10.52
C ILE F 113 7.24 -15.78 -9.31
N CYS F 114 6.96 -16.31 -8.12
CA CYS F 114 6.62 -15.45 -6.99
C CYS F 114 6.69 -16.28 -5.71
N GLU F 115 6.59 -15.58 -4.58
CA GLU F 115 6.43 -16.19 -3.28
C GLU F 115 4.96 -16.10 -2.88
N THR F 116 4.43 -17.19 -2.33
CA THR F 116 3.00 -17.27 -2.03
C THR F 116 2.78 -18.51 -1.16
N LYS F 117 1.54 -18.66 -0.71
CA LYS F 117 1.15 -19.84 0.04
C LYS F 117 0.56 -20.89 -0.90
N LEU F 118 0.97 -22.14 -0.70
CA LEU F 118 0.51 -23.28 -1.49
C LEU F 118 -0.41 -24.15 -0.65
N PHE F 119 -1.62 -24.39 -1.17
CA PHE F 119 -2.64 -25.21 -0.51
C PHE F 119 -2.86 -26.43 -1.39
N ILE F 120 -2.36 -27.59 -0.94
CA ILE F 120 -2.33 -28.79 -1.75
C ILE F 120 -3.53 -29.66 -1.41
N ILE F 121 -4.32 -29.99 -2.43
CA ILE F 121 -5.42 -30.93 -2.30
C ILE F 121 -5.13 -32.27 -2.98
N THR F 122 -4.21 -32.32 -3.94
CA THR F 122 -3.97 -33.54 -4.70
C THR F 122 -3.56 -34.69 -3.79
N ASN F 123 -4.16 -35.90 -4.05
CA ASN F 123 -3.83 -37.08 -3.24
C ASN F 123 -2.60 -37.79 -3.80
N PRO F 124 -1.83 -38.51 -2.96
CA PRO F 124 -1.92 -38.60 -1.49
C PRO F 124 -1.54 -37.25 -0.91
N VAL F 125 -2.43 -36.61 -0.15
CA VAL F 125 -2.25 -35.19 0.14
C VAL F 125 -0.98 -34.95 0.96
N ASP F 126 -0.67 -35.84 1.88
CA ASP F 126 0.51 -35.62 2.72
C ASP F 126 1.79 -35.63 1.90
N VAL F 127 1.96 -36.65 1.05
CA VAL F 127 3.21 -36.75 0.28
C VAL F 127 3.24 -35.68 -0.82
N MET F 128 2.09 -35.27 -1.34
CA MET F 128 2.08 -34.19 -2.32
C MET F 128 2.44 -32.86 -1.67
N THR F 129 1.97 -32.64 -0.44
CA THR F 129 2.41 -31.46 0.30
C THR F 129 3.92 -31.50 0.55
N TYR F 130 4.44 -32.69 0.88
CA TYR F 130 5.88 -32.83 1.06
C TYR F 130 6.63 -32.47 -0.23
N LYS F 131 6.16 -32.98 -1.37
CA LYS F 131 6.82 -32.68 -2.63
C LYS F 131 6.74 -31.20 -2.95
N ALA F 132 5.59 -30.58 -2.72
CA ALA F 132 5.46 -29.15 -2.95
C ALA F 132 6.43 -28.36 -2.08
N TYR F 133 6.58 -28.76 -0.81
CA TYR F 133 7.50 -28.06 0.07
C TYR F 133 8.93 -28.18 -0.42
N ILE F 134 9.37 -29.39 -0.76
CA ILE F 134 10.79 -29.55 -1.10
C ILE F 134 11.10 -28.96 -2.48
N ASP F 135 10.14 -28.98 -3.41
CA ASP F 135 10.41 -28.42 -4.74
C ASP F 135 10.22 -26.91 -4.79
N SER F 136 9.34 -26.35 -3.95
CA SER F 136 9.12 -24.91 -4.00
C SER F 136 10.25 -24.15 -3.31
N LYS F 137 10.86 -24.74 -2.28
CA LYS F 137 11.84 -24.08 -1.43
C LYS F 137 11.22 -22.94 -0.63
N PHE F 138 9.90 -22.94 -0.47
CA PHE F 138 9.23 -21.96 0.37
C PHE F 138 9.43 -22.29 1.85
N GLU F 139 9.27 -21.26 2.68
CA GLU F 139 9.23 -21.49 4.12
C GLU F 139 8.11 -22.47 4.43
N ARG F 140 8.35 -23.34 5.42
CA ARG F 140 7.46 -24.48 5.63
C ARG F 140 6.07 -24.06 6.08
N ASN F 141 5.95 -22.90 6.73
CA ASN F 141 4.64 -22.42 7.13
C ASN F 141 3.78 -22.01 5.94
N LYS F 142 4.39 -21.80 4.77
CA LYS F 142 3.69 -21.36 3.57
C LYS F 142 3.15 -22.52 2.74
N VAL F 143 3.44 -23.76 3.11
CA VAL F 143 3.04 -24.94 2.36
C VAL F 143 2.25 -25.85 3.28
N PHE F 144 1.04 -26.21 2.85
CA PHE F 144 0.17 -27.04 3.67
C PHE F 144 -0.84 -27.74 2.76
N GLY F 145 -1.44 -28.81 3.29
CA GLY F 145 -2.43 -29.56 2.56
C GLY F 145 -3.66 -29.79 3.39
N LEU F 146 -4.77 -30.09 2.71
CA LEU F 146 -6.03 -30.31 3.42
C LEU F 146 -5.88 -31.40 4.46
N GLY F 147 -5.19 -32.49 4.11
CA GLY F 147 -4.86 -33.50 5.08
C GLY F 147 -6.09 -34.03 5.79
N THR F 148 -5.96 -34.20 7.10
CA THR F 148 -7.01 -34.80 7.91
C THR F 148 -8.15 -33.84 8.23
N HIS F 149 -8.08 -32.57 7.81
CA HIS F 149 -9.18 -31.65 8.06
C HIS F 149 -10.50 -32.23 7.54
N LEU F 150 -10.54 -32.59 6.26
CA LEU F 150 -11.73 -33.23 5.71
C LEU F 150 -12.12 -34.43 6.57
N ASP F 151 -11.15 -35.29 6.92
CA ASP F 151 -11.48 -36.43 7.77
C ASP F 151 -12.20 -35.96 9.02
N SER F 152 -11.65 -34.95 9.69
CA SER F 152 -12.26 -34.43 10.90
C SER F 152 -13.72 -34.07 10.64
N LEU F 153 -13.96 -33.31 9.57
CA LEU F 153 -15.33 -32.90 9.29
C LEU F 153 -16.23 -34.11 9.08
N ARG F 154 -15.74 -35.12 8.34
CA ARG F 154 -16.55 -36.31 8.14
C ARG F 154 -16.85 -36.97 9.47
N PHE F 155 -15.84 -37.08 10.34
CA PHE F 155 -16.07 -37.61 11.67
C PHE F 155 -17.15 -36.81 12.37
N LYS F 156 -17.06 -35.47 12.28
CA LYS F 156 -18.07 -34.61 12.89
C LYS F 156 -19.45 -35.05 12.45
N VAL F 157 -19.65 -35.19 11.13
CA VAL F 157 -20.96 -35.60 10.62
C VAL F 157 -21.40 -36.87 11.34
N GLU F 158 -20.56 -37.91 11.32
CA GLU F 158 -20.92 -39.16 11.96
C GLU F 158 -21.44 -38.90 13.36
N ILE F 159 -20.62 -38.23 14.18
CA ILE F 159 -20.99 -38.02 15.57
C ILE F 159 -22.34 -37.32 15.64
N ALA F 160 -22.50 -36.24 14.87
CA ALA F 160 -23.73 -35.46 14.97
C ALA F 160 -24.94 -36.31 14.63
N LYS F 161 -24.80 -37.20 13.64
CA LYS F 161 -25.96 -37.99 13.24
C LYS F 161 -26.24 -39.11 14.23
N PHE F 162 -25.22 -39.58 14.95
CA PHE F 162 -25.48 -40.61 15.93
C PHE F 162 -26.27 -40.05 17.10
N PHE F 163 -25.79 -38.94 17.67
CA PHE F 163 -26.45 -38.33 18.82
C PHE F 163 -27.62 -37.45 18.44
N GLY F 164 -27.90 -37.29 17.14
CA GLY F 164 -29.03 -36.49 16.71
C GLY F 164 -28.92 -35.03 17.12
N VAL F 165 -27.78 -34.40 16.83
CA VAL F 165 -27.54 -33.02 17.16
C VAL F 165 -27.18 -32.26 15.90
N HIS F 166 -27.36 -30.93 15.96
CA HIS F 166 -26.90 -30.05 14.90
C HIS F 166 -25.43 -30.33 14.61
N ILE F 167 -25.07 -30.33 13.32
CA ILE F 167 -23.71 -30.70 12.95
C ILE F 167 -22.70 -29.73 13.55
N ASP F 168 -23.00 -28.43 13.52
CA ASP F 168 -22.07 -27.43 14.03
C ASP F 168 -21.90 -27.52 15.54
N GLU F 169 -22.73 -28.29 16.25
CA GLU F 169 -22.52 -28.50 17.67
C GLU F 169 -21.30 -29.35 17.95
N VAL F 170 -20.86 -30.14 17.00
CA VAL F 170 -19.76 -31.07 17.20
C VAL F 170 -18.47 -30.45 16.69
N ARG F 171 -17.38 -30.72 17.41
CA ARG F 171 -16.04 -30.42 16.94
C ARG F 171 -15.17 -31.65 17.21
N THR F 172 -14.30 -31.97 16.26
CA THR F 172 -13.40 -33.11 16.41
C THR F 172 -12.14 -32.83 15.60
N ARG F 173 -11.07 -33.53 15.98
CA ARG F 173 -9.76 -33.36 15.35
C ARG F 173 -9.15 -34.71 15.07
N ILE F 174 -8.69 -34.92 13.84
CA ILE F 174 -7.97 -36.12 13.43
C ILE F 174 -6.59 -35.69 12.94
N ILE F 175 -5.56 -36.38 13.40
CA ILE F 175 -4.19 -36.09 13.04
C ILE F 175 -3.61 -37.29 12.29
N GLY F 176 -2.37 -37.13 11.81
CA GLY F 176 -1.69 -38.19 11.10
C GLY F 176 -1.96 -38.17 9.60
N GLU F 177 -2.01 -39.36 9.01
CA GLU F 177 -2.18 -39.50 7.57
C GLU F 177 -3.64 -39.30 7.18
N HIS F 178 -3.84 -38.72 5.99
CA HIS F 178 -5.14 -38.73 5.33
C HIS F 178 -5.34 -40.11 4.71
N GLY F 179 -5.45 -41.10 5.58
CA GLY F 179 -5.52 -42.47 5.16
C GLY F 179 -5.87 -43.40 6.31
N ASP F 180 -5.60 -44.69 6.09
CA ASP F 180 -6.07 -45.72 7.01
C ASP F 180 -5.36 -45.71 8.36
N THR F 181 -4.25 -44.97 8.51
CA THR F 181 -3.58 -44.85 9.79
C THR F 181 -3.90 -43.54 10.50
N MET F 182 -4.95 -42.85 10.08
CA MET F 182 -5.37 -41.63 10.74
C MET F 182 -5.67 -41.91 12.21
N VAL F 183 -5.38 -40.93 13.05
CA VAL F 183 -5.53 -41.07 14.50
C VAL F 183 -6.64 -40.16 14.98
N PRO F 184 -7.84 -40.65 15.22
CA PRO F 184 -8.89 -39.79 15.80
C PRO F 184 -8.57 -39.44 17.23
N LEU F 185 -8.77 -38.16 17.58
CA LEU F 185 -8.52 -37.67 18.93
C LEU F 185 -9.86 -37.56 19.66
N ILE F 186 -10.23 -38.64 20.36
CA ILE F 186 -11.45 -38.62 21.15
C ILE F 186 -11.35 -37.61 22.27
N SER F 187 -10.16 -37.42 22.83
CA SER F 187 -9.97 -36.44 23.90
C SER F 187 -10.20 -35.02 23.42
N SER F 188 -10.15 -34.78 22.11
CA SER F 188 -10.43 -33.47 21.52
C SER F 188 -11.73 -33.47 20.73
N THR F 189 -12.68 -34.31 21.14
CA THR F 189 -14.00 -34.38 20.54
C THR F 189 -15.02 -33.83 21.53
N SER F 190 -15.95 -33.02 21.03
CA SER F 190 -16.85 -32.31 21.93
C SER F 190 -18.20 -32.11 21.26
N ILE F 191 -19.22 -31.88 22.10
CA ILE F 191 -20.57 -31.54 21.66
C ILE F 191 -21.02 -30.36 22.51
N GLY F 192 -21.31 -29.23 21.87
CA GLY F 192 -21.64 -28.02 22.60
C GLY F 192 -20.51 -27.55 23.51
N GLY F 193 -19.27 -27.89 23.17
CA GLY F 193 -18.12 -27.54 23.99
C GLY F 193 -17.83 -28.52 25.10
N ILE F 194 -18.72 -29.48 25.36
CA ILE F 194 -18.51 -30.48 26.42
C ILE F 194 -17.69 -31.62 25.82
N PRO F 195 -16.58 -32.04 26.43
CA PRO F 195 -15.89 -33.24 25.95
C PRO F 195 -16.87 -34.40 25.85
N ILE F 196 -16.75 -35.17 24.77
CA ILE F 196 -17.71 -36.23 24.50
C ILE F 196 -17.61 -37.33 25.55
N THR F 197 -16.47 -37.45 26.22
CA THR F 197 -16.31 -38.46 27.26
C THR F 197 -17.03 -38.09 28.56
N ARG F 198 -17.52 -36.86 28.67
CA ARG F 198 -18.26 -36.42 29.86
C ARG F 198 -19.75 -36.67 29.74
N PHE F 199 -20.20 -37.34 28.69
CA PHE F 199 -21.60 -37.73 28.54
C PHE F 199 -21.77 -39.19 28.95
N LYS F 200 -22.80 -39.47 29.75
CA LYS F 200 -23.06 -40.84 30.18
C LYS F 200 -23.36 -41.74 28.99
N SER F 201 -23.97 -41.20 27.94
CA SER F 201 -24.31 -41.98 26.75
C SER F 201 -23.12 -42.24 25.84
N PHE F 202 -21.93 -41.77 26.21
CA PHE F 202 -20.77 -41.96 25.34
C PHE F 202 -20.51 -43.43 25.05
N LYS F 203 -20.82 -44.32 26.01
CA LYS F 203 -20.58 -45.74 25.79
C LYS F 203 -21.37 -46.26 24.59
N ASP F 204 -22.53 -45.65 24.30
CA ASP F 204 -23.37 -46.12 23.20
C ASP F 204 -22.79 -45.77 21.83
N LEU F 205 -21.73 -44.98 21.77
CA LEU F 205 -21.15 -44.58 20.49
C LEU F 205 -20.44 -45.76 19.85
N PRO F 206 -20.88 -46.22 18.66
CA PRO F 206 -20.09 -47.24 17.95
C PRO F 206 -18.84 -46.64 17.33
N LEU F 207 -17.82 -46.42 18.16
CA LEU F 207 -16.67 -45.64 17.73
C LEU F 207 -15.93 -46.34 16.60
N LYS F 208 -15.65 -47.64 16.75
CA LYS F 208 -14.89 -48.37 15.75
C LYS F 208 -15.55 -48.28 14.37
N ASP F 209 -16.86 -48.53 14.31
CA ASP F 209 -17.57 -48.50 13.03
C ASP F 209 -17.55 -47.11 12.43
N ILE F 210 -17.68 -46.07 13.25
CA ILE F 210 -17.67 -44.70 12.75
C ILE F 210 -16.30 -44.34 12.19
N ILE F 211 -15.23 -44.74 12.89
CA ILE F 211 -13.89 -44.48 12.38
C ILE F 211 -13.68 -45.20 11.06
N GLU F 212 -14.19 -46.43 10.95
CA GLU F 212 -14.07 -47.16 9.68
C GLU F 212 -14.84 -46.46 8.56
N ASN F 213 -16.03 -45.95 8.88
CA ASN F 213 -16.79 -45.18 7.89
C ASN F 213 -15.99 -43.96 7.43
N VAL F 214 -15.35 -43.26 8.37
CA VAL F 214 -14.56 -42.10 8.00
C VAL F 214 -13.42 -42.52 7.07
N LYS F 215 -12.73 -43.62 7.42
CA LYS F 215 -11.62 -44.09 6.59
C LYS F 215 -12.07 -44.48 5.19
N ASN F 216 -13.30 -44.98 5.05
CA ASN F 216 -13.77 -45.50 3.76
C ASN F 216 -14.66 -44.53 2.99
N LYS F 217 -14.92 -43.33 3.54
CA LYS F 217 -15.89 -42.44 2.90
C LYS F 217 -15.45 -41.99 1.51
N GLY F 218 -14.16 -41.72 1.32
CA GLY F 218 -13.70 -41.31 -0.01
C GLY F 218 -14.00 -42.35 -1.07
N SER F 219 -13.64 -43.61 -0.78
CA SER F 219 -13.95 -44.70 -1.69
C SER F 219 -15.45 -44.84 -1.88
N LYS F 220 -16.22 -44.67 -0.81
CA LYS F 220 -17.67 -44.81 -0.90
C LYS F 220 -18.25 -43.80 -1.87
N ILE F 221 -17.83 -42.54 -1.75
CA ILE F 221 -18.38 -41.50 -2.63
C ILE F 221 -17.91 -41.71 -4.06
N ILE F 222 -16.67 -42.15 -4.24
CA ILE F 222 -16.21 -42.49 -5.58
C ILE F 222 -17.12 -43.55 -6.20
N ALA F 223 -17.38 -44.62 -5.45
CA ALA F 223 -18.22 -45.70 -5.97
C ALA F 223 -19.63 -45.24 -6.23
N LEU F 224 -20.16 -44.33 -5.41
CA LEU F 224 -21.58 -43.98 -5.52
C LEU F 224 -21.85 -42.95 -6.61
N LYS F 225 -21.07 -41.87 -6.65
CA LYS F 225 -21.33 -40.81 -7.62
C LYS F 225 -20.10 -40.35 -8.38
N GLY F 226 -18.95 -40.98 -8.19
CA GLY F 226 -17.77 -40.68 -8.98
C GLY F 226 -16.72 -39.85 -8.28
N GLY F 227 -16.94 -39.49 -7.02
CA GLY F 227 -15.94 -38.75 -6.26
C GLY F 227 -16.55 -37.55 -5.55
N SER F 228 -15.95 -37.19 -4.42
CA SER F 228 -16.40 -36.04 -3.65
C SER F 228 -16.14 -34.75 -4.43
N GLU F 229 -16.98 -33.74 -4.17
CA GLU F 229 -16.76 -32.42 -4.74
C GLU F 229 -17.11 -31.31 -3.76
N PHE F 230 -18.34 -31.34 -3.21
CA PHE F 230 -18.76 -30.25 -2.33
C PHE F 230 -18.08 -30.32 -0.97
N GLY F 231 -17.83 -31.52 -0.44
CA GLY F 231 -17.22 -31.67 0.86
C GLY F 231 -15.82 -31.08 0.93
N PRO F 232 -14.94 -31.56 0.05
CA PRO F 232 -13.59 -30.97 0.00
C PRO F 232 -13.60 -29.48 -0.28
N ALA F 233 -14.47 -29.05 -1.19
CA ALA F 233 -14.54 -27.63 -1.52
C ALA F 233 -14.92 -26.81 -0.29
N ALA F 234 -15.88 -27.28 0.51
CA ALA F 234 -16.29 -26.53 1.68
C ALA F 234 -15.23 -26.57 2.77
N ALA F 235 -14.48 -27.68 2.89
CA ALA F 235 -13.36 -27.71 3.83
C ALA F 235 -12.29 -26.68 3.44
N VAL F 236 -11.99 -26.61 2.14
CA VAL F 236 -11.06 -25.60 1.64
C VAL F 236 -11.60 -24.20 1.94
N LEU F 237 -12.91 -24.01 1.79
CA LEU F 237 -13.52 -22.72 2.09
C LEU F 237 -13.32 -22.35 3.55
N ASN F 238 -13.54 -23.30 4.46
CA ASN F 238 -13.33 -23.05 5.87
C ASN F 238 -11.90 -22.57 6.13
N VAL F 239 -10.92 -23.30 5.60
CA VAL F 239 -9.52 -22.90 5.80
C VAL F 239 -9.28 -21.51 5.21
N VAL F 240 -9.80 -21.24 4.02
CA VAL F 240 -9.54 -19.96 3.38
C VAL F 240 -10.16 -18.83 4.19
N ARG F 241 -11.33 -19.07 4.80
CA ARG F 241 -11.92 -18.06 5.67
C ARG F 241 -10.99 -17.77 6.84
N SER F 242 -10.36 -18.81 7.40
CA SER F 242 -9.42 -18.53 8.48
C SER F 242 -8.24 -17.68 7.98
N ILE F 243 -7.75 -17.99 6.77
CA ILE F 243 -6.59 -17.25 6.25
C ILE F 243 -6.94 -15.79 5.98
N ALA F 244 -8.13 -15.54 5.40
CA ALA F 244 -8.44 -14.23 4.85
C ALA F 244 -8.54 -13.16 5.93
N ASN F 245 -9.05 -13.51 7.10
CA ASN F 245 -9.19 -12.56 8.20
C ASN F 245 -8.24 -12.87 9.35
N ASN F 246 -7.18 -13.63 9.08
CA ASN F 246 -6.14 -13.94 10.06
C ASN F 246 -6.75 -14.36 11.39
N GLU F 247 -7.67 -15.33 11.32
CA GLU F 247 -8.33 -15.83 12.52
C GLU F 247 -7.44 -16.75 13.34
N ASN F 248 -6.37 -17.28 12.74
CA ASN F 248 -5.50 -18.24 13.42
C ASN F 248 -6.32 -19.41 13.97
N ARG F 249 -7.22 -19.92 13.14
CA ARG F 249 -8.09 -21.00 13.60
C ARG F 249 -7.25 -22.25 13.85
N LEU F 250 -7.57 -22.95 14.94
CA LEU F 250 -6.89 -24.20 15.29
C LEU F 250 -7.58 -25.33 14.53
N LEU F 251 -6.92 -25.81 13.48
CA LEU F 251 -7.41 -26.88 12.62
C LEU F 251 -6.35 -27.97 12.56
N THR F 252 -6.63 -29.04 11.83
CA THR F 252 -5.64 -30.08 11.56
C THR F 252 -5.34 -30.04 10.08
N LEU F 253 -4.11 -29.64 9.73
CA LEU F 253 -3.70 -29.58 8.34
C LEU F 253 -2.37 -30.29 8.18
N SER F 254 -2.11 -30.76 6.97
CA SER F 254 -0.85 -31.44 6.67
C SER F 254 0.23 -30.40 6.43
N THR F 255 1.31 -30.46 7.20
CA THR F 255 2.42 -29.56 6.98
C THR F 255 3.71 -30.25 7.39
N TYR F 256 4.83 -29.58 7.11
CA TYR F 256 6.16 -30.15 7.31
C TYR F 256 6.62 -29.98 8.75
N LEU F 257 7.19 -31.03 9.30
CA LEU F 257 7.64 -31.06 10.69
C LEU F 257 9.16 -30.97 10.72
N ASP F 258 9.67 -30.05 11.53
CA ASP F 258 11.11 -29.83 11.70
C ASP F 258 11.46 -29.90 13.19
N GLY F 259 11.02 -30.98 13.84
CA GLY F 259 11.29 -31.21 15.26
C GLY F 259 10.04 -31.38 16.10
N GLU F 260 8.92 -30.82 15.66
CA GLU F 260 7.69 -30.92 16.44
C GLU F 260 7.33 -32.38 16.68
N PHE F 261 7.03 -32.71 17.93
CA PHE F 261 6.61 -34.05 18.35
C PHE F 261 7.72 -35.09 18.18
N GLY F 262 8.93 -34.67 17.83
CA GLY F 262 10.05 -35.59 17.69
C GLY F 262 10.18 -36.24 16.33
N PHE F 263 9.60 -35.66 15.28
CA PHE F 263 9.65 -36.20 13.93
C PHE F 263 10.16 -35.14 12.97
N SER F 264 10.73 -35.59 11.86
CA SER F 264 11.37 -34.69 10.92
C SER F 264 11.28 -35.25 9.52
N ASP F 265 11.51 -34.37 8.54
CA ASP F 265 11.54 -34.73 7.13
C ASP F 265 10.28 -35.48 6.73
N VAL F 266 9.13 -34.94 7.12
CA VAL F 266 7.84 -35.56 6.83
C VAL F 266 6.78 -34.48 6.90
N CYS F 267 5.71 -34.68 6.13
CA CYS F 267 4.52 -33.84 6.20
C CYS F 267 3.38 -34.69 6.74
N ALA F 268 2.69 -34.18 7.75
CA ALA F 268 1.57 -34.92 8.31
C ALA F 268 0.51 -33.94 8.79
N GLY F 269 -0.70 -34.48 8.96
CA GLY F 269 -1.79 -33.71 9.53
C GLY F 269 -1.53 -33.46 11.00
N VAL F 270 -1.44 -32.19 11.38
CA VAL F 270 -1.13 -31.82 12.76
C VAL F 270 -1.97 -30.62 13.15
N PRO F 271 -2.11 -30.39 14.46
CA PRO F 271 -2.74 -29.13 14.92
C PRO F 271 -1.94 -27.94 14.44
N VAL F 272 -2.64 -27.00 13.82
CA VAL F 272 -2.03 -25.81 13.26
C VAL F 272 -2.97 -24.64 13.50
N LYS F 273 -2.39 -23.47 13.68
CA LYS F 273 -3.11 -22.22 13.62
C LYS F 273 -2.98 -21.68 12.21
N VAL F 274 -4.11 -21.45 11.55
CA VAL F 274 -4.17 -20.99 10.18
C VAL F 274 -4.47 -19.51 10.19
N GLY F 275 -3.57 -18.72 9.58
CA GLY F 275 -3.70 -17.28 9.49
C GLY F 275 -3.13 -16.74 8.19
N LYS F 276 -3.04 -15.41 8.08
CA LYS F 276 -2.67 -14.78 6.83
C LYS F 276 -1.28 -15.21 6.36
N ASP F 277 -0.38 -15.52 7.29
CA ASP F 277 0.98 -15.92 6.94
C ASP F 277 1.15 -17.43 6.84
N GLY F 278 0.05 -18.18 6.87
CA GLY F 278 0.13 -19.62 6.73
C GLY F 278 -0.18 -20.37 8.01
N VAL F 279 0.49 -21.49 8.22
CA VAL F 279 0.17 -22.41 9.31
C VAL F 279 1.32 -22.40 10.31
N GLU F 280 0.97 -22.39 11.59
CA GLU F 280 1.92 -22.49 12.69
C GLU F 280 1.56 -23.74 13.49
N ILE F 281 2.50 -24.68 13.59
CA ILE F 281 2.23 -25.92 14.29
C ILE F 281 2.08 -25.64 15.78
N VAL F 282 1.06 -26.24 16.39
CA VAL F 282 0.79 -26.09 17.81
C VAL F 282 1.34 -27.33 18.51
N THR F 283 2.45 -27.16 19.22
CA THR F 283 3.01 -28.23 20.03
C THR F 283 2.54 -28.18 21.48
N ASP F 284 1.80 -27.13 21.85
CA ASP F 284 1.33 -26.99 23.23
C ASP F 284 0.30 -28.05 23.60
N ILE F 285 -0.27 -28.75 22.64
CA ILE F 285 -1.25 -29.79 22.94
C ILE F 285 -0.54 -31.02 23.48
N VAL F 286 -1.17 -31.69 24.43
CA VAL F 286 -0.63 -32.86 25.10
C VAL F 286 -1.42 -34.08 24.63
N PHE F 287 -0.70 -35.15 24.27
CA PHE F 287 -1.30 -36.36 23.73
C PHE F 287 -1.14 -37.50 24.71
N SER F 288 -2.16 -38.35 24.79
CA SER F 288 -2.04 -39.59 25.53
C SER F 288 -0.98 -40.48 24.89
N LYS F 289 -0.53 -41.49 25.63
CA LYS F 289 0.49 -42.38 25.09
C LYS F 289 -0.07 -43.16 23.89
N GLU F 290 -1.33 -43.58 23.96
CA GLU F 290 -1.93 -44.33 22.87
C GLU F 290 -2.02 -43.48 21.61
N GLU F 291 -2.55 -42.26 21.74
CA GLU F 291 -2.68 -41.38 20.59
C GLU F 291 -1.32 -41.06 19.98
N PHE F 292 -0.32 -40.79 20.82
CA PHE F 292 1.01 -40.45 20.30
C PHE F 292 1.65 -41.64 19.62
N GLU F 293 1.41 -42.85 20.12
CA GLU F 293 1.94 -44.04 19.47
C GLU F 293 1.30 -44.23 18.09
N ALA F 294 -0.03 -44.09 18.02
CA ALA F 294 -0.69 -44.19 16.72
C ALA F 294 -0.16 -43.13 15.76
N PHE F 295 0.10 -41.92 16.27
CA PHE F 295 0.61 -40.85 15.42
C PHE F 295 2.03 -41.16 14.92
N LYS F 296 2.87 -41.72 15.79
CA LYS F 296 4.19 -42.16 15.38
C LYS F 296 4.11 -43.17 14.24
N TYR F 297 3.27 -44.19 14.40
CA TYR F 297 3.09 -45.18 13.35
C TYR F 297 2.64 -44.51 12.05
N SER F 298 1.72 -43.55 12.16
CA SER F 298 1.22 -42.84 10.99
C SER F 298 2.35 -42.10 10.28
N ILE F 299 3.19 -41.40 11.04
CA ILE F 299 4.28 -40.64 10.42
C ILE F 299 5.25 -41.57 9.71
N GLU F 300 5.56 -42.72 10.31
CA GLU F 300 6.45 -43.66 9.64
C GLU F 300 5.85 -44.13 8.32
N THR F 301 4.57 -44.50 8.34
CA THR F 301 3.88 -44.87 7.11
C THR F 301 4.04 -43.78 6.05
N ILE F 302 3.87 -42.52 6.44
CA ILE F 302 3.95 -41.43 5.45
C ILE F 302 5.38 -41.28 4.93
N LYS F 303 6.36 -41.35 5.83
CA LYS F 303 7.74 -41.14 5.42
C LYS F 303 8.19 -42.18 4.40
N ARG F 304 7.68 -43.41 4.50
CA ARG F 304 8.11 -44.41 3.53
C ARG F 304 7.75 -44.01 2.10
N TYR F 305 6.63 -43.29 1.90
CA TYR F 305 6.30 -42.77 0.57
C TYR F 305 7.09 -41.50 0.25
N CYS F 306 7.21 -40.61 1.24
CA CYS F 306 7.95 -39.37 1.02
C CYS F 306 9.37 -39.65 0.52
N GLU F 307 10.04 -40.63 1.12
CA GLU F 307 11.39 -40.98 0.69
C GLU F 307 11.40 -41.45 -0.76
N GLU F 308 10.33 -42.12 -1.19
CA GLU F 308 10.29 -42.65 -2.54
C GLU F 308 10.04 -41.56 -3.57
N ILE F 309 9.33 -40.49 -3.21
CA ILE F 309 9.01 -39.45 -4.19
C ILE F 309 9.85 -38.20 -4.04
N LYS F 310 10.77 -38.15 -3.06
CA LYS F 310 11.43 -36.89 -2.74
C LYS F 310 12.18 -36.31 -3.93
N GLU F 311 12.83 -37.15 -4.72
CA GLU F 311 13.76 -36.71 -5.75
C GLU F 311 13.23 -36.87 -7.16
N LEU F 312 11.95 -37.20 -7.33
CA LEU F 312 11.38 -37.36 -8.66
C LEU F 312 11.05 -36.01 -9.29
N MET G 1 -41.21 -15.61 12.52
CA MET G 1 -41.22 -15.47 14.00
C MET G 1 -41.74 -14.10 14.40
N LYS G 2 -42.48 -14.05 15.51
CA LYS G 2 -43.01 -12.82 16.07
C LYS G 2 -42.54 -12.73 17.52
N VAL G 3 -41.86 -11.64 17.86
CA VAL G 3 -41.28 -11.46 19.18
C VAL G 3 -41.82 -10.17 19.78
N SER G 4 -42.17 -10.23 21.06
CA SER G 4 -42.50 -9.04 21.83
C SER G 4 -41.38 -8.77 22.82
N ILE G 5 -41.09 -7.50 23.06
CA ILE G 5 -40.04 -7.07 23.98
C ILE G 5 -40.67 -6.08 24.95
N ILE G 6 -40.90 -6.52 26.18
CA ILE G 6 -41.36 -5.65 27.25
C ILE G 6 -40.12 -5.08 27.95
N GLY G 7 -39.97 -3.76 27.89
CA GLY G 7 -38.76 -3.11 28.35
C GLY G 7 -37.89 -2.59 27.23
N ALA G 8 -38.40 -2.53 26.01
CA ALA G 8 -37.60 -2.05 24.89
C ALA G 8 -37.16 -0.60 25.07
N SER G 9 -37.77 0.14 26.00
CA SER G 9 -37.42 1.54 26.20
C SER G 9 -36.11 1.70 26.97
N GLY G 10 -35.63 0.64 27.62
CA GLY G 10 -34.32 0.66 28.24
C GLY G 10 -33.22 0.35 27.23
N LYS G 11 -31.97 0.45 27.69
CA LYS G 11 -30.84 0.29 26.78
C LYS G 11 -30.72 -1.16 26.31
N VAL G 12 -30.75 -2.11 27.24
CA VAL G 12 -30.66 -3.52 26.86
C VAL G 12 -31.83 -3.88 25.94
N GLY G 13 -33.04 -3.48 26.31
CA GLY G 13 -34.20 -3.84 25.50
C GLY G 13 -34.15 -3.24 24.11
N SER G 14 -33.67 -2.00 24.01
CA SER G 14 -33.61 -1.35 22.70
C SER G 14 -32.53 -1.98 21.83
N ALA G 15 -31.38 -2.34 22.42
CA ALA G 15 -30.37 -3.07 21.66
C ALA G 15 -30.90 -4.41 21.17
N ILE G 16 -31.64 -5.12 22.03
CA ILE G 16 -32.26 -6.38 21.62
C ILE G 16 -33.24 -6.14 20.47
N SER G 17 -34.05 -5.09 20.58
CA SER G 17 -34.99 -4.77 19.51
C SER G 17 -34.26 -4.59 18.18
N PHE G 18 -33.19 -3.80 18.20
CA PHE G 18 -32.43 -3.58 16.98
C PHE G 18 -31.89 -4.89 16.42
N LEU G 19 -31.22 -5.68 17.26
CA LEU G 19 -30.59 -6.90 16.73
C LEU G 19 -31.62 -7.90 16.21
N LEU G 20 -32.73 -8.08 16.93
CA LEU G 20 -33.72 -9.07 16.50
C LEU G 20 -34.45 -8.61 15.25
N ALA G 21 -34.77 -7.31 15.15
CA ALA G 21 -35.41 -6.82 13.94
C ALA G 21 -34.57 -7.10 12.71
N ASN G 22 -33.24 -7.17 12.87
CA ASN G 22 -32.36 -7.45 11.74
C ASN G 22 -32.34 -8.92 11.35
N GLU G 23 -32.78 -9.82 12.22
CA GLU G 23 -32.77 -11.24 11.90
C GLU G 23 -33.80 -11.54 10.81
N PRO G 24 -33.43 -12.27 9.75
CA PRO G 24 -34.37 -12.46 8.63
C PRO G 24 -35.65 -13.17 9.03
N TYR G 25 -35.61 -13.99 10.08
CA TYR G 25 -36.77 -14.77 10.49
C TYR G 25 -37.71 -13.99 11.39
N VAL G 26 -37.27 -12.87 11.96
CA VAL G 26 -38.12 -12.05 12.83
C VAL G 26 -38.92 -11.13 11.93
N LYS G 27 -40.15 -11.54 11.61
CA LYS G 27 -40.99 -10.78 10.70
C LYS G 27 -41.82 -9.70 11.40
N GLU G 28 -42.11 -9.88 12.69
CA GLU G 28 -42.88 -8.90 13.44
C GLU G 28 -42.25 -8.73 14.82
N LEU G 29 -42.06 -7.48 15.21
CA LEU G 29 -41.53 -7.13 16.53
C LEU G 29 -42.55 -6.21 17.20
N VAL G 30 -42.84 -6.48 18.47
CA VAL G 30 -43.75 -5.67 19.26
C VAL G 30 -42.94 -5.06 20.40
N LEU G 31 -42.91 -3.73 20.46
CA LEU G 31 -42.23 -3.00 21.52
C LEU G 31 -43.25 -2.54 22.55
N ILE G 32 -43.01 -2.84 23.82
CA ILE G 32 -43.97 -2.61 24.89
C ILE G 32 -43.29 -1.88 26.04
N SER G 33 -43.97 -0.86 26.55
CA SER G 33 -43.45 -0.06 27.65
C SER G 33 -44.61 0.53 28.44
N ARG G 34 -44.27 1.16 29.55
CA ARG G 34 -45.26 1.96 30.27
C ARG G 34 -45.75 3.08 29.36
N GLU G 35 -46.98 3.54 29.64
CA GLU G 35 -47.58 4.56 28.78
C GLU G 35 -46.68 5.78 28.64
N LYS G 36 -46.09 6.24 29.73
CA LYS G 36 -45.26 7.44 29.70
C LYS G 36 -44.15 7.34 28.65
N SER G 37 -43.68 6.13 28.35
CA SER G 37 -42.55 5.94 27.46
C SER G 37 -42.94 5.58 26.04
N ILE G 38 -44.23 5.65 25.69
CA ILE G 38 -44.62 5.26 24.34
C ILE G 38 -43.81 6.01 23.31
N ASP G 39 -43.69 7.34 23.48
CA ASP G 39 -42.92 8.14 22.53
C ASP G 39 -41.54 7.54 22.30
N LYS G 40 -40.84 7.18 23.39
CA LYS G 40 -39.53 6.56 23.24
C LYS G 40 -39.60 5.40 22.25
N LEU G 41 -40.51 4.45 22.51
CA LEU G 41 -40.65 3.30 21.61
C LEU G 41 -40.84 3.78 20.17
N ARG G 42 -41.73 4.75 19.96
CA ARG G 42 -41.94 5.25 18.61
C ARG G 42 -40.62 5.67 17.99
N GLY G 43 -39.86 6.52 18.69
CA GLY G 43 -38.54 6.91 18.20
C GLY G 43 -37.70 5.70 17.86
N LEU G 44 -37.59 4.76 18.81
CA LEU G 44 -36.82 3.56 18.57
C LEU G 44 -37.25 2.91 17.26
N ARG G 45 -38.56 2.74 17.07
CA ARG G 45 -39.04 2.07 15.88
C ARG G 45 -38.47 2.73 14.64
N GLU G 46 -38.64 4.05 14.54
CA GLU G 46 -38.15 4.74 13.34
C GLU G 46 -36.66 4.52 13.18
N ASP G 47 -35.91 4.71 14.27
CA ASP G 47 -34.47 4.50 14.20
C ASP G 47 -34.16 3.13 13.63
N ILE G 48 -34.84 2.09 14.16
CA ILE G 48 -34.55 0.74 13.72
C ILE G 48 -34.86 0.59 12.24
N TYR G 49 -35.98 1.17 11.80
CA TYR G 49 -36.31 1.10 10.38
C TYR G 49 -35.17 1.68 9.56
N ASP G 50 -34.65 2.84 9.97
CA ASP G 50 -33.53 3.43 9.25
C ASP G 50 -32.37 2.46 9.20
N ALA G 51 -32.05 1.85 10.34
CA ALA G 51 -30.96 0.89 10.39
C ALA G 51 -31.20 -0.25 9.41
N LEU G 52 -32.44 -0.74 9.32
CA LEU G 52 -32.72 -1.85 8.43
C LEU G 52 -32.42 -1.44 6.99
N ALA G 53 -32.73 -0.19 6.64
CA ALA G 53 -32.47 0.28 5.28
C ALA G 53 -30.98 0.23 4.98
N GLY G 54 -30.14 0.32 6.01
CA GLY G 54 -28.71 0.27 5.82
C GLY G 54 -28.17 -1.15 5.84
N THR G 55 -28.90 -2.07 6.47
CA THR G 55 -28.46 -3.46 6.57
C THR G 55 -29.07 -4.36 5.50
N LYS G 56 -29.97 -3.82 4.67
CA LYS G 56 -30.65 -4.59 3.63
C LYS G 56 -31.56 -5.66 4.22
N ARG G 57 -32.12 -5.39 5.39
CA ARG G 57 -33.05 -6.28 6.06
C ARG G 57 -34.43 -5.61 6.13
N ASP G 58 -35.35 -6.26 6.83
CA ASP G 58 -36.73 -5.79 6.81
C ASP G 58 -37.45 -6.33 8.04
N CYS G 59 -38.46 -5.59 8.49
CA CYS G 59 -39.24 -5.99 9.66
C CYS G 59 -40.45 -5.07 9.79
N GLU G 60 -41.52 -5.61 10.38
CA GLU G 60 -42.70 -4.83 10.75
C GLU G 60 -42.68 -4.67 12.26
N ILE G 61 -42.71 -3.42 12.73
CA ILE G 61 -42.59 -3.10 14.15
C ILE G 61 -43.85 -2.37 14.59
N ASN G 62 -44.43 -2.82 15.70
CA ASN G 62 -45.59 -2.20 16.31
C ASN G 62 -45.25 -1.78 17.74
N VAL G 63 -46.03 -0.85 18.27
CA VAL G 63 -45.81 -0.26 19.59
C VAL G 63 -47.12 -0.27 20.36
N SER G 64 -47.05 -0.64 21.63
CA SER G 64 -48.21 -0.63 22.51
C SER G 64 -47.74 -0.51 23.95
N ASP G 65 -48.67 -0.20 24.84
CA ASP G 65 -48.37 0.01 26.25
C ASP G 65 -48.46 -1.31 27.02
N ASP G 66 -48.01 -1.26 28.27
CA ASP G 66 -47.82 -2.45 29.09
C ASP G 66 -49.06 -2.87 29.88
N LYS G 67 -50.20 -2.22 29.65
CA LYS G 67 -51.46 -2.64 30.26
C LYS G 67 -52.38 -3.32 29.26
N THR G 68 -52.59 -2.70 28.09
CA THR G 68 -53.32 -3.35 27.02
C THR G 68 -52.54 -4.54 26.46
N LEU G 69 -51.23 -4.41 26.32
CA LEU G 69 -50.40 -5.43 25.67
C LEU G 69 -50.90 -5.73 24.27
N LYS G 70 -51.33 -4.68 23.55
CA LYS G 70 -51.80 -4.86 22.19
C LYS G 70 -50.69 -5.40 21.29
N PHE G 71 -51.07 -6.24 20.33
CA PHE G 71 -50.24 -6.89 19.34
C PHE G 71 -49.44 -8.06 19.92
N LEU G 72 -49.38 -8.22 21.25
CA LEU G 72 -48.59 -9.31 21.81
C LEU G 72 -49.16 -10.68 21.47
N ASP G 73 -50.49 -10.79 21.41
CA ASP G 73 -51.11 -12.07 21.12
C ASP G 73 -50.54 -12.66 19.83
N GLY G 74 -50.08 -13.91 19.91
CA GLY G 74 -49.51 -14.59 18.77
C GLY G 74 -47.99 -14.60 18.73
N SER G 75 -47.34 -13.97 19.69
CA SER G 75 -45.88 -13.95 19.71
C SER G 75 -45.33 -15.32 20.08
N ASP G 76 -44.32 -15.76 19.33
CA ASP G 76 -43.59 -16.97 19.68
C ASP G 76 -42.74 -16.78 20.92
N LEU G 77 -42.35 -15.55 21.23
CA LEU G 77 -41.41 -15.28 22.32
C LEU G 77 -41.66 -13.88 22.87
N VAL G 78 -41.60 -13.76 24.19
CA VAL G 78 -41.69 -12.47 24.87
C VAL G 78 -40.44 -12.32 25.74
N ILE G 79 -39.64 -11.30 25.45
CA ILE G 79 -38.43 -10.99 26.18
C ILE G 79 -38.72 -9.85 27.13
N ILE G 80 -38.41 -10.03 28.42
CA ILE G 80 -38.72 -9.03 29.43
C ILE G 80 -37.42 -8.50 30.03
N THR G 81 -37.13 -7.23 29.79
CA THR G 81 -35.99 -6.54 30.38
C THR G 81 -36.41 -5.46 31.37
N SER G 82 -37.70 -5.29 31.61
CA SER G 82 -38.17 -4.24 32.51
C SER G 82 -37.65 -4.48 33.92
N GLY G 83 -37.10 -3.42 34.52
CA GLY G 83 -36.54 -3.50 35.85
C GLY G 83 -36.23 -2.13 36.42
N VAL G 84 -36.24 -2.01 37.74
CA VAL G 84 -36.00 -0.73 38.40
C VAL G 84 -34.49 -0.58 38.63
N PRO G 85 -33.94 0.63 38.54
CA PRO G 85 -32.52 0.81 38.87
C PRO G 85 -32.25 0.46 40.33
N ARG G 86 -31.20 -0.31 40.55
CA ARG G 86 -30.81 -0.69 41.91
C ARG G 86 -30.02 0.46 42.54
N THR G 87 -30.60 1.08 43.57
CA THR G 87 -29.91 2.10 44.32
C THR G 87 -28.94 1.47 45.32
N PRO G 88 -27.93 2.21 45.76
CA PRO G 88 -26.96 1.63 46.71
C PRO G 88 -27.58 1.21 48.02
N GLU G 89 -28.76 1.73 48.37
CA GLU G 89 -29.43 1.38 49.62
C GLU G 89 -30.20 0.07 49.54
N MET G 90 -30.23 -0.59 48.38
CA MET G 90 -31.01 -1.81 48.18
C MET G 90 -30.12 -3.03 48.25
N SER G 91 -30.60 -4.06 48.94
CA SER G 91 -29.96 -5.37 48.92
C SER G 91 -30.45 -6.15 47.71
N ARG G 92 -29.82 -7.30 47.47
CA ARG G 92 -30.27 -8.18 46.39
C ARG G 92 -31.73 -8.58 46.58
N LEU G 93 -32.14 -8.79 47.84
CA LEU G 93 -33.51 -9.21 48.11
C LEU G 93 -34.49 -8.07 47.91
N ASP G 94 -34.10 -6.84 48.24
CA ASP G 94 -34.95 -5.68 47.97
C ASP G 94 -35.23 -5.56 46.47
N LEU G 95 -34.17 -5.63 45.66
CA LEU G 95 -34.34 -5.61 44.21
C LEU G 95 -35.22 -6.77 43.76
N ALA G 96 -35.00 -7.95 44.32
CA ALA G 96 -35.80 -9.11 43.93
C ALA G 96 -37.27 -8.85 44.18
N LYS G 97 -37.62 -8.30 45.34
CA LYS G 97 -39.02 -8.03 45.66
C LYS G 97 -39.62 -7.01 44.70
N VAL G 98 -38.97 -5.85 44.57
CA VAL G 98 -39.53 -4.79 43.73
C VAL G 98 -39.71 -5.28 42.30
N ASN G 99 -38.68 -5.95 41.75
CA ASN G 99 -38.79 -6.42 40.37
C ASN G 99 -39.73 -7.61 40.24
N ALA G 100 -39.91 -8.39 41.31
CA ALA G 100 -40.89 -9.47 41.28
C ALA G 100 -42.28 -8.92 41.06
N LYS G 101 -42.59 -7.77 41.66
CA LYS G 101 -43.87 -7.13 41.36
C LYS G 101 -44.08 -7.01 39.85
N ILE G 102 -43.11 -6.39 39.16
CA ILE G 102 -43.23 -6.13 37.73
C ILE G 102 -43.33 -7.44 36.94
N ILE G 103 -42.43 -8.37 37.26
CA ILE G 103 -42.36 -9.61 36.48
C ILE G 103 -43.65 -10.41 36.65
N GLY G 104 -44.15 -10.51 37.88
CA GLY G 104 -45.38 -11.25 38.10
C GLY G 104 -46.56 -10.62 37.38
N ASN G 105 -46.70 -9.30 37.48
CA ASN G 105 -47.78 -8.62 36.76
C ASN G 105 -47.73 -8.95 35.28
N TYR G 106 -46.56 -8.77 34.66
CA TYR G 106 -46.43 -9.01 33.22
C TYR G 106 -46.71 -10.47 32.88
N ALA G 107 -46.18 -11.40 33.68
CA ALA G 107 -46.35 -12.81 33.39
C ALA G 107 -47.81 -13.21 33.43
N LYS G 108 -48.55 -12.72 34.43
CA LYS G 108 -49.96 -13.07 34.53
C LYS G 108 -50.75 -12.47 33.38
N LYS G 109 -50.50 -11.21 33.02
CA LYS G 109 -51.20 -10.63 31.88
C LYS G 109 -50.93 -11.44 30.60
N ILE G 110 -49.66 -11.79 30.37
CA ILE G 110 -49.30 -12.55 29.19
C ILE G 110 -50.04 -13.89 29.16
N ALA G 111 -49.98 -14.62 30.28
CA ALA G 111 -50.68 -15.90 30.34
C ALA G 111 -52.19 -15.73 30.12
N GLU G 112 -52.75 -14.60 30.53
CA GLU G 112 -54.16 -14.35 30.26
C GLU G 112 -54.43 -14.13 28.79
N ILE G 113 -53.46 -13.59 28.04
CA ILE G 113 -53.70 -13.36 26.62
C ILE G 113 -53.46 -14.62 25.80
N CYS G 114 -52.35 -15.30 26.01
CA CYS G 114 -51.97 -16.41 25.14
C CYS G 114 -50.93 -17.27 25.84
N GLU G 115 -50.53 -18.35 25.17
CA GLU G 115 -49.41 -19.18 25.58
C GLU G 115 -48.20 -18.86 24.70
N THR G 116 -47.03 -18.73 25.33
CA THR G 116 -45.84 -18.32 24.62
C THR G 116 -44.62 -18.66 25.48
N LYS G 117 -43.44 -18.39 24.95
CA LYS G 117 -42.20 -18.56 25.69
C LYS G 117 -41.79 -17.24 26.30
N LEU G 118 -41.35 -17.29 27.56
CA LEU G 118 -40.90 -16.11 28.29
C LEU G 118 -39.40 -16.18 28.48
N PHE G 119 -38.70 -15.14 28.02
CA PHE G 119 -37.24 -15.02 28.13
C PHE G 119 -36.96 -13.84 29.06
N ILE G 120 -36.58 -14.13 30.30
CA ILE G 120 -36.46 -13.13 31.35
C ILE G 120 -35.01 -12.68 31.43
N ILE G 121 -34.80 -11.36 31.31
CA ILE G 121 -33.49 -10.77 31.51
C ILE G 121 -33.39 -10.01 32.83
N THR G 122 -34.51 -9.56 33.38
CA THR G 122 -34.51 -8.76 34.60
C THR G 122 -33.80 -9.46 35.73
N ASN G 123 -32.93 -8.70 36.47
CA ASN G 123 -32.16 -9.25 37.59
C ASN G 123 -32.92 -9.10 38.89
N PRO G 124 -32.67 -9.96 39.90
CA PRO G 124 -31.82 -11.17 39.87
C PRO G 124 -32.44 -12.19 38.92
N VAL G 125 -31.71 -12.61 37.89
CA VAL G 125 -32.34 -13.26 36.74
C VAL G 125 -32.97 -14.59 37.16
N ASP G 126 -32.31 -15.35 38.02
CA ASP G 126 -32.84 -16.64 38.46
C ASP G 126 -34.16 -16.44 39.20
N VAL G 127 -34.19 -15.49 40.14
CA VAL G 127 -35.37 -15.25 40.95
C VAL G 127 -36.51 -14.73 40.09
N MET G 128 -36.19 -13.89 39.11
CA MET G 128 -37.24 -13.34 38.24
C MET G 128 -37.77 -14.41 37.27
N THR G 129 -36.91 -15.31 36.81
CA THR G 129 -37.38 -16.46 36.03
C THR G 129 -38.32 -17.31 36.86
N TYR G 130 -37.95 -17.55 38.13
CA TYR G 130 -38.81 -18.31 39.03
C TYR G 130 -40.17 -17.64 39.19
N LYS G 131 -40.17 -16.32 39.40
CA LYS G 131 -41.43 -15.61 39.56
C LYS G 131 -42.27 -15.67 38.30
N ALA G 132 -41.64 -15.48 37.14
CA ALA G 132 -42.38 -15.57 35.88
C ALA G 132 -42.99 -16.95 35.71
N TYR G 133 -42.24 -17.99 36.06
CA TYR G 133 -42.77 -19.35 35.97
C TYR G 133 -44.00 -19.53 36.86
N ILE G 134 -43.90 -19.13 38.13
CA ILE G 134 -45.00 -19.43 39.05
C ILE G 134 -46.23 -18.58 38.73
N ASP G 135 -46.03 -17.33 38.30
CA ASP G 135 -47.19 -16.47 38.06
C ASP G 135 -47.81 -16.69 36.67
N SER G 136 -47.01 -17.12 35.69
CA SER G 136 -47.57 -17.39 34.37
C SER G 136 -48.33 -18.71 34.33
N LYS G 137 -47.94 -19.65 35.18
CA LYS G 137 -48.43 -21.03 35.17
C LYS G 137 -48.05 -21.77 33.90
N PHE G 138 -47.18 -21.19 33.08
CA PHE G 138 -46.75 -21.84 31.85
C PHE G 138 -45.97 -23.12 32.14
N GLU G 139 -45.96 -24.01 31.16
CA GLU G 139 -45.07 -25.17 31.19
C GLU G 139 -43.64 -24.71 31.44
N ARG G 140 -42.92 -25.46 32.27
CA ARG G 140 -41.65 -24.95 32.79
C ARG G 140 -40.59 -24.83 31.69
N ASN G 141 -40.63 -25.68 30.67
CA ASN G 141 -39.68 -25.55 29.58
C ASN G 141 -39.90 -24.30 28.75
N LYS G 142 -41.03 -23.62 28.93
CA LYS G 142 -41.33 -22.42 28.17
C LYS G 142 -40.84 -21.15 28.85
N VAL G 143 -40.32 -21.24 30.08
CA VAL G 143 -39.89 -20.08 30.85
C VAL G 143 -38.42 -20.25 31.19
N PHE G 144 -37.60 -19.30 30.76
CA PHE G 144 -36.16 -19.38 30.95
C PHE G 144 -35.59 -17.97 31.00
N GLY G 145 -34.42 -17.85 31.63
CA GLY G 145 -33.75 -16.57 31.74
C GLY G 145 -32.31 -16.67 31.28
N LEU G 146 -31.73 -15.51 30.98
CA LEU G 146 -30.37 -15.48 30.46
C LEU G 146 -29.41 -16.19 31.41
N GLY G 147 -29.60 -16.00 32.71
CA GLY G 147 -28.84 -16.78 33.68
C GLY G 147 -27.35 -16.66 33.49
N THR G 148 -26.67 -17.80 33.50
CA THR G 148 -25.22 -17.85 33.43
C THR G 148 -24.67 -17.86 32.00
N HIS G 149 -25.53 -17.65 31.00
CA HIS G 149 -25.04 -17.63 29.62
C HIS G 149 -24.12 -16.43 29.39
N LEU G 150 -24.53 -15.26 29.86
CA LEU G 150 -23.68 -14.07 29.73
C LEU G 150 -22.38 -14.24 30.49
N ASP G 151 -22.43 -14.87 31.67
CA ASP G 151 -21.21 -15.18 32.39
C ASP G 151 -20.30 -16.07 31.55
N SER G 152 -20.88 -17.07 30.88
CA SER G 152 -20.09 -17.97 30.05
C SER G 152 -19.42 -17.22 28.92
N LEU G 153 -20.15 -16.30 28.29
CA LEU G 153 -19.56 -15.55 27.18
C LEU G 153 -18.45 -14.60 27.66
N ARG G 154 -18.63 -13.99 28.84
CA ARG G 154 -17.58 -13.14 29.38
C ARG G 154 -16.34 -13.94 29.77
N PHE G 155 -16.56 -15.12 30.34
CA PHE G 155 -15.45 -16.03 30.62
C PHE G 155 -14.72 -16.39 29.33
N LYS G 156 -15.48 -16.63 28.26
CA LYS G 156 -14.88 -16.90 26.95
C LYS G 156 -13.99 -15.74 26.52
N VAL G 157 -14.47 -14.51 26.68
CA VAL G 157 -13.66 -13.35 26.33
C VAL G 157 -12.34 -13.38 27.10
N GLU G 158 -12.43 -13.58 28.43
CA GLU G 158 -11.23 -13.58 29.25
C GLU G 158 -10.23 -14.62 28.77
N ILE G 159 -10.70 -15.85 28.55
CA ILE G 159 -9.80 -16.93 28.12
C ILE G 159 -9.16 -16.57 26.78
N ALA G 160 -9.99 -16.17 25.81
CA ALA G 160 -9.49 -15.87 24.48
C ALA G 160 -8.42 -14.77 24.52
N LYS G 161 -8.64 -13.74 25.35
CA LYS G 161 -7.68 -12.66 25.38
C LYS G 161 -6.40 -13.04 26.11
N PHE G 162 -6.49 -13.88 27.15
CA PHE G 162 -5.28 -14.33 27.80
C PHE G 162 -4.42 -15.15 26.84
N PHE G 163 -5.02 -16.10 26.12
CA PHE G 163 -4.25 -16.95 25.23
C PHE G 163 -4.05 -16.36 23.85
N GLY G 164 -4.61 -15.19 23.57
CA GLY G 164 -4.41 -14.53 22.30
C GLY G 164 -4.98 -15.28 21.10
N VAL G 165 -6.24 -15.70 21.22
CA VAL G 165 -6.92 -16.42 20.15
C VAL G 165 -8.24 -15.73 19.83
N HIS G 166 -8.74 -16.03 18.64
CA HIS G 166 -10.08 -15.62 18.23
C HIS G 166 -11.09 -15.97 19.31
N ILE G 167 -11.98 -15.04 19.62
CA ILE G 167 -12.93 -15.27 20.71
C ILE G 167 -13.79 -16.50 20.43
N ASP G 168 -14.21 -16.66 19.17
CA ASP G 168 -15.05 -17.80 18.80
C ASP G 168 -14.32 -19.13 18.91
N GLU G 169 -13.00 -19.12 19.08
CA GLU G 169 -12.26 -20.36 19.26
C GLU G 169 -12.52 -20.99 20.62
N VAL G 170 -13.01 -20.22 21.59
CA VAL G 170 -13.17 -20.70 22.95
C VAL G 170 -14.62 -21.02 23.21
N ARG G 171 -14.85 -22.13 23.90
CA ARG G 171 -16.16 -22.50 24.40
C ARG G 171 -16.03 -22.83 25.89
N THR G 172 -16.99 -22.37 26.67
CA THR G 172 -17.00 -22.62 28.10
C THR G 172 -18.43 -22.61 28.58
N ARG G 173 -18.66 -23.19 29.75
CA ARG G 173 -19.98 -23.24 30.34
C ARG G 173 -19.88 -22.91 31.82
N ILE G 174 -20.75 -22.03 32.29
CA ILE G 174 -20.87 -21.68 33.70
C ILE G 174 -22.29 -22.04 34.12
N ILE G 175 -22.41 -22.78 35.22
CA ILE G 175 -23.70 -23.23 35.72
C ILE G 175 -23.92 -22.63 37.11
N GLY G 176 -25.18 -22.70 37.55
CA GLY G 176 -25.55 -22.22 38.86
C GLY G 176 -26.12 -20.81 38.84
N GLU G 177 -25.79 -20.05 39.87
CA GLU G 177 -26.35 -18.73 40.06
C GLU G 177 -25.68 -17.71 39.15
N HIS G 178 -26.48 -16.78 38.63
CA HIS G 178 -25.95 -15.58 37.99
C HIS G 178 -25.50 -14.62 39.08
N GLY G 179 -24.49 -15.07 39.82
CA GLY G 179 -24.01 -14.32 40.97
C GLY G 179 -22.66 -14.82 41.42
N ASP G 180 -22.32 -14.48 42.67
CA ASP G 180 -20.98 -14.76 43.18
C ASP G 180 -20.72 -16.24 43.43
N THR G 181 -21.73 -17.09 43.37
CA THR G 181 -21.54 -18.52 43.57
C THR G 181 -21.52 -19.31 42.27
N MET G 182 -21.47 -18.62 41.13
CA MET G 182 -21.44 -19.31 39.84
C MET G 182 -20.27 -20.29 39.79
N VAL G 183 -20.44 -21.36 39.02
CA VAL G 183 -19.51 -22.47 38.97
C VAL G 183 -19.01 -22.61 37.54
N PRO G 184 -17.80 -22.13 37.26
CA PRO G 184 -17.20 -22.40 35.94
C PRO G 184 -16.83 -23.87 35.80
N LEU G 185 -17.12 -24.43 34.62
CA LEU G 185 -16.84 -25.83 34.33
C LEU G 185 -15.58 -25.90 33.49
N ILE G 186 -14.43 -26.05 34.16
CA ILE G 186 -13.18 -26.19 33.44
C ILE G 186 -13.13 -27.54 32.72
N SER G 187 -13.82 -28.55 33.25
CA SER G 187 -13.98 -29.81 32.55
C SER G 187 -14.68 -29.64 31.21
N SER G 188 -15.31 -28.49 30.98
CA SER G 188 -16.14 -28.25 29.81
C SER G 188 -15.62 -27.06 28.99
N THR G 189 -14.37 -26.67 29.19
CA THR G 189 -13.78 -25.52 28.50
C THR G 189 -12.82 -26.03 27.43
N SER G 190 -12.78 -25.34 26.29
CA SER G 190 -12.00 -25.83 25.16
C SER G 190 -11.54 -24.65 24.31
N ILE G 191 -10.46 -24.88 23.58
CA ILE G 191 -9.93 -23.93 22.60
C ILE G 191 -9.73 -24.71 21.31
N GLY G 192 -10.41 -24.28 20.25
CA GLY G 192 -10.38 -25.02 19.00
C GLY G 192 -10.98 -26.40 19.09
N GLY G 193 -11.85 -26.65 20.08
CA GLY G 193 -12.42 -27.95 20.28
C GLY G 193 -11.60 -28.89 21.14
N ILE G 194 -10.44 -28.45 21.60
CA ILE G 194 -9.54 -29.27 22.42
C ILE G 194 -9.71 -28.84 23.87
N PRO G 195 -9.95 -29.77 24.80
CA PRO G 195 -10.08 -29.38 26.21
C PRO G 195 -8.91 -28.51 26.64
N ILE G 196 -9.22 -27.46 27.42
CA ILE G 196 -8.18 -26.54 27.86
C ILE G 196 -7.18 -27.24 28.77
N THR G 197 -7.59 -28.32 29.43
CA THR G 197 -6.69 -29.09 30.29
C THR G 197 -5.64 -29.88 29.50
N ARG G 198 -5.84 -30.06 28.20
CA ARG G 198 -4.86 -30.72 27.34
C ARG G 198 -3.76 -29.78 26.87
N PHE G 199 -3.81 -28.50 27.25
CA PHE G 199 -2.81 -27.53 26.83
C PHE G 199 -1.77 -27.33 27.95
N LYS G 200 -0.50 -27.35 27.58
CA LYS G 200 0.56 -27.08 28.54
C LYS G 200 0.49 -25.67 29.09
N SER G 201 -0.11 -24.74 28.35
CA SER G 201 -0.20 -23.36 28.81
C SER G 201 -1.28 -23.14 29.85
N PHE G 202 -2.14 -24.14 30.10
CA PHE G 202 -3.21 -23.96 31.06
C PHE G 202 -2.67 -23.65 32.45
N LYS G 203 -1.49 -24.14 32.78
CA LYS G 203 -0.88 -23.85 34.08
C LYS G 203 -0.63 -22.36 34.28
N ASP G 204 -0.59 -21.58 33.20
CA ASP G 204 -0.35 -20.14 33.29
C ASP G 204 -1.62 -19.31 33.41
N LEU G 205 -2.79 -19.93 33.34
CA LEU G 205 -4.05 -19.19 33.35
C LEU G 205 -4.33 -18.67 34.76
N PRO G 206 -4.45 -17.34 34.98
CA PRO G 206 -4.85 -16.82 36.30
C PRO G 206 -6.34 -17.05 36.53
N LEU G 207 -6.72 -18.31 36.75
CA LEU G 207 -8.12 -18.69 36.68
C LEU G 207 -8.96 -17.96 37.73
N LYS G 208 -8.46 -17.84 38.95
CA LYS G 208 -9.25 -17.21 40.01
C LYS G 208 -9.46 -15.72 39.72
N ASP G 209 -8.40 -15.04 39.25
CA ASP G 209 -8.54 -13.63 38.91
C ASP G 209 -9.55 -13.44 37.78
N ILE G 210 -9.52 -14.33 36.79
CA ILE G 210 -10.47 -14.24 35.68
C ILE G 210 -11.90 -14.45 36.17
N ILE G 211 -12.10 -15.43 37.05
CA ILE G 211 -13.44 -15.71 37.55
C ILE G 211 -13.96 -14.53 38.36
N GLU G 212 -13.10 -13.92 39.19
CA GLU G 212 -13.48 -12.71 39.91
C GLU G 212 -13.85 -11.60 38.93
N ASN G 213 -13.07 -11.45 37.87
CA ASN G 213 -13.38 -10.43 36.87
C ASN G 213 -14.76 -10.65 36.26
N VAL G 214 -15.09 -11.90 35.93
CA VAL G 214 -16.39 -12.17 35.33
C VAL G 214 -17.50 -11.87 36.34
N LYS G 215 -17.29 -12.26 37.60
CA LYS G 215 -18.30 -11.97 38.61
C LYS G 215 -18.50 -10.48 38.81
N ASN G 216 -17.46 -9.67 38.58
CA ASN G 216 -17.55 -8.23 38.80
C ASN G 216 -17.83 -7.43 37.52
N LYS G 217 -17.89 -8.08 36.36
CA LYS G 217 -17.92 -7.34 35.10
C LYS G 217 -19.16 -6.46 34.98
N GLY G 218 -20.32 -6.93 35.48
CA GLY G 218 -21.51 -6.10 35.43
C GLY G 218 -21.30 -4.77 36.16
N SER G 219 -20.81 -4.85 37.40
CA SER G 219 -20.53 -3.64 38.16
C SER G 219 -19.47 -2.78 37.48
N LYS G 220 -18.47 -3.43 36.88
CA LYS G 220 -17.41 -2.68 36.21
C LYS G 220 -17.98 -1.85 35.06
N ILE G 221 -18.82 -2.47 34.24
CA ILE G 221 -19.39 -1.75 33.10
C ILE G 221 -20.35 -0.67 33.58
N ILE G 222 -21.06 -0.92 34.69
CA ILE G 222 -21.90 0.14 35.26
C ILE G 222 -21.05 1.34 35.66
N ALA G 223 -19.96 1.09 36.39
CA ALA G 223 -19.10 2.17 36.85
C ALA G 223 -18.45 2.91 35.69
N LEU G 224 -18.16 2.21 34.59
CA LEU G 224 -17.41 2.83 33.50
C LEU G 224 -18.30 3.56 32.50
N LYS G 225 -19.36 2.91 32.00
CA LYS G 225 -20.20 3.51 30.97
C LYS G 225 -21.67 3.57 31.32
N GLY G 226 -22.06 3.17 32.54
CA GLY G 226 -23.43 3.26 32.98
C GLY G 226 -24.24 1.99 32.84
N GLY G 227 -23.65 0.92 32.34
CA GLY G 227 -24.34 -0.36 32.24
C GLY G 227 -24.14 -1.01 30.89
N SER G 228 -24.23 -2.34 30.87
CA SER G 228 -24.08 -3.09 29.63
C SER G 228 -25.31 -2.94 28.75
N GLU G 229 -25.09 -3.01 27.44
CA GLU G 229 -26.20 -3.04 26.48
C GLU G 229 -25.93 -4.03 25.35
N PHE G 230 -24.80 -3.91 24.66
CA PHE G 230 -24.56 -4.75 23.48
C PHE G 230 -24.28 -6.20 23.87
N GLY G 231 -23.57 -6.43 24.97
CA GLY G 231 -23.23 -7.77 25.39
C GLY G 231 -24.46 -8.62 25.66
N PRO G 232 -25.29 -8.18 26.60
CA PRO G 232 -26.54 -8.92 26.86
C PRO G 232 -27.42 -9.05 25.64
N ALA G 233 -27.49 -8.00 24.82
CA ALA G 233 -28.31 -8.06 23.62
C ALA G 233 -27.82 -9.16 22.68
N ALA G 234 -26.51 -9.26 22.50
CA ALA G 234 -25.98 -10.29 21.62
C ALA G 234 -26.15 -11.68 22.22
N ALA G 235 -26.06 -11.81 23.55
CA ALA G 235 -26.34 -13.10 24.17
C ALA G 235 -27.78 -13.54 23.90
N VAL G 236 -28.73 -12.63 24.10
CA VAL G 236 -30.12 -12.90 23.76
C VAL G 236 -30.23 -13.29 22.29
N LEU G 237 -29.51 -12.59 21.42
CA LEU G 237 -29.55 -12.90 19.99
C LEU G 237 -29.10 -14.34 19.74
N ASN G 238 -28.01 -14.76 20.39
CA ASN G 238 -27.51 -16.12 20.23
C ASN G 238 -28.58 -17.14 20.63
N VAL G 239 -29.23 -16.92 21.77
CA VAL G 239 -30.28 -17.84 22.20
C VAL G 239 -31.43 -17.85 21.19
N VAL G 240 -31.86 -16.67 20.76
CA VAL G 240 -32.98 -16.57 19.83
C VAL G 240 -32.65 -17.27 18.52
N ARG G 241 -31.38 -17.20 18.10
CA ARG G 241 -30.98 -17.91 16.89
C ARG G 241 -31.14 -19.41 17.06
N SER G 242 -30.78 -19.93 18.23
CA SER G 242 -31.02 -21.36 18.43
C SER G 242 -32.52 -21.67 18.42
N ILE G 243 -33.34 -20.77 18.98
CA ILE G 243 -34.78 -21.03 19.04
C ILE G 243 -35.38 -21.03 17.63
N ALA G 244 -35.03 -20.03 16.82
CA ALA G 244 -35.74 -19.80 15.57
C ALA G 244 -35.61 -20.98 14.61
N ASN G 245 -34.41 -21.56 14.52
CA ASN G 245 -34.17 -22.68 13.61
C ASN G 245 -34.06 -24.01 14.36
N ASN G 246 -34.61 -24.09 15.57
CA ASN G 246 -34.74 -25.35 16.32
C ASN G 246 -33.44 -26.13 16.29
N GLU G 247 -32.35 -25.44 16.63
CA GLU G 247 -31.01 -26.03 16.57
C GLU G 247 -30.69 -26.92 17.77
N ASN G 248 -31.41 -26.75 18.88
CA ASN G 248 -31.14 -27.49 20.11
C ASN G 248 -29.71 -27.24 20.61
N ARG G 249 -29.21 -26.03 20.42
CA ARG G 249 -27.88 -25.69 20.92
C ARG G 249 -27.79 -25.97 22.41
N LEU G 250 -26.65 -26.51 22.83
CA LEU G 250 -26.38 -26.75 24.24
C LEU G 250 -25.78 -25.48 24.84
N LEU G 251 -26.57 -24.81 25.67
CA LEU G 251 -26.18 -23.56 26.32
C LEU G 251 -26.41 -23.72 27.82
N THR G 252 -26.19 -22.65 28.57
CA THR G 252 -26.51 -22.60 30.00
C THR G 252 -27.50 -21.47 30.22
N LEU G 253 -28.75 -21.83 30.54
CA LEU G 253 -29.80 -20.87 30.81
C LEU G 253 -30.50 -21.24 32.12
N SER G 254 -31.08 -20.24 32.76
CA SER G 254 -31.79 -20.45 34.02
C SER G 254 -33.21 -20.94 33.74
N THR G 255 -33.59 -22.04 34.37
CA THR G 255 -34.96 -22.54 34.23
C THR G 255 -35.32 -23.32 35.48
N TYR G 256 -36.61 -23.63 35.61
CA TYR G 256 -37.12 -24.28 36.80
C TYR G 256 -36.69 -25.74 36.85
N LEU G 257 -36.22 -26.17 38.02
CA LEU G 257 -35.81 -27.55 38.25
C LEU G 257 -36.90 -28.27 39.03
N ASP G 258 -37.26 -29.46 38.54
CA ASP G 258 -38.28 -30.32 39.13
C ASP G 258 -37.72 -31.70 39.39
N GLY G 259 -36.48 -31.77 39.90
CA GLY G 259 -35.86 -33.03 40.24
C GLY G 259 -34.49 -33.23 39.64
N GLU G 260 -34.18 -32.49 38.58
CA GLU G 260 -32.88 -32.64 37.93
C GLU G 260 -31.76 -32.27 38.90
N PHE G 261 -30.71 -33.10 38.89
CA PHE G 261 -29.55 -32.91 39.77
C PHE G 261 -29.92 -32.99 41.25
N GLY G 262 -31.09 -33.53 41.56
CA GLY G 262 -31.51 -33.68 42.94
C GLY G 262 -32.07 -32.44 43.59
N PHE G 263 -32.51 -31.46 42.80
CA PHE G 263 -33.04 -30.22 43.32
C PHE G 263 -34.39 -29.92 42.68
N SER G 264 -35.25 -29.25 43.43
CA SER G 264 -36.58 -28.90 42.94
C SER G 264 -36.98 -27.56 43.52
N ASP G 265 -37.93 -26.90 42.85
CA ASP G 265 -38.52 -25.67 43.36
C ASP G 265 -37.47 -24.56 43.40
N VAL G 266 -36.74 -24.40 42.30
CA VAL G 266 -35.66 -23.44 42.20
C VAL G 266 -35.39 -23.21 40.72
N CYS G 267 -34.96 -22.00 40.39
CA CYS G 267 -34.50 -21.69 39.03
C CYS G 267 -33.02 -21.35 39.11
N ALA G 268 -32.22 -22.00 38.26
CA ALA G 268 -30.79 -21.77 38.25
C ALA G 268 -30.25 -22.08 36.86
N GLY G 269 -29.10 -21.48 36.55
CA GLY G 269 -28.41 -21.77 35.32
C GLY G 269 -28.03 -23.24 35.23
N VAL G 270 -28.44 -23.90 34.16
CA VAL G 270 -28.15 -25.32 33.97
C VAL G 270 -27.92 -25.57 32.50
N PRO G 271 -27.17 -26.62 32.16
CA PRO G 271 -27.06 -27.01 30.75
C PRO G 271 -28.43 -27.34 30.19
N VAL G 272 -28.73 -26.81 29.00
CA VAL G 272 -30.02 -26.99 28.36
C VAL G 272 -29.81 -27.06 26.86
N LYS G 273 -30.74 -27.72 26.18
CA LYS G 273 -30.86 -27.64 24.74
C LYS G 273 -31.99 -26.67 24.42
N VAL G 274 -31.70 -25.73 23.52
CA VAL G 274 -32.59 -24.63 23.20
C VAL G 274 -33.21 -24.90 21.83
N GLY G 275 -34.53 -25.06 21.80
CA GLY G 275 -35.23 -25.34 20.56
C GLY G 275 -36.50 -24.51 20.45
N LYS G 276 -37.23 -24.74 19.36
CA LYS G 276 -38.45 -23.99 19.09
C LYS G 276 -39.48 -24.12 20.21
N ASP G 277 -39.36 -25.14 21.06
CA ASP G 277 -40.32 -25.39 22.12
C ASP G 277 -39.80 -24.97 23.49
N GLY G 278 -38.60 -24.42 23.56
CA GLY G 278 -38.05 -23.91 24.81
C GLY G 278 -36.77 -24.62 25.19
N VAL G 279 -36.63 -24.91 26.48
CA VAL G 279 -35.38 -25.39 27.06
C VAL G 279 -35.59 -26.79 27.62
N GLU G 280 -34.69 -27.70 27.27
CA GLU G 280 -34.68 -29.06 27.83
C GLU G 280 -33.41 -29.22 28.65
N ILE G 281 -33.56 -29.50 29.95
CA ILE G 281 -32.40 -29.66 30.82
C ILE G 281 -31.63 -30.91 30.43
N VAL G 282 -30.31 -30.80 30.39
CA VAL G 282 -29.43 -31.91 30.04
C VAL G 282 -28.84 -32.46 31.34
N THR G 283 -29.28 -33.64 31.74
CA THR G 283 -28.69 -34.35 32.86
C THR G 283 -27.66 -35.39 32.43
N ASP G 284 -27.52 -35.60 31.11
CA ASP G 284 -26.57 -36.55 30.57
C ASP G 284 -25.12 -36.14 30.81
N ILE G 285 -24.88 -34.93 31.30
CA ILE G 285 -23.52 -34.44 31.51
C ILE G 285 -23.00 -34.94 32.86
N VAL G 286 -21.69 -35.13 32.93
CA VAL G 286 -21.01 -35.57 34.14
C VAL G 286 -20.05 -34.46 34.58
N PHE G 287 -20.28 -33.92 35.77
CA PHE G 287 -19.41 -32.90 36.33
C PHE G 287 -18.35 -33.54 37.22
N SER G 288 -17.25 -32.82 37.40
CA SER G 288 -16.30 -33.21 38.43
C SER G 288 -16.98 -33.13 39.79
N LYS G 289 -16.37 -33.78 40.78
CA LYS G 289 -16.98 -33.82 42.11
C LYS G 289 -17.00 -32.43 42.73
N GLU G 290 -15.90 -31.69 42.59
CA GLU G 290 -15.84 -30.33 43.11
C GLU G 290 -16.84 -29.43 42.40
N GLU G 291 -16.95 -29.56 41.08
CA GLU G 291 -17.90 -28.77 40.33
C GLU G 291 -19.33 -29.03 40.80
N PHE G 292 -19.68 -30.30 41.03
CA PHE G 292 -21.04 -30.61 41.45
C PHE G 292 -21.31 -30.13 42.86
N GLU G 293 -20.33 -30.22 43.76
CA GLU G 293 -20.53 -29.70 45.11
C GLU G 293 -20.75 -28.20 45.10
N ALA G 294 -19.91 -27.47 44.35
CA ALA G 294 -20.10 -26.03 44.21
C ALA G 294 -21.45 -25.72 43.58
N PHE G 295 -21.87 -26.55 42.62
CA PHE G 295 -23.17 -26.35 41.98
C PHE G 295 -24.31 -26.49 42.98
N LYS G 296 -24.23 -27.48 43.87
CA LYS G 296 -25.25 -27.64 44.91
C LYS G 296 -25.27 -26.42 45.84
N TYR G 297 -24.08 -25.97 46.27
CA TYR G 297 -24.02 -24.78 47.10
C TYR G 297 -24.69 -23.60 46.42
N SER G 298 -24.41 -23.42 45.12
CA SER G 298 -24.99 -22.29 44.38
C SER G 298 -26.50 -22.42 44.29
N ILE G 299 -27.00 -23.62 44.04
CA ILE G 299 -28.44 -23.81 43.92
C ILE G 299 -29.13 -23.49 45.24
N GLU G 300 -28.54 -23.92 46.37
CA GLU G 300 -29.14 -23.56 47.65
C GLU G 300 -29.14 -22.05 47.88
N THR G 301 -28.03 -21.39 47.53
CA THR G 301 -27.94 -19.95 47.65
C THR G 301 -29.06 -19.26 46.88
N ILE G 302 -29.32 -19.70 45.64
CA ILE G 302 -30.45 -19.17 44.88
C ILE G 302 -31.77 -19.49 45.56
N LYS G 303 -31.87 -20.71 46.10
CA LYS G 303 -33.16 -21.20 46.56
C LYS G 303 -33.65 -20.39 47.75
N ARG G 304 -32.73 -19.82 48.53
CA ARG G 304 -33.19 -18.92 49.60
C ARG G 304 -34.04 -17.77 49.05
N TYR G 305 -33.54 -17.09 48.01
CA TYR G 305 -34.28 -15.99 47.42
C TYR G 305 -35.58 -16.49 46.78
N CYS G 306 -35.49 -17.59 46.03
CA CYS G 306 -36.68 -18.16 45.41
C CYS G 306 -37.76 -18.44 46.46
N GLU G 307 -37.36 -18.96 47.62
CA GLU G 307 -38.29 -19.20 48.71
C GLU G 307 -38.81 -17.89 49.27
N GLU G 308 -38.00 -16.84 49.23
CA GLU G 308 -38.45 -15.57 49.78
C GLU G 308 -39.54 -14.92 48.93
N ILE G 309 -39.51 -15.08 47.61
CA ILE G 309 -40.54 -14.41 46.79
C ILE G 309 -41.66 -15.34 46.35
N LYS G 310 -41.57 -16.65 46.63
CA LYS G 310 -42.72 -17.52 46.38
C LYS G 310 -43.91 -17.13 47.26
N GLU G 311 -43.64 -16.55 48.43
CA GLU G 311 -44.68 -16.15 49.35
C GLU G 311 -45.00 -14.66 49.26
N LEU G 312 -44.28 -13.92 48.43
CA LEU G 312 -44.51 -12.49 48.27
C LEU G 312 -44.81 -12.17 46.80
N MET H 1 -8.64 -4.71 8.15
CA MET H 1 -8.91 -3.25 8.16
C MET H 1 -8.79 -2.73 9.59
N LYS H 2 -8.15 -1.57 9.72
CA LYS H 2 -8.05 -0.87 10.99
C LYS H 2 -8.86 0.43 10.90
N VAL H 3 -9.73 0.65 11.89
CA VAL H 3 -10.61 1.80 11.91
C VAL H 3 -10.46 2.50 13.25
N SER H 4 -10.33 3.81 13.22
CA SER H 4 -10.39 4.64 14.41
C SER H 4 -11.70 5.42 14.44
N ILE H 5 -12.26 5.59 15.63
CA ILE H 5 -13.52 6.31 15.80
C ILE H 5 -13.31 7.39 16.85
N ILE H 6 -13.31 8.65 16.43
CA ILE H 6 -13.23 9.78 17.33
C ILE H 6 -14.66 10.21 17.63
N GLY H 7 -15.09 10.05 18.89
CA GLY H 7 -16.46 10.26 19.27
C GLY H 7 -17.18 9.00 19.71
N ALA H 8 -16.45 7.90 19.93
CA ALA H 8 -17.06 6.64 20.32
C ALA H 8 -17.75 6.72 21.67
N SER H 9 -17.54 7.77 22.44
CA SER H 9 -18.19 7.92 23.74
C SER H 9 -19.65 8.34 23.62
N GLY H 10 -20.06 8.90 22.48
CA GLY H 10 -21.45 9.22 22.23
C GLY H 10 -22.22 8.02 21.71
N LYS H 11 -23.53 8.21 21.53
CA LYS H 11 -24.40 7.09 21.18
C LYS H 11 -24.15 6.62 19.75
N VAL H 12 -24.03 7.56 18.80
CA VAL H 12 -23.77 7.18 17.42
C VAL H 12 -22.41 6.51 17.29
N GLY H 13 -21.38 7.10 17.91
CA GLY H 13 -20.05 6.52 17.83
C GLY H 13 -19.98 5.16 18.50
N SER H 14 -20.70 4.99 19.61
CA SER H 14 -20.73 3.70 20.29
C SER H 14 -21.38 2.64 19.43
N ALA H 15 -22.54 2.96 18.84
CA ALA H 15 -23.20 2.01 17.97
C ALA H 15 -22.33 1.65 16.77
N ILE H 16 -21.65 2.66 16.19
CA ILE H 16 -20.75 2.39 15.08
C ILE H 16 -19.64 1.45 15.52
N SER H 17 -19.07 1.69 16.69
CA SER H 17 -17.99 0.83 17.17
C SER H 17 -18.46 -0.60 17.30
N PHE H 18 -19.67 -0.79 17.87
CA PHE H 18 -20.20 -2.13 18.00
C PHE H 18 -20.37 -2.79 16.65
N LEU H 19 -21.02 -2.10 15.70
CA LEU H 19 -21.30 -2.71 14.40
C LEU H 19 -20.02 -3.03 13.63
N LEU H 20 -19.03 -2.14 13.70
CA LEU H 20 -17.81 -2.34 12.92
C LEU H 20 -16.90 -3.39 13.54
N ALA H 21 -16.81 -3.42 14.88
CA ALA H 21 -16.07 -4.49 15.53
C ALA H 21 -16.59 -5.85 15.12
N ASN H 22 -17.88 -5.93 14.78
CA ASN H 22 -18.51 -7.20 14.41
C ASN H 22 -18.16 -7.62 12.99
N GLU H 23 -17.73 -6.70 12.14
CA GLU H 23 -17.41 -7.05 10.76
C GLU H 23 -16.16 -7.93 10.70
N PRO H 24 -16.18 -9.03 9.95
CA PRO H 24 -15.01 -9.94 9.97
C PRO H 24 -13.71 -9.29 9.53
N TYR H 25 -13.76 -8.32 8.63
CA TYR H 25 -12.55 -7.69 8.09
C TYR H 25 -12.00 -6.59 9.00
N VAL H 26 -12.77 -6.13 9.98
CA VAL H 26 -12.30 -5.13 10.93
C VAL H 26 -11.58 -5.88 12.05
N LYS H 27 -10.26 -5.91 11.97
CA LYS H 27 -9.45 -6.65 12.94
C LYS H 27 -8.91 -5.78 14.06
N GLU H 28 -8.78 -4.47 13.85
CA GLU H 28 -8.36 -3.56 14.91
C GLU H 28 -9.26 -2.33 14.89
N LEU H 29 -9.78 -1.99 16.06
CA LEU H 29 -10.63 -0.82 16.24
C LEU H 29 -10.02 0.04 17.33
N VAL H 30 -9.87 1.33 17.07
CA VAL H 30 -9.31 2.27 18.03
C VAL H 30 -10.40 3.25 18.42
N LEU H 31 -10.74 3.27 19.71
CA LEU H 31 -11.74 4.17 20.25
C LEU H 31 -11.03 5.36 20.87
N ILE H 32 -11.45 6.57 20.48
CA ILE H 32 -10.78 7.79 20.87
C ILE H 32 -11.81 8.75 21.46
N SER H 33 -11.45 9.38 22.58
CA SER H 33 -12.31 10.36 23.22
C SER H 33 -11.45 11.38 23.95
N ARG H 34 -12.10 12.41 24.46
CA ARG H 34 -11.43 13.32 25.39
C ARG H 34 -11.06 12.55 26.66
N GLU H 35 -10.04 13.06 27.35
CA GLU H 35 -9.53 12.38 28.53
C GLU H 35 -10.65 12.05 29.51
N LYS H 36 -11.53 13.00 29.77
CA LYS H 36 -12.57 12.83 30.78
C LYS H 36 -13.44 11.61 30.49
N SER H 37 -13.55 11.19 29.23
CA SER H 37 -14.45 10.12 28.84
C SER H 37 -13.73 8.79 28.63
N ILE H 38 -12.44 8.70 28.94
CA ILE H 38 -11.71 7.46 28.66
C ILE H 38 -12.40 6.28 29.34
N ASP H 39 -12.83 6.44 30.59
CA ASP H 39 -13.50 5.34 31.28
C ASP H 39 -14.70 4.86 30.48
N LYS H 40 -15.52 5.79 29.98
CA LYS H 40 -16.62 5.39 29.11
C LYS H 40 -16.15 4.44 28.04
N LEU H 41 -15.07 4.82 27.32
CA LEU H 41 -14.56 3.99 26.26
C LEU H 41 -14.19 2.61 26.79
N ARG H 42 -13.51 2.55 27.94
CA ARG H 42 -13.19 1.25 28.51
C ARG H 42 -14.46 0.42 28.65
N GLY H 43 -15.49 0.99 29.27
CA GLY H 43 -16.75 0.28 29.35
C GLY H 43 -17.21 -0.22 28.00
N LEU H 44 -17.28 0.69 27.02
CA LEU H 44 -17.70 0.31 25.68
C LEU H 44 -16.92 -0.91 25.21
N ARG H 45 -15.60 -0.86 25.33
CA ARG H 45 -14.78 -1.97 24.85
C ARG H 45 -15.25 -3.28 25.46
N GLU H 46 -15.34 -3.32 26.79
CA GLU H 46 -15.78 -4.55 27.44
C GLU H 46 -17.12 -4.99 26.86
N ASP H 47 -18.07 -4.06 26.81
CA ASP H 47 -19.40 -4.39 26.32
C ASP H 47 -19.29 -5.04 24.95
N ILE H 48 -18.51 -4.42 24.06
CA ILE H 48 -18.40 -4.93 22.70
C ILE H 48 -17.81 -6.33 22.72
N TYR H 49 -16.75 -6.53 23.50
CA TYR H 49 -16.15 -7.86 23.56
C TYR H 49 -17.22 -8.89 23.93
N ASP H 50 -18.03 -8.57 24.94
CA ASP H 50 -19.08 -9.51 25.34
C ASP H 50 -19.98 -9.80 24.15
N ALA H 51 -20.42 -8.75 23.45
CA ALA H 51 -21.30 -8.94 22.32
C ALA H 51 -20.65 -9.84 21.27
N LEU H 52 -19.34 -9.68 21.06
CA LEU H 52 -18.68 -10.49 20.04
C LEU H 52 -18.74 -11.97 20.41
N ALA H 53 -18.59 -12.27 21.70
CA ALA H 53 -18.69 -13.65 22.15
C ALA H 53 -20.06 -14.22 21.82
N GLY H 54 -21.09 -13.37 21.76
CA GLY H 54 -22.41 -13.84 21.41
C GLY H 54 -22.64 -13.92 19.91
N THR H 55 -21.92 -13.14 19.13
CA THR H 55 -22.09 -13.14 17.68
C THR H 55 -21.09 -14.06 16.98
N LYS H 56 -20.18 -14.67 17.73
CA LYS H 56 -19.13 -15.53 17.17
C LYS H 56 -18.17 -14.76 16.28
N ARG H 57 -17.96 -13.47 16.55
CA ARG H 57 -17.01 -12.64 15.83
C ARG H 57 -15.85 -12.26 16.76
N ASP H 58 -14.93 -11.42 16.26
CA ASP H 58 -13.73 -11.12 17.03
C ASP H 58 -13.17 -9.77 16.60
N CYS H 59 -12.42 -9.14 17.50
CA CYS H 59 -11.79 -7.86 17.17
C CYS H 59 -10.77 -7.54 18.26
N GLU H 60 -9.80 -6.71 17.91
CA GLU H 60 -8.85 -6.17 18.88
C GLU H 60 -9.16 -4.68 19.04
N ILE H 61 -9.55 -4.28 20.25
CA ILE H 61 -10.03 -2.94 20.52
C ILE H 61 -9.05 -2.23 21.44
N ASN H 62 -8.60 -1.05 21.04
CA ASN H 62 -7.71 -0.21 21.81
C ASN H 62 -8.39 1.12 22.13
N VAL H 63 -7.91 1.78 23.18
CA VAL H 63 -8.48 3.03 23.66
C VAL H 63 -7.36 4.05 23.84
N SER H 64 -7.64 5.29 23.44
CA SER H 64 -6.68 6.37 23.60
C SER H 64 -7.42 7.69 23.68
N ASP H 65 -6.71 8.72 24.16
CA ASP H 65 -7.29 10.05 24.27
C ASP H 65 -7.09 10.83 22.97
N ASP H 66 -7.82 11.93 22.84
CA ASP H 66 -7.88 12.69 21.60
C ASP H 66 -6.75 13.69 21.45
N LYS H 67 -5.74 13.65 22.32
CA LYS H 67 -4.56 14.49 22.17
C LYS H 67 -3.34 13.69 21.74
N THR H 68 -3.04 12.57 22.41
CA THR H 68 -1.94 11.71 21.98
C THR H 68 -2.31 10.94 20.72
N LEU H 69 -3.59 10.59 20.57
CA LEU H 69 -4.07 9.82 19.41
C LEU H 69 -3.23 8.55 19.23
N LYS H 70 -2.89 7.93 20.36
CA LYS H 70 -2.19 6.66 20.32
C LYS H 70 -3.03 5.61 19.61
N PHE H 71 -2.35 4.75 18.85
CA PHE H 71 -2.90 3.65 18.07
C PHE H 71 -3.55 4.11 16.76
N LEU H 72 -3.67 5.41 16.50
CA LEU H 72 -4.35 5.84 15.30
C LEU H 72 -3.52 5.56 14.05
N ASP H 73 -2.20 5.73 14.15
CA ASP H 73 -1.32 5.54 13.00
C ASP H 73 -1.55 4.18 12.35
N GLY H 74 -1.71 4.20 11.02
CA GLY H 74 -1.99 3.00 10.26
C GLY H 74 -3.45 2.75 9.98
N SER H 75 -4.35 3.59 10.49
CA SER H 75 -5.78 3.38 10.25
C SER H 75 -6.10 3.54 8.77
N ASP H 76 -6.87 2.59 8.23
CA ASP H 76 -7.42 2.75 6.89
C ASP H 76 -8.51 3.80 6.85
N LEU H 77 -9.13 4.08 8.00
CA LEU H 77 -10.32 4.93 8.05
C LEU H 77 -10.43 5.51 9.45
N VAL H 78 -10.72 6.81 9.51
CA VAL H 78 -11.02 7.48 10.77
C VAL H 78 -12.42 8.08 10.62
N ILE H 79 -13.33 7.65 11.49
CA ILE H 79 -14.71 8.11 11.50
C ILE H 79 -14.86 9.10 12.65
N ILE H 80 -15.40 10.28 12.35
CA ILE H 80 -15.49 11.36 13.34
C ILE H 80 -16.97 11.66 13.61
N THR H 81 -17.42 11.36 14.82
CA THR H 81 -18.74 11.69 15.29
C THR H 81 -18.74 12.73 16.40
N SER H 82 -17.56 13.20 16.81
CA SER H 82 -17.50 14.19 17.89
C SER H 82 -18.20 15.46 17.46
N GLY H 83 -19.01 16.01 18.37
CA GLY H 83 -19.75 17.22 18.07
C GLY H 83 -20.49 17.71 19.29
N VAL H 84 -20.74 19.01 19.30
CA VAL H 84 -21.53 19.65 20.35
C VAL H 84 -23.00 19.46 20.02
N PRO H 85 -23.85 19.15 21.01
CA PRO H 85 -25.30 19.10 20.74
C PRO H 85 -25.84 20.51 20.52
N ARG H 86 -26.69 20.64 19.51
CA ARG H 86 -27.30 21.94 19.22
C ARG H 86 -28.40 22.20 20.23
N THR H 87 -28.23 23.23 21.03
CA THR H 87 -29.28 23.66 21.94
C THR H 87 -30.23 24.61 21.23
N PRO H 88 -31.45 24.79 21.75
CA PRO H 88 -32.39 25.72 21.09
C PRO H 88 -31.87 27.13 21.01
N GLU H 89 -30.93 27.51 21.87
CA GLU H 89 -30.37 28.86 21.87
C GLU H 89 -29.31 29.06 20.80
N MET H 90 -28.88 27.98 20.14
CA MET H 90 -27.88 28.06 19.07
C MET H 90 -28.58 28.13 17.72
N SER H 91 -28.03 28.94 16.82
CA SER H 91 -28.44 28.92 15.43
C SER H 91 -27.66 27.84 14.67
N ARG H 92 -28.07 27.61 13.41
CA ARG H 92 -27.33 26.69 12.57
C ARG H 92 -25.89 27.15 12.37
N LEU H 93 -25.69 28.46 12.24
CA LEU H 93 -24.34 28.98 12.04
C LEU H 93 -23.50 28.82 13.31
N ASP H 94 -24.12 28.99 14.48
CA ASP H 94 -23.40 28.79 15.73
C ASP H 94 -22.88 27.36 15.85
N LEU H 95 -23.76 26.38 15.61
CA LEU H 95 -23.34 24.99 15.60
C LEU H 95 -22.23 24.77 14.58
N ALA H 96 -22.41 25.30 13.37
CA ALA H 96 -21.40 25.14 12.33
C ALA H 96 -20.05 25.63 12.81
N LYS H 97 -20.00 26.80 13.46
CA LYS H 97 -18.74 27.37 13.90
C LYS H 97 -18.07 26.51 14.97
N VAL H 98 -18.83 26.16 16.02
CA VAL H 98 -18.25 25.38 17.11
C VAL H 98 -17.73 24.04 16.60
N ASN H 99 -18.57 23.32 15.87
CA ASN H 99 -18.16 22.01 15.38
C ASN H 99 -17.09 22.13 14.31
N ALA H 100 -17.01 23.26 13.61
CA ALA H 100 -15.92 23.45 12.66
C ALA H 100 -14.60 23.55 13.39
N LYS H 101 -14.58 24.25 14.52
CA LYS H 101 -13.37 24.25 15.35
C LYS H 101 -12.99 22.81 15.72
N ILE H 102 -13.96 22.04 16.20
CA ILE H 102 -13.66 20.66 16.64
C ILE H 102 -13.09 19.83 15.47
N ILE H 103 -13.79 19.85 14.33
CA ILE H 103 -13.43 19.03 13.19
C ILE H 103 -12.08 19.47 12.62
N GLY H 104 -11.84 20.77 12.55
CA GLY H 104 -10.57 21.24 12.03
C GLY H 104 -9.40 20.85 12.90
N ASN H 105 -9.54 21.02 14.22
CA ASN H 105 -8.49 20.55 15.11
C ASN H 105 -8.20 19.08 14.86
N TYR H 106 -9.24 18.24 14.85
CA TYR H 106 -9.01 16.81 14.68
C TYR H 106 -8.36 16.50 13.34
N ALA H 107 -8.83 17.15 12.27
CA ALA H 107 -8.27 16.89 10.95
C ALA H 107 -6.79 17.23 10.91
N LYS H 108 -6.41 18.36 11.51
CA LYS H 108 -4.99 18.73 11.52
C LYS H 108 -4.17 17.71 12.29
N LYS H 109 -4.65 17.28 13.46
CA LYS H 109 -3.87 16.31 14.24
C LYS H 109 -3.71 15.00 13.48
N ILE H 110 -4.81 14.51 12.89
CA ILE H 110 -4.75 13.28 12.11
C ILE H 110 -3.74 13.42 10.98
N ALA H 111 -3.80 14.54 10.25
CA ALA H 111 -2.88 14.73 9.14
C ALA H 111 -1.43 14.80 9.63
N GLU H 112 -1.20 15.36 10.82
CA GLU H 112 0.15 15.38 11.37
C GLU H 112 0.66 13.96 11.59
N ILE H 113 -0.23 13.05 12.00
CA ILE H 113 0.23 11.70 12.33
C ILE H 113 0.41 10.87 11.06
N CYS H 114 -0.58 10.83 10.19
CA CYS H 114 -0.56 9.88 9.08
C CYS H 114 -1.57 10.30 8.00
N GLU H 115 -1.43 9.69 6.84
CA GLU H 115 -2.43 9.78 5.78
C GLU H 115 -3.48 8.69 5.96
N THR H 116 -4.74 9.04 5.77
CA THR H 116 -5.84 8.10 5.93
C THR H 116 -7.10 8.71 5.31
N LYS H 117 -8.18 7.94 5.33
CA LYS H 117 -9.47 8.42 4.86
C LYS H 117 -10.27 8.95 6.05
N LEU H 118 -10.93 10.08 5.84
CA LEU H 118 -11.75 10.73 6.88
C LEU H 118 -13.21 10.58 6.51
N PHE H 119 -13.99 10.01 7.42
CA PHE H 119 -15.43 9.80 7.25
C PHE H 119 -16.13 10.64 8.32
N ILE H 120 -16.69 11.76 7.89
CA ILE H 120 -17.26 12.76 8.80
C ILE H 120 -18.74 12.48 8.97
N ILE H 121 -19.18 12.38 10.22
CA ILE H 121 -20.59 12.27 10.54
C ILE H 121 -21.11 13.51 11.28
N THR H 122 -20.22 14.27 11.93
CA THR H 122 -20.62 15.46 12.68
C THR H 122 -21.41 16.43 11.80
N ASN H 123 -22.49 16.97 12.37
CA ASN H 123 -23.33 17.94 11.68
C ASN H 123 -22.86 19.36 11.93
N PRO H 124 -23.17 20.30 11.03
CA PRO H 124 -23.80 20.12 9.71
C PRO H 124 -22.82 19.40 8.79
N VAL H 125 -23.21 18.23 8.26
CA VAL H 125 -22.22 17.27 7.79
C VAL H 125 -21.48 17.78 6.55
N ASP H 126 -22.17 18.46 5.64
CA ASP H 126 -21.49 18.98 4.45
C ASP H 126 -20.42 20.00 4.84
N VAL H 127 -20.79 20.94 5.71
CA VAL H 127 -19.85 21.98 6.12
C VAL H 127 -18.67 21.37 6.88
N MET H 128 -18.94 20.37 7.72
CA MET H 128 -17.87 19.74 8.47
C MET H 128 -16.95 18.93 7.55
N THR H 129 -17.51 18.29 6.52
CA THR H 129 -16.66 17.61 5.54
C THR H 129 -15.78 18.61 4.81
N TYR H 130 -16.35 19.77 4.45
CA TYR H 130 -15.56 20.83 3.84
C TYR H 130 -14.41 21.25 4.74
N LYS H 131 -14.71 21.45 6.02
CA LYS H 131 -13.67 21.89 6.96
C LYS H 131 -12.59 20.84 7.14
N ALA H 132 -12.99 19.57 7.23
CA ALA H 132 -12.02 18.48 7.31
C ALA H 132 -11.14 18.43 6.07
N TYR H 133 -11.74 18.63 4.90
CA TYR H 133 -10.96 18.64 3.67
C TYR H 133 -9.91 19.75 3.69
N ILE H 134 -10.33 20.98 3.99
CA ILE H 134 -9.37 22.08 3.87
C ILE H 134 -8.31 21.99 4.97
N ASP H 135 -8.69 21.62 6.19
CA ASP H 135 -7.71 21.60 7.28
C ASP H 135 -6.74 20.42 7.16
N SER H 136 -7.21 19.26 6.67
CA SER H 136 -6.35 18.09 6.60
C SER H 136 -5.32 18.19 5.49
N LYS H 137 -5.64 18.90 4.41
CA LYS H 137 -4.82 18.94 3.20
C LYS H 137 -4.73 17.57 2.52
N PHE H 138 -5.67 16.67 2.80
CA PHE H 138 -5.76 15.40 2.10
C PHE H 138 -6.34 15.59 0.70
N GLU H 139 -6.04 14.64 -0.19
CA GLU H 139 -6.72 14.59 -1.47
C GLU H 139 -8.22 14.50 -1.25
N ARG H 140 -8.99 15.14 -2.14
CA ARG H 140 -10.41 15.30 -1.90
C ARG H 140 -11.14 13.95 -1.91
N ASN H 141 -10.66 12.98 -2.69
CA ASN H 141 -11.29 11.67 -2.69
C ASN H 141 -11.12 10.94 -1.37
N LYS H 142 -10.25 11.41 -0.49
CA LYS H 142 -10.02 10.77 0.80
C LYS H 142 -10.89 11.35 1.92
N VAL H 143 -11.68 12.38 1.64
CA VAL H 143 -12.46 13.05 2.68
C VAL H 143 -13.91 13.07 2.22
N PHE H 144 -14.80 12.47 3.01
CA PHE H 144 -16.21 12.40 2.67
C PHE H 144 -17.04 12.34 3.95
N GLY H 145 -18.33 12.62 3.79
CA GLY H 145 -19.24 12.63 4.92
C GLY H 145 -20.51 11.86 4.58
N LEU H 146 -21.22 11.46 5.63
CA LEU H 146 -22.42 10.67 5.44
C LEU H 146 -23.42 11.40 4.54
N GLY H 147 -23.53 12.72 4.71
CA GLY H 147 -24.33 13.52 3.81
C GLY H 147 -25.74 13.01 3.69
N THR H 148 -26.24 13.02 2.46
CA THR H 148 -27.62 12.63 2.20
C THR H 148 -27.82 11.12 2.16
N HIS H 149 -26.77 10.32 2.34
CA HIS H 149 -26.95 8.88 2.35
C HIS H 149 -28.02 8.46 3.35
N LEU H 150 -27.87 8.89 4.60
CA LEU H 150 -28.90 8.59 5.60
C LEU H 150 -30.27 9.04 5.10
N ASP H 151 -30.36 10.26 4.56
CA ASP H 151 -31.64 10.73 4.04
C ASP H 151 -32.19 9.72 3.05
N SER H 152 -31.35 9.27 2.11
CA SER H 152 -31.79 8.33 1.10
C SER H 152 -32.39 7.10 1.76
N LEU H 153 -31.69 6.55 2.75
CA LEU H 153 -32.20 5.36 3.40
C LEU H 153 -33.54 5.63 4.07
N ARG H 154 -33.68 6.79 4.72
CA ARG H 154 -34.96 7.12 5.33
C ARG H 154 -36.04 7.21 4.25
N PHE H 155 -35.72 7.87 3.13
CA PHE H 155 -36.66 7.92 2.02
C PHE H 155 -37.05 6.50 1.62
N LYS H 156 -36.06 5.61 1.52
CA LYS H 156 -36.33 4.24 1.16
C LYS H 156 -37.39 3.66 2.08
N VAL H 157 -37.18 3.81 3.39
CA VAL H 157 -38.14 3.29 4.36
C VAL H 157 -39.53 3.77 4.00
N GLU H 158 -39.70 5.10 3.90
CA GLU H 158 -41.02 5.64 3.63
C GLU H 158 -41.63 4.94 2.43
N ILE H 159 -40.92 4.93 1.31
CA ILE H 159 -41.50 4.37 0.09
C ILE H 159 -41.91 2.93 0.35
N ALA H 160 -41.00 2.14 0.92
CA ALA H 160 -41.31 0.75 1.17
C ALA H 160 -42.61 0.63 1.95
N LYS H 161 -42.71 1.35 3.07
CA LYS H 161 -43.86 1.15 3.95
C LYS H 161 -45.12 1.64 3.28
N PHE H 162 -45.03 2.60 2.36
CA PHE H 162 -46.24 3.04 1.70
C PHE H 162 -46.76 1.95 0.76
N PHE H 163 -45.85 1.30 0.03
CA PHE H 163 -46.27 0.30 -0.94
C PHE H 163 -46.35 -1.09 -0.34
N GLY H 164 -46.04 -1.24 0.95
CA GLY H 164 -46.06 -2.53 1.60
C GLY H 164 -45.10 -3.52 0.96
N VAL H 165 -43.83 -3.13 0.81
CA VAL H 165 -42.82 -3.99 0.23
C VAL H 165 -41.65 -4.10 1.18
N HIS H 166 -40.89 -5.19 1.03
CA HIS H 166 -39.64 -5.37 1.73
C HIS H 166 -38.78 -4.12 1.56
N ILE H 167 -38.19 -3.64 2.65
CA ILE H 167 -37.43 -2.39 2.58
C ILE H 167 -36.32 -2.49 1.56
N ASP H 168 -35.61 -3.62 1.52
CA ASP H 168 -34.50 -3.78 0.59
C ASP H 168 -34.94 -3.79 -0.87
N GLU H 169 -36.25 -3.90 -1.14
CA GLU H 169 -36.73 -3.84 -2.51
C GLU H 169 -36.64 -2.44 -3.08
N VAL H 170 -36.50 -1.41 -2.25
CA VAL H 170 -36.51 -0.02 -2.69
C VAL H 170 -35.07 0.51 -2.74
N ARG H 171 -34.79 1.30 -3.77
CA ARG H 171 -33.56 2.07 -3.85
C ARG H 171 -33.92 3.49 -4.23
N THR H 172 -33.24 4.46 -3.62
CA THR H 172 -33.45 5.86 -3.93
C THR H 172 -32.16 6.62 -3.66
N ARG H 173 -32.04 7.79 -4.26
CA ARG H 173 -30.87 8.64 -4.08
C ARG H 173 -31.33 10.08 -3.85
N ILE H 174 -30.74 10.73 -2.85
CA ILE H 174 -30.96 12.13 -2.55
C ILE H 174 -29.62 12.84 -2.58
N ILE H 175 -29.55 13.95 -3.32
CA ILE H 175 -28.32 14.71 -3.46
C ILE H 175 -28.49 16.06 -2.76
N GLY H 176 -27.39 16.79 -2.64
CA GLY H 176 -27.41 18.13 -2.09
C GLY H 176 -27.10 18.17 -0.61
N GLU H 177 -27.71 19.13 0.08
CA GLU H 177 -27.47 19.36 1.49
C GLU H 177 -28.18 18.30 2.33
N HIS H 178 -27.50 17.85 3.39
CA HIS H 178 -28.13 17.08 4.45
C HIS H 178 -29.00 18.04 5.27
N GLY H 179 -30.11 18.47 4.69
CA GLY H 179 -30.94 19.48 5.33
C GLY H 179 -32.18 19.74 4.52
N ASP H 180 -32.76 20.93 4.72
CA ASP H 180 -34.06 21.24 4.12
C ASP H 180 -33.98 21.46 2.62
N THR H 181 -32.80 21.75 2.07
CA THR H 181 -32.67 21.94 0.63
C THR H 181 -32.27 20.65 -0.10
N MET H 182 -32.33 19.50 0.57
CA MET H 182 -32.02 18.24 -0.09
C MET H 182 -32.88 18.06 -1.35
N VAL H 183 -32.33 17.37 -2.32
CA VAL H 183 -32.97 17.19 -3.63
C VAL H 183 -33.22 15.71 -3.83
N PRO H 184 -34.45 15.24 -3.61
CA PRO H 184 -34.77 13.84 -3.93
C PRO H 184 -34.77 13.61 -5.44
N LEU H 185 -34.22 12.48 -5.85
CA LEU H 185 -34.14 12.10 -7.26
C LEU H 185 -35.21 11.04 -7.51
N ILE H 186 -36.42 11.50 -7.84
CA ILE H 186 -37.49 10.56 -8.18
C ILE H 186 -37.10 9.73 -9.38
N SER H 187 -36.35 10.32 -10.32
CA SER H 187 -35.89 9.58 -11.48
C SER H 187 -35.00 8.40 -11.09
N SER H 188 -34.37 8.46 -9.92
CA SER H 188 -33.48 7.39 -9.44
C SER H 188 -34.10 6.62 -8.28
N THR H 189 -35.43 6.58 -8.21
CA THR H 189 -36.14 5.78 -7.23
C THR H 189 -36.72 4.55 -7.92
N SER H 190 -36.68 3.42 -7.24
CA SER H 190 -37.05 2.15 -7.86
C SER H 190 -37.56 1.17 -6.82
N ILE H 191 -38.40 0.25 -7.27
CA ILE H 191 -38.87 -0.87 -6.47
C ILE H 191 -38.66 -2.14 -7.29
N GLY H 192 -37.99 -3.13 -6.69
CA GLY H 192 -37.61 -4.31 -7.44
C GLY H 192 -36.77 -4.03 -8.67
N GLY H 193 -36.09 -2.88 -8.70
CA GLY H 193 -35.30 -2.49 -9.85
C GLY H 193 -36.04 -1.70 -10.89
N ILE H 194 -37.34 -1.52 -10.73
CA ILE H 194 -38.17 -0.82 -11.71
C ILE H 194 -38.33 0.63 -11.27
N PRO H 195 -38.06 1.60 -12.13
CA PRO H 195 -38.28 2.99 -11.73
C PRO H 195 -39.70 3.19 -11.24
N ILE H 196 -39.84 3.92 -10.14
CA ILE H 196 -41.14 4.06 -9.49
C ILE H 196 -42.13 4.77 -10.39
N THR H 197 -41.66 5.58 -11.34
CA THR H 197 -42.55 6.32 -12.22
C THR H 197 -43.26 5.42 -13.24
N ARG H 198 -42.84 4.17 -13.37
CA ARG H 198 -43.48 3.23 -14.29
C ARG H 198 -44.49 2.32 -13.59
N PHE H 199 -44.90 2.67 -12.39
CA PHE H 199 -45.97 1.97 -11.69
C PHE H 199 -47.25 2.80 -11.79
N LYS H 200 -48.36 2.13 -12.11
CA LYS H 200 -49.64 2.82 -12.20
C LYS H 200 -50.09 3.33 -10.84
N SER H 201 -49.64 2.72 -9.74
CA SER H 201 -49.98 3.17 -8.40
C SER H 201 -49.11 4.34 -7.94
N PHE H 202 -48.11 4.74 -8.73
CA PHE H 202 -47.26 5.85 -8.35
C PHE H 202 -48.06 7.14 -8.17
N LYS H 203 -49.20 7.26 -8.85
CA LYS H 203 -50.04 8.44 -8.68
C LYS H 203 -50.53 8.57 -7.25
N ASP H 204 -50.66 7.46 -6.53
CA ASP H 204 -51.16 7.49 -5.16
C ASP H 204 -50.11 7.91 -4.14
N LEU H 205 -48.86 8.05 -4.55
CA LEU H 205 -47.78 8.32 -3.62
C LEU H 205 -47.92 9.72 -3.04
N PRO H 206 -48.07 9.89 -1.71
CA PRO H 206 -48.02 11.24 -1.12
C PRO H 206 -46.60 11.76 -1.05
N LEU H 207 -46.02 12.03 -2.22
CA LEU H 207 -44.58 12.25 -2.31
C LEU H 207 -44.15 13.45 -1.48
N LYS H 208 -44.88 14.56 -1.57
CA LYS H 208 -44.53 15.76 -0.82
C LYS H 208 -44.50 15.48 0.69
N ASP H 209 -45.49 14.74 1.18
CA ASP H 209 -45.54 14.46 2.62
C ASP H 209 -44.41 13.56 3.06
N ILE H 210 -44.02 12.60 2.21
CA ILE H 210 -42.92 11.71 2.54
C ILE H 210 -41.60 12.49 2.58
N ILE H 211 -41.39 13.40 1.62
CA ILE H 211 -40.19 14.22 1.65
C ILE H 211 -40.17 15.07 2.92
N GLU H 212 -41.30 15.69 3.24
CA GLU H 212 -41.35 16.48 4.46
C GLU H 212 -41.04 15.62 5.68
N ASN H 213 -41.47 14.36 5.68
CA ASN H 213 -41.16 13.46 6.78
C ASN H 213 -39.66 13.22 6.88
N VAL H 214 -38.99 12.96 5.75
CA VAL H 214 -37.56 12.65 5.83
C VAL H 214 -36.79 13.90 6.27
N LYS H 215 -37.20 15.09 5.80
CA LYS H 215 -36.49 16.31 6.21
C LYS H 215 -36.57 16.53 7.72
N ASN H 216 -37.64 16.09 8.37
CA ASN H 216 -37.83 16.31 9.80
C ASN H 216 -37.57 15.07 10.64
N LYS H 217 -37.10 13.98 10.01
CA LYS H 217 -36.97 12.71 10.75
C LYS H 217 -35.97 12.84 11.89
N GLY H 218 -34.85 13.54 11.66
CA GLY H 218 -33.86 13.70 12.73
C GLY H 218 -34.40 14.43 13.93
N SER H 219 -35.08 15.55 13.70
CA SER H 219 -35.71 16.26 14.81
C SER H 219 -36.72 15.38 15.53
N LYS H 220 -37.50 14.62 14.76
CA LYS H 220 -38.52 13.77 15.37
C LYS H 220 -37.90 12.71 16.27
N ILE H 221 -36.81 12.09 15.81
CA ILE H 221 -36.17 11.06 16.63
C ILE H 221 -35.50 11.69 17.84
N ILE H 222 -34.99 12.92 17.71
CA ILE H 222 -34.50 13.63 18.88
C ILE H 222 -35.61 13.84 19.89
N ALA H 223 -36.78 14.29 19.41
CA ALA H 223 -37.89 14.58 20.32
C ALA H 223 -38.41 13.33 21.00
N LEU H 224 -38.47 12.21 20.27
CA LEU H 224 -39.09 10.99 20.79
C LEU H 224 -38.13 10.16 21.63
N LYS H 225 -36.91 9.94 21.14
CA LYS H 225 -35.94 9.04 21.75
C LYS H 225 -34.68 9.75 22.25
N GLY H 226 -34.46 11.01 21.87
CA GLY H 226 -33.26 11.73 22.26
C GLY H 226 -32.19 11.79 21.21
N GLY H 227 -32.43 11.24 20.02
CA GLY H 227 -31.48 11.31 18.93
C GLY H 227 -31.28 9.97 18.24
N SER H 228 -31.06 10.00 16.93
CA SER H 228 -30.82 8.78 16.19
C SER H 228 -29.57 8.09 16.68
N GLU H 229 -29.52 6.76 16.50
CA GLU H 229 -28.47 5.93 17.07
C GLU H 229 -28.12 4.79 16.12
N PHE H 230 -29.09 3.90 15.88
CA PHE H 230 -28.83 2.73 15.04
C PHE H 230 -28.88 3.05 13.55
N GLY H 231 -29.74 3.99 13.14
CA GLY H 231 -29.85 4.36 11.75
C GLY H 231 -28.53 4.85 11.17
N PRO H 232 -27.98 5.93 11.76
CA PRO H 232 -26.68 6.41 11.28
C PRO H 232 -25.58 5.36 11.36
N ALA H 233 -25.55 4.57 12.42
CA ALA H 233 -24.53 3.52 12.54
C ALA H 233 -24.63 2.54 11.38
N ALA H 234 -25.84 2.12 11.04
CA ALA H 234 -26.02 1.15 9.96
C ALA H 234 -25.69 1.76 8.60
N ALA H 235 -26.00 3.05 8.40
CA ALA H 235 -25.61 3.70 7.16
C ALA H 235 -24.08 3.73 7.02
N VAL H 236 -23.40 4.08 8.11
CA VAL H 236 -21.93 4.05 8.12
C VAL H 236 -21.43 2.65 7.82
N LEU H 237 -22.07 1.63 8.41
CA LEU H 237 -21.66 0.26 8.15
C LEU H 237 -21.79 -0.09 6.67
N ASN H 238 -22.89 0.31 6.05
CA ASN H 238 -23.08 0.08 4.62
C ASN H 238 -21.91 0.66 3.82
N VAL H 239 -21.56 1.92 4.13
CA VAL H 239 -20.46 2.56 3.41
C VAL H 239 -19.15 1.80 3.66
N VAL H 240 -18.88 1.46 4.91
CA VAL H 240 -17.62 0.79 5.25
C VAL H 240 -17.54 -0.55 4.54
N ARG H 241 -18.66 -1.24 4.43
CA ARG H 241 -18.67 -2.51 3.70
C ARG H 241 -18.27 -2.30 2.25
N SER H 242 -18.76 -1.22 1.63
CA SER H 242 -18.31 -0.95 0.26
C SER H 242 -16.81 -0.66 0.23
N ILE H 243 -16.29 0.02 1.25
CA ILE H 243 -14.87 0.37 1.23
C ILE H 243 -14.01 -0.88 1.40
N ALA H 244 -14.36 -1.72 2.36
CA ALA H 244 -13.46 -2.78 2.79
C ALA H 244 -13.17 -3.77 1.67
N ASN H 245 -14.15 -4.05 0.83
CA ASN H 245 -14.00 -4.98 -0.28
C ASN H 245 -14.05 -4.28 -1.64
N ASN H 246 -13.79 -2.98 -1.65
CA ASN H 246 -13.63 -2.21 -2.88
C ASN H 246 -14.75 -2.49 -3.88
N GLU H 247 -15.99 -2.38 -3.38
CA GLU H 247 -17.15 -2.66 -4.21
C GLU H 247 -17.51 -1.51 -5.13
N ASN H 248 -17.01 -0.30 -4.86
CA ASN H 248 -17.32 0.87 -5.66
C ASN H 248 -18.83 1.08 -5.79
N ARG H 249 -19.54 0.79 -4.72
CA ARG H 249 -20.98 1.01 -4.69
C ARG H 249 -21.28 2.45 -5.06
N LEU H 250 -22.36 2.64 -5.83
CA LEU H 250 -22.84 3.96 -6.21
C LEU H 250 -23.82 4.42 -5.13
N LEU H 251 -23.37 5.36 -4.30
CA LEU H 251 -24.15 5.92 -3.21
C LEU H 251 -24.15 7.43 -3.34
N THR H 252 -24.79 8.11 -2.41
CA THR H 252 -24.73 9.57 -2.33
C THR H 252 -24.01 9.92 -1.05
N LEU H 253 -22.84 10.53 -1.19
CA LEU H 253 -22.07 10.97 -0.03
C LEU H 253 -21.59 12.38 -0.27
N SER H 254 -21.29 13.10 0.81
CA SER H 254 -20.84 14.47 0.72
CA SER H 254 -20.84 14.47 0.72
C SER H 254 -19.34 14.49 0.48
N THR H 255 -18.91 15.12 -0.60
CA THR H 255 -17.48 15.28 -0.86
C THR H 255 -17.27 16.61 -1.55
N TYR H 256 -15.99 16.98 -1.65
CA TYR H 256 -15.58 18.27 -2.20
C TYR H 256 -15.67 18.23 -3.72
N LEU H 257 -16.25 19.27 -4.30
CA LEU H 257 -16.45 19.37 -5.73
C LEU H 257 -15.43 20.33 -6.31
N ASP H 258 -14.75 19.88 -7.37
CA ASP H 258 -13.72 20.65 -8.06
C ASP H 258 -14.04 20.74 -9.54
N GLY H 259 -15.29 21.10 -9.84
CA GLY H 259 -15.76 21.31 -11.20
C GLY H 259 -16.92 20.42 -11.59
N GLU H 260 -17.18 19.34 -10.86
CA GLU H 260 -18.24 18.42 -11.24
C GLU H 260 -19.59 19.12 -11.19
N PHE H 261 -20.40 18.89 -12.23
CA PHE H 261 -21.73 19.48 -12.35
C PHE H 261 -21.68 21.00 -12.41
N GLY H 262 -20.51 21.57 -12.67
CA GLY H 262 -20.35 23.00 -12.78
C GLY H 262 -20.09 23.72 -11.48
N PHE H 263 -19.91 23.00 -10.37
CA PHE H 263 -19.74 23.59 -9.06
C PHE H 263 -18.32 23.36 -8.54
N SER H 264 -17.89 24.22 -7.63
CA SER H 264 -16.56 24.12 -7.06
C SER H 264 -16.55 24.78 -5.69
N ASP H 265 -15.56 24.40 -4.88
CA ASP H 265 -15.33 25.04 -3.59
C ASP H 265 -16.52 24.84 -2.66
N VAL H 266 -16.97 23.60 -2.57
CA VAL H 266 -18.11 23.24 -1.74
C VAL H 266 -18.07 21.74 -1.55
N CYS H 267 -18.58 21.28 -0.41
CA CYS H 267 -18.86 19.86 -0.22
C CYS H 267 -20.36 19.66 -0.25
N ALA H 268 -20.80 18.65 -0.99
CA ALA H 268 -22.22 18.34 -1.01
C ALA H 268 -22.43 16.87 -1.30
N GLY H 269 -23.63 16.42 -0.97
CA GLY H 269 -24.04 15.05 -1.27
C GLY H 269 -24.16 14.88 -2.76
N VAL H 270 -23.40 13.93 -3.31
CA VAL H 270 -23.42 13.71 -4.76
C VAL H 270 -23.28 12.22 -5.01
N PRO H 271 -23.64 11.77 -6.22
CA PRO H 271 -23.39 10.38 -6.61
C PRO H 271 -21.89 10.11 -6.63
N VAL H 272 -21.48 9.09 -5.87
CA VAL H 272 -20.08 8.69 -5.80
C VAL H 272 -20.00 7.18 -5.84
N LYS H 273 -18.88 6.69 -6.36
CA LYS H 273 -18.46 5.31 -6.20
C LYS H 273 -17.53 5.25 -5.00
N VAL H 274 -17.82 4.36 -4.06
CA VAL H 274 -17.11 4.27 -2.79
C VAL H 274 -16.27 3.01 -2.79
N GLY H 275 -14.95 3.16 -2.70
CA GLY H 275 -14.05 2.03 -2.71
C GLY H 275 -12.89 2.18 -1.74
N LYS H 276 -11.90 1.28 -1.86
CA LYS H 276 -10.79 1.25 -0.92
C LYS H 276 -10.03 2.56 -0.91
N ASP H 277 -10.01 3.29 -2.02
CA ASP H 277 -9.28 4.54 -2.12
C ASP H 277 -10.17 5.76 -1.92
N GLY H 278 -11.41 5.57 -1.49
CA GLY H 278 -12.27 6.71 -1.22
C GLY H 278 -13.42 6.85 -2.21
N VAL H 279 -13.77 8.10 -2.56
CA VAL H 279 -14.96 8.37 -3.34
C VAL H 279 -14.56 8.97 -4.68
N GLU H 280 -15.30 8.60 -5.72
CA GLU H 280 -15.17 9.18 -7.04
C GLU H 280 -16.53 9.68 -7.49
N ILE H 281 -16.65 10.98 -7.75
CA ILE H 281 -17.93 11.55 -8.18
C ILE H 281 -18.28 11.02 -9.56
N VAL H 282 -19.53 10.60 -9.74
CA VAL H 282 -20.01 10.05 -10.99
C VAL H 282 -20.69 11.18 -11.75
N THR H 283 -19.96 11.81 -12.68
CA THR H 283 -20.53 12.87 -13.51
C THR H 283 -21.31 12.31 -14.69
N ASP H 284 -21.16 11.02 -14.98
CA ASP H 284 -21.90 10.42 -16.08
C ASP H 284 -23.41 10.46 -15.86
N ILE H 285 -23.85 10.67 -14.62
CA ILE H 285 -25.27 10.72 -14.33
C ILE H 285 -25.85 12.03 -14.85
N VAL H 286 -27.09 11.96 -15.35
CA VAL H 286 -27.77 13.10 -15.94
C VAL H 286 -28.99 13.42 -15.09
N PHE H 287 -29.09 14.68 -14.67
CA PHE H 287 -30.23 15.14 -13.88
C PHE H 287 -31.23 15.86 -14.78
N SER H 288 -32.50 15.79 -14.38
CA SER H 288 -33.49 16.66 -14.99
C SER H 288 -33.20 18.12 -14.67
N LYS H 289 -33.77 19.02 -15.47
CA LYS H 289 -33.54 20.43 -15.23
C LYS H 289 -34.02 20.85 -13.85
N GLU H 290 -35.21 20.39 -13.45
CA GLU H 290 -35.74 20.74 -12.14
C GLU H 290 -34.82 20.28 -11.03
N GLU H 291 -34.41 19.00 -11.08
CA GLU H 291 -33.47 18.47 -10.10
C GLU H 291 -32.20 19.32 -10.06
N PHE H 292 -31.73 19.77 -11.22
CA PHE H 292 -30.47 20.50 -11.25
C PHE H 292 -30.63 21.91 -10.65
N GLU H 293 -31.77 22.55 -10.88
CA GLU H 293 -32.02 23.85 -10.27
C GLU H 293 -32.07 23.73 -8.75
N ALA H 294 -32.78 22.70 -8.25
CA ALA H 294 -32.82 22.49 -6.81
C ALA H 294 -31.43 22.21 -6.26
N PHE H 295 -30.64 21.43 -7.00
CA PHE H 295 -29.28 21.15 -6.55
C PHE H 295 -28.44 22.41 -6.50
N LYS H 296 -28.60 23.29 -7.49
CA LYS H 296 -27.88 24.57 -7.50
C LYS H 296 -28.23 25.40 -6.27
N TYR H 297 -29.52 25.50 -5.95
CA TYR H 297 -29.91 26.25 -4.77
C TYR H 297 -29.32 25.65 -3.51
N SER H 298 -29.29 24.31 -3.43
CA SER H 298 -28.71 23.65 -2.27
C SER H 298 -27.21 23.94 -2.18
N ILE H 299 -26.51 23.93 -3.32
CA ILE H 299 -25.07 24.20 -3.30
C ILE H 299 -24.80 25.59 -2.76
N GLU H 300 -25.58 26.58 -3.22
CA GLU H 300 -25.41 27.94 -2.70
C GLU H 300 -25.68 27.98 -1.19
N THR H 301 -26.73 27.30 -0.75
CA THR H 301 -27.02 27.24 0.68
C THR H 301 -25.80 26.73 1.45
N ILE H 302 -25.22 25.61 1.01
CA ILE H 302 -24.07 25.04 1.72
C ILE H 302 -22.90 26.01 1.68
N LYS H 303 -22.64 26.62 0.53
CA LYS H 303 -21.47 27.49 0.40
C LYS H 303 -21.57 28.68 1.34
N ARG H 304 -22.78 29.18 1.59
CA ARG H 304 -22.93 30.29 2.53
C ARG H 304 -22.37 29.93 3.90
N TYR H 305 -22.57 28.68 4.35
CA TYR H 305 -22.00 28.25 5.62
C TYR H 305 -20.50 28.00 5.50
N CYS H 306 -20.10 27.31 4.43
CA CYS H 306 -18.67 27.00 4.27
C CYS H 306 -17.83 28.27 4.32
N GLU H 307 -18.31 29.35 3.72
CA GLU H 307 -17.53 30.58 3.63
C GLU H 307 -17.26 31.21 5.00
N GLU H 308 -18.02 30.86 6.02
CA GLU H 308 -17.91 31.47 7.33
C GLU H 308 -17.08 30.66 8.31
N ILE H 309 -16.73 29.42 7.98
CA ILE H 309 -15.97 28.56 8.87
C ILE H 309 -14.64 28.13 8.29
N LYS H 310 -14.35 28.51 7.04
CA LYS H 310 -13.20 27.97 6.33
C LYS H 310 -11.89 28.25 7.06
N GLU H 311 -11.78 29.43 7.69
CA GLU H 311 -10.52 29.89 8.25
C GLU H 311 -10.50 29.88 9.78
N LEU H 312 -11.38 29.11 10.40
CA LEU H 312 -11.39 29.00 11.86
C LEU H 312 -10.37 27.97 12.34
PA NDP I . 11.19 4.14 -32.29
O1A NDP I . 10.78 3.84 -33.70
O2A NDP I . 12.63 4.38 -32.01
O5B NDP I . 10.65 2.94 -31.35
C5B NDP I . 9.30 2.48 -31.57
C4B NDP I . 8.87 1.58 -30.43
O4B NDP I . 7.47 1.23 -30.64
C3B NDP I . 9.59 0.22 -30.33
O3B NDP I . 9.53 -0.24 -28.99
C2B NDP I . 8.76 -0.64 -31.26
O2B NDP I . 8.83 -2.04 -31.09
C1B NDP I . 7.37 -0.16 -30.84
N9A NDP I . 6.35 -0.43 -31.85
C8A NDP I . 6.31 0.08 -33.12
N7A NDP I . 5.28 -0.32 -33.82
C5A NDP I . 4.59 -1.15 -32.95
C6A NDP I . 3.40 -1.90 -33.08
N6A NDP I . 2.66 -1.91 -34.20
N1A NDP I . 2.98 -2.61 -32.02
C2A NDP I . 3.72 -2.59 -30.90
N3A NDP I . 4.85 -1.93 -30.65
C4A NDP I . 5.24 -1.22 -31.73
O3 NDP I . 10.35 5.38 -31.73
PN NDP I . 10.69 6.45 -30.57
O1N NDP I . 11.17 5.70 -29.38
O2N NDP I . 11.56 7.51 -31.14
O5D NDP I . 9.25 7.06 -30.25
C5D NDP I . 8.33 6.23 -29.50
C4D NDP I . 7.02 6.96 -29.32
O4D NDP I . 7.24 8.12 -28.47
C3D NDP I . 6.37 7.52 -30.60
O3D NDP I . 4.97 7.36 -30.54
C2D NDP I . 6.79 8.99 -30.54
O2D NDP I . 5.96 9.82 -31.33
C1D NDP I . 6.62 9.24 -29.05
N1N NDP I . 7.32 10.46 -28.56
C2N NDP I . 6.61 11.44 -27.92
C3N NDP I . 7.23 12.47 -27.26
C7N NDP I . 6.46 13.38 -26.37
O7N NDP I . 6.93 14.49 -26.11
N7N NDP I . 5.33 12.95 -25.84
C4N NDP I . 8.70 12.67 -27.46
C5N NDP I . 9.35 11.61 -28.24
C6N NDP I . 8.68 10.59 -28.75
P2B NDP I . 9.72 -2.82 -32.19
O1X NDP I . 11.19 -2.67 -31.85
O2X NDP I . 9.40 -2.27 -33.57
O3X NDP I . 9.25 -4.26 -32.04
H51A NDP I . 8.63 3.33 -31.62
H52A NDP I . 9.25 1.94 -32.51
H4B NDP I . 9.01 2.11 -29.50
H3B NDP I . 10.63 0.28 -30.67
HO3A NDP I . 9.34 -1.19 -29.00
H2B NDP I . 9.07 -0.41 -32.28
H1B NDP I . 7.07 -0.63 -29.91
H8A NDP I . 7.07 0.76 -33.52
H61A NDP I . 1.82 -2.47 -34.23
H62A NDP I . 2.96 -1.36 -35.00
H2A NDP I . 3.34 -3.18 -30.07
H51N NDP I . 8.15 5.30 -30.03
H52N NDP I . 8.75 6.00 -28.52
H4D NDP I . 6.32 6.29 -28.82
H3D NDP I . 6.79 7.04 -31.48
HO3N NDP I . 4.57 7.83 -31.30
H2D NDP I . 7.81 9.15 -30.87
HO2N NDP I . 6.33 10.72 -31.33
H1D NDP I . 5.57 9.32 -28.76
H2N NDP I . 5.54 11.40 -27.92
H71N NDP I . 4.82 13.54 -25.20
H72N NDP I . 4.98 12.03 -26.08
H41N NDP I . 8.87 13.62 -27.95
H42N NDP I . 9.18 12.73 -26.48
H5N NDP I . 10.41 11.67 -28.42
H6N NDP I . 9.21 9.84 -29.32
C ACT J . 5.39 16.76 -0.03
O ACT J . 4.33 17.41 -0.20
OXT ACT J . 6.54 17.12 -0.36
CH3 ACT J . 5.23 15.39 0.67
H1 ACT J . 6.09 14.98 0.88
H2 ACT J . 4.74 14.75 0.14
H3 ACT J . 4.76 15.45 1.51
C ACT K . 10.74 22.07 -14.30
O ACT K . 10.94 22.93 -15.20
OXT ACT K . 9.70 21.90 -13.64
CH3 ACT K . 11.93 21.13 -14.02
H1 ACT K . 12.66 21.57 -13.58
H2 ACT K . 12.31 20.75 -14.83
H3 ACT K . 11.69 20.38 -13.46
C ACT L . 8.64 15.18 -30.18
O ACT L . 7.73 15.89 -29.69
OXT ACT L . 9.86 15.49 -30.27
CH3 ACT L . 8.22 13.79 -30.71
H1 ACT L . 7.68 13.84 -31.52
H2 ACT L . 7.70 13.29 -30.08
H3 ACT L . 8.98 13.23 -30.95
C ACT M . 6.90 39.28 -30.26
O ACT M . 5.76 39.27 -29.73
OXT ACT M . 7.34 38.45 -31.07
CH3 ACT M . 7.83 40.43 -29.85
H1 ACT M . 8.62 40.49 -30.40
H2 ACT M . 8.16 40.35 -28.93
H3 ACT M . 7.41 41.30 -29.90
C ACT N . -0.84 33.34 -25.54
O ACT N . -0.72 32.97 -26.72
OXT ACT N . -1.89 33.35 -24.85
CH3 ACT N . 0.46 33.85 -24.86
H1 ACT N . 0.38 33.94 -23.91
H2 ACT N . 0.75 34.71 -25.19
H3 ACT N . 1.21 33.26 -25.01
C ACT O . 15.60 32.52 -32.05
O ACT O . 14.83 32.78 -33.01
OXT ACT O . 16.24 31.47 -31.87
CH3 ACT O . 15.75 33.64 -31.01
H1 ACT O . 16.46 33.47 -30.36
H2 ACT O . 14.95 33.79 -30.48
H3 ACT O . 15.97 34.51 -31.40
C1 MPD P . 21.84 11.11 -16.94
C2 MPD P . 21.89 11.52 -15.48
O2 MPD P . 20.57 11.49 -14.98
CM MPD P . 22.44 12.95 -15.38
C3 MPD P . 22.78 10.51 -14.73
C4 MPD P . 24.22 10.39 -15.22
O4 MPD P . 25.08 10.72 -14.14
C5 MPD P . 24.50 8.99 -15.75
H11 MPD P . 21.76 10.13 -17.02
H12 MPD P . 22.64 11.38 -17.41
H13 MPD P . 21.07 11.50 -17.39
HO2 MPD P . 20.21 10.77 -15.28
HM1 MPD P . 23.31 13.02 -15.79
HM2 MPD P . 22.53 13.24 -14.46
HM3 MPD P . 21.86 13.58 -15.83
H31 MPD P . 22.36 9.64 -14.76
H32 MPD P . 22.79 10.76 -13.79
H4 MPD P . 24.36 11.02 -15.94
HO4 MPD P . 25.87 10.81 -14.43
H51 MPD P . 24.37 8.33 -15.05
H52 MPD P . 25.41 8.92 -16.07
H53 MPD P . 23.91 8.78 -16.49
C ACT Q . 26.54 30.28 -17.78
O ACT Q . 27.55 29.55 -17.78
OXT ACT Q . 25.35 29.90 -17.85
CH3 ACT Q . 26.79 31.80 -17.70
H1 ACT Q . 25.98 32.31 -17.54
H2 ACT Q . 27.18 32.17 -18.50
H3 ACT Q . 27.40 32.04 -16.97
K K R . 18.45 1.64 -9.72
C ACT S . 18.74 26.81 -29.41
O ACT S . 19.75 26.47 -30.08
OXT ACT S . 17.80 26.06 -29.06
CH3 ACT S . 18.65 28.29 -29.00
H1 ACT S . 17.95 28.46 -28.35
H2 ACT S . 18.46 28.88 -29.75
H3 ACT S . 19.47 28.63 -28.61
PA NDP T . 28.94 4.13 -34.81
O1A NDP T . 29.00 3.44 -36.14
O2A NDP T . 27.63 4.25 -34.13
O5B NDP T . 29.59 5.59 -34.98
C5B NDP T . 30.82 5.69 -35.72
C4B NDP T . 31.37 7.09 -35.62
O4B NDP T . 32.58 7.14 -36.42
C3B NDP T . 30.49 8.22 -36.16
O3B NDP T . 30.85 9.44 -35.53
C2B NDP T . 30.89 8.22 -37.63
O2B NDP T . 30.66 9.41 -38.36
C1B NDP T . 32.39 8.03 -37.49
N9A NDP T . 33.02 7.47 -38.68
C8A NDP T . 32.68 6.30 -39.32
N7A NDP T . 33.41 6.05 -40.37
C5A NDP T . 34.31 7.12 -40.43
C6A NDP T . 35.35 7.43 -41.32
N6A NDP T . 35.70 6.67 -42.33
N1A NDP T . 36.05 8.57 -41.08
C2A NDP T . 35.70 9.33 -40.03
N3A NDP T . 34.74 9.13 -39.13
C4A NDP T . 34.07 8.00 -39.39
O3 NDP T . 29.98 3.43 -33.82
PN NDP T . 30.03 3.31 -32.22
O1N NDP T . 29.71 4.67 -31.65
O2N NDP T . 29.18 2.16 -31.79
O5D NDP T . 31.57 2.98 -31.96
C5D NDP T . 32.55 4.00 -32.23
C4D NDP T . 33.94 3.44 -32.05
O4D NDP T . 34.13 3.13 -30.64
C3D NDP T . 34.25 2.13 -32.78
O3D NDP T . 35.61 2.09 -33.18
C2D NDP T . 33.97 1.08 -31.70
O2D NDP T . 34.59 -0.17 -31.95
C1D NDP T . 34.60 1.81 -30.51
N1N NDP T . 34.13 1.29 -29.20
C2N NDP T . 35.05 0.86 -28.27
C3N NDP T . 34.67 0.41 -27.02
C7N NDP T . 35.69 0.20 -25.97
O7N NDP T . 35.45 -0.56 -25.03
N7N NDP T . 36.82 0.89 -26.02
C4N NDP T . 33.23 0.14 -26.79
C5N NDP T . 32.33 0.73 -27.79
C6N NDP T . 32.79 1.25 -28.92
P2B NDP T . 29.48 9.34 -39.46
O1X NDP T . 28.18 9.59 -38.72
O2X NDP T . 29.49 7.99 -40.14
O3X NDP T . 29.79 10.46 -40.43
H51A NDP T . 31.54 4.99 -35.32
H52A NDP T . 30.64 5.44 -36.76
H4B NDP T . 31.59 7.29 -34.57
H3B NDP T . 29.43 8.02 -36.05
HO3A NDP T . 31.10 10.09 -36.21
H2B NDP T . 30.33 7.42 -38.10
H1B NDP T . 32.86 8.99 -37.26
H8A NDP T . 31.87 5.67 -39.00
H61A NDP T . 36.47 6.96 -42.94
H62A NDP T . 35.20 5.80 -42.52
H2A NDP T . 36.28 10.23 -39.89
H51N NDP T . 32.43 4.36 -33.24
H52N NDP T . 32.40 4.84 -31.54
H4D NDP T . 34.65 4.20 -32.35
H3D NDP T . 33.58 2.01 -33.63
HO3N NDP T . 35.81 1.20 -33.52
H2D NDP T . 32.91 0.90 -31.57
HO2N NDP T . 34.41 -0.76 -31.20
H1D NDP T . 35.68 1.75 -30.53
H2N NDP T . 36.10 0.87 -28.52
H71N NDP T . 37.00 1.52 -26.80
H72N NDP T . 37.51 0.80 -25.29
H41N NDP T . 33.06 -0.94 -26.75
H42N NDP T . 32.95 0.53 -25.80
H5N NDP T . 31.27 0.74 -27.60
H6N NDP T . 32.09 1.65 -29.63
C1 MPD U . 41.89 -15.21 -13.30
C2 MPD U . 43.31 -15.77 -13.41
O2 MPD U . 43.19 -17.17 -13.22
CM MPD U . 44.18 -15.16 -12.29
C3 MPD U . 43.85 -15.43 -14.81
C4 MPD U . 44.94 -16.34 -15.39
O4 MPD U . 45.07 -16.06 -16.78
C5 MPD U . 46.28 -16.13 -14.70
H11 MPD U . 41.36 -15.48 -14.06
H12 MPD U . 41.91 -14.24 -13.26
H13 MPD U . 41.46 -15.53 -12.50
HO2 MPD U . 43.97 -17.49 -13.30
HM1 MPD U . 44.49 -14.28 -12.53
HM2 MPD U . 44.96 -15.70 -12.10
HM3 MPD U . 43.69 -15.08 -11.47
H31 MPD U . 44.19 -14.52 -14.79
H32 MPD U . 43.10 -15.42 -15.43
H4 MPD U . 44.66 -17.25 -15.26
HO4 MPD U . 45.41 -15.30 -16.89
H51 MPD U . 46.54 -15.20 -14.72
H52 MPD U . 46.97 -16.65 -15.12
H53 MPD U . 46.23 -16.41 -13.76
C ACT V . 28.69 -13.02 0.03
O ACT V . 29.06 -13.42 1.16
OXT ACT V . 27.77 -12.22 -0.22
CH3 ACT V . 29.47 -13.59 -1.17
H1 ACT V . 29.30 -13.12 -2.01
H2 ACT V . 29.26 -14.52 -1.36
H3 ACT V . 30.43 -13.56 -1.05
K K W . 27.54 20.67 -17.96
PA NDP X . 25.49 15.29 24.17
O1A NDP X . 25.83 15.49 25.60
O2A NDP X . 25.73 16.42 23.21
O5B NDP X . 23.96 14.84 24.05
C5B NDP X . 23.47 13.84 24.97
C4B NDP X . 22.06 13.46 24.60
O4B NDP X . 21.58 12.50 25.58
C3B NDP X . 21.01 14.59 24.63
O3B NDP X . 19.94 14.27 23.75
C2B NDP X . 20.58 14.55 26.09
O2B NDP X . 19.30 15.13 26.38
C1B NDP X . 20.48 13.04 26.27
N9A NDP X . 20.54 12.63 27.67
C8A NDP X . 21.56 12.87 28.55
N7A NDP X . 21.34 12.38 29.75
C5A NDP X . 20.10 11.77 29.64
C6A NDP X . 19.30 11.07 30.57
N6A NDP X . 19.66 10.85 31.83
N1A NDP X . 18.12 10.58 30.13
C2A NDP X . 17.76 10.80 28.85
N3A NDP X . 18.42 11.45 27.90
C4A NDP X . 19.60 11.92 28.37
O3 NDP X . 26.25 13.98 23.63
PN NDP X . 26.68 13.47 22.17
O1N NDP X . 25.55 13.71 21.22
O2N NDP X . 28.02 14.04 21.83
O5D NDP X . 26.82 11.89 22.42
C5D NDP X . 25.64 11.11 22.68
C4D NDP X . 26.04 9.69 23.02
O4D NDP X . 26.58 9.07 21.83
C3D NDP X . 27.11 9.55 24.11
O3D NDP X . 26.84 8.45 24.97
C2D NDP X . 28.37 9.31 23.28
O2D NDP X . 29.39 8.64 24.00
C1D NDP X . 27.83 8.46 22.13
N1N NDP X . 28.68 8.51 20.91
C2N NDP X . 29.07 7.35 20.30
C3N NDP X . 29.79 7.35 19.12
C7N NDP X . 30.06 6.06 18.43
O7N NDP X . 31.05 5.96 17.71
N7N NDP X . 29.21 5.06 18.60
C4N NDP X . 30.26 8.63 18.57
C5N NDP X . 29.80 9.82 19.32
C6N NDP X . 29.03 9.73 20.37
P2B NDP X . 19.33 16.57 27.11
O1X NDP X . 19.45 17.64 26.04
O2X NDP X . 20.51 16.62 28.08
O3X NDP X . 18.01 16.64 27.83
H51A NDP X . 24.10 12.96 24.92
H52A NDP X . 23.49 14.22 25.99
H4B NDP X . 22.06 13.02 23.61
H3B NDP X . 21.45 15.55 24.38
HO3A NDP X . 19.11 14.40 24.23
H2B NDP X . 21.33 15.07 26.67
H1B NDP X . 19.56 12.67 25.83
H8A NDP X . 22.46 13.42 28.30
H61A NDP X . 19.04 10.33 32.44
H62A NDP X . 20.56 11.19 32.16
H2A NDP X . 16.80 10.40 28.56
H51N NDP X . 25.09 11.54 23.51
H52N NDP X . 24.99 11.11 21.80
H4D NDP X . 25.15 9.13 23.32
H3D NDP X . 27.17 10.47 24.68
HO3N NDP X . 27.09 7.63 24.52
H2D NDP X . 28.77 10.25 22.92
HO2N NDP X . 30.17 8.57 23.44
H1D NDP X . 27.71 7.43 22.43
H2N NDP X . 28.81 6.41 20.76
H71N NDP X . 29.38 4.17 18.12
H72N NDP X . 28.41 5.16 19.21
H41N NDP X . 31.35 8.63 18.54
H42N NDP X . 29.93 8.73 17.54
H5N NDP X . 30.13 10.80 18.99
H6N NDP X . 28.64 10.64 20.83
C ACT Y . 20.29 -6.06 -3.51
O ACT Y . 19.08 -6.22 -3.31
OXT ACT Y . 21.23 -6.80 -3.11
CH3 ACT Y . 20.70 -4.83 -4.36
H1 ACT Y . 21.63 -4.84 -4.62
H2 ACT Y . 20.56 -3.99 -3.89
H3 ACT Y . 20.19 -4.75 -5.18
C ACT Z . 32.72 2.28 3.59
O ACT Z . 32.26 1.13 3.59
OXT ACT Z . 33.87 2.62 3.89
CH3 ACT Z . 31.74 3.40 3.19
H1 ACT Z . 31.06 3.58 3.86
H2 ACT Z . 31.26 3.21 2.36
H3 ACT Z . 32.18 4.26 3.04
C ACT AA . 10.45 -3.47 10.70
O ACT AA . 11.55 -3.39 10.12
OXT ACT AA . 9.47 -2.72 10.56
CH3 ACT AA . 10.29 -4.65 11.68
H1 ACT AA . 9.47 -4.60 12.21
H2 ACT AA . 11.01 -4.71 12.33
H3 ACT AA . 10.26 -5.52 11.25
C ACT BA . 33.89 8.71 19.55
O ACT BA . 34.05 9.81 19.00
OXT ACT BA . 34.09 7.58 19.06
CH3 ACT BA . 33.39 8.76 21.01
H1 ACT BA . 32.47 9.07 21.08
H2 ACT BA . 33.41 7.89 21.46
H3 ACT BA . 33.90 9.36 21.57
C1 MPD CA . 25.42 14.65 3.58
C2 MPD CA . 25.89 15.94 2.89
O2 MPD CA . 26.15 15.57 1.54
CM MPD CA . 27.18 16.42 3.56
C3 MPD CA . 24.78 17.00 2.97
C4 MPD CA . 24.68 17.97 1.80
O4 MPD CA . 23.68 18.95 2.12
C5 MPD CA . 26.00 18.66 1.51
H11 MPD CA . 24.60 14.81 4.06
H12 MPD CA . 26.09 14.34 4.21
H13 MPD CA . 25.27 13.95 2.93
HO2 MPD CA . 26.89 15.15 1.54
HM1 MPD CA . 27.83 15.70 3.67
HM2 MPD CA . 27.02 16.78 4.45
HM3 MPD CA . 27.63 17.11 3.05
H31 MPD CA . 24.92 17.51 3.79
H32 MPD CA . 23.94 16.55 3.07
H4 MPD CA . 24.42 17.47 1.01
HO4 MPD CA . 23.99 19.46 2.72
H51 MPD CA . 25.90 19.34 0.84
H52 MPD CA . 26.65 18.02 1.19
H53 MPD CA . 26.36 19.07 2.32
K K DA . 14.04 14.53 3.02
C ACT EA . 19.29 38.92 -17.11
O ACT EA . 20.36 38.68 -17.69
OXT ACT EA . 18.95 38.51 -15.97
CH3 ACT EA . 18.28 39.81 -17.88
H1 ACT EA . 18.68 40.62 -18.21
H2 ACT EA . 17.52 40.08 -17.34
H3 ACT EA . 17.90 39.36 -18.64
C ACT FA . 44.47 20.63 -7.67
O ACT FA . 44.55 21.80 -8.11
OXT ACT FA . 43.87 19.69 -8.20
CH3 ACT FA . 45.17 20.35 -6.33
H1 ACT FA . 45.24 19.40 -6.12
H2 ACT FA . 44.72 20.75 -5.56
H3 ACT FA . 46.08 20.69 -6.29
C ACT GA . 44.22 14.37 -4.04
O ACT GA . 45.26 13.74 -4.31
OXT ACT GA . 44.00 15.59 -4.24
CH3 ACT GA . 43.09 13.56 -3.37
H1 ACT GA . 42.24 14.03 -3.36
H2 ACT GA . 43.27 13.34 -2.44
H3 ACT GA . 42.92 12.72 -3.80
PA NDP HA . 29.88 31.76 17.68
O1A NDP HA . 29.91 32.52 18.96
O2A NDP HA . 29.44 30.34 17.69
O5B NDP HA . 31.33 31.85 17.00
C5B NDP HA . 31.91 33.17 16.87
C4B NDP HA . 33.20 33.08 16.09
O4B NDP HA . 33.83 34.39 16.15
C3B NDP HA . 34.24 32.09 16.62
O3B NDP HA . 35.07 31.64 15.56
C2B NDP HA . 35.00 32.96 17.61
O2B NDP HA . 36.33 32.57 17.91
C1B NDP HA . 35.07 34.27 16.82
N9A NDP HA . 35.29 35.43 17.65
C8A NDP HA . 34.65 35.76 18.82
N7A NDP HA . 35.06 36.89 19.35
C5A NDP HA . 36.03 37.33 18.47
C6A NDP HA . 36.85 38.48 18.46
N6A NDP HA . 36.81 39.41 19.41
N1A NDP HA . 37.72 38.63 17.43
C2A NDP HA . 37.75 37.68 16.49
N3A NDP HA . 37.04 36.57 16.39
C4A NDP HA . 36.18 36.45 17.42
O3 NDP HA . 28.99 32.57 16.61
PN NDP HA . 28.17 32.09 15.31
O1N NDP HA . 29.04 31.19 14.51
O2N NDP HA . 26.84 31.59 15.76
O5D NDP HA . 27.98 33.47 14.52
C5D NDP HA . 29.08 33.99 13.74
C4D NDP HA . 28.69 35.32 13.13
O4D NDP HA . 27.77 35.07 12.03
C3D NDP HA . 27.95 36.29 14.06
O3D NDP HA . 28.36 37.63 13.81
C2D NDP HA . 26.50 36.05 13.66
O2D NDP HA . 25.64 37.10 14.05
C1D NDP HA . 26.67 35.94 12.14
N1N NDP HA . 25.51 35.33 11.44
C2N NDP HA . 24.92 36.00 10.39
C3N NDP HA . 23.98 35.40 9.58
C7N NDP HA . 23.57 36.04 8.32
O7N NDP HA . 22.46 35.76 7.82
N7N NDP HA . 24.39 36.87 7.71
C4N NDP HA . 23.40 34.10 10.00
C5N NDP HA . 24.07 33.49 11.18
C6N NDP HA . 25.05 34.08 11.81
P2B NDP HA . 36.56 31.93 19.38
O1X NDP HA . 36.08 30.48 19.33
O2X NDP HA . 35.78 32.75 20.39
O3X NDP HA . 38.05 32.02 19.60
H51A NDP HA . 31.21 33.83 16.34
H52A NDP HA . 32.10 33.59 17.86
H4B NDP HA . 32.96 32.82 15.06
H3B NDP HA . 33.78 31.26 17.14
HO3A NDP HA . 35.97 31.95 15.71
H2B NDP HA . 34.43 32.98 18.54
H1B NDP HA . 35.87 34.20 16.08
H8A NDP HA . 33.89 35.13 19.27
H61A NDP HA . 37.42 40.22 19.35
H62A NDP HA . 36.17 39.31 20.19
H2A NDP HA . 38.47 37.84 15.69
H51N NDP HA . 29.95 34.14 14.38
H52N NDP HA . 29.35 33.29 12.95
H4D NDP HA . 29.59 35.80 12.74
H3D NDP HA . 28.11 36.02 15.11
HO3N NDP HA . 27.84 38.22 14.38
H2D NDP HA . 26.07 35.14 14.08
HO2N NDP HA . 24.71 36.84 13.88
H1D NDP HA . 26.85 36.92 11.69
H2N NDP HA . 25.20 37.02 10.18
H71N NDP HA . 24.14 37.30 6.82
H72N NDP HA . 25.29 37.09 8.14
H41N NDP HA . 22.36 34.23 10.23
H42N NDP HA . 23.46 33.39 9.17
H5N NDP HA . 23.73 32.53 11.53
H6N NDP HA . 25.52 33.59 12.65
C ACT IA . -1.58 25.42 -3.80
O ACT IA . -2.82 25.39 -3.81
OXT ACT IA . -0.80 24.45 -3.95
CH3 ACT IA . -0.94 26.81 -3.57
H1 ACT IA . -1.07 27.14 -2.66
H2 ACT IA . -1.29 27.50 -4.15
H3 ACT IA . 0.02 26.82 -3.71
C ACT JA . 17.19 29.79 -4.18
O ACT JA . 17.76 30.64 -4.88
OXT ACT JA . 16.14 29.95 -3.54
CH3 ACT JA . 17.86 28.40 -4.10
H1 ACT JA . 17.30 27.73 -3.70
H2 ACT JA . 18.68 28.41 -3.58
H3 ACT JA . 18.11 28.05 -4.98
C ACT KA . -1.74 39.95 5.64
O ACT KA . -1.68 39.81 6.89
OXT ACT KA . -1.02 40.68 4.94
CH3 ACT KA . -2.82 39.13 4.91
H1 ACT KA . -2.82 38.19 5.15
H2 ACT KA . -2.73 39.15 3.95
H3 ACT KA . -3.72 39.44 5.09
K K LA . 36.00 18.31 -1.19
PA NDP MA . -28.52 -33.51 -16.69
O1A NDP MA . -28.55 -34.32 -17.94
O2A NDP MA . -27.21 -33.26 -16.03
O5B NDP MA . -29.54 -34.17 -15.64
C5B NDP MA . -30.83 -34.57 -16.14
C4B NDP MA . -31.69 -35.07 -15.00
O4B NDP MA . -32.94 -35.56 -15.56
C3B NDP MA . -31.12 -36.26 -14.19
O3B NDP MA . -31.61 -36.23 -12.86
C2B NDP MA . -31.67 -37.44 -14.97
O2B NDP MA . -31.77 -38.67 -14.27
C1B NDP MA . -33.07 -36.93 -15.28
N9A NDP MA . -33.69 -37.60 -16.41
C8A NDP MA . -33.15 -37.75 -17.67
N7A NDP MA . -33.93 -38.40 -18.49
C5A NDP MA . -35.05 -38.71 -17.73
C6A NDP MA . -36.24 -39.40 -18.05
N6A NDP MA . -36.49 -39.92 -19.24
N1A NDP MA . -37.16 -39.54 -17.06
C2A NDP MA . -36.89 -39.02 -15.86
N3A NDP MA . -35.80 -38.35 -15.46
C4A NDP MA . -34.91 -38.23 -16.46
O3 NDP MA . -29.23 -32.09 -16.96
PN NDP MA . -29.12 -30.66 -16.26
O1N NDP MA . -29.20 -30.82 -14.79
O2N NDP MA . -27.94 -29.93 -16.82
O5D NDP MA . -30.46 -29.93 -16.78
C5D NDP MA . -31.74 -30.39 -16.26
C4D NDP MA . -32.87 -29.70 -16.97
O4D NDP MA . -32.90 -28.30 -16.58
C3D NDP MA . -32.79 -29.67 -18.50
O3D NDP MA . -34.08 -29.77 -19.07
C2D NDP MA . -32.18 -28.29 -18.75
O2D NDP MA . -32.36 -27.84 -20.09
C1D NDP MA . -32.95 -27.49 -17.73
N1N NDP MA . -32.34 -26.17 -17.41
C2N NDP MA . -33.08 -25.01 -17.51
C3N NDP MA . -32.60 -23.80 -17.11
C7N NDP MA . -33.50 -22.62 -17.01
O7N NDP MA . -33.02 -21.49 -17.08
N7N NDP MA . -34.79 -22.82 -16.79
C4N NDP MA . -31.14 -23.68 -16.80
C5N NDP MA . -30.44 -24.97 -16.73
C6N NDP MA . -31.04 -26.11 -16.98
P2B NDP MA . -30.64 -39.76 -14.65
O1X NDP MA . -29.39 -39.46 -13.84
O2X NDP MA . -30.37 -39.69 -16.15
O3X NDP MA . -31.28 -41.07 -14.25
H51A NDP MA . -31.32 -33.73 -16.62
H52A NDP MA . -30.71 -35.37 -16.88
H4B NDP MA . -31.88 -34.24 -14.32
H3B NDP MA . -30.04 -36.25 -14.20
HO3A NDP MA . -32.20 -36.99 -12.73
H2B NDP MA . -31.01 -37.58 -15.84
H1B NDP MA . -33.71 -37.06 -14.40
H8A NDP MA . -32.17 -37.36 -17.94
H61A NDP MA . -37.37 -40.41 -19.40
H62A NDP MA . -35.81 -39.83 -19.99
H2A NDP MA . -37.65 -39.16 -15.11
H51N NDP MA . -31.82 -31.46 -16.39
H52N NDP MA . -31.79 -30.16 -15.19
H4D NDP MA . -33.80 -30.17 -16.67
H3D NDP MA . -32.14 -30.46 -18.87
HO3N NDP MA . -34.01 -29.65 -20.04
H2D NDP MA . -31.10 -28.26 -18.57
HO2N NDP MA . -31.86 -27.02 -20.21
H1D NDP MA . -33.98 -27.30 -18.06
H2N NDP MA . -34.08 -25.08 -17.89
H71N NDP MA . -35.41 -22.02 -16.68
H72N NDP MA . -35.16 -23.76 -16.73
H41N NDP MA . -30.67 -23.05 -17.54
H42N NDP MA . -31.03 -23.16 -15.84
H5N NDP MA . -29.39 -24.97 -16.47
H6N NDP MA . -30.48 -27.04 -16.86
C ACT NA . -20.38 3.60 -14.40
O ACT NA . -19.29 3.05 -14.67
OXT ACT NA . -20.91 3.69 -13.28
CH3 ACT NA . -21.12 4.24 -15.60
H1 ACT NA . -20.55 4.83 -16.12
H2 ACT NA . -21.89 4.78 -15.33
H3 ACT NA . -21.46 3.58 -16.23
C ACT OA . -26.99 -1.71 -30.45
O ACT OA . -27.85 -1.82 -29.53
OXT ACT OA . -27.06 -0.93 -31.41
CH3 ACT OA . -25.76 -2.61 -30.33
H1 ACT OA . -24.92 -2.14 -30.45
H2 ACT OA . -25.74 -3.32 -30.99
H3 ACT OA . -25.69 -3.06 -29.47
C ACT PA . -29.82 -22.48 -20.27
O ACT PA . -28.80 -22.79 -19.63
OXT ACT PA . -30.44 -21.40 -20.21
CH3 ACT PA . -30.40 -23.55 -21.22
H1 ACT PA . -30.85 -24.27 -20.75
H2 ACT PA . -29.72 -23.99 -21.76
H3 ACT PA . -31.04 -23.20 -21.84
C ACT QA . -32.26 -9.79 -8.67
O ACT QA . -33.42 -9.95 -8.24
OXT ACT QA . -31.92 -9.28 -9.76
CH3 ACT QA . -31.13 -10.26 -7.75
H1 ACT QA . -31.41 -10.40 -6.83
H2 ACT QA . -30.39 -9.65 -7.71
H3 ACT QA . -30.75 -11.11 -8.03
C1 MPD RA . -20.76 -20.81 1.29
C2 MPD RA . -22.17 -21.01 0.76
O2 MPD RA . -23.06 -20.52 1.76
CM MPD RA . -22.42 -22.50 0.52
C3 MPD RA . -22.33 -20.21 -0.54
C4 MPD RA . -23.74 -20.20 -1.15
O4 MPD RA . -24.57 -19.42 -0.30
C5 MPD RA . -23.72 -19.66 -2.57
H11 MPD RA . -20.11 -21.17 0.68
H12 MPD RA . -20.65 -21.26 2.14
H13 MPD RA . -20.57 -19.87 1.42
HO2 MPD RA . -22.72 -19.79 2.04
HM1 MPD RA . -21.90 -22.84 -0.23
HM2 MPD RA . -23.35 -22.69 0.33
HM3 MPD RA . -22.18 -23.04 1.30
H31 MPD RA . -21.72 -20.59 -1.20
H32 MPD RA . -22.05 -19.30 -0.38
H4 MPD RA . -24.07 -21.11 -1.18
HO4 MPD RA . -24.36 -18.60 -0.39
H51 MPD RA . -24.62 -19.64 -2.93
H52 MPD RA . -23.17 -20.21 -3.14
H53 MPD RA . -23.38 -18.75 -2.58
C ACT SA . -43.40 -8.55 3.43
O ACT SA . -42.22 -8.94 3.53
OXT ACT SA . -43.81 -7.38 3.62
CH3 ACT SA . -44.44 -9.61 3.02
H1 ACT SA . -45.31 -9.24 2.84
H2 ACT SA . -44.59 -10.28 3.70
H3 ACT SA . -44.19 -10.11 2.23
K K TA . -30.14 -26.26 6.29
PA NDP UA . -10.86 -34.72 -11.69
O1A NDP UA . -10.44 -35.90 -12.49
O2A NDP UA . -12.30 -34.30 -11.71
O5B NDP UA . -9.96 -33.46 -12.11
C5B NDP UA . -8.54 -33.69 -12.31
C4B NDP UA . -7.84 -32.37 -12.55
O4B NDP UA . -6.42 -32.64 -12.68
C3B NDP UA . -8.24 -31.61 -13.82
O3B NDP UA . -8.06 -30.22 -13.62
C2B NDP UA . -7.26 -32.19 -14.84
O2B NDP UA . -6.95 -31.40 -15.97
C1B NDP UA . -6.00 -32.28 -13.98
N9A NDP UA . -5.05 -33.27 -14.47
C8A NDP UA . -5.30 -34.59 -14.73
N7A NDP UA . -4.25 -35.24 -15.17
C5A NDP UA . -3.25 -34.29 -15.21
C6A NDP UA . -1.90 -34.36 -15.58
N6A NDP UA . -1.31 -35.47 -16.02
N1A NDP UA . -1.17 -33.23 -15.52
C2A NDP UA . -1.77 -32.11 -15.08
N3A NDP UA . -3.02 -31.92 -14.69
C4A NDP UA . -3.73 -33.06 -14.78
O3 NDP UA . -10.43 -34.92 -10.16
PN NDP UA . -10.97 -34.27 -8.79
O1N NDP UA . -11.11 -32.80 -8.99
O2N NDP UA . -12.16 -35.04 -8.33
O5D NDP UA . -9.76 -34.53 -7.77
C5D NDP UA . -8.53 -33.78 -7.91
C4D NDP UA . -7.51 -34.28 -6.92
O4D NDP UA . -7.97 -33.96 -5.57
C3D NDP UA . -7.27 -35.80 -6.91
O3D NDP UA . -5.89 -36.08 -6.71
C2D NDP UA . -8.11 -36.24 -5.71
O2D NDP UA . -7.74 -37.51 -5.20
C1D NDP UA . -7.79 -35.09 -4.75
N1N NDP UA . -8.72 -35.00 -3.60
C2N NDP UA . -8.23 -34.92 -2.32
C3N NDP UA . -9.04 -34.66 -1.23
C7N NDP UA . -8.45 -34.38 0.10
O7N NDP UA . -9.14 -34.50 1.11
N7N NDP UA . -7.18 -33.98 0.19
C4N NDP UA . -10.50 -34.68 -1.42
C5N NDP UA . -10.94 -34.85 -2.82
C6N NDP UA . -10.08 -34.95 -3.81
P2B NDP UA . -7.83 -31.75 -17.28
O1X NDP UA . -9.23 -31.23 -17.04
O2X NDP UA . -7.81 -33.25 -17.48
O3X NDP UA . -7.14 -31.02 -18.43
H51A NDP UA . -8.11 -34.18 -11.43
H52A NDP UA . -8.39 -34.34 -13.17
H4B NDP UA . -8.02 -31.74 -11.68
H3B NDP UA . -9.26 -31.83 -14.12
HO3A NDP UA . -7.28 -29.92 -14.11
H2B NDP UA . -7.70 -33.12 -15.17
H1B NDP UA . -5.51 -31.30 -13.93
H8A NDP UA . -6.28 -35.04 -14.59
H61A NDP UA . -0.33 -35.45 -16.28
H62A NDP UA . -1.85 -36.33 -16.10
H2A NDP UA . -1.14 -31.23 -15.04
H51N NDP UA . -8.14 -33.89 -8.93
H52N NDP UA . -8.73 -32.72 -7.74
H4D NDP UA . -6.58 -33.76 -7.11
H3D NDP UA . -7.62 -36.26 -7.83
HO3N NDP UA . -5.78 -37.02 -6.61
H2D NDP UA . -9.17 -36.30 -5.94
HO2N NDP UA . -8.34 -37.73 -4.47
H1D NDP UA . -6.79 -35.16 -4.34
H2N NDP UA . -7.17 -35.07 -2.16
H71N NDP UA . -6.79 -33.75 1.09
H72N NDP UA . -6.62 -33.89 -0.65
H41N NDP UA . -10.93 -35.48 -0.82
H42N NDP UA . -10.92 -33.75 -1.03
H5N NDP UA . -12.00 -34.89 -3.03
H6N NDP UA . -10.45 -35.00 -4.82
C ACT VA . -18.23 -12.05 -19.90
O ACT VA . -18.47 -11.32 -18.91
OXT ACT VA . -19.07 -12.46 -20.73
CH3 ACT VA . -16.76 -12.46 -20.10
H1 ACT VA . -16.60 -12.89 -20.96
H2 ACT VA . -16.44 -13.08 -19.43
H3 ACT VA . -16.14 -11.71 -20.06
C ACT WA . -2.60 -22.12 22.21
O ACT WA . -3.12 -22.77 21.29
OXT ACT WA . -2.23 -22.56 23.31
CH3 ACT WA . -2.39 -20.62 21.93
H1 ACT WA . -1.96 -20.15 22.67
H2 ACT WA . -3.22 -20.14 21.78
H3 ACT WA . -1.83 -20.45 21.15
C ACT XA . -6.60 -12.96 16.07
O ACT XA . -7.51 -13.16 15.24
OXT ACT XA . -6.76 -12.60 17.26
CH3 ACT XA . -5.16 -13.16 15.57
H1 ACT XA . -4.87 -12.48 14.94
H2 ACT XA . -5.03 -14.01 15.11
H3 ACT XA . -4.50 -13.15 16.29
C ACT YA . -11.34 -38.36 -0.62
O ACT YA . -12.52 -38.30 -1.00
OXT ACT YA . -10.93 -38.15 0.54
CH3 ACT YA . -10.28 -38.72 -1.69
H1 ACT YA . -10.52 -39.51 -2.20
H2 ACT YA . -9.41 -38.89 -1.32
H3 ACT YA . -10.16 -38.02 -2.35
C ACT ZA . 3.50 -15.09 1.28
O ACT ZA . 4.47 -15.79 0.92
OXT ACT ZA . 2.30 -15.29 1.03
CH3 ACT ZA . 3.85 -13.85 2.15
H1 ACT ZA . 3.08 -13.43 2.55
H2 ACT ZA . 4.30 -13.15 1.64
H3 ACT ZA . 4.45 -14.06 2.88
C ACT AB . -14.25 -26.89 12.36
O ACT AB . -13.19 -26.33 12.73
OXT ACT AB . -14.63 -28.03 12.70
CH3 ACT AB . -15.13 -26.11 11.38
H1 ACT AB . -16.01 -26.50 11.26
H2 ACT AB . -14.76 -26.03 10.49
H3 ACT AB . -15.30 -25.19 11.67
C ACT BB . -15.64 -4.27 -8.90
O ACT BB . -15.53 -4.61 -10.09
OXT ACT BB . -16.47 -4.68 -8.07
CH3 ACT BB . -14.63 -3.21 -8.41
H1 ACT BB . -14.63 -3.11 -7.44
H2 ACT BB . -14.79 -2.33 -8.78
H3 ACT BB . -13.71 -3.43 -8.65
K K CB . -16.08 -12.34 -4.25
C ACT DB . -32.17 -30.24 14.83
O ACT DB . -33.23 -30.15 14.17
OXT ACT DB . -32.07 -30.56 16.04
CH3 ACT DB . -30.86 -29.89 14.08
H1 ACT DB . -30.07 -30.10 14.60
H2 ACT DB . -30.79 -28.94 13.87
H3 ACT DB . -30.77 -30.36 13.24
PA NDP EB . -32.75 0.66 31.97
O1A NDP EB . -32.90 1.42 33.24
O2A NDP EB . -31.98 1.27 30.86
O5B NDP EB . -34.21 0.26 31.44
C5B NDP EB . -35.19 -0.21 32.39
C4B NDP EB . -36.43 -0.66 31.65
O4B NDP EB . -37.41 -1.11 32.63
C3B NDP EB . -37.18 0.40 30.83
O3B NDP EB . -37.91 -0.23 29.78
C2B NDP EB . -38.10 1.00 31.87
O2B NDP EB . -39.26 1.66 31.39
C1B NDP EB . -38.53 -0.27 32.60
N9A NDP EB . -38.97 -0.02 33.97
C8A NDP EB . -38.27 0.64 34.95
N7A NDP EB . -38.92 0.73 36.09
C5A NDP EB . -40.12 0.09 35.85
C6A NDP EB . -41.25 -0.16 36.65
N6A NDP EB . -41.34 0.23 37.92
N1A NDP EB . -42.28 -0.83 36.10
C2A NDP EB . -42.18 -1.21 34.82
N3A NDP EB . -41.18 -1.05 33.96
C4A NDP EB . -40.17 -0.37 34.54
O3 NDP EB . -32.13 -0.79 32.30
PN NDP EB . -31.31 -1.86 31.43
O1N NDP EB . -31.97 -2.01 30.11
O2N NDP EB . -29.86 -1.49 31.46
O5D NDP EB . -31.50 -3.21 32.29
C5D NDP EB . -32.80 -3.85 32.29
C4D NDP EB . -32.78 -5.03 33.24
O4D NDP EB . -31.94 -6.07 32.69
C3D NDP EB . -32.21 -4.76 34.64
O3D NDP EB . -32.92 -5.50 35.63
C2D NDP EB . -30.78 -5.31 34.50
O2D NDP EB . -30.16 -5.58 35.74
C1D NDP EB . -31.09 -6.56 33.69
N1N NDP EB . -29.90 -7.16 33.03
C2N NDP EB . -29.56 -8.46 33.29
C3N NDP EB . -28.52 -9.07 32.65
C7N NDP EB . -28.35 -10.55 32.73
O7N NDP EB . -27.24 -11.05 32.56
N7N NDP EB . -29.43 -11.29 32.92
C4N NDP EB . -27.57 -8.24 31.87
C5N NDP EB . -28.08 -6.88 31.59
C6N NDP EB . -29.16 -6.40 32.16
P2B NDP EB . -39.21 3.28 31.41
O1X NDP EB . -38.46 3.76 30.19
O2X NDP EB . -38.52 3.71 32.70
O3X NDP EB . -40.66 3.67 31.38
H51A NDP EB . -34.78 -1.05 32.95
H52A NDP EB . -35.45 0.59 33.07
H4B NDP EB . -36.15 -1.48 30.99
H3B NDP EB . -36.50 1.15 30.43
HO3A NDP EB . -38.85 -0.02 29.89
H2B NDP EB . -37.51 1.71 32.45
H1B NDP EB . -39.33 -0.76 32.06
H8A NDP EB . -37.29 1.06 34.80
H61A NDP EB . -42.18 0.02 38.44
H62A NDP EB . -40.58 0.74 38.35
H2A NDP EB . -43.04 -1.73 34.42
H51N NDP EB . -33.57 -3.14 32.61
H52N NDP EB . -33.05 -4.20 31.29
H4D NDP EB . -33.80 -5.39 33.34
H3D NDP EB . -32.21 -3.70 34.86
HO3N NDP EB . -32.48 -5.39 36.48
H2D NDP EB . -30.12 -4.63 33.98
HO2N NDP EB . -29.25 -5.86 35.58
H1D NDP EB . -31.55 -7.33 34.30
H2N NDP EB . -30.13 -9.02 34.03
H71N NDP EB . -29.36 -12.30 32.93
H72N NDP EB . -30.33 -10.86 33.06
H41N NDP EB . -26.63 -8.16 32.42
H42N NDP EB . -27.35 -8.73 30.93
H5N NDP EB . -27.52 -6.26 30.89
H6N NDP EB . -29.47 -5.40 31.94
C ACT FB . -21.46 -20.27 22.71
O ACT FB . -20.54 -19.89 23.45
OXT ACT FB . -22.28 -21.17 22.95
CH3 ACT FB . -21.58 -19.53 21.36
H1 ACT FB . -22.40 -19.74 20.88
H2 ACT FB . -20.86 -19.73 20.74
H3 ACT FB . -21.57 -18.57 21.45
K K GB . -36.37 -9.05 10.28
C ACT HB . -10.57 -7.60 28.70
O ACT HB . -10.28 -6.42 28.40
OXT ACT HB . -10.64 -8.57 27.92
CH3 ACT HB . -10.85 -7.88 30.19
H1 ACT HB . -10.76 -8.81 30.43
H2 ACT HB . -11.76 -7.63 30.46
H3 ACT HB . -10.26 -7.39 30.79
PA NDP IB . -23.70 12.53 21.60
O1A NDP IB . -24.03 13.76 22.38
O2A NDP IB . -24.34 11.24 22.01
O5B NDP IB . -22.11 12.34 21.60
C5B NDP IB . -21.28 13.49 21.33
C4B NDP IB . -19.86 13.05 21.09
O4B NDP IB . -19.07 14.23 20.77
C3B NDP IB . -19.12 12.39 22.27
O3B NDP IB . -18.10 11.53 21.80
C2B NDP IB . -18.56 13.60 22.98
O2B NDP IB . -17.43 13.37 23.81
C1B NDP IB . -18.10 14.43 21.77
N9A NDP IB . -18.01 15.85 22.06
C8A NDP IB . -19.00 16.66 22.52
N7A NDP IB . -18.63 17.91 22.69
C5A NDP IB . -17.29 17.92 22.32
C6A NDP IB . -16.32 18.93 22.28
N6A NDP IB . -16.57 20.20 22.63
N1A NDP IB . -15.07 18.61 21.87
C2A NDP IB . -14.83 17.34 21.52
N3A NDP IB . -15.66 16.30 21.52
C4A NDP IB . -16.89 16.65 21.93
O3 NDP IB . -24.00 12.79 20.05
PN NDP IB . -24.44 11.79 18.87
O1N NDP IB . -23.54 10.60 18.90
O2N NDP IB . -25.91 11.56 18.96
O5D NDP IB . -24.12 12.67 17.56
C5D NDP IB . -22.75 12.89 17.16
C4D NDP IB . -22.72 13.90 16.04
O4D NDP IB . -23.18 13.27 14.82
C3D NDP IB . -23.63 15.12 16.24
O3D NDP IB . -23.03 16.31 15.73
C2D NDP IB . -24.86 14.73 15.41
O2D NDP IB . -25.66 15.82 15.05
C1D NDP IB . -24.18 14.05 14.22
N1N NDP IB . -25.08 13.14 13.45
C2N NDP IB . -25.19 13.25 12.09
C3N NDP IB . -25.93 12.37 11.35
C7N NDP IB . -25.82 12.35 9.87
O7N NDP IB . -26.70 11.79 9.20
N7N NDP IB . -24.74 12.87 9.29
C4N NDP IB . -26.85 11.45 12.05
C5N NDP IB . -26.61 11.35 13.50
C6N NDP IB . -25.76 12.14 14.12
P2B NDP IB . -17.73 13.43 25.39
O1X NDP IB . -18.34 12.11 25.81
O2X NDP IB . -18.66 14.59 25.67
O3X NDP IB . -16.36 13.65 26.00
H51A NDP IB . -21.65 14.01 20.45
H52A NDP IB . -21.31 14.17 22.17
H4B NDP IB . -19.85 12.35 20.25
H3B NDP IB . -19.82 11.86 22.91
HO3A NDP IB . -17.25 11.85 22.13
H2B NDP IB . -19.35 14.05 23.58
H1B NDP IB . -17.14 14.06 21.41
H8A NDP IB . -20.01 16.32 22.72
H61A NDP IB . -15.82 20.88 22.58
H62A NDP IB . -17.50 20.46 22.94
H2A NDP IB . -13.83 17.12 21.20
H51N NDP IB . -22.18 13.27 18.01
H52N NDP IB . -22.31 11.95 16.82
H4D NDP IB . -21.69 14.23 15.89
H3D NDP IB . -23.87 15.25 17.28
HO3N NDP IB . -23.38 16.49 14.85
H2D NDP IB . -25.50 14.04 15.95
HO2N NDP IB . -26.49 15.49 14.66
H1D NDP IB . -23.78 14.78 13.53
H2N NDP IB . -24.68 14.06 11.60
H71N NDP IB . -24.63 12.83 8.28
H72N NDP IB . -24.03 13.32 9.86
H41N NDP IB . -27.88 11.78 11.89
H42N NDP IB . -26.77 10.45 11.60
H5N NDP IB . -27.13 10.59 14.06
H6N NDP IB . -25.60 12.02 15.18
C1 MPD JB . -27.00 -8.17 14.97
C2 MPD JB . -25.93 -7.97 13.91
O2 MPD JB . -26.29 -8.81 12.82
CM MPD JB . -24.57 -8.38 14.50
C3 MPD JB . -25.91 -6.50 13.46
C4 MPD JB . -24.74 -6.08 12.59
O4 MPD JB . -24.55 -7.12 11.64
C5 MPD JB . -24.98 -4.77 11.89
H11 MPD JB . -26.67 -7.94 15.86
H12 MPD JB . -27.30 -9.09 14.99
H13 MPD JB . -27.78 -7.60 14.79
HO2 MPD JB . -27.12 -8.68 12.70
HM1 MPD JB . -24.26 -7.74 15.15
HM2 MPD JB . -23.89 -8.45 13.81
HM3 MPD JB . -24.63 -9.25 14.92
H31 MPD JB . -25.91 -5.94 14.26
H32 MPD JB . -26.74 -6.30 12.99
H4 MPD JB . -23.94 -5.99 13.16
HO4 MPD JB . -25.19 -7.11 11.07
H51 MPD JB . -25.53 -4.88 11.10
H52 MPD JB . -24.14 -4.36 11.62
H53 MPD JB . -25.43 -4.14 12.49
C ACT KB . -28.57 1.43 -0.61
O ACT KB . -27.61 1.81 -1.31
OXT ACT KB . -29.74 1.87 -0.64
CH3 ACT KB . -28.28 0.28 0.39
H1 ACT KB . -29.09 -0.15 0.71
H2 ACT KB . -27.81 0.58 1.18
H3 ACT KB . -27.74 -0.42 0.01
C ACT LB . -5.00 5.59 3.25
O ACT LB . -6.12 5.19 3.62
OXT ACT LB . -3.91 4.99 3.39
CH3 ACT LB . -4.97 6.95 2.54
H1 ACT LB . -4.41 6.97 1.76
H2 ACT LB . -4.65 7.67 3.11
H3 ACT LB . -5.85 7.23 2.23
K K MB . -14.10 -7.90 13.60
#